data_9C39
#
_entry.id   9C39
#
_cell.length_a   1.00
_cell.length_b   1.00
_cell.length_c   1.00
_cell.angle_alpha   90.00
_cell.angle_beta   90.00
_cell.angle_gamma   90.00
#
_symmetry.space_group_name_H-M   'P 1'
#
loop_
_entity.id
_entity.type
_entity.pdbx_description
1 polymer 'Portal protein'
2 polymer 'Phage protein'
3 polymer 'Head-closure protein'
4 polymer gp119
5 polymer gp40
6 polymer 'Putative structural protein'
7 polymer gp127
8 polymer 'Phage protein'
#
loop_
_entity_poly.entity_id
_entity_poly.type
_entity_poly.pdbx_seq_one_letter_code
_entity_poly.pdbx_strand_id
1 'polypeptide(L)'
;MADITETQESLPPFRMGEVGSLGLKVRSGRIYEEPRQALRFPESIKTFQLMMRDPSVAASVNIIKMFVRKVNWRFVPPKG
KEKDAKMIERANFFNSLMNDMEHDWADFINSVMSFCTYGFCVNEKVYKKRQGKKGKYPSKYNDGLIGWAKLPIRNQTTLD
KWYFDSDYRKVIGVRQNLRNVSHTAGAINLGEQPLTRKLPRSKFLLFKYDDEYGNPEGRSPLLNAYVPWKYKVQIEEFEA
VGVSRDLVGMPKIGLPPDYLGEDAEPEKKAFVKYCQEVVNDLIANDRAGLIWPRFIDPETKEDIFEFSLVSRQGAKAYDT
GSIIDRYSKQIMMAFMSDVLAMGQSKYGSFSLADSKTSLLAMSVDILLKQIKNVINRDLVAQTYALNMWDDEEHVEIVYD
DIETPDIESIGSYVQKTVAVGAMEVDKALSDKLREHIGLEPADESKPVSENLSPNTQSRSGDGYQTAGEGTAKTPSAKDP
STANKANK
;
A,B
2 'polypeptide(L)'
;MCYTGDPANNPLDRVRILCTDTDNNEILIDQSVLEWFYQESGKDEKKAAIKALKYLLFQVAKMGDEKVGGVYLRNSSRFK
SLKAVYDDLVKSSVSGLPYAGGINQCDIDMRRQNPCSVKKYTEYGDAVRYYGRDYCERVNGVFIIERDE
;
C,D
3 'polypeptide(L)'
;MRLLNRHSFVVKRKVSEDGHYNEDGDWVASQDVVSINCKGNIQPYIKGSVKNGTQIVLPEGIRLTDTRILFTVAELRTSD
DVDWTEADIVMIKGHEYEVFMTMDWSEQLAHTSHYEYIIIRRDKMNAVRNSRT
;
E
4 'polypeptide(L)'
;MQLETAELEKGIVRVLVDVIGHRLARDKNNRPNVIRAYPSDNSNDKGLKPDQPFITVYCQDATTPYGWVLDKFVEDDAVC
YRIAFQIPVLITVNGKGAHSIMLELKQRLEMSTTRDYLADMTGASVLDTGAIPNDYTYLNTDFENSAPLVVTLVKNSVLK
DERGSIIERVIVDGELVYEEGQEPPEYTIHLDVDSKGVK
;
F
5 'polypeptide(L)'
;MAMYQQYSPKDVVCSWNGIAIEGFAPDSFLRLQRTSPLVTPVVGAGGQVALTRNADKTGTIEIELMQTSLSNQMLSAIQA
KQDDMELEEDISSNFVIYDPSGSVLATGINAWLQELPQIELGRDQNSKTWIFGCEKLDYTSTIPASSV
;
G
6 'polypeptide(L)'
;MWNPIVNVDITLNTAGTTREGFGLPLFLASTDNFEERIRGYTSLTEVAEDFDESTAAYKAAKQLWSQTPKVTQLYIGRRT
MQYTVSIPDTVAEGSEYSLTVAIGGGVSQPFQYTAKENDTALIVLNEFKSQIEASPTIKDGVNASVTGTGASATMIITKA
GDNDFVKVTSITPTTSIAATTADTASAALASIETYSTDWYFISAEDRTQQFVLAMASEIQARKKIFFTANADVKALQGTD
LTSATDVPAQLAKSKYTRTVCLWHHTAEFDYPEMAYIAYGAPYDAGSIAWGNAQLTGVAASLQPANQRPLISIQKSALDT
RSCNFIDLDGGVPVVRRGITSGGEWIDIVRGVDWLESDLKTSLRDLLINQKGGKITYDDTGITRIRQVIETSLQRAVNRK
FLSTYTVTVPKASQVALADKKARILKDITFHGILAGAILDVDLKGTVAYE
;
H
7 'polypeptide(L)'
;MAEVISISNATRVHSYRGVLIITDELTVEAGSRVSLSGYVSDGGTSDVFTICRLLDAPMNGKQFISNNCNEIVKIPFDSS
CLLGVKLYNCENKRVNVNSVEAAFITIDTAFQSPMTVNKESNRLEYIFSQNDYKVLVKGKVYDMIVNVVDESGNHSTILK
QKVRFN
;
I,J
8 'polypeptide(L)'
;MGTLTIDGKNKILATLTPTTIVLHNVDPTADPTANKVTQPVAIFFSEPNNGLIASEDTVNITVPASATVSHFSLWDDNSK
CVATGALSSPQFFAEEGIYVISSVSIDLNK
;
K,L,M,N,O,P
#
# COMPACT_ATOMS: atom_id res chain seq x y z
N GLY A 17 67.32 31.77 -106.56
CA GLY A 17 66.35 30.88 -105.96
C GLY A 17 66.09 31.17 -104.49
N GLU A 18 64.93 30.75 -104.01
CA GLU A 18 64.55 30.96 -102.61
C GLU A 18 65.24 29.90 -101.75
N VAL A 19 66.48 30.20 -101.37
CA VAL A 19 67.24 29.27 -100.54
C VAL A 19 66.68 29.13 -99.14
N GLY A 20 65.84 30.05 -98.69
CA GLY A 20 65.22 30.00 -97.38
C GLY A 20 63.71 29.95 -97.51
N SER A 21 63.04 30.39 -96.45
CA SER A 21 61.59 30.37 -96.41
C SER A 21 61.10 31.37 -95.37
N LEU A 22 59.98 32.03 -95.68
CA LEU A 22 59.33 32.95 -94.75
C LEU A 22 58.29 32.18 -93.95
N GLY A 23 58.72 31.06 -93.38
CA GLY A 23 57.83 30.22 -92.59
C GLY A 23 57.34 30.93 -91.35
N LEU A 24 56.05 31.27 -91.31
CA LEU A 24 55.55 32.12 -90.24
C LEU A 24 55.26 31.31 -88.97
N LYS A 25 54.23 30.47 -89.00
CA LYS A 25 54.02 29.53 -87.90
C LYS A 25 53.74 28.13 -88.40
N VAL A 26 52.92 28.02 -89.45
CA VAL A 26 52.55 26.76 -90.09
C VAL A 26 52.32 25.62 -89.11
N ARG A 27 51.51 25.86 -88.07
CA ARG A 27 51.32 24.82 -87.07
C ARG A 27 50.46 23.68 -87.59
N SER A 28 49.19 23.95 -87.89
CA SER A 28 48.30 22.94 -88.45
C SER A 28 47.43 23.53 -89.54
N GLY A 29 48.01 24.37 -90.37
CA GLY A 29 47.23 25.13 -91.35
C GLY A 29 46.78 26.47 -90.82
N ARG A 30 46.25 26.49 -89.61
CA ARG A 30 45.93 27.74 -88.92
C ARG A 30 47.22 28.46 -88.57
N ILE A 31 47.24 29.78 -88.73
CA ILE A 31 48.44 30.56 -88.45
C ILE A 31 48.56 30.79 -86.96
N TYR A 32 49.55 30.14 -86.33
CA TYR A 32 49.80 30.31 -84.90
C TYR A 32 50.84 31.38 -84.61
N GLU A 33 50.67 32.58 -85.17
CA GLU A 33 51.59 33.67 -84.85
C GLU A 33 51.35 34.23 -83.46
N GLU A 34 50.10 34.55 -83.15
CA GLU A 34 49.80 35.21 -81.89
C GLU A 34 50.00 34.23 -80.74
N PRO A 35 50.89 34.52 -79.79
CA PRO A 35 51.15 33.56 -78.71
C PRO A 35 50.05 33.49 -77.66
N ARG A 36 49.04 34.35 -77.75
CA ARG A 36 47.92 34.35 -76.82
C ARG A 36 46.78 33.55 -77.44
N GLN A 37 46.26 32.59 -76.69
CA GLN A 37 45.23 31.68 -77.19
C GLN A 37 43.97 32.43 -77.59
N ALA A 38 43.58 33.43 -76.79
CA ALA A 38 42.35 34.16 -77.03
C ALA A 38 42.33 34.82 -78.40
N LEU A 39 43.44 35.45 -78.80
CA LEU A 39 43.50 36.15 -80.08
C LEU A 39 44.00 35.27 -81.21
N ARG A 40 43.40 34.10 -81.39
CA ARG A 40 43.64 33.23 -82.54
C ARG A 40 42.31 32.87 -83.14
N PHE A 41 42.29 32.59 -84.46
CA PHE A 41 41.08 32.67 -85.27
C PHE A 41 39.88 31.93 -84.66
N PRO A 42 40.05 30.71 -84.09
CA PRO A 42 38.89 30.06 -83.48
C PRO A 42 38.20 30.90 -82.41
N GLU A 43 38.98 31.63 -81.62
CA GLU A 43 38.43 32.49 -80.58
C GLU A 43 38.67 33.98 -80.82
N SER A 44 39.54 34.33 -81.78
CA SER A 44 39.80 35.73 -82.06
C SER A 44 38.54 36.43 -82.54
N ILE A 45 37.66 35.70 -83.22
CA ILE A 45 36.42 36.28 -83.70
C ILE A 45 35.57 36.75 -82.51
N LYS A 46 35.38 35.85 -81.55
CA LYS A 46 34.59 36.25 -80.36
C LYS A 46 35.31 37.42 -79.70
N THR A 47 36.60 37.27 -79.43
CA THR A 47 37.33 38.33 -78.74
C THR A 47 37.11 39.67 -79.43
N PHE A 48 37.11 39.67 -80.76
CA PHE A 48 36.91 40.91 -81.50
C PHE A 48 35.49 41.43 -81.33
N GLN A 49 34.49 40.55 -81.29
CA GLN A 49 33.14 41.03 -81.00
C GLN A 49 33.07 41.64 -79.61
N LEU A 50 33.67 40.97 -78.62
CA LEU A 50 33.65 41.49 -77.25
C LEU A 50 34.30 42.85 -77.17
N MET A 51 35.43 43.04 -77.86
CA MET A 51 36.11 44.33 -77.80
C MET A 51 35.38 45.36 -78.63
N MET A 52 34.71 44.95 -79.70
CA MET A 52 33.86 45.82 -80.49
C MET A 52 32.69 46.33 -79.68
N ARG A 53 32.25 45.58 -78.67
CA ARG A 53 31.18 46.04 -77.79
C ARG A 53 31.55 47.35 -77.10
N ASP A 54 32.84 47.55 -76.82
CA ASP A 54 33.27 48.70 -76.05
C ASP A 54 33.04 49.99 -76.84
N PRO A 55 32.64 51.08 -76.18
CA PRO A 55 32.35 52.33 -76.91
C PRO A 55 33.56 52.92 -77.60
N SER A 56 34.66 53.07 -76.86
CA SER A 56 35.85 53.72 -77.38
C SER A 56 36.41 52.97 -78.57
N VAL A 57 36.52 51.65 -78.47
CA VAL A 57 37.02 50.82 -79.55
C VAL A 57 36.09 50.94 -80.75
N ALA A 58 34.79 50.88 -80.49
CA ALA A 58 33.81 50.94 -81.57
C ALA A 58 33.94 52.25 -82.35
N ALA A 59 34.01 53.36 -81.63
CA ALA A 59 34.12 54.66 -82.30
C ALA A 59 35.46 54.80 -83.01
N SER A 60 36.53 54.28 -82.41
CA SER A 60 37.86 54.44 -82.99
C SER A 60 37.99 53.63 -84.28
N VAL A 61 37.34 52.47 -84.35
CA VAL A 61 37.42 51.66 -85.57
C VAL A 61 36.27 52.01 -86.50
N ASN A 62 35.34 52.82 -86.04
CA ASN A 62 34.28 53.35 -86.89
C ASN A 62 34.70 54.59 -87.65
N ILE A 63 35.54 55.44 -87.04
CA ILE A 63 35.99 56.64 -87.74
C ILE A 63 36.88 56.28 -88.93
N ILE A 64 37.69 55.23 -88.79
CA ILE A 64 38.56 54.81 -89.89
C ILE A 64 37.73 54.28 -91.05
N LYS A 65 36.73 53.44 -90.73
CA LYS A 65 35.82 52.96 -91.75
C LYS A 65 35.09 54.13 -92.41
N MET A 66 34.62 55.07 -91.59
CA MET A 66 34.06 56.32 -92.08
C MET A 66 34.93 56.97 -93.14
N PHE A 67 36.20 57.16 -92.81
CA PHE A 67 37.09 57.90 -93.71
C PHE A 67 37.32 57.15 -95.00
N VAL A 68 37.45 55.81 -94.91
CA VAL A 68 37.67 55.01 -96.11
C VAL A 68 36.44 55.07 -97.02
N ARG A 69 35.26 54.84 -96.45
CA ARG A 69 34.02 54.85 -97.22
C ARG A 69 33.59 56.24 -97.67
N LYS A 70 34.36 57.27 -97.32
CA LYS A 70 34.02 58.62 -97.73
C LYS A 70 34.49 58.97 -99.15
N VAL A 71 35.67 58.51 -99.56
CA VAL A 71 36.20 58.88 -100.87
C VAL A 71 35.65 57.95 -101.95
N ASN A 72 35.58 58.47 -103.17
CA ASN A 72 35.16 57.70 -104.32
C ASN A 72 36.37 57.40 -105.22
N TRP A 73 36.13 56.55 -106.22
CA TRP A 73 37.19 56.00 -107.03
C TRP A 73 36.85 56.19 -108.50
N ARG A 74 37.86 56.49 -109.32
CA ARG A 74 37.68 56.68 -110.75
C ARG A 74 38.94 56.32 -111.51
N PHE A 75 38.81 55.37 -112.44
CA PHE A 75 39.95 54.75 -113.12
C PHE A 75 40.68 55.79 -113.98
N VAL A 76 42.01 55.66 -114.02
CA VAL A 76 42.85 56.70 -114.62
C VAL A 76 44.01 56.01 -115.33
N PRO A 77 44.33 56.38 -116.57
CA PRO A 77 45.50 55.78 -117.22
C PRO A 77 46.79 56.24 -116.55
N PRO A 78 47.91 55.55 -116.80
CA PRO A 78 49.16 55.87 -116.09
C PRO A 78 49.68 57.28 -116.40
N LYS A 79 50.80 57.62 -115.78
CA LYS A 79 51.36 58.98 -115.89
C LYS A 79 51.53 59.37 -117.34
N GLY A 80 52.19 58.52 -118.13
CA GLY A 80 52.33 58.76 -119.56
C GLY A 80 51.19 58.09 -120.30
N LYS A 81 51.10 58.31 -121.62
CA LYS A 81 50.08 57.70 -122.47
C LYS A 81 48.67 57.97 -121.97
N GLU A 82 48.47 59.09 -121.28
CA GLU A 82 47.14 59.49 -120.85
C GLU A 82 46.33 60.13 -121.97
N LYS A 83 46.98 60.48 -123.08
CA LYS A 83 46.29 61.01 -124.24
C LYS A 83 45.93 59.95 -125.26
N ASP A 84 46.39 58.72 -125.07
CA ASP A 84 46.10 57.64 -126.02
C ASP A 84 44.62 57.29 -125.98
N ALA A 85 44.01 57.17 -127.16
CA ALA A 85 42.60 56.85 -127.24
C ALA A 85 42.31 55.46 -126.68
N LYS A 86 43.24 54.53 -126.88
CA LYS A 86 43.06 53.17 -126.34
C LYS A 86 42.97 53.20 -124.83
N MET A 87 43.86 53.96 -124.18
CA MET A 87 43.85 54.03 -122.72
C MET A 87 42.59 54.73 -122.21
N ILE A 88 42.15 55.78 -122.92
CA ILE A 88 40.96 56.50 -122.50
C ILE A 88 39.73 55.60 -122.60
N GLU A 89 39.60 54.87 -123.71
CA GLU A 89 38.45 54.00 -123.87
C GLU A 89 38.51 52.83 -122.89
N ARG A 90 39.72 52.36 -122.57
CA ARG A 90 39.86 51.33 -121.55
C ARG A 90 39.42 51.83 -120.18
N ALA A 91 39.78 53.08 -119.85
CA ALA A 91 39.35 53.66 -118.59
C ALA A 91 37.84 53.80 -118.54
N ASN A 92 37.24 54.24 -119.65
CA ASN A 92 35.78 54.36 -119.72
C ASN A 92 35.11 53.01 -119.53
N PHE A 93 35.62 51.98 -120.21
CA PHE A 93 35.07 50.64 -120.08
C PHE A 93 35.22 50.12 -118.65
N PHE A 94 36.39 50.37 -118.04
CA PHE A 94 36.61 49.92 -116.67
C PHE A 94 35.63 50.58 -115.70
N ASN A 95 35.43 51.89 -115.85
CA ASN A 95 34.52 52.60 -114.97
C ASN A 95 33.08 52.14 -115.17
N SER A 96 32.67 51.98 -116.44
CA SER A 96 31.31 51.54 -116.72
C SER A 96 31.06 50.15 -116.15
N LEU A 97 32.04 49.26 -116.29
CA LEU A 97 31.88 47.91 -115.78
C LEU A 97 31.93 47.87 -114.26
N MET A 98 32.69 48.78 -113.65
CA MET A 98 32.64 48.95 -112.20
C MET A 98 31.23 49.34 -111.77
N ASN A 99 30.60 50.23 -112.51
CA ASN A 99 29.19 50.53 -112.26
C ASN A 99 28.25 49.42 -112.72
N ASP A 100 28.74 48.48 -113.55
CA ASP A 100 27.89 47.41 -114.06
C ASP A 100 27.72 46.27 -113.06
N MET A 101 28.45 46.29 -111.95
CA MET A 101 28.37 45.22 -110.97
C MET A 101 27.01 45.23 -110.27
N GLU A 102 26.53 44.05 -109.91
CA GLU A 102 25.25 43.96 -109.21
C GLU A 102 25.34 44.49 -107.79
N HIS A 103 26.54 44.55 -107.22
CA HIS A 103 26.79 45.21 -105.94
C HIS A 103 27.63 46.44 -106.25
N ASP A 104 27.17 47.60 -105.77
CA ASP A 104 27.83 48.85 -106.09
C ASP A 104 29.24 48.90 -105.49
N TRP A 105 30.07 49.78 -106.03
CA TRP A 105 31.44 49.93 -105.57
C TRP A 105 31.48 50.28 -104.08
N ALA A 106 30.58 51.16 -103.66
CA ALA A 106 30.46 51.51 -102.25
C ALA A 106 30.11 50.30 -101.40
N ASP A 107 29.25 49.41 -101.93
CA ASP A 107 28.92 48.19 -101.21
C ASP A 107 30.15 47.29 -101.08
N PHE A 108 30.97 47.23 -102.13
CA PHE A 108 32.21 46.47 -102.05
C PHE A 108 33.14 47.05 -100.99
N ILE A 109 33.22 48.38 -100.92
CA ILE A 109 34.04 49.02 -99.90
C ILE A 109 33.50 48.70 -98.52
N ASN A 110 32.17 48.67 -98.39
CA ASN A 110 31.55 48.30 -97.12
C ASN A 110 31.94 46.89 -96.71
N SER A 111 31.87 45.94 -97.65
CA SER A 111 32.24 44.57 -97.34
C SER A 111 33.71 44.46 -96.99
N VAL A 112 34.55 45.25 -97.67
CA VAL A 112 35.98 45.25 -97.37
C VAL A 112 36.23 45.78 -95.96
N MET A 113 35.44 46.77 -95.54
CA MET A 113 35.72 47.47 -94.29
C MET A 113 35.59 46.59 -93.06
N SER A 114 35.33 45.30 -93.24
CA SER A 114 35.53 44.33 -92.16
C SER A 114 37.03 44.22 -91.91
N PHE A 115 37.80 44.79 -92.84
CA PHE A 115 39.25 44.98 -92.79
C PHE A 115 39.72 45.35 -91.39
N CYS A 116 39.11 46.38 -90.80
CA CYS A 116 39.56 46.86 -89.51
C CYS A 116 39.32 45.85 -88.39
N THR A 117 38.17 45.17 -88.42
CA THR A 117 37.79 44.31 -87.30
C THR A 117 38.66 43.06 -87.20
N TYR A 118 39.20 42.58 -88.31
CA TYR A 118 39.96 41.33 -88.31
C TYR A 118 41.36 41.46 -88.87
N GLY A 119 41.62 42.45 -89.72
CA GLY A 119 42.91 42.61 -90.35
C GLY A 119 42.99 42.03 -91.75
N PHE A 120 42.03 41.19 -92.12
CA PHE A 120 41.99 40.62 -93.46
C PHE A 120 40.53 40.45 -93.89
N CYS A 121 40.32 40.42 -95.20
CA CYS A 121 38.98 40.18 -95.75
C CYS A 121 39.17 39.49 -97.11
N VAL A 122 38.56 38.31 -97.25
CA VAL A 122 38.62 37.59 -98.50
C VAL A 122 37.46 38.01 -99.38
N ASN A 123 37.68 37.96 -100.70
CA ASN A 123 36.66 38.41 -101.66
C ASN A 123 36.89 37.63 -102.95
N GLU A 124 36.11 36.57 -103.15
CA GLU A 124 36.30 35.74 -104.33
C GLU A 124 35.70 36.44 -105.56
N LYS A 125 36.56 36.73 -106.54
CA LYS A 125 36.12 37.38 -107.76
C LYS A 125 35.22 36.44 -108.55
N VAL A 126 34.03 36.95 -108.88
CA VAL A 126 33.05 36.17 -109.67
C VAL A 126 32.87 36.94 -110.98
N TYR A 127 33.48 36.44 -112.06
CA TYR A 127 33.45 37.19 -113.33
C TYR A 127 32.07 37.15 -113.95
N LYS A 128 31.95 37.64 -115.18
CA LYS A 128 30.66 37.77 -115.83
C LYS A 128 30.88 38.13 -117.29
N LYS A 129 29.95 37.70 -118.15
CA LYS A 129 29.95 38.05 -119.56
C LYS A 129 28.57 38.58 -119.92
N ARG A 130 28.53 39.70 -120.65
CA ARG A 130 27.24 40.30 -121.01
C ARG A 130 26.43 39.35 -121.87
N GLN A 131 27.02 38.85 -122.95
CA GLN A 131 26.39 37.88 -123.86
C GLN A 131 25.00 38.36 -124.29
N GLY A 132 24.86 39.68 -124.42
CA GLY A 132 23.58 40.27 -124.73
C GLY A 132 22.55 40.03 -123.65
N LYS A 133 22.93 40.23 -122.39
CA LYS A 133 22.09 39.96 -121.22
C LYS A 133 21.68 38.49 -121.26
N LYS A 134 20.41 38.15 -121.04
CA LYS A 134 19.87 36.80 -121.08
C LYS A 134 20.80 35.76 -120.45
N GLY A 135 21.43 36.12 -119.33
CA GLY A 135 22.37 35.23 -118.70
C GLY A 135 22.15 35.18 -117.20
N LYS A 136 23.03 34.42 -116.53
CA LYS A 136 22.97 34.28 -115.08
C LYS A 136 23.17 35.64 -114.41
N TYR A 137 24.11 36.44 -114.93
CA TYR A 137 24.40 37.76 -114.40
C TYR A 137 24.09 38.80 -115.48
N PRO A 138 22.90 39.41 -115.46
CA PRO A 138 22.56 40.38 -116.50
C PRO A 138 23.44 41.62 -116.44
N SER A 139 23.67 42.22 -117.60
CA SER A 139 24.43 43.45 -117.71
C SER A 139 23.63 44.50 -118.47
N LYS A 140 24.25 45.62 -118.83
CA LYS A 140 23.54 46.65 -119.57
C LYS A 140 24.33 47.11 -120.80
N TYR A 141 25.62 46.78 -120.88
CA TYR A 141 26.44 47.14 -122.03
C TYR A 141 26.64 45.90 -122.91
N ASN A 142 26.07 45.96 -124.11
CA ASN A 142 26.15 44.85 -125.06
C ASN A 142 27.44 44.91 -125.86
N ASP A 143 28.50 44.26 -125.36
CA ASP A 143 29.76 44.19 -126.09
C ASP A 143 30.33 42.78 -126.04
N GLY A 144 29.75 41.93 -125.22
CA GLY A 144 30.24 40.58 -125.04
C GLY A 144 31.63 40.55 -124.43
N LEU A 145 31.86 41.41 -123.45
CA LEU A 145 33.15 41.50 -122.77
C LEU A 145 33.03 40.90 -121.38
N ILE A 146 34.16 40.45 -120.84
CA ILE A 146 34.15 39.84 -119.52
C ILE A 146 34.06 40.92 -118.46
N GLY A 147 33.54 40.55 -117.28
CA GLY A 147 33.34 41.51 -116.22
C GLY A 147 33.29 40.90 -114.83
N TRP A 148 32.76 41.63 -113.86
CA TRP A 148 32.67 41.17 -112.48
C TRP A 148 31.26 41.34 -111.96
N ALA A 149 30.88 40.49 -111.01
CA ALA A 149 29.58 40.60 -110.37
C ALA A 149 29.60 39.80 -109.07
N LYS A 150 28.56 40.00 -108.27
CA LYS A 150 28.32 39.21 -107.04
C LYS A 150 29.51 39.37 -106.11
N LEU A 151 29.82 38.31 -105.36
CA LEU A 151 31.00 38.28 -104.51
C LEU A 151 32.23 38.65 -105.34
N PRO A 152 33.18 39.46 -104.82
CA PRO A 152 33.55 39.88 -103.44
C PRO A 152 32.92 39.26 -102.20
N ILE A 153 32.29 40.06 -101.35
CA ILE A 153 31.53 39.59 -100.17
C ILE A 153 32.44 38.72 -99.30
N ARG A 154 31.94 37.57 -98.82
CA ARG A 154 32.68 36.55 -98.06
C ARG A 154 32.83 36.93 -96.60
N ASN A 155 32.96 35.92 -95.73
CA ASN A 155 32.99 36.10 -94.29
C ASN A 155 34.31 35.56 -93.74
N GLN A 156 34.88 36.27 -92.77
CA GLN A 156 36.17 35.90 -92.20
C GLN A 156 36.07 34.71 -91.26
N THR A 157 34.91 34.50 -90.66
CA THR A 157 34.75 33.43 -89.68
C THR A 157 34.50 32.07 -90.31
N THR A 158 34.42 32.00 -91.64
CA THR A 158 34.16 30.75 -92.35
C THR A 158 35.46 30.03 -92.73
N LEU A 159 36.49 30.78 -93.11
CA LEU A 159 37.77 30.20 -93.52
C LEU A 159 38.35 29.35 -92.40
N ASP A 160 38.46 28.04 -92.65
CA ASP A 160 38.90 27.13 -91.60
C ASP A 160 40.42 26.96 -91.62
N LYS A 161 40.97 26.49 -92.73
CA LYS A 161 42.38 26.21 -92.85
C LYS A 161 42.96 26.92 -94.07
N TRP A 162 44.21 27.38 -93.94
CA TRP A 162 44.93 28.05 -95.01
C TRP A 162 45.93 27.06 -95.60
N TYR A 163 45.79 26.78 -96.89
CA TYR A 163 46.67 25.82 -97.53
C TYR A 163 48.01 26.46 -97.90
N PHE A 164 49.09 25.82 -97.47
CA PHE A 164 50.43 26.32 -97.74
C PHE A 164 50.94 25.79 -99.07
N ASP A 165 52.19 26.10 -99.42
CA ASP A 165 52.76 25.65 -100.69
C ASP A 165 54.23 25.31 -100.45
N SER A 166 54.47 24.03 -100.13
CA SER A 166 55.82 23.49 -99.94
C SER A 166 56.62 24.33 -98.95
N ASP A 167 57.47 25.21 -99.47
CA ASP A 167 58.34 26.07 -98.65
C ASP A 167 57.63 27.27 -98.06
N TYR A 168 56.29 27.28 -98.05
CA TYR A 168 55.50 28.28 -97.36
C TYR A 168 55.59 29.65 -98.02
N ARG A 169 56.37 29.76 -99.10
CA ARG A 169 56.51 31.03 -99.80
C ARG A 169 55.34 31.29 -100.73
N LYS A 170 54.65 32.42 -100.52
CA LYS A 170 53.56 32.86 -101.40
C LYS A 170 52.45 31.82 -101.52
N VAL A 171 51.78 31.52 -100.41
CA VAL A 171 50.67 30.55 -100.39
C VAL A 171 49.44 31.25 -99.80
N ILE A 172 48.71 31.97 -100.64
CA ILE A 172 47.47 32.64 -100.22
C ILE A 172 46.24 31.83 -100.61
N GLY A 173 46.04 30.67 -100.00
CA GLY A 173 44.89 29.85 -100.32
C GLY A 173 44.31 29.21 -99.07
N VAL A 174 42.99 29.14 -99.05
CA VAL A 174 42.26 28.66 -97.87
C VAL A 174 40.91 28.14 -98.33
N ARG A 175 40.27 27.34 -97.45
CA ARG A 175 38.94 26.82 -97.70
C ARG A 175 37.89 27.78 -97.18
N GLN A 176 36.62 27.35 -97.17
CA GLN A 176 35.53 28.20 -96.68
C GLN A 176 34.56 27.40 -95.83
N ASN A 177 35.05 26.40 -95.12
CA ASN A 177 34.20 25.54 -94.30
C ASN A 177 33.54 26.34 -93.17
N LEU A 195 31.69 18.37 -103.28
CA LEU A 195 32.45 17.93 -102.13
C LEU A 195 32.81 19.10 -101.22
N THR A 196 34.09 19.49 -101.23
CA THR A 196 34.58 20.58 -100.40
C THR A 196 34.32 21.92 -101.06
N ARG A 197 34.72 23.01 -100.39
CA ARG A 197 34.55 24.34 -100.94
C ARG A 197 35.87 25.10 -100.94
N LYS A 198 36.97 24.38 -101.12
CA LYS A 198 38.30 24.99 -101.16
C LYS A 198 38.44 25.95 -102.33
N LEU A 199 39.02 27.12 -102.08
CA LEU A 199 39.18 28.13 -103.11
C LEU A 199 40.65 28.26 -103.51
N PRO A 200 40.93 28.58 -104.77
CA PRO A 200 42.33 28.68 -105.20
C PRO A 200 42.95 30.01 -104.83
N ARG A 201 44.28 30.09 -105.01
CA ARG A 201 45.03 31.26 -104.55
C ARG A 201 44.67 32.52 -105.32
N SER A 202 44.44 32.40 -106.63
CA SER A 202 44.26 33.56 -107.49
C SER A 202 42.80 33.94 -107.70
N LYS A 203 41.88 33.32 -106.98
CA LYS A 203 40.46 33.57 -107.17
C LYS A 203 39.91 34.65 -106.24
N PHE A 204 40.62 34.96 -105.15
CA PHE A 204 40.14 35.95 -104.19
C PHE A 204 41.22 36.97 -103.89
N LEU A 205 40.79 38.12 -103.37
CA LEU A 205 41.70 39.19 -102.96
C LEU A 205 41.87 39.17 -101.46
N LEU A 206 43.10 39.41 -101.01
CA LEU A 206 43.43 39.46 -99.58
C LEU A 206 43.86 40.87 -99.24
N PHE A 207 43.14 41.49 -98.29
CA PHE A 207 43.46 42.82 -97.81
C PHE A 207 44.01 42.72 -96.40
N LYS A 208 45.33 42.76 -96.27
CA LYS A 208 45.98 42.65 -94.98
C LYS A 208 46.30 44.04 -94.43
N TYR A 209 46.19 44.17 -93.11
CA TYR A 209 46.40 45.44 -92.43
C TYR A 209 47.87 45.82 -92.34
N ASP A 210 48.66 45.01 -91.63
CA ASP A 210 50.06 45.33 -91.35
C ASP A 210 50.92 44.10 -91.65
N ASP A 211 50.71 43.52 -92.83
CA ASP A 211 51.47 42.34 -93.25
C ASP A 211 52.97 42.59 -93.17
N GLU A 212 53.64 41.88 -92.27
CA GLU A 212 55.08 41.98 -92.11
C GLU A 212 55.77 40.64 -92.30
N TYR A 213 55.19 39.56 -91.79
CA TYR A 213 55.73 38.22 -91.93
C TYR A 213 54.95 37.40 -92.96
N GLY A 214 54.15 38.07 -93.78
CA GLY A 214 53.37 37.40 -94.80
C GLY A 214 52.32 36.45 -94.23
N ASN A 215 51.70 36.85 -93.13
CA ASN A 215 50.65 36.04 -92.51
C ASN A 215 49.33 36.52 -93.11
N PRO A 216 48.51 35.62 -93.65
CA PRO A 216 47.26 36.03 -94.30
C PRO A 216 46.36 36.89 -93.43
N GLU A 217 46.29 36.57 -92.13
CA GLU A 217 45.41 37.29 -91.23
C GLU A 217 45.93 38.70 -90.96
N GLY A 218 47.17 38.98 -91.34
CA GLY A 218 47.73 40.30 -91.09
C GLY A 218 47.83 40.58 -89.61
N ARG A 219 47.37 41.76 -89.21
CA ARG A 219 47.37 42.15 -87.79
C ARG A 219 46.29 43.21 -87.60
N SER A 220 45.19 42.84 -86.97
CA SER A 220 44.11 43.78 -86.72
C SER A 220 44.56 44.85 -85.74
N PRO A 221 44.10 46.09 -85.88
CA PRO A 221 44.49 47.14 -84.93
C PRO A 221 44.04 46.87 -83.51
N LEU A 222 43.01 46.02 -83.33
CA LEU A 222 42.54 45.71 -81.98
C LEU A 222 43.59 44.96 -81.17
N LEU A 223 44.55 44.34 -81.85
CA LEU A 223 45.57 43.54 -81.15
C LEU A 223 46.40 44.39 -80.20
N ASN A 224 46.78 45.59 -80.64
CA ASN A 224 47.62 46.46 -79.82
C ASN A 224 46.76 47.41 -78.97
N ALA A 225 45.53 46.96 -78.72
CA ALA A 225 44.62 47.69 -77.85
C ALA A 225 43.86 46.71 -76.97
N TYR A 226 44.20 45.42 -77.07
CA TYR A 226 43.56 44.40 -76.25
C TYR A 226 43.66 44.71 -74.76
N VAL A 227 44.87 44.97 -74.26
CA VAL A 227 45.13 45.07 -72.83
C VAL A 227 44.38 46.23 -72.18
N PRO A 228 44.46 47.48 -72.70
CA PRO A 228 43.72 48.58 -72.06
C PRO A 228 42.24 48.31 -72.04
N TRP A 229 41.74 47.66 -73.09
CA TRP A 229 40.32 47.30 -73.17
C TRP A 229 39.94 46.38 -72.01
N LYS A 230 40.73 45.33 -71.79
CA LYS A 230 40.42 44.38 -70.74
C LYS A 230 40.45 45.06 -69.38
N TYR A 231 41.48 45.89 -69.16
CA TYR A 231 41.58 46.60 -67.89
C TYR A 231 40.35 47.48 -67.67
N LYS A 232 39.98 48.25 -68.70
CA LYS A 232 38.85 49.16 -68.60
C LYS A 232 37.55 48.41 -68.33
N VAL A 233 37.32 47.31 -69.04
CA VAL A 233 36.07 46.57 -68.88
C VAL A 233 35.98 45.98 -67.48
N GLN A 234 37.10 45.42 -67.02
CA GLN A 234 37.14 44.87 -65.65
C GLN A 234 36.79 45.99 -64.69
N ILE A 235 37.59 47.05 -64.68
CA ILE A 235 37.36 48.11 -63.65
C ILE A 235 35.91 48.60 -63.75
N GLU A 236 35.40 48.75 -64.96
CA GLU A 236 34.05 49.29 -65.11
C GLU A 236 33.01 48.36 -64.50
N GLU A 237 33.17 47.05 -64.71
CA GLU A 237 32.26 46.10 -64.10
C GLU A 237 32.37 46.14 -62.59
N PHE A 238 33.60 46.23 -62.06
CA PHE A 238 33.77 46.36 -60.62
C PHE A 238 33.09 47.61 -60.09
N GLU A 239 33.21 48.72 -60.82
CA GLU A 239 32.57 49.96 -60.42
C GLU A 239 31.06 49.83 -60.39
N ALA A 240 30.49 49.21 -61.42
CA ALA A 240 29.04 49.04 -61.48
C ALA A 240 28.55 48.17 -60.32
N VAL A 241 29.27 47.08 -60.05
CA VAL A 241 28.90 46.18 -58.95
C VAL A 241 28.98 46.94 -57.64
N GLY A 242 30.04 47.73 -57.45
CA GLY A 242 30.21 48.51 -56.25
C GLY A 242 29.10 49.51 -56.02
N VAL A 243 28.68 50.19 -57.09
CA VAL A 243 27.58 51.13 -57.01
C VAL A 243 26.31 50.38 -56.64
N SER A 244 26.13 49.20 -57.22
CA SER A 244 24.94 48.40 -56.93
C SER A 244 24.87 48.01 -55.46
N ARG A 245 26.00 47.63 -54.87
CA ARG A 245 26.04 47.17 -53.49
C ARG A 245 26.45 48.26 -52.51
N ASP A 246 26.13 49.52 -52.80
CA ASP A 246 26.42 50.63 -51.90
C ASP A 246 25.25 50.79 -50.90
N LEU A 247 25.28 49.96 -49.88
CA LEU A 247 24.17 49.87 -48.92
C LEU A 247 24.31 50.84 -47.77
N VAL A 248 25.08 51.91 -47.91
CA VAL A 248 25.19 52.91 -46.87
C VAL A 248 23.91 53.72 -46.82
N GLY A 249 23.35 53.89 -45.62
CA GLY A 249 22.13 54.64 -45.44
C GLY A 249 20.86 53.83 -45.54
N MET A 250 20.94 52.52 -45.75
CA MET A 250 19.72 51.73 -45.77
C MET A 250 19.17 51.58 -44.35
N PRO A 251 17.84 51.57 -44.20
CA PRO A 251 17.27 51.42 -42.86
C PRO A 251 17.54 50.03 -42.29
N LYS A 252 17.93 49.99 -41.03
CA LYS A 252 18.13 48.74 -40.29
C LYS A 252 17.31 48.80 -39.02
N ILE A 253 16.52 47.76 -38.78
CA ILE A 253 15.63 47.69 -37.63
C ILE A 253 16.12 46.57 -36.72
N GLY A 254 16.35 46.90 -35.45
CA GLY A 254 16.79 45.92 -34.49
C GLY A 254 15.69 45.49 -33.55
N LEU A 255 15.23 44.25 -33.68
CA LEU A 255 14.16 43.73 -32.85
C LEU A 255 14.69 42.62 -31.96
N PRO A 256 14.13 42.43 -30.77
CA PRO A 256 14.51 41.29 -29.93
C PRO A 256 14.15 39.98 -30.60
N PRO A 257 14.92 38.92 -30.36
CA PRO A 257 14.71 37.66 -31.10
C PRO A 257 13.31 37.07 -30.94
N ASP A 258 12.69 37.29 -29.77
CA ASP A 258 11.39 36.69 -29.50
C ASP A 258 10.32 37.19 -30.46
N TYR A 259 10.50 38.41 -30.99
CA TYR A 259 9.57 38.96 -31.96
C TYR A 259 9.56 38.15 -33.25
N LEU A 260 10.73 37.75 -33.72
CA LEU A 260 10.85 36.99 -34.96
C LEU A 260 10.50 35.53 -34.69
N GLY A 261 9.48 35.03 -35.38
CA GLY A 261 9.12 33.63 -35.25
C GLY A 261 7.70 33.39 -35.70
N GLU A 262 7.27 32.15 -35.51
CA GLU A 262 5.89 31.75 -35.81
C GLU A 262 5.05 31.57 -34.56
N ASP A 263 5.63 31.10 -33.46
CA ASP A 263 4.90 30.96 -32.21
C ASP A 263 4.77 32.28 -31.46
N ALA A 264 5.37 33.35 -31.98
CA ALA A 264 5.30 34.66 -31.36
C ALA A 264 3.85 35.13 -31.30
N GLU A 265 3.52 35.90 -30.26
CA GLU A 265 2.17 36.39 -30.02
C GLU A 265 1.65 37.15 -31.23
N PRO A 266 0.35 37.08 -31.53
CA PRO A 266 -0.17 37.71 -32.74
C PRO A 266 0.17 39.19 -32.84
N GLU A 267 0.23 39.88 -31.70
CA GLU A 267 0.62 41.27 -31.71
C GLU A 267 2.06 41.43 -32.19
N LYS A 268 2.95 40.55 -31.75
CA LYS A 268 4.34 40.63 -32.20
C LYS A 268 4.43 40.36 -33.70
N LYS A 269 3.62 39.44 -34.21
CA LYS A 269 3.58 39.20 -35.65
C LYS A 269 3.10 40.43 -36.40
N ALA A 270 2.09 41.12 -35.86
CA ALA A 270 1.64 42.37 -36.46
C ALA A 270 2.74 43.43 -36.42
N PHE A 271 3.49 43.47 -35.32
CA PHE A 271 4.62 44.40 -35.19
C PHE A 271 5.64 44.14 -36.29
N VAL A 272 6.01 42.87 -36.47
CA VAL A 272 6.98 42.53 -37.50
C VAL A 272 6.44 42.86 -38.88
N LYS A 273 5.14 42.63 -39.10
CA LYS A 273 4.54 42.95 -40.39
C LYS A 273 4.60 44.44 -40.66
N TYR A 274 4.30 45.27 -39.66
CA TYR A 274 4.37 46.71 -39.85
C TYR A 274 5.80 47.17 -40.08
N CYS A 275 6.75 46.53 -39.39
CA CYS A 275 8.16 46.84 -39.65
C CYS A 275 8.54 46.49 -41.09
N GLN A 276 8.02 45.37 -41.60
CA GLN A 276 8.26 45.00 -42.98
C GLN A 276 7.69 46.05 -43.93
N GLU A 277 6.47 46.51 -43.64
CA GLU A 277 5.87 47.55 -44.47
C GLU A 277 6.69 48.83 -44.44
N VAL A 278 7.19 49.19 -43.27
CA VAL A 278 8.03 50.39 -43.13
C VAL A 278 9.29 50.23 -43.98
N VAL A 279 9.95 49.08 -43.86
CA VAL A 279 11.19 48.86 -44.59
C VAL A 279 10.94 48.94 -46.09
N ASN A 280 9.85 48.32 -46.55
CA ASN A 280 9.62 48.24 -47.99
C ASN A 280 8.99 49.50 -48.56
N ASP A 281 8.46 50.39 -47.73
CA ASP A 281 7.69 51.52 -48.26
C ASP A 281 8.21 52.88 -47.83
N LEU A 282 9.03 52.94 -46.79
CA LEU A 282 9.45 54.25 -46.25
C LEU A 282 10.29 55.03 -47.25
N ILE A 283 9.91 56.29 -47.46
CA ILE A 283 10.62 57.20 -48.35
C ILE A 283 10.89 58.50 -47.61
N ALA A 284 11.37 59.51 -48.32
CA ALA A 284 11.78 60.78 -47.71
C ALA A 284 10.80 61.88 -48.17
N ASN A 285 9.51 61.56 -48.13
CA ASN A 285 8.48 62.53 -48.44
C ASN A 285 8.35 63.55 -47.31
N ASP A 286 7.38 64.44 -47.40
CA ASP A 286 7.28 65.55 -46.46
C ASP A 286 6.71 65.16 -45.09
N ARG A 287 5.86 64.14 -45.02
CA ARG A 287 5.44 63.62 -43.72
C ARG A 287 6.30 62.47 -43.24
N ALA A 288 7.56 62.42 -43.66
CA ALA A 288 8.46 61.39 -43.17
C ALA A 288 8.70 61.56 -41.69
N GLY A 289 8.64 60.46 -40.96
CA GLY A 289 8.82 60.48 -39.52
C GLY A 289 8.73 59.08 -38.96
N LEU A 290 8.90 58.99 -37.65
CA LEU A 290 8.88 57.68 -37.01
C LEU A 290 8.49 57.77 -35.54
N ILE A 291 7.65 56.84 -35.09
CA ILE A 291 7.31 56.73 -33.67
C ILE A 291 7.72 55.34 -33.21
N TRP A 292 8.91 55.21 -32.71
CA TRP A 292 9.41 53.88 -32.38
C TRP A 292 9.32 53.62 -30.88
N PRO A 293 8.92 52.42 -30.50
CA PRO A 293 9.06 52.01 -29.10
C PRO A 293 10.53 51.90 -28.73
N ARG A 294 10.82 52.18 -27.47
CA ARG A 294 12.21 52.19 -27.01
C ARG A 294 12.21 51.90 -25.52
N PHE A 295 13.25 51.20 -25.06
CA PHE A 295 13.37 50.80 -23.67
C PHE A 295 14.83 50.49 -23.37
N ILE A 296 15.47 51.32 -22.56
CA ILE A 296 16.83 51.05 -22.10
C ILE A 296 16.77 50.01 -21.00
N ASP A 297 17.20 48.79 -21.31
CA ASP A 297 17.14 47.68 -20.38
C ASP A 297 18.00 48.03 -19.17
N PRO A 298 17.52 47.78 -17.94
CA PRO A 298 18.31 48.12 -16.76
C PRO A 298 19.69 47.48 -16.76
N GLU A 299 19.78 46.25 -17.25
CA GLU A 299 21.08 45.63 -17.44
C GLU A 299 21.63 45.97 -18.83
N THR A 300 22.95 46.06 -18.90
CA THR A 300 23.72 46.30 -20.13
C THR A 300 23.55 47.73 -20.65
N LYS A 301 22.62 48.49 -20.06
CA LYS A 301 22.48 49.92 -20.33
C LYS A 301 22.31 50.23 -21.82
N GLU A 302 21.65 49.32 -22.54
CA GLU A 302 21.47 49.50 -23.98
C GLU A 302 20.01 49.32 -24.36
N ASP A 303 19.60 50.03 -25.40
CA ASP A 303 18.24 49.91 -25.91
C ASP A 303 18.07 48.58 -26.62
N ILE A 304 16.84 48.06 -26.62
CA ILE A 304 16.57 46.80 -27.29
C ILE A 304 16.04 47.04 -28.71
N PHE A 305 15.10 47.96 -28.86
CA PHE A 305 14.65 48.34 -30.20
C PHE A 305 15.61 49.35 -30.79
N GLU A 306 16.14 49.04 -31.97
CA GLU A 306 17.23 49.79 -32.55
C GLU A 306 16.93 50.08 -34.02
N PHE A 307 16.56 51.33 -34.32
CA PHE A 307 16.35 51.78 -35.68
C PHE A 307 17.47 52.76 -36.03
N SER A 308 18.21 52.44 -37.09
CA SER A 308 19.33 53.28 -37.49
C SER A 308 19.63 53.03 -38.96
N LEU A 309 20.40 53.94 -39.55
CA LEU A 309 20.85 53.83 -40.92
C LEU A 309 22.22 53.18 -40.94
N VAL A 310 22.38 52.14 -41.77
CA VAL A 310 23.66 51.45 -41.85
C VAL A 310 24.73 52.41 -42.34
N SER A 311 25.86 52.43 -41.64
CA SER A 311 26.93 53.39 -41.90
C SER A 311 28.24 52.67 -42.13
N ARG A 312 29.02 53.17 -43.09
CA ARG A 312 30.35 52.67 -43.36
C ARG A 312 31.39 53.61 -42.75
N GLN A 313 32.50 53.04 -42.29
CA GLN A 313 33.55 53.79 -41.62
C GLN A 313 34.83 53.81 -42.43
N GLY A 314 34.72 53.82 -43.76
CA GLY A 314 35.88 53.85 -44.62
C GLY A 314 35.52 54.42 -45.98
N ALA A 315 36.54 54.57 -46.82
CA ALA A 315 36.37 55.08 -48.17
C ALA A 315 37.09 54.17 -49.15
N LYS A 316 36.61 54.16 -50.39
CA LYS A 316 37.18 53.30 -51.41
C LYS A 316 38.64 53.67 -51.67
N ALA A 317 39.49 52.66 -51.77
CA ALA A 317 40.93 52.85 -51.92
C ALA A 317 41.27 53.56 -53.22
N TYR A 318 40.76 53.04 -54.33
CA TYR A 318 41.12 53.59 -55.64
C TYR A 318 39.96 54.38 -56.23
N ASP A 319 40.30 55.48 -56.91
CA ASP A 319 39.32 56.28 -57.63
C ASP A 319 39.17 55.69 -59.02
N THR A 320 38.08 54.94 -59.22
CA THR A 320 37.89 54.19 -60.46
C THR A 320 37.70 55.08 -61.67
N GLY A 321 37.08 56.25 -61.48
CA GLY A 321 36.79 57.13 -62.58
C GLY A 321 38.02 57.61 -63.33
N SER A 322 39.03 58.05 -62.58
CA SER A 322 40.28 58.50 -63.19
C SER A 322 40.97 57.35 -63.92
N ILE A 323 40.93 56.16 -63.32
CA ILE A 323 41.57 54.99 -63.92
C ILE A 323 40.91 54.66 -65.26
N ILE A 324 39.57 54.67 -65.27
CA ILE A 324 38.85 54.34 -66.50
C ILE A 324 39.08 55.39 -67.56
N ASP A 325 39.14 56.67 -67.15
CA ASP A 325 39.44 57.73 -68.11
C ASP A 325 40.84 57.56 -68.69
N ARG A 326 41.81 57.20 -67.86
CA ARG A 326 43.17 56.96 -68.33
C ARG A 326 43.20 55.83 -69.35
N TYR A 327 42.50 54.73 -69.05
CA TYR A 327 42.49 53.60 -69.96
C TYR A 327 41.78 53.94 -71.27
N SER A 328 40.70 54.73 -71.19
CA SER A 328 40.03 55.17 -72.41
C SER A 328 40.96 56.05 -73.26
N LYS A 329 41.71 56.93 -72.60
CA LYS A 329 42.67 57.75 -73.33
C LYS A 329 43.73 56.88 -73.99
N GLN A 330 44.21 55.85 -73.29
CA GLN A 330 45.19 54.94 -73.89
C GLN A 330 44.58 54.21 -75.08
N ILE A 331 43.32 53.79 -74.97
CA ILE A 331 42.66 53.10 -76.07
C ILE A 331 42.58 54.00 -77.30
N MET A 332 42.17 55.25 -77.10
CA MET A 332 42.09 56.19 -78.21
C MET A 332 43.48 56.48 -78.78
N MET A 333 44.50 56.46 -77.92
CA MET A 333 45.87 56.64 -78.38
C MET A 333 46.30 55.48 -79.27
N ALA A 334 45.85 54.27 -78.94
CA ALA A 334 46.26 53.09 -79.71
C ALA A 334 45.80 53.20 -81.17
N PHE A 335 44.58 53.69 -81.40
CA PHE A 335 44.06 53.92 -82.74
C PHE A 335 44.35 55.32 -83.24
N MET A 336 45.03 56.14 -82.44
CA MET A 336 45.39 57.51 -82.79
C MET A 336 44.15 58.30 -83.22
N SER A 337 43.09 58.16 -82.44
CA SER A 337 41.83 58.83 -82.69
C SER A 337 41.53 59.86 -81.60
N ASP A 338 42.54 60.64 -81.21
CA ASP A 338 42.36 61.63 -80.16
C ASP A 338 41.31 62.67 -80.54
N VAL A 339 41.15 62.95 -81.83
CA VAL A 339 40.21 63.96 -82.28
C VAL A 339 38.78 63.61 -81.86
N LEU A 340 38.53 62.34 -81.53
CA LEU A 340 37.21 61.93 -81.08
C LEU A 340 36.86 62.58 -79.75
N ALA A 341 37.81 62.65 -78.83
CA ALA A 341 37.58 63.21 -77.51
C ALA A 341 38.00 64.67 -77.44
N MET A 342 39.24 64.95 -77.81
CA MET A 342 39.78 66.31 -77.75
C MET A 342 38.99 67.25 -78.65
N GLY A 343 38.65 66.78 -79.85
CA GLY A 343 37.96 67.61 -80.81
C GLY A 343 38.88 68.06 -81.93
N GLN A 344 38.31 68.72 -82.94
CA GLN A 344 39.13 69.19 -84.06
C GLN A 344 40.03 70.32 -83.60
N SER A 345 41.34 70.10 -83.69
CA SER A 345 42.32 71.10 -83.29
C SER A 345 42.76 71.95 -84.48
N LYS A 346 43.18 73.17 -84.20
CA LYS A 346 43.60 74.11 -85.23
C LYS A 346 44.98 73.79 -85.79
N TYR A 347 45.68 72.80 -85.22
CA TYR A 347 46.97 72.35 -85.71
C TYR A 347 46.87 71.12 -86.58
N GLY A 348 45.66 70.72 -86.98
CA GLY A 348 45.49 69.54 -87.80
C GLY A 348 44.29 69.69 -88.72
N SER A 349 44.15 68.71 -89.60
CA SER A 349 43.06 68.68 -90.57
C SER A 349 42.92 67.26 -91.09
N PHE A 350 41.83 67.01 -91.81
CA PHE A 350 41.56 65.70 -92.38
C PHE A 350 41.91 65.62 -93.87
N SER A 351 42.61 66.63 -94.40
CA SER A 351 42.96 66.66 -95.81
C SER A 351 44.35 66.05 -95.99
N LEU A 352 44.42 64.99 -96.81
CA LEU A 352 45.72 64.37 -97.09
C LEU A 352 46.63 65.33 -97.85
N ALA A 353 46.08 66.03 -98.84
CA ALA A 353 46.88 66.96 -99.64
C ALA A 353 47.35 68.17 -98.84
N ASP A 354 46.76 68.43 -97.67
CA ASP A 354 47.19 69.54 -96.86
C ASP A 354 48.51 69.21 -96.16
N SER A 355 49.20 70.26 -95.71
CA SER A 355 50.42 70.11 -94.95
C SER A 355 50.16 69.90 -93.46
N LYS A 356 48.91 69.95 -93.03
CA LYS A 356 48.54 69.75 -91.64
C LYS A 356 47.73 68.48 -91.44
N THR A 357 48.00 67.44 -92.25
CA THR A 357 47.26 66.20 -92.16
C THR A 357 47.43 65.55 -90.79
N SER A 358 46.32 65.12 -90.21
CA SER A 358 46.35 64.48 -88.91
C SER A 358 46.95 63.08 -89.01
N LEU A 359 47.39 62.56 -87.86
CA LEU A 359 48.00 61.23 -87.83
C LEU A 359 47.02 60.15 -88.26
N LEU A 360 45.79 60.24 -87.78
CA LEU A 360 44.77 59.25 -88.14
C LEU A 360 44.49 59.31 -89.64
N ALA A 361 44.48 60.52 -90.19
CA ALA A 361 44.30 60.68 -91.63
C ALA A 361 45.45 60.03 -92.39
N MET A 362 46.67 60.12 -91.86
CA MET A 362 47.81 59.47 -92.47
C MET A 362 47.67 57.95 -92.43
N SER A 363 47.16 57.42 -91.32
CA SER A 363 46.92 55.98 -91.24
C SER A 363 45.86 55.56 -92.25
N VAL A 364 44.81 56.36 -92.40
CA VAL A 364 43.80 56.09 -93.42
C VAL A 364 44.42 56.13 -94.81
N ASP A 365 45.37 57.04 -95.02
CA ASP A 365 46.09 57.10 -96.29
C ASP A 365 46.86 55.82 -96.55
N ILE A 366 47.51 55.30 -95.52
CA ILE A 366 48.26 54.05 -95.64
C ILE A 366 47.31 52.92 -96.02
N LEU A 367 46.15 52.88 -95.36
CA LEU A 367 45.16 51.86 -95.67
C LEU A 367 44.68 51.96 -97.12
N LEU A 368 44.43 53.19 -97.57
CA LEU A 368 43.96 53.39 -98.93
C LEU A 368 45.02 52.99 -99.95
N LYS A 369 46.28 53.32 -99.66
CA LYS A 369 47.38 52.90 -100.54
C LYS A 369 47.47 51.38 -100.60
N GLN A 370 47.30 50.72 -99.46
CA GLN A 370 47.32 49.27 -99.43
C GLN A 370 46.21 48.70 -100.29
N ILE A 371 45.00 49.27 -100.16
CA ILE A 371 43.86 48.81 -100.95
C ILE A 371 44.14 48.99 -102.43
N LYS A 372 44.69 50.16 -102.79
CA LYS A 372 45.00 50.46 -104.18
C LYS A 372 46.00 49.47 -104.76
N ASN A 373 47.08 49.20 -104.02
CA ASN A 373 48.10 48.28 -104.51
C ASN A 373 47.53 46.86 -104.65
N VAL A 374 46.73 46.44 -103.67
CA VAL A 374 46.15 45.09 -103.75
C VAL A 374 45.23 45.00 -104.96
N ILE A 375 44.39 46.02 -105.17
CA ILE A 375 43.49 46.01 -106.32
C ILE A 375 44.28 45.95 -107.62
N ASN A 376 45.33 46.75 -107.72
CA ASN A 376 46.14 46.81 -108.93
C ASN A 376 46.79 45.46 -109.24
N ARG A 377 47.49 44.88 -108.28
CA ARG A 377 48.21 43.61 -108.60
C ARG A 377 47.16 42.51 -108.81
N ASP A 378 46.05 42.55 -108.06
CA ASP A 378 44.98 41.57 -108.16
C ASP A 378 43.98 42.04 -109.22
N LEU A 379 42.68 41.75 -109.09
CA LEU A 379 41.65 41.71 -110.11
C LEU A 379 41.84 42.55 -111.37
N VAL A 380 42.37 43.78 -111.27
CA VAL A 380 42.63 44.55 -112.49
C VAL A 380 43.53 43.76 -113.42
N ALA A 381 44.61 43.19 -112.88
CA ALA A 381 45.54 42.40 -113.68
C ALA A 381 44.87 41.17 -114.26
N GLN A 382 44.06 40.48 -113.45
CA GLN A 382 43.36 39.29 -113.92
C GLN A 382 42.42 39.60 -115.07
N THR A 383 41.67 40.68 -114.95
CA THR A 383 40.75 41.11 -116.01
C THR A 383 41.53 41.51 -117.26
N TYR A 384 42.64 42.23 -117.06
CA TYR A 384 43.46 42.69 -118.18
C TYR A 384 44.01 41.50 -118.96
N ALA A 385 44.45 40.46 -118.26
CA ALA A 385 45.04 39.30 -118.90
C ALA A 385 43.99 38.36 -119.51
N LEU A 386 43.05 37.91 -118.69
CA LEU A 386 42.09 36.88 -119.07
C LEU A 386 41.19 37.31 -120.23
N ASN A 387 40.76 38.58 -120.22
CA ASN A 387 39.84 39.10 -121.22
C ASN A 387 40.51 39.23 -122.58
N MET A 388 41.81 38.89 -122.63
CA MET A 388 42.70 38.96 -123.79
C MET A 388 43.36 40.34 -123.81
N TRP A 389 43.38 40.98 -124.97
CA TRP A 389 44.09 42.25 -125.16
C TRP A 389 45.58 42.07 -124.89
N ASP A 390 45.94 41.78 -123.65
CA ASP A 390 47.33 41.51 -123.24
C ASP A 390 48.25 42.67 -123.61
N ASP A 391 47.98 43.82 -123.00
CA ASP A 391 48.83 45.00 -123.12
C ASP A 391 49.71 45.10 -121.89
N GLU A 392 50.96 45.50 -122.12
CA GLU A 392 51.94 45.63 -121.03
C GLU A 392 51.47 46.63 -119.99
N GLU A 393 51.10 47.82 -120.44
CA GLU A 393 50.72 48.89 -119.52
C GLU A 393 49.29 48.71 -119.04
N HIS A 394 49.11 48.77 -117.72
CA HIS A 394 47.81 48.55 -117.10
C HIS A 394 47.21 49.87 -116.62
N VAL A 395 45.90 49.82 -116.37
CA VAL A 395 45.17 50.97 -115.85
C VAL A 395 44.98 50.79 -114.34
N GLU A 396 45.29 51.84 -113.59
CA GLU A 396 45.17 51.81 -112.13
C GLU A 396 43.95 52.59 -111.67
N ILE A 397 43.54 52.30 -110.44
CA ILE A 397 42.47 53.05 -109.79
C ILE A 397 43.08 54.11 -108.88
N VAL A 398 42.44 55.27 -108.83
CA VAL A 398 42.91 56.38 -108.01
C VAL A 398 41.77 56.84 -107.12
N TYR A 399 42.12 57.54 -106.05
CA TYR A 399 41.15 58.06 -105.11
C TYR A 399 41.44 59.53 -104.82
N ASP A 400 40.36 60.29 -104.59
CA ASP A 400 40.46 61.71 -104.27
C ASP A 400 40.78 61.91 -102.80
N ASP A 401 40.68 63.14 -102.33
CA ASP A 401 41.03 63.49 -100.96
C ASP A 401 39.79 63.38 -100.09
N ILE A 402 39.99 63.05 -98.81
CA ILE A 402 38.85 62.94 -97.89
C ILE A 402 38.15 64.27 -97.75
N GLU A 403 38.91 65.34 -97.54
CA GLU A 403 38.35 66.69 -97.47
C GLU A 403 39.23 67.63 -98.26
N THR A 404 38.62 68.64 -98.84
CA THR A 404 39.40 69.60 -99.61
C THR A 404 40.36 70.36 -98.69
N PRO A 405 41.56 70.69 -99.16
CA PRO A 405 42.51 71.42 -98.32
C PRO A 405 42.00 72.82 -98.00
N ASP A 406 42.77 73.52 -97.17
CA ASP A 406 42.40 74.87 -96.77
C ASP A 406 42.41 75.78 -98.00
N ILE A 407 41.23 76.19 -98.45
CA ILE A 407 41.06 76.94 -99.69
C ILE A 407 41.84 78.23 -99.63
N GLU A 408 41.80 78.91 -98.48
CA GLU A 408 42.47 80.20 -98.31
C GLU A 408 43.97 80.04 -98.48
N SER A 409 44.55 78.97 -97.92
CA SER A 409 45.98 78.75 -98.02
C SER A 409 46.40 78.50 -99.46
N ILE A 410 45.62 77.72 -100.19
CA ILE A 410 45.91 77.42 -101.60
C ILE A 410 45.86 78.71 -102.40
N GLY A 411 44.83 79.52 -102.14
CA GLY A 411 44.70 80.80 -102.81
C GLY A 411 45.88 81.72 -102.54
N SER A 412 46.31 81.77 -101.27
CA SER A 412 47.45 82.60 -100.89
C SER A 412 48.71 82.13 -101.60
N TYR A 413 48.93 80.82 -101.64
CA TYR A 413 50.10 80.26 -102.30
C TYR A 413 50.10 80.64 -103.77
N VAL A 414 48.97 80.43 -104.45
CA VAL A 414 48.90 80.70 -105.88
C VAL A 414 49.12 82.19 -106.15
N GLN A 415 48.46 83.05 -105.36
CA GLN A 415 48.59 84.49 -105.55
C GLN A 415 50.02 84.95 -105.33
N LYS A 416 50.67 84.47 -104.28
CA LYS A 416 52.01 84.94 -103.96
C LYS A 416 53.09 84.28 -104.81
N THR A 417 52.78 83.19 -105.52
CA THR A 417 53.79 82.56 -106.35
C THR A 417 53.61 82.76 -107.85
N VAL A 418 52.44 83.19 -108.31
CA VAL A 418 52.24 83.34 -109.75
C VAL A 418 52.44 84.80 -110.19
N ALA A 419 52.00 85.76 -109.38
CA ALA A 419 52.19 87.17 -109.72
C ALA A 419 53.66 87.56 -109.79
N VAL A 420 54.56 86.75 -109.25
CA VAL A 420 55.99 86.95 -109.37
C VAL A 420 56.58 86.10 -110.51
N GLY A 421 55.79 85.14 -110.99
CA GLY A 421 56.27 84.18 -111.97
C GLY A 421 56.22 82.76 -111.43
N ALA A 422 57.38 82.17 -111.18
CA ALA A 422 57.51 80.82 -110.63
C ALA A 422 56.54 79.84 -111.29
N MET A 423 55.47 79.48 -110.58
CA MET A 423 54.47 78.56 -111.11
C MET A 423 53.84 79.12 -112.37
N GLU A 424 53.85 78.33 -113.45
CA GLU A 424 53.27 78.76 -114.71
C GLU A 424 51.80 78.37 -114.76
N VAL A 425 50.95 79.33 -115.11
CA VAL A 425 49.53 79.06 -115.22
C VAL A 425 49.26 78.18 -116.44
N ASP A 426 48.51 77.10 -116.23
CA ASP A 426 48.14 76.21 -117.31
C ASP A 426 46.72 75.70 -117.06
N LYS A 427 46.28 74.80 -117.93
CA LYS A 427 44.96 74.20 -117.78
C LYS A 427 44.87 73.40 -116.47
N ALA A 428 45.99 72.80 -116.07
CA ALA A 428 45.98 71.92 -114.90
C ALA A 428 45.62 72.66 -113.62
N LEU A 429 46.24 73.81 -113.37
CA LEU A 429 45.90 74.60 -112.20
C LEU A 429 44.46 75.11 -112.30
N SER A 430 44.07 75.55 -113.50
CA SER A 430 42.75 76.11 -113.70
C SER A 430 41.64 75.09 -113.48
N ASP A 431 41.91 73.80 -113.67
CA ASP A 431 40.93 72.77 -113.34
C ASP A 431 41.07 72.28 -111.90
N LYS A 432 42.29 72.24 -111.37
CA LYS A 432 42.49 71.77 -110.01
C LYS A 432 41.85 72.70 -108.99
N LEU A 433 42.09 74.00 -109.12
CA LEU A 433 41.48 74.95 -108.20
C LEU A 433 39.96 74.96 -108.36
N ARG A 434 39.48 74.88 -109.60
CA ARG A 434 38.05 74.94 -109.85
C ARG A 434 37.33 73.71 -109.33
N GLU A 435 38.01 72.55 -109.33
CA GLU A 435 37.43 71.36 -108.72
C GLU A 435 37.61 71.39 -107.21
N HIS A 436 38.61 72.11 -106.71
CA HIS A 436 38.69 72.38 -105.28
C HIS A 436 37.47 73.14 -104.81
N ILE A 437 36.99 74.07 -105.64
CA ILE A 437 35.71 74.72 -105.41
C ILE A 437 34.61 73.68 -105.42
N GLY A 438 34.64 72.79 -106.41
CA GLY A 438 33.64 71.74 -106.52
C GLY A 438 33.05 71.65 -107.91
N LEU A 439 33.61 72.38 -108.85
CA LEU A 439 33.14 72.41 -110.23
C LEU A 439 33.97 71.46 -111.09
N GLU A 440 33.74 71.53 -112.40
CA GLU A 440 34.49 70.77 -113.39
C GLU A 440 35.03 71.75 -114.42
N PRO A 441 36.14 71.41 -115.10
CA PRO A 441 36.80 72.35 -116.02
C PRO A 441 35.86 73.23 -116.82
N ALA A 442 36.15 74.53 -116.86
CA ALA A 442 35.25 75.51 -117.43
C ALA A 442 34.98 75.23 -118.90
N ASP A 443 33.73 75.43 -119.31
CA ASP A 443 33.32 75.23 -120.70
C ASP A 443 33.46 76.56 -121.44
N GLU A 444 34.49 76.64 -122.28
CA GLU A 444 34.77 77.84 -123.04
C GLU A 444 33.64 78.15 -124.01
N SER A 445 32.83 77.15 -124.32
CA SER A 445 31.68 77.32 -125.21
C SER A 445 30.70 78.33 -124.67
N LYS A 446 30.61 78.46 -123.35
CA LYS A 446 29.70 79.40 -122.70
C LYS A 446 30.43 80.29 -121.70
N PRO A 447 31.18 81.33 -122.12
CA PRO A 447 31.81 82.20 -121.14
C PRO A 447 30.77 83.09 -120.49
N VAL A 448 31.18 83.90 -119.52
CA VAL A 448 30.23 84.81 -118.80
C VAL A 448 30.08 86.09 -119.63
N SER A 449 28.86 86.67 -119.66
CA SER A 449 28.59 87.87 -120.49
C SER A 449 29.41 89.06 -119.99
N GLU A 450 29.47 90.11 -120.80
CA GLU A 450 30.17 91.35 -120.35
C GLU A 450 29.08 92.35 -119.92
N ASN A 451 27.96 92.37 -120.64
CA ASN A 451 26.85 93.27 -120.25
C ASN A 451 26.53 93.03 -118.78
N LEU A 452 26.20 91.78 -118.43
CA LEU A 452 25.87 91.45 -117.02
C LEU A 452 27.14 91.55 -116.18
N SER A 453 27.65 92.77 -115.98
CA SER A 453 28.90 92.97 -115.21
C SER A 453 29.08 94.46 -114.90
N PRO A 454 30.11 94.89 -114.14
CA PRO A 454 30.35 96.30 -113.90
C PRO A 454 29.61 97.18 -114.88
N GLY B 17 31.75 29.13 -110.51
CA GLY B 17 32.21 30.47 -110.21
C GLY B 17 32.10 30.83 -108.75
N GLU B 18 30.87 30.84 -108.23
CA GLU B 18 30.60 31.18 -106.84
C GLU B 18 30.99 30.00 -105.96
N VAL B 19 32.29 29.84 -105.72
CA VAL B 19 32.77 28.73 -104.91
C VAL B 19 32.45 28.87 -103.44
N GLY B 20 32.04 30.05 -102.98
CA GLY B 20 31.76 30.29 -101.58
C GLY B 20 30.35 30.79 -101.37
N SER B 21 30.06 31.17 -100.12
CA SER B 21 28.73 31.61 -99.74
C SER B 21 28.84 32.47 -98.49
N LEU B 22 27.81 33.28 -98.25
CA LEU B 22 27.79 34.22 -97.13
C LEU B 22 27.01 33.63 -95.95
N GLY B 23 27.40 32.43 -95.56
CA GLY B 23 26.70 31.79 -94.45
C GLY B 23 26.97 32.49 -93.14
N LEU B 24 26.00 33.27 -92.66
CA LEU B 24 26.19 34.01 -91.41
C LEU B 24 25.86 33.13 -90.20
N LYS B 25 24.59 32.76 -90.05
CA LYS B 25 24.22 31.80 -89.02
C LYS B 25 23.32 30.71 -89.58
N VAL B 26 22.39 31.09 -90.47
CA VAL B 26 21.44 30.17 -91.08
C VAL B 26 20.72 29.30 -90.05
N ARG B 27 20.19 29.91 -88.98
CA ARG B 27 19.59 29.10 -87.93
C ARG B 27 18.23 28.56 -88.32
N SER B 28 17.24 29.45 -88.47
CA SER B 28 15.90 29.04 -88.90
C SER B 28 15.30 30.04 -89.86
N GLY B 29 16.09 30.58 -90.76
CA GLY B 29 15.65 31.68 -91.60
C GLY B 29 15.90 33.03 -90.95
N ARG B 30 15.67 33.13 -89.65
CA ARG B 30 16.00 34.34 -88.90
C ARG B 30 17.52 34.46 -88.81
N ILE B 31 18.03 35.69 -88.94
CA ILE B 31 19.47 35.92 -88.93
C ILE B 31 19.99 35.95 -87.51
N TYR B 32 20.73 34.90 -87.13
CA TYR B 32 21.38 34.84 -85.82
C TYR B 32 22.82 35.34 -85.87
N GLU B 33 23.04 36.53 -86.42
CA GLU B 33 24.39 37.07 -86.54
C GLU B 33 24.92 37.56 -85.20
N GLU B 34 24.14 38.38 -84.51
CA GLU B 34 24.55 38.93 -83.24
C GLU B 34 24.51 37.86 -82.16
N PRO B 35 25.62 37.58 -81.48
CA PRO B 35 25.62 36.54 -80.43
C PRO B 35 24.84 36.91 -79.19
N ARG B 36 24.44 38.18 -79.03
CA ARG B 36 23.66 38.62 -77.89
C ARG B 36 22.18 38.39 -78.20
N GLN B 37 21.50 37.67 -77.31
CA GLN B 37 20.10 37.32 -77.52
C GLN B 37 19.22 38.56 -77.56
N ALA B 38 19.48 39.52 -76.68
CA ALA B 38 18.66 40.72 -76.57
C ALA B 38 18.65 41.51 -77.87
N LEU B 39 19.80 41.59 -78.54
CA LEU B 39 19.90 42.33 -79.79
C LEU B 39 19.70 41.45 -81.03
N ARG B 40 18.58 40.72 -81.08
CA ARG B 40 18.19 39.94 -82.24
C ARG B 40 16.74 40.27 -82.57
N PHE B 41 16.37 40.11 -83.84
CA PHE B 41 15.11 40.60 -84.41
C PHE B 41 13.92 40.44 -83.48
N PRO B 42 13.66 39.26 -82.88
CA PRO B 42 12.51 39.16 -81.97
C PRO B 42 12.61 40.09 -80.77
N GLU B 43 13.82 40.26 -80.22
CA GLU B 43 14.04 41.12 -79.06
C GLU B 43 14.75 42.42 -79.37
N SER B 44 15.55 42.49 -80.43
CA SER B 44 16.25 43.73 -80.76
C SER B 44 15.26 44.87 -80.98
N ILE B 45 14.09 44.54 -81.50
CA ILE B 45 13.03 45.51 -81.73
C ILE B 45 12.58 46.03 -80.38
N LYS B 46 12.50 45.13 -79.40
CA LYS B 46 12.15 45.53 -78.03
C LYS B 46 13.21 46.45 -77.44
N THR B 47 14.48 46.11 -77.62
CA THR B 47 15.57 46.86 -77.00
C THR B 47 15.69 48.27 -77.58
N PHE B 48 15.64 48.38 -78.91
CA PHE B 48 15.87 49.67 -79.55
C PHE B 48 14.85 50.71 -79.11
N GLN B 49 13.61 50.28 -78.85
CA GLN B 49 12.61 51.20 -78.32
C GLN B 49 13.02 51.68 -76.93
N LEU B 50 13.57 50.79 -76.11
CA LEU B 50 14.05 51.18 -74.79
C LEU B 50 15.19 52.19 -74.90
N MET B 51 16.14 51.93 -75.80
CA MET B 51 17.33 52.78 -75.87
C MET B 51 16.99 54.16 -76.40
N MET B 52 15.95 54.26 -77.21
CA MET B 52 15.52 55.55 -77.75
C MET B 52 14.96 56.46 -76.67
N ARG B 53 14.64 55.94 -75.48
CA ARG B 53 14.04 56.74 -74.43
C ARG B 53 15.03 57.71 -73.81
N ASP B 54 16.28 57.31 -73.68
CA ASP B 54 17.27 58.17 -73.04
C ASP B 54 17.53 59.40 -73.91
N PRO B 55 17.50 60.60 -73.35
CA PRO B 55 17.71 61.81 -74.15
C PRO B 55 19.04 61.83 -74.87
N SER B 56 20.08 61.30 -74.24
CA SER B 56 21.42 61.29 -74.83
C SER B 56 21.45 60.47 -76.12
N VAL B 57 20.82 59.29 -76.09
CA VAL B 57 20.74 58.45 -77.28
C VAL B 57 19.76 59.08 -78.26
N ALA B 58 18.61 59.54 -77.76
CA ALA B 58 17.56 60.07 -78.62
C ALA B 58 18.05 61.29 -79.39
N ALA B 59 18.71 62.22 -78.70
CA ALA B 59 19.21 63.41 -79.37
C ALA B 59 20.33 63.06 -80.35
N SER B 60 21.10 62.02 -80.03
CA SER B 60 22.20 61.62 -80.91
C SER B 60 21.68 61.13 -82.26
N VAL B 61 20.57 60.40 -82.27
CA VAL B 61 20.06 59.82 -83.51
C VAL B 61 18.97 60.72 -84.10
N ASN B 62 18.67 61.82 -83.42
CA ASN B 62 17.71 62.79 -83.94
C ASN B 62 18.38 63.92 -84.71
N ILE B 63 19.62 64.28 -84.35
CA ILE B 63 20.34 65.29 -85.11
C ILE B 63 20.69 64.75 -86.50
N ILE B 64 21.02 63.46 -86.58
CA ILE B 64 21.33 62.84 -87.87
C ILE B 64 20.10 62.88 -88.77
N LYS B 65 18.94 62.54 -88.21
CA LYS B 65 17.70 62.52 -88.99
C LYS B 65 17.35 63.92 -89.49
N MET B 66 17.59 64.93 -88.66
CA MET B 66 17.28 66.30 -89.06
C MET B 66 18.06 66.71 -90.29
N PHE B 67 19.32 66.27 -90.38
CA PHE B 67 20.16 66.63 -91.52
C PHE B 67 19.60 66.06 -92.82
N VAL B 68 19.14 64.81 -92.80
CA VAL B 68 18.62 64.16 -93.99
C VAL B 68 17.35 64.86 -94.45
N ARG B 69 16.47 65.19 -93.51
CA ARG B 69 15.19 65.80 -93.85
C ARG B 69 15.44 67.21 -94.39
N LYS B 70 16.61 67.77 -94.06
CA LYS B 70 16.96 69.13 -94.48
C LYS B 70 17.43 69.23 -95.93
N VAL B 71 18.15 68.23 -96.44
CA VAL B 71 18.67 68.34 -97.80
C VAL B 71 17.57 68.07 -98.82
N ASN B 72 17.80 68.54 -100.04
CA ASN B 72 16.86 68.38 -101.14
C ASN B 72 17.41 67.40 -102.17
N TRP B 73 16.53 66.92 -103.04
CA TRP B 73 16.88 65.96 -104.07
C TRP B 73 16.39 66.45 -105.42
N ARG B 74 17.23 66.28 -106.44
CA ARG B 74 16.89 66.70 -107.79
C ARG B 74 17.48 65.71 -108.79
N PHE B 75 16.67 65.27 -109.74
CA PHE B 75 17.13 64.31 -110.73
C PHE B 75 17.93 65.01 -111.82
N VAL B 76 19.10 64.47 -112.13
CA VAL B 76 19.98 65.09 -113.12
C VAL B 76 20.54 64.05 -114.08
N PRO B 77 20.94 64.44 -115.28
CA PRO B 77 21.69 63.53 -116.16
C PRO B 77 22.97 63.05 -115.50
N PRO B 78 23.69 62.09 -116.10
CA PRO B 78 24.90 61.57 -115.46
C PRO B 78 26.04 62.59 -115.41
N LYS B 79 27.21 62.14 -114.93
CA LYS B 79 28.35 63.03 -114.73
C LYS B 79 28.69 63.78 -116.02
N GLY B 80 28.71 63.05 -117.14
CA GLY B 80 28.92 63.69 -118.45
C GLY B 80 27.57 63.96 -119.11
N LYS B 81 27.60 64.35 -120.38
CA LYS B 81 26.43 64.42 -121.24
C LYS B 81 25.30 65.27 -120.66
N GLU B 82 25.64 66.26 -119.82
CA GLU B 82 24.63 67.16 -119.30
C GLU B 82 24.03 68.06 -120.37
N LYS B 83 24.62 68.08 -121.57
CA LYS B 83 24.12 68.91 -122.67
C LYS B 83 23.06 68.22 -123.51
N ASP B 84 22.93 66.90 -123.42
CA ASP B 84 22.05 66.16 -124.30
C ASP B 84 20.58 66.52 -124.05
N ALA B 85 19.85 66.78 -125.13
CA ALA B 85 18.46 67.16 -125.02
C ALA B 85 17.59 65.99 -124.57
N LYS B 86 17.88 64.79 -125.06
CA LYS B 86 17.09 63.64 -124.66
C LYS B 86 17.23 63.36 -123.17
N MET B 87 18.45 63.47 -122.65
CA MET B 87 18.66 63.28 -121.23
C MET B 87 18.01 64.39 -120.41
N ILE B 88 18.11 65.63 -120.89
CA ILE B 88 17.58 66.76 -120.12
C ILE B 88 16.07 66.67 -120.01
N GLU B 89 15.41 66.16 -121.06
CA GLU B 89 13.96 66.00 -121.00
C GLU B 89 13.57 64.86 -120.06
N ARG B 90 14.42 63.84 -119.98
CA ARG B 90 14.15 62.73 -119.08
C ARG B 90 14.16 63.18 -117.62
N ALA B 91 15.08 64.10 -117.28
CA ALA B 91 15.13 64.63 -115.93
C ALA B 91 13.85 65.37 -115.57
N ASN B 92 13.33 66.17 -116.51
CA ASN B 92 12.09 66.91 -116.28
C ASN B 92 10.94 65.95 -116.02
N PHE B 93 10.93 64.80 -116.70
CA PHE B 93 9.90 63.80 -116.42
C PHE B 93 10.07 63.26 -115.00
N PHE B 94 11.31 62.96 -114.60
CA PHE B 94 11.53 62.35 -113.29
C PHE B 94 11.27 63.34 -112.16
N ASN B 95 11.70 64.58 -112.33
CA ASN B 95 11.49 65.59 -111.30
C ASN B 95 10.00 65.83 -111.07
N SER B 96 9.23 65.92 -112.15
CA SER B 96 7.78 66.08 -112.02
C SER B 96 7.14 64.84 -111.43
N LEU B 97 7.63 63.66 -111.81
CA LEU B 97 7.08 62.42 -111.29
C LEU B 97 7.40 62.23 -109.82
N MET B 98 8.51 62.80 -109.35
CA MET B 98 8.88 62.72 -107.94
C MET B 98 7.82 63.40 -107.07
N ASN B 99 7.36 64.57 -107.49
CA ASN B 99 6.33 65.28 -106.74
C ASN B 99 4.92 64.77 -107.04
N ASP B 100 4.76 63.98 -108.10
CA ASP B 100 3.45 63.41 -108.43
C ASP B 100 2.96 62.43 -107.38
N MET B 101 3.86 61.82 -106.62
CA MET B 101 3.49 60.79 -105.65
C MET B 101 2.55 61.36 -104.60
N GLU B 102 1.63 60.52 -104.15
CA GLU B 102 0.63 60.96 -103.17
C GLU B 102 1.27 61.38 -101.85
N HIS B 103 2.48 60.89 -101.55
CA HIS B 103 3.19 61.37 -100.33
C HIS B 103 4.43 62.11 -100.82
N ASP B 104 4.64 63.32 -100.33
CA ASP B 104 5.77 64.14 -100.87
C ASP B 104 7.11 63.44 -100.70
N TRP B 105 8.10 63.85 -101.48
CA TRP B 105 9.42 63.23 -101.41
C TRP B 105 9.99 63.32 -100.00
N ALA B 106 9.79 64.47 -99.34
CA ALA B 106 10.24 64.64 -97.96
C ALA B 106 9.59 63.64 -97.02
N ASP B 107 8.30 63.37 -97.23
CA ASP B 107 7.59 62.42 -96.39
C ASP B 107 8.17 61.02 -96.52
N PHE B 108 8.56 60.65 -97.75
CA PHE B 108 9.23 59.37 -97.95
C PHE B 108 10.53 59.30 -97.16
N ILE B 109 11.29 60.39 -97.18
CA ILE B 109 12.56 60.43 -96.45
C ILE B 109 12.31 60.24 -94.95
N ASN B 110 11.25 60.87 -94.44
CA ASN B 110 10.92 60.72 -93.02
C ASN B 110 10.63 59.26 -92.68
N SER B 111 9.95 58.54 -93.58
CA SER B 111 9.72 57.12 -93.36
C SER B 111 11.02 56.34 -93.46
N VAL B 112 11.92 56.77 -94.35
CA VAL B 112 13.22 56.12 -94.48
C VAL B 112 14.03 56.28 -93.20
N MET B 113 13.87 57.42 -92.52
CA MET B 113 14.70 57.71 -91.36
C MET B 113 14.43 56.79 -90.18
N SER B 114 13.58 55.78 -90.37
CA SER B 114 13.52 54.66 -89.43
C SER B 114 14.83 53.89 -89.52
N PHE B 115 15.62 54.23 -90.54
CA PHE B 115 16.98 53.75 -90.77
C PHE B 115 17.79 53.63 -89.49
N CYS B 116 17.96 54.75 -88.78
CA CYS B 116 18.90 54.79 -87.66
C CYS B 116 18.45 53.91 -86.51
N THR B 117 17.15 53.87 -86.24
CA THR B 117 16.67 53.17 -85.05
C THR B 117 16.73 51.66 -85.20
N TYR B 118 16.64 51.13 -86.42
CA TYR B 118 16.67 49.69 -86.63
C TYR B 118 17.81 49.21 -87.51
N GLY B 119 18.35 50.05 -88.39
CA GLY B 119 19.42 49.67 -89.28
C GLY B 119 18.99 49.39 -90.70
N PHE B 120 17.69 49.18 -90.93
CA PHE B 120 17.18 48.94 -92.27
C PHE B 120 15.74 49.43 -92.36
N CYS B 121 15.28 49.67 -93.59
CA CYS B 121 13.91 50.14 -93.81
C CYS B 121 13.45 49.63 -95.18
N VAL B 122 12.63 48.58 -95.14
CA VAL B 122 12.02 48.08 -96.37
C VAL B 122 10.93 49.05 -96.82
N ASN B 123 10.69 49.10 -98.13
CA ASN B 123 9.67 49.98 -98.69
C ASN B 123 9.14 49.33 -99.97
N GLU B 124 8.02 48.63 -99.86
CA GLU B 124 7.45 47.97 -101.02
C GLU B 124 6.93 49.01 -102.01
N LYS B 125 7.61 49.10 -103.15
CA LYS B 125 7.25 50.09 -104.18
C LYS B 125 5.88 49.73 -104.77
N VAL B 126 5.05 50.74 -105.05
CA VAL B 126 3.73 50.51 -105.69
C VAL B 126 3.70 51.38 -106.95
N TYR B 127 3.48 50.77 -108.12
CA TYR B 127 3.59 51.55 -109.38
C TYR B 127 2.24 51.93 -109.97
N LYS B 128 1.94 53.23 -109.99
CA LYS B 128 0.71 53.71 -110.66
C LYS B 128 0.93 53.53 -112.15
N LYS B 129 -0.14 53.32 -112.92
CA LYS B 129 0.03 52.99 -114.35
C LYS B 129 -0.14 54.22 -115.24
N ARG B 130 -0.56 53.99 -116.48
CA ARG B 130 -0.79 55.08 -117.44
C ARG B 130 -1.20 56.36 -116.72
N GLN B 131 -0.33 57.38 -116.74
CA GLN B 131 -0.72 58.68 -116.17
C GLN B 131 -2.07 59.09 -116.77
N GLY B 132 -2.94 59.68 -115.95
CA GLY B 132 -4.30 60.05 -116.41
C GLY B 132 -5.26 59.89 -115.25
N LYS B 133 -5.95 60.98 -114.85
CA LYS B 133 -6.87 60.95 -113.68
C LYS B 133 -7.33 59.52 -113.36
N LYS B 134 -8.22 58.97 -114.19
CA LYS B 134 -8.72 57.58 -113.98
C LYS B 134 -8.96 57.31 -112.50
N GLY B 135 -8.33 56.27 -111.97
CA GLY B 135 -8.59 55.89 -110.56
C GLY B 135 -7.50 55.00 -109.99
N LYS B 136 -7.86 53.95 -109.25
CA LYS B 136 -6.88 53.08 -108.56
C LYS B 136 -5.99 53.96 -107.69
N TYR B 137 -4.88 54.46 -108.24
CA TYR B 137 -4.04 55.43 -107.51
C TYR B 137 -4.03 56.70 -108.37
N PRO B 138 -5.03 57.58 -108.27
CA PRO B 138 -5.12 58.74 -109.15
C PRO B 138 -3.86 59.55 -109.19
N SER B 139 -3.62 60.23 -110.31
CA SER B 139 -2.37 61.01 -110.45
C SER B 139 -2.51 62.08 -111.53
N LYS B 140 -1.79 63.19 -111.37
CA LYS B 140 -1.79 64.25 -112.40
C LYS B 140 -1.03 63.74 -113.61
N TYR B 141 -1.02 64.49 -114.71
CA TYR B 141 -0.38 64.07 -115.98
C TYR B 141 -1.22 62.96 -116.61
N ASN B 142 -1.28 62.93 -117.95
CA ASN B 142 -2.05 61.88 -118.65
C ASN B 142 -1.23 61.35 -119.81
N ASP B 143 0.10 61.28 -119.65
CA ASP B 143 0.99 60.78 -120.73
C ASP B 143 1.01 59.25 -120.71
N GLY B 144 -0.02 58.65 -120.12
CA GLY B 144 -0.12 57.18 -120.10
C GLY B 144 1.23 56.56 -119.82
N LEU B 145 1.94 57.08 -118.81
CA LEU B 145 3.24 56.48 -118.42
C LEU B 145 3.14 55.93 -116.99
N ILE B 146 4.02 55.01 -116.62
CA ILE B 146 4.04 54.37 -115.32
C ILE B 146 4.55 55.34 -114.27
N GLY B 147 4.15 55.12 -113.01
CA GLY B 147 4.54 55.99 -111.93
C GLY B 147 4.43 55.34 -110.56
N TRP B 148 4.74 56.09 -109.51
CA TRP B 148 4.79 55.56 -108.15
C TRP B 148 3.71 56.19 -107.29
N ALA B 149 3.23 55.43 -106.31
CA ALA B 149 2.23 55.92 -105.37
C ALA B 149 2.22 55.01 -104.15
N LYS B 150 1.57 55.49 -103.10
CA LYS B 150 1.28 54.72 -101.89
C LYS B 150 2.61 54.24 -101.29
N LEU B 151 2.60 53.08 -100.64
CA LEU B 151 3.80 52.50 -100.05
C LEU B 151 4.92 52.45 -101.09
N PRO B 152 6.19 52.75 -100.71
CA PRO B 152 6.91 52.81 -99.42
C PRO B 152 6.26 52.32 -98.13
N ILE B 153 6.01 53.21 -97.17
CA ILE B 153 5.39 52.86 -95.88
C ILE B 153 6.25 51.78 -95.21
N ARG B 154 5.63 50.73 -94.66
CA ARG B 154 6.28 49.56 -94.07
C ARG B 154 6.86 49.87 -92.69
N ASN B 155 6.89 48.86 -91.82
CA ASN B 155 7.43 48.99 -90.47
C ASN B 155 8.30 47.76 -90.21
N GLN B 156 9.28 47.92 -89.32
CA GLN B 156 10.27 46.87 -89.08
C GLN B 156 9.74 45.76 -88.17
N THR B 157 8.64 46.02 -87.46
CA THR B 157 8.12 45.02 -86.54
C THR B 157 7.23 43.99 -87.21
N THR B 158 6.98 44.13 -88.52
CA THR B 158 6.13 43.20 -89.25
C THR B 158 6.93 42.12 -89.95
N LEU B 159 8.12 42.44 -90.45
CA LEU B 159 8.96 41.48 -91.15
C LEU B 159 9.40 40.35 -90.22
N ASP B 160 8.96 39.13 -90.52
CA ASP B 160 9.27 38.00 -89.64
C ASP B 160 10.42 37.17 -90.21
N LYS B 161 10.28 36.73 -91.45
CA LYS B 161 11.25 35.83 -92.07
C LYS B 161 11.82 36.45 -93.34
N TRP B 162 13.10 36.19 -93.59
CA TRP B 162 13.77 36.59 -94.82
C TRP B 162 14.01 35.33 -95.64
N TYR B 163 13.36 35.25 -96.80
CA TYR B 163 13.52 34.08 -97.66
C TYR B 163 14.93 34.04 -98.25
N PHE B 164 15.51 32.84 -98.24
CA PHE B 164 16.86 32.66 -98.77
C PHE B 164 16.81 32.28 -100.24
N ASP B 165 17.96 31.91 -100.81
CA ASP B 165 18.03 31.51 -102.21
C ASP B 165 19.13 30.46 -102.36
N SER B 166 18.74 29.19 -102.28
CA SER B 166 19.63 28.06 -102.46
C SER B 166 20.85 28.13 -101.55
N ASP B 167 21.97 28.62 -102.08
CA ASP B 167 23.23 28.68 -101.35
C ASP B 167 23.38 29.94 -100.51
N TYR B 168 22.28 30.64 -100.19
CA TYR B 168 22.29 31.79 -99.29
C TYR B 168 22.99 33.01 -99.90
N ARG B 169 23.48 32.87 -101.13
CA ARG B 169 24.12 33.99 -101.81
C ARG B 169 23.09 34.86 -102.51
N LYS B 170 23.11 36.16 -102.23
CA LYS B 170 22.24 37.13 -102.91
C LYS B 170 20.77 36.78 -102.75
N VAL B 171 20.26 36.79 -101.52
CA VAL B 171 18.86 36.47 -101.24
C VAL B 171 18.22 37.66 -100.54
N ILE B 172 17.75 38.63 -101.34
CA ILE B 172 17.10 39.81 -100.79
C ILE B 172 15.58 39.71 -100.85
N GLY B 173 15.00 38.75 -100.12
CA GLY B 173 13.56 38.61 -100.11
C GLY B 173 13.09 38.20 -98.73
N VAL B 174 11.93 38.74 -98.36
CA VAL B 174 11.41 38.57 -97.00
C VAL B 174 9.89 38.65 -97.05
N ARG B 175 9.25 38.12 -96.00
CA ARG B 175 7.80 38.21 -95.83
C ARG B 175 7.45 39.37 -94.91
N GLN B 176 6.16 39.52 -94.61
CA GLN B 176 5.71 40.62 -93.75
C GLN B 176 4.68 40.14 -92.75
N ASN B 177 4.88 38.95 -92.18
CA ASN B 177 3.96 38.39 -91.21
C ASN B 177 3.86 39.24 -89.95
N LEU B 195 -3.41 36.98 -93.96
CA LEU B 195 -2.73 37.74 -92.92
C LEU B 195 -1.32 38.13 -93.38
N THR B 196 -0.53 37.12 -93.76
CA THR B 196 0.83 37.38 -94.22
C THR B 196 0.82 38.03 -95.60
N ARG B 197 1.86 38.78 -95.93
CA ARG B 197 1.93 39.47 -97.20
C ARG B 197 3.30 39.30 -97.84
N LYS B 198 3.78 38.06 -97.91
CA LYS B 198 5.10 37.73 -98.45
C LYS B 198 5.35 38.42 -99.78
N LEU B 199 6.42 39.20 -99.84
CA LEU B 199 6.77 40.01 -100.99
C LEU B 199 8.04 39.47 -101.65
N PRO B 200 8.19 39.62 -102.97
CA PRO B 200 9.38 39.09 -103.63
C PRO B 200 10.55 40.06 -103.56
N ARG B 201 11.68 39.63 -104.12
CA ARG B 201 12.94 40.35 -103.94
C ARG B 201 12.89 41.74 -104.56
N SER B 202 12.36 41.87 -105.77
CA SER B 202 12.46 43.09 -106.55
C SER B 202 11.32 44.06 -106.30
N LYS B 203 10.50 43.82 -105.28
CA LYS B 203 9.32 44.64 -105.03
C LYS B 203 9.57 45.78 -104.06
N PHE B 204 10.73 45.81 -103.40
CA PHE B 204 10.95 46.78 -102.33
C PHE B 204 12.39 47.29 -102.35
N LEU B 205 12.58 48.43 -101.72
CA LEU B 205 13.90 48.99 -101.46
C LEU B 205 14.30 48.68 -100.03
N LEU B 206 15.53 48.22 -99.83
CA LEU B 206 16.07 48.01 -98.50
C LEU B 206 17.33 48.86 -98.36
N PHE B 207 17.45 49.55 -97.22
CA PHE B 207 18.57 50.43 -96.96
C PHE B 207 19.42 49.82 -95.84
N LYS B 208 20.71 49.68 -96.09
CA LYS B 208 21.64 49.11 -95.13
C LYS B 208 22.51 50.20 -94.52
N TYR B 209 22.56 50.24 -93.19
CA TYR B 209 23.33 51.27 -92.50
C TYR B 209 24.82 51.02 -92.61
N ASP B 210 25.29 49.90 -92.04
CA ASP B 210 26.70 49.55 -92.01
C ASP B 210 26.86 48.10 -92.44
N ASP B 211 26.26 47.76 -93.58
CA ASP B 211 26.34 46.42 -94.14
C ASP B 211 27.78 45.94 -94.21
N GLU B 212 28.08 44.88 -93.47
CA GLU B 212 29.44 44.40 -93.32
C GLU B 212 29.62 43.01 -93.92
N TYR B 213 28.79 42.05 -93.51
CA TYR B 213 28.82 40.69 -94.02
C TYR B 213 27.69 40.46 -95.03
N GLY B 214 27.08 41.55 -95.49
CA GLY B 214 25.97 41.47 -96.41
C GLY B 214 24.73 40.85 -95.80
N ASN B 215 24.49 41.12 -94.51
CA ASN B 215 23.29 40.62 -93.84
C ASN B 215 22.17 41.63 -94.07
N PRO B 216 20.93 41.15 -94.27
CA PRO B 216 19.83 42.07 -94.58
C PRO B 216 19.62 43.16 -93.54
N GLU B 217 19.75 42.80 -92.26
CA GLU B 217 19.48 43.75 -91.19
C GLU B 217 20.58 44.79 -91.08
N GLY B 218 21.75 44.49 -91.63
CA GLY B 218 22.87 45.43 -91.51
C GLY B 218 23.31 45.55 -90.07
N ARG B 219 23.45 46.79 -89.61
CA ARG B 219 23.86 47.07 -88.23
C ARG B 219 23.38 48.46 -87.86
N SER B 220 22.45 48.53 -86.93
CA SER B 220 21.95 49.82 -86.48
C SER B 220 23.04 50.56 -85.71
N PRO B 221 23.10 51.89 -85.78
CA PRO B 221 24.08 52.62 -84.99
C PRO B 221 23.88 52.45 -83.49
N LEU B 222 22.68 52.05 -83.06
CA LEU B 222 22.44 51.81 -81.65
C LEU B 222 23.21 50.59 -81.14
N LEU B 223 23.74 49.77 -82.05
CA LEU B 223 24.40 48.53 -81.64
C LEU B 223 25.64 48.80 -80.80
N ASN B 224 26.43 49.80 -81.19
CA ASN B 224 27.70 50.08 -80.53
C ASN B 224 27.53 51.15 -79.44
N ALA B 225 26.32 51.21 -78.90
CA ALA B 225 26.03 52.13 -77.81
C ALA B 225 25.24 51.42 -76.73
N TYR B 226 25.13 50.09 -76.83
CA TYR B 226 24.38 49.33 -75.85
C TYR B 226 25.04 49.37 -74.47
N VAL B 227 26.34 49.12 -74.42
CA VAL B 227 27.08 49.04 -73.17
C VAL B 227 27.04 50.34 -72.37
N PRO B 228 27.30 51.52 -72.98
CA PRO B 228 27.22 52.76 -72.18
C PRO B 228 25.82 53.00 -71.67
N TRP B 229 24.83 52.79 -72.55
CA TRP B 229 23.44 53.04 -72.22
C TRP B 229 23.00 52.20 -71.03
N LYS B 230 23.30 50.91 -71.06
CA LYS B 230 22.90 50.02 -69.97
C LYS B 230 23.53 50.45 -68.66
N TYR B 231 24.81 50.82 -68.70
CA TYR B 231 25.49 51.30 -67.51
C TYR B 231 24.92 52.64 -67.06
N LYS B 232 24.69 53.56 -68.00
CA LYS B 232 24.18 54.88 -67.65
C LYS B 232 22.80 54.82 -67.00
N VAL B 233 21.92 54.01 -67.57
CA VAL B 233 20.53 53.98 -67.11
C VAL B 233 20.44 53.45 -65.69
N GLN B 234 21.12 52.34 -65.42
CA GLN B 234 21.02 51.72 -64.09
C GLN B 234 21.59 52.63 -63.01
N ILE B 235 22.74 53.25 -63.29
CA ILE B 235 23.38 54.11 -62.30
C ILE B 235 22.54 55.37 -62.07
N GLU B 236 21.90 55.86 -63.13
CA GLU B 236 20.92 56.94 -62.96
C GLU B 236 19.77 56.48 -62.08
N GLU B 237 19.30 55.25 -62.30
CA GLU B 237 18.16 54.74 -61.54
C GLU B 237 18.53 54.53 -60.07
N PHE B 238 19.77 54.12 -59.81
CA PHE B 238 20.22 54.00 -58.42
C PHE B 238 20.28 55.37 -57.76
N GLU B 239 20.61 56.41 -58.51
CA GLU B 239 20.69 57.76 -57.96
C GLU B 239 19.31 58.23 -57.52
N ALA B 240 18.31 58.05 -58.39
CA ALA B 240 16.97 58.53 -58.09
C ALA B 240 16.39 57.83 -56.86
N VAL B 241 16.59 56.52 -56.77
CA VAL B 241 16.14 55.75 -55.62
C VAL B 241 16.90 56.23 -54.38
N GLY B 242 18.19 56.48 -54.53
CA GLY B 242 19.01 56.94 -53.43
C GLY B 242 18.54 58.24 -52.81
N VAL B 243 18.13 59.19 -53.65
CA VAL B 243 17.60 60.45 -53.18
C VAL B 243 16.28 60.22 -52.44
N SER B 244 15.44 59.36 -52.99
CA SER B 244 14.15 59.08 -52.37
C SER B 244 14.31 58.41 -51.01
N ARG B 245 15.33 57.55 -50.88
CA ARG B 245 15.60 56.85 -49.64
C ARG B 245 16.73 57.49 -48.84
N ASP B 246 16.85 58.81 -48.85
CA ASP B 246 17.82 59.52 -48.01
C ASP B 246 17.12 60.07 -46.78
N LEU B 247 17.00 59.20 -45.78
CA LEU B 247 16.20 59.51 -44.58
C LEU B 247 17.01 60.23 -43.50
N VAL B 248 18.11 60.88 -43.86
CA VAL B 248 18.87 61.66 -42.90
C VAL B 248 18.12 62.93 -42.57
N GLY B 249 17.99 63.23 -41.28
CA GLY B 249 17.21 64.35 -40.83
C GLY B 249 15.76 64.05 -40.57
N MET B 250 15.31 62.82 -40.81
CA MET B 250 13.94 62.42 -40.55
C MET B 250 13.67 62.42 -39.04
N PRO B 251 12.52 62.93 -38.61
CA PRO B 251 12.23 62.97 -37.18
C PRO B 251 11.91 61.58 -36.64
N LYS B 252 12.56 61.22 -35.54
CA LYS B 252 12.33 59.95 -34.86
C LYS B 252 11.90 60.24 -33.43
N ILE B 253 10.81 59.63 -33.00
CA ILE B 253 10.29 59.78 -31.66
C ILE B 253 10.36 58.45 -30.94
N GLY B 254 11.06 58.43 -29.80
CA GLY B 254 11.18 57.22 -29.02
C GLY B 254 10.32 57.26 -27.78
N LEU B 255 9.34 56.35 -27.72
CA LEU B 255 8.42 56.30 -26.59
C LEU B 255 8.59 54.98 -25.87
N PRO B 256 8.29 54.92 -24.57
CA PRO B 256 8.28 53.64 -23.87
C PRO B 256 7.21 52.72 -24.45
N PRO B 257 7.43 51.41 -24.41
CA PRO B 257 6.47 50.48 -25.03
C PRO B 257 5.06 50.59 -24.47
N ASP B 258 4.94 51.05 -23.23
CA ASP B 258 3.65 51.20 -22.58
C ASP B 258 2.75 52.17 -23.35
N TYR B 259 3.32 53.26 -23.85
CA TYR B 259 2.56 54.25 -24.60
C TYR B 259 1.96 53.66 -25.87
N LEU B 260 2.74 52.85 -26.57
CA LEU B 260 2.32 52.30 -27.86
C LEU B 260 1.42 51.09 -27.63
N GLY B 261 0.13 51.24 -27.91
CA GLY B 261 -0.76 50.11 -27.77
C GLY B 261 -2.21 50.55 -27.78
N GLU B 262 -3.09 49.56 -27.60
CA GLU B 262 -4.53 49.79 -27.53
C GLU B 262 -5.08 49.76 -26.11
N ASP B 263 -4.47 48.98 -25.22
CA ASP B 263 -4.94 48.91 -23.84
C ASP B 263 -4.34 50.00 -22.97
N ALA B 264 -3.49 50.86 -23.53
CA ALA B 264 -2.89 51.95 -22.77
C ALA B 264 -3.96 52.92 -22.29
N GLU B 265 -3.67 53.60 -21.18
CA GLU B 265 -4.61 54.56 -20.60
C GLU B 265 -4.93 55.67 -21.59
N PRO B 266 -6.14 56.22 -21.56
CA PRO B 266 -6.52 57.27 -22.51
C PRO B 266 -5.52 58.43 -22.58
N GLU B 267 -4.95 58.80 -21.45
CA GLU B 267 -3.94 59.86 -21.44
C GLU B 267 -2.75 59.48 -22.30
N LYS B 268 -2.27 58.24 -22.14
CA LYS B 268 -1.15 57.77 -22.96
C LYS B 268 -1.53 57.69 -24.42
N LYS B 269 -2.73 57.20 -24.72
CA LYS B 269 -3.17 57.09 -26.11
C LYS B 269 -3.33 58.47 -26.73
N ALA B 270 -3.78 59.44 -25.95
CA ALA B 270 -3.86 60.81 -26.45
C ALA B 270 -2.48 61.35 -26.80
N PHE B 271 -1.48 61.02 -25.98
CA PHE B 271 -0.12 61.46 -26.24
C PHE B 271 0.40 60.90 -27.57
N VAL B 272 0.14 59.61 -27.81
CA VAL B 272 0.59 58.98 -29.06
C VAL B 272 -0.08 59.63 -30.25
N LYS B 273 -1.37 59.97 -30.11
CA LYS B 273 -2.08 60.62 -31.19
C LYS B 273 -1.47 61.98 -31.52
N TYR B 274 -1.11 62.75 -30.48
CA TYR B 274 -0.49 64.05 -30.72
C TYR B 274 0.85 63.90 -31.42
N CYS B 275 1.64 62.90 -31.03
CA CYS B 275 2.92 62.66 -31.69
C CYS B 275 2.71 62.34 -33.17
N GLN B 276 1.61 61.68 -33.50
CA GLN B 276 1.32 61.38 -34.90
C GLN B 276 1.09 62.66 -35.70
N GLU B 277 0.35 63.61 -35.14
CA GLU B 277 0.15 64.88 -35.83
C GLU B 277 1.45 65.68 -35.89
N VAL B 278 2.25 65.60 -34.83
CA VAL B 278 3.54 66.30 -34.80
C VAL B 278 4.44 65.77 -35.92
N VAL B 279 4.49 64.45 -36.07
CA VAL B 279 5.26 63.85 -37.15
C VAL B 279 4.70 64.28 -38.50
N ASN B 280 3.37 64.27 -38.63
CA ASN B 280 2.73 64.50 -39.92
C ASN B 280 2.71 65.95 -40.33
N ASP B 281 2.92 66.88 -39.40
CA ASP B 281 2.67 68.29 -39.70
C ASP B 281 3.84 69.20 -39.36
N LEU B 282 4.93 68.64 -38.85
CA LEU B 282 6.06 69.49 -38.44
C LEU B 282 6.79 70.05 -39.64
N ILE B 283 6.98 71.36 -39.65
CA ILE B 283 7.74 72.04 -40.70
C ILE B 283 8.72 72.99 -40.05
N ALA B 284 9.41 73.81 -40.86
CA ALA B 284 10.48 74.68 -40.37
C ALA B 284 10.00 76.13 -40.49
N ASN B 285 8.76 76.37 -40.08
CA ASN B 285 8.18 77.70 -40.12
C ASN B 285 8.69 78.56 -38.96
N ASP B 286 8.11 79.76 -38.80
CA ASP B 286 8.53 80.69 -37.77
C ASP B 286 8.27 80.13 -36.38
N ARG B 287 7.10 79.57 -36.14
CA ARG B 287 6.71 79.11 -34.80
C ARG B 287 7.12 77.67 -34.55
N ALA B 288 8.16 77.20 -35.24
CA ALA B 288 8.67 75.85 -35.05
C ALA B 288 9.33 75.73 -33.69
N GLY B 289 9.12 74.59 -33.04
CA GLY B 289 9.68 74.36 -31.73
C GLY B 289 9.07 73.13 -31.09
N LEU B 290 9.49 72.84 -29.87
CA LEU B 290 9.01 71.65 -29.19
C LEU B 290 9.02 71.79 -27.67
N ILE B 291 7.96 71.30 -27.03
CA ILE B 291 7.94 71.18 -25.58
C ILE B 291 7.78 69.70 -25.23
N TRP B 292 8.88 69.02 -25.05
CA TRP B 292 8.80 67.59 -24.85
C TRP B 292 9.04 67.24 -23.38
N PRO B 293 8.41 66.12 -22.89
CA PRO B 293 8.71 65.64 -21.55
C PRO B 293 10.11 65.10 -21.53
N ARG B 294 10.80 65.28 -20.40
CA ARG B 294 12.19 64.79 -20.28
C ARG B 294 12.35 64.17 -18.90
N PHE B 295 12.71 62.89 -18.85
CA PHE B 295 12.88 62.20 -17.57
C PHE B 295 14.10 61.29 -17.68
N ILE B 296 15.20 61.69 -17.05
CA ILE B 296 16.40 60.86 -17.01
C ILE B 296 16.20 59.80 -15.94
N ASP B 297 16.03 58.56 -16.38
CA ASP B 297 15.78 57.42 -15.49
C ASP B 297 16.97 57.28 -14.55
N PRO B 298 16.75 57.23 -13.23
CA PRO B 298 17.87 57.04 -12.30
C PRO B 298 18.65 55.76 -12.60
N GLU B 299 17.95 54.72 -13.02
CA GLU B 299 18.63 53.55 -13.56
C GLU B 299 18.96 53.77 -15.03
N THR B 300 20.13 53.27 -15.42
CA THR B 300 20.67 53.33 -16.78
C THR B 300 21.14 54.72 -17.16
N LYS B 301 20.82 55.72 -16.33
CA LYS B 301 21.27 57.10 -16.52
C LYS B 301 20.98 57.61 -17.94
N GLU B 302 19.86 57.18 -18.52
CA GLU B 302 19.46 57.63 -19.85
C GLU B 302 18.00 58.03 -19.84
N ASP B 303 17.67 59.00 -20.69
CA ASP B 303 16.31 59.52 -20.77
C ASP B 303 15.43 58.52 -21.52
N ILE B 304 14.14 58.55 -21.22
CA ILE B 304 13.21 57.61 -21.85
C ILE B 304 12.61 58.21 -23.12
N PHE B 305 12.14 59.45 -23.06
CA PHE B 305 11.63 60.12 -24.25
C PHE B 305 12.74 60.93 -24.92
N GLU B 306 12.86 60.81 -26.24
CA GLU B 306 13.69 61.74 -27.00
C GLU B 306 13.02 62.05 -28.32
N PHE B 307 13.12 63.31 -28.75
CA PHE B 307 12.84 63.69 -30.12
C PHE B 307 14.17 64.00 -30.78
N SER B 308 14.56 63.17 -31.75
CA SER B 308 15.86 63.32 -32.37
C SER B 308 15.72 63.14 -33.87
N LEU B 309 16.66 63.77 -34.60
CA LEU B 309 16.70 63.64 -36.04
C LEU B 309 17.66 62.52 -36.40
N VAL B 310 17.20 61.58 -37.22
CA VAL B 310 18.02 60.42 -37.55
C VAL B 310 19.27 60.87 -38.30
N SER B 311 20.41 60.29 -37.91
CA SER B 311 21.70 60.70 -38.42
C SER B 311 22.43 59.49 -39.02
N ARG B 312 23.18 59.73 -40.09
CA ARG B 312 24.00 58.71 -40.72
C ARG B 312 25.47 58.99 -40.43
N GLN B 313 26.25 57.92 -40.26
CA GLN B 313 27.65 58.03 -39.89
C GLN B 313 28.57 57.57 -41.01
N GLY B 314 28.24 57.92 -42.25
CA GLY B 314 29.06 57.58 -43.39
C GLY B 314 28.69 58.42 -44.59
N ALA B 315 29.39 58.19 -45.69
CA ALA B 315 29.13 58.86 -46.95
C ALA B 315 29.10 57.84 -48.07
N LYS B 316 28.31 58.13 -49.10
CA LYS B 316 28.19 57.22 -50.24
C LYS B 316 29.54 57.05 -50.91
N ALA B 317 29.89 55.80 -51.23
CA ALA B 317 31.20 55.46 -51.75
C ALA B 317 31.48 56.14 -53.09
N TYR B 318 30.63 55.87 -54.08
CA TYR B 318 30.88 56.37 -55.42
C TYR B 318 30.11 57.65 -55.70
N ASP B 319 30.77 58.58 -56.38
CA ASP B 319 30.16 59.85 -56.78
C ASP B 319 29.37 59.59 -58.07
N THR B 320 28.05 59.44 -57.90
CA THR B 320 27.17 59.13 -59.03
C THR B 320 27.19 60.23 -60.08
N GLY B 321 27.40 61.47 -59.66
CA GLY B 321 27.36 62.59 -60.57
C GLY B 321 28.39 62.54 -61.69
N SER B 322 29.64 62.27 -61.35
CA SER B 322 30.69 62.19 -62.36
C SER B 322 30.58 60.89 -63.14
N ILE B 323 29.97 59.86 -62.53
CA ILE B 323 29.85 58.56 -63.18
C ILE B 323 28.94 58.66 -64.39
N ILE B 324 27.78 59.31 -64.21
CA ILE B 324 26.82 59.45 -65.31
C ILE B 324 27.39 60.31 -66.42
N ASP B 325 28.14 61.36 -66.04
CA ASP B 325 28.69 62.27 -67.03
C ASP B 325 29.66 61.56 -67.97
N ARG B 326 30.43 60.61 -67.45
CA ARG B 326 31.36 59.86 -68.28
C ARG B 326 30.62 59.08 -69.36
N TYR B 327 29.52 58.42 -68.97
CA TYR B 327 28.79 57.59 -69.93
C TYR B 327 28.10 58.44 -70.98
N SER B 328 27.58 59.60 -70.59
CA SER B 328 26.91 60.48 -71.54
C SER B 328 27.85 60.90 -72.65
N LYS B 329 29.09 61.25 -72.30
CA LYS B 329 30.07 61.58 -73.31
C LYS B 329 30.41 60.37 -74.18
N GLN B 330 30.48 59.18 -73.56
CA GLN B 330 30.77 57.97 -74.32
C GLN B 330 29.66 57.66 -75.31
N ILE B 331 28.40 57.87 -74.92
CA ILE B 331 27.28 57.64 -75.83
C ILE B 331 27.38 58.60 -77.01
N MET B 332 27.62 59.89 -76.72
CA MET B 332 27.75 60.87 -77.78
C MET B 332 28.98 60.59 -78.64
N MET B 333 30.02 60.02 -78.02
CA MET B 333 31.21 59.65 -78.79
C MET B 333 30.90 58.54 -79.78
N ALA B 334 30.03 57.59 -79.40
CA ALA B 334 29.69 56.49 -80.29
C ALA B 334 29.00 56.99 -81.55
N PHE B 335 28.09 57.95 -81.40
CA PHE B 335 27.42 58.58 -82.54
C PHE B 335 28.18 59.79 -83.06
N MET B 336 29.29 60.13 -82.43
CA MET B 336 30.13 61.26 -82.84
C MET B 336 29.32 62.55 -82.92
N SER B 337 28.50 62.75 -81.89
CA SER B 337 27.62 63.91 -81.80
C SER B 337 28.05 64.83 -80.66
N ASP B 338 29.36 65.05 -80.52
CA ASP B 338 29.86 65.90 -79.44
C ASP B 338 29.41 67.34 -79.60
N VAL B 339 28.93 67.72 -80.79
CA VAL B 339 28.43 69.07 -81.00
C VAL B 339 27.21 69.35 -80.14
N LEU B 340 26.49 68.29 -79.75
CA LEU B 340 25.34 68.48 -78.86
C LEU B 340 25.76 69.03 -77.52
N ALA B 341 26.87 68.53 -76.97
CA ALA B 341 27.35 68.98 -75.67
C ALA B 341 28.25 70.20 -75.80
N MET B 342 29.31 70.08 -76.60
CA MET B 342 30.28 71.17 -76.75
C MET B 342 29.64 72.40 -77.37
N GLY B 343 28.80 72.21 -78.38
CA GLY B 343 28.19 73.32 -79.07
C GLY B 343 28.92 73.67 -80.35
N GLN B 344 28.34 74.56 -81.15
CA GLN B 344 28.98 74.94 -82.41
C GLN B 344 30.25 75.72 -82.13
N SER B 345 31.35 75.29 -82.75
CA SER B 345 32.63 75.96 -82.60
C SER B 345 32.83 76.95 -83.74
N LYS B 346 33.94 77.70 -83.67
CA LYS B 346 34.31 78.65 -84.71
C LYS B 346 35.28 78.05 -85.72
N TYR B 347 35.62 76.76 -85.59
CA TYR B 347 36.48 76.09 -86.55
C TYR B 347 35.82 74.83 -87.08
N GLY B 348 34.55 74.59 -86.71
CA GLY B 348 33.82 73.47 -87.23
C GLY B 348 32.58 73.94 -87.97
N SER B 349 32.18 73.15 -88.96
CA SER B 349 31.07 73.54 -89.82
C SER B 349 30.36 72.28 -90.30
N PHE B 350 29.09 72.45 -90.66
CA PHE B 350 28.26 71.35 -91.14
C PHE B 350 28.20 71.31 -92.67
N SER B 351 28.90 72.20 -93.36
CA SER B 351 28.82 72.30 -94.81
C SER B 351 29.71 71.23 -95.43
N LEU B 352 29.13 70.41 -96.31
CA LEU B 352 29.87 69.34 -96.94
C LEU B 352 30.97 69.89 -97.86
N ALA B 353 30.64 70.90 -98.65
CA ALA B 353 31.61 71.46 -99.59
C ALA B 353 32.68 72.29 -98.91
N ASP B 354 32.50 72.62 -97.64
CA ASP B 354 33.49 73.40 -96.90
C ASP B 354 34.70 72.51 -96.62
N SER B 355 35.84 73.14 -96.38
CA SER B 355 37.08 72.41 -96.12
C SER B 355 37.21 72.00 -94.66
N LYS B 356 36.26 72.37 -93.80
CA LYS B 356 36.30 72.03 -92.38
C LYS B 356 35.04 71.31 -91.93
N THR B 357 34.58 70.31 -92.70
CA THR B 357 33.37 69.58 -92.36
C THR B 357 33.51 68.89 -91.01
N SER B 358 32.46 68.99 -90.20
CA SER B 358 32.45 68.33 -88.90
C SER B 358 32.34 66.82 -89.08
N LEU B 359 32.75 66.08 -88.05
CA LEU B 359 32.71 64.63 -88.10
C LEU B 359 31.28 64.13 -88.25
N LEU B 360 30.35 64.71 -87.49
CA LEU B 360 28.95 64.29 -87.57
C LEU B 360 28.37 64.63 -88.93
N ALA B 361 28.71 65.82 -89.46
CA ALA B 361 28.16 66.25 -90.74
C ALA B 361 28.59 65.31 -91.86
N MET B 362 29.82 64.81 -91.80
CA MET B 362 30.28 63.86 -92.81
C MET B 362 29.58 62.51 -92.69
N SER B 363 29.09 62.19 -91.49
CA SER B 363 28.42 60.92 -91.29
C SER B 363 27.12 60.87 -92.06
N VAL B 364 26.37 61.97 -92.06
CA VAL B 364 25.14 62.03 -92.84
C VAL B 364 25.45 61.92 -94.33
N ASP B 365 26.62 62.41 -94.75
CA ASP B 365 27.02 62.28 -96.14
C ASP B 365 27.12 60.81 -96.54
N ILE B 366 27.74 60.00 -95.68
CA ILE B 366 27.88 58.57 -95.92
C ILE B 366 26.49 57.94 -96.01
N LEU B 367 25.61 58.34 -95.09
CA LEU B 367 24.22 57.89 -95.14
C LEU B 367 23.53 58.39 -96.40
N LEU B 368 23.77 59.65 -96.75
CA LEU B 368 23.16 60.23 -97.95
C LEU B 368 23.62 59.51 -99.21
N LYS B 369 24.92 59.20 -99.29
CA LYS B 369 25.44 58.47 -100.44
C LYS B 369 24.87 57.06 -100.50
N GLN B 370 24.62 56.46 -99.34
CA GLN B 370 24.16 55.08 -99.30
C GLN B 370 22.79 54.96 -99.96
N ILE B 371 21.90 55.92 -99.71
CA ILE B 371 20.58 55.92 -100.36
C ILE B 371 20.74 56.01 -101.87
N LYS B 372 21.64 56.89 -102.33
CA LYS B 372 21.94 57.02 -103.75
C LYS B 372 22.44 55.70 -104.34
N ASN B 373 23.12 54.88 -103.52
CA ASN B 373 23.61 53.60 -104.00
C ASN B 373 22.48 52.58 -104.11
N VAL B 374 21.53 52.62 -103.17
CA VAL B 374 20.37 51.74 -103.27
C VAL B 374 19.55 52.10 -104.50
N ILE B 375 19.67 53.35 -104.96
CA ILE B 375 18.96 53.81 -106.14
C ILE B 375 19.37 53.02 -107.38
N ASN B 376 20.52 52.35 -107.33
CA ASN B 376 21.06 51.65 -108.49
C ASN B 376 20.08 50.60 -109.03
N ARG B 377 19.83 49.54 -108.26
CA ARG B 377 18.91 48.50 -108.71
C ARG B 377 17.46 48.94 -108.58
N ASP B 378 17.18 49.79 -107.61
CA ASP B 378 15.84 50.00 -107.06
C ASP B 378 15.11 51.01 -107.93
N LEU B 379 14.06 51.68 -107.43
CA LEU B 379 12.96 52.29 -108.16
C LEU B 379 13.27 52.86 -109.55
N VAL B 380 14.33 53.67 -109.69
CA VAL B 380 14.57 54.33 -110.97
C VAL B 380 14.84 53.29 -112.04
N ALA B 381 15.67 52.29 -111.72
CA ALA B 381 15.96 51.22 -112.66
C ALA B 381 14.68 50.44 -112.98
N GLN B 382 13.87 50.17 -111.95
CA GLN B 382 12.59 49.53 -112.15
C GLN B 382 11.68 50.38 -113.02
N THR B 383 11.63 51.69 -112.75
CA THR B 383 10.85 52.62 -113.55
C THR B 383 11.37 52.69 -114.97
N TYR B 384 12.70 52.73 -115.12
CA TYR B 384 13.32 52.82 -116.43
C TYR B 384 13.09 51.56 -117.25
N ALA B 385 13.38 50.40 -116.66
CA ALA B 385 13.33 49.13 -117.38
C ALA B 385 11.92 48.72 -117.74
N LEU B 386 10.98 48.85 -116.79
CA LEU B 386 9.60 48.45 -117.01
C LEU B 386 8.98 49.30 -118.10
N ASN B 387 9.32 50.59 -118.13
CA ASN B 387 8.80 51.51 -119.12
C ASN B 387 9.48 51.27 -120.47
N MET B 388 10.47 50.37 -120.48
CA MET B 388 11.25 49.92 -121.63
C MET B 388 12.47 50.81 -121.84
N TRP B 389 12.57 51.45 -123.00
CA TRP B 389 13.70 52.30 -123.36
C TRP B 389 14.97 51.48 -123.50
N ASP B 390 15.45 50.93 -122.39
CA ASP B 390 16.65 50.09 -122.35
C ASP B 390 17.86 50.82 -122.91
N ASP B 391 18.21 51.92 -122.24
CA ASP B 391 19.36 52.72 -122.59
C ASP B 391 20.51 52.41 -121.64
N GLU B 392 21.72 52.42 -122.18
CA GLU B 392 22.91 52.08 -121.40
C GLU B 392 23.10 53.07 -120.26
N GLU B 393 23.10 54.37 -120.58
CA GLU B 393 23.21 55.39 -119.56
C GLU B 393 21.88 55.57 -118.84
N HIS B 394 21.95 55.69 -117.51
CA HIS B 394 20.78 55.86 -116.68
C HIS B 394 20.75 57.28 -116.10
N VAL B 395 19.67 57.57 -115.39
CA VAL B 395 19.51 58.86 -114.71
C VAL B 395 19.69 58.64 -113.22
N GLU B 396 20.53 59.48 -112.60
CA GLU B 396 20.89 59.33 -111.20
C GLU B 396 20.39 60.52 -110.38
N ILE B 397 20.12 60.25 -109.12
CA ILE B 397 19.65 61.24 -108.15
C ILE B 397 20.83 61.75 -107.34
N VAL B 398 20.79 63.04 -107.00
CA VAL B 398 21.86 63.68 -106.24
C VAL B 398 21.27 64.39 -105.04
N TYR B 399 22.15 64.85 -104.17
CA TYR B 399 21.77 65.61 -102.98
C TYR B 399 22.54 66.92 -102.92
N ASP B 400 21.94 67.91 -102.25
CA ASP B 400 22.62 69.19 -102.07
C ASP B 400 23.39 69.18 -100.74
N ASP B 401 23.95 70.33 -100.37
CA ASP B 401 24.72 70.43 -99.14
C ASP B 401 23.78 70.70 -97.98
N ILE B 402 24.21 70.28 -96.78
CA ILE B 402 23.41 70.51 -95.59
C ILE B 402 23.30 72.00 -95.30
N GLU B 403 24.42 72.71 -95.35
CA GLU B 403 24.45 74.15 -95.14
C GLU B 403 25.37 74.78 -96.17
N THR B 404 25.11 76.04 -96.47
CA THR B 404 25.93 76.75 -97.44
C THR B 404 27.35 76.90 -96.93
N PRO B 405 28.35 76.72 -97.79
CA PRO B 405 29.74 76.89 -97.36
C PRO B 405 30.04 78.34 -96.98
N ASP B 406 31.11 78.51 -96.23
CA ASP B 406 31.50 79.84 -95.76
C ASP B 406 31.85 80.75 -96.92
N ILE B 407 31.01 81.75 -97.16
CA ILE B 407 31.12 82.64 -98.30
C ILE B 407 32.40 83.47 -98.20
N GLU B 408 32.77 83.89 -96.99
CA GLU B 408 33.92 84.78 -96.80
C GLU B 408 35.20 84.14 -97.30
N SER B 409 35.38 82.84 -97.04
CA SER B 409 36.54 82.13 -97.59
C SER B 409 36.42 82.02 -99.11
N ILE B 410 35.22 81.72 -99.60
CA ILE B 410 34.96 81.60 -101.02
C ILE B 410 35.19 82.97 -101.67
N GLY B 411 34.64 84.01 -101.06
CA GLY B 411 34.80 85.35 -101.58
C GLY B 411 36.25 85.80 -101.62
N SER B 412 37.00 85.54 -100.55
CA SER B 412 38.42 85.87 -100.52
C SER B 412 39.19 85.09 -101.57
N TYR B 413 38.81 83.82 -101.77
CA TYR B 413 39.45 82.96 -102.75
C TYR B 413 39.39 83.54 -104.15
N VAL B 414 38.17 83.66 -104.69
CA VAL B 414 38.00 84.03 -106.10
C VAL B 414 38.54 85.43 -106.36
N GLN B 415 38.13 86.40 -105.54
CA GLN B 415 38.50 87.79 -105.79
C GLN B 415 40.01 87.98 -105.80
N LYS B 416 40.72 87.21 -104.98
CA LYS B 416 42.18 87.36 -104.90
C LYS B 416 42.93 86.35 -105.76
N THR B 417 42.24 85.51 -106.53
CA THR B 417 42.90 84.57 -107.42
C THR B 417 42.52 84.73 -108.88
N VAL B 418 41.50 85.51 -109.21
CA VAL B 418 41.19 85.76 -110.61
C VAL B 418 42.06 86.89 -111.19
N ALA B 419 42.38 87.90 -110.38
CA ALA B 419 43.22 89.00 -110.84
C ALA B 419 44.64 88.54 -111.15
N VAL B 420 45.03 87.36 -110.73
CA VAL B 420 46.35 86.80 -111.01
C VAL B 420 46.27 85.81 -112.18
N GLY B 421 45.10 85.23 -112.41
CA GLY B 421 44.93 84.24 -113.44
C GLY B 421 44.21 83.01 -112.94
N ALA B 422 44.87 81.85 -112.98
CA ALA B 422 44.31 80.59 -112.51
C ALA B 422 42.87 80.38 -112.98
N MET B 423 41.91 80.80 -112.16
CA MET B 423 40.49 80.70 -112.48
C MET B 423 40.15 81.23 -113.87
N GLU B 424 39.42 80.43 -114.65
CA GLU B 424 38.80 80.94 -115.86
C GLU B 424 37.32 81.16 -115.61
N VAL B 425 36.87 82.41 -115.74
CA VAL B 425 35.49 82.74 -115.41
C VAL B 425 34.54 82.02 -116.35
N ASP B 426 33.50 81.42 -115.77
CA ASP B 426 32.57 80.58 -116.52
C ASP B 426 31.18 80.77 -115.95
N LYS B 427 30.18 80.39 -116.76
CA LYS B 427 28.79 80.43 -116.30
C LYS B 427 28.60 79.62 -115.02
N ALA B 428 29.28 78.48 -114.93
CA ALA B 428 29.19 77.66 -113.72
C ALA B 428 29.70 78.40 -112.50
N LEU B 429 30.82 79.12 -112.65
CA LEU B 429 31.33 79.92 -111.54
C LEU B 429 30.36 81.02 -111.16
N SER B 430 29.88 81.77 -112.15
CA SER B 430 28.96 82.88 -111.89
C SER B 430 27.61 82.41 -111.38
N ASP B 431 27.28 81.12 -111.54
CA ASP B 431 26.02 80.58 -111.05
C ASP B 431 26.14 80.01 -109.64
N LYS B 432 27.21 79.25 -109.37
CA LYS B 432 27.40 78.72 -108.02
C LYS B 432 27.61 79.83 -107.01
N LEU B 433 28.42 80.83 -107.38
CA LEU B 433 28.65 81.95 -106.47
C LEU B 433 27.36 82.70 -106.17
N ARG B 434 26.53 82.91 -107.19
CA ARG B 434 25.28 83.62 -106.97
C ARG B 434 24.27 82.74 -106.26
N GLU B 435 24.36 81.43 -106.41
CA GLU B 435 23.42 80.54 -105.74
C GLU B 435 23.78 80.38 -104.26
N HIS B 436 25.03 80.66 -103.89
CA HIS B 436 25.43 80.56 -102.49
C HIS B 436 24.70 81.59 -101.64
N ILE B 437 24.51 82.79 -102.18
CA ILE B 437 23.73 83.83 -101.51
C ILE B 437 22.28 83.34 -101.37
N GLY B 438 21.77 82.71 -102.43
CA GLY B 438 20.42 82.20 -102.41
C GLY B 438 19.65 82.56 -103.66
N LEU B 439 20.34 83.16 -104.63
CA LEU B 439 19.71 83.63 -105.86
C LEU B 439 19.64 82.49 -106.87
N GLU B 440 19.27 82.84 -108.09
CA GLU B 440 19.19 81.92 -109.22
C GLU B 440 20.03 82.50 -110.35
N PRO B 441 20.49 81.65 -111.30
CA PRO B 441 21.30 82.17 -112.40
C PRO B 441 20.68 83.38 -113.09
N ALA B 442 21.46 84.45 -113.18
CA ALA B 442 20.93 85.74 -113.64
C ALA B 442 20.48 85.65 -115.09
N ASP B 443 19.41 86.37 -115.40
CA ASP B 443 18.94 86.51 -116.78
C ASP B 443 19.61 87.74 -117.40
N GLU B 444 20.33 87.49 -118.49
CA GLU B 444 21.05 88.54 -119.19
C GLU B 444 20.09 89.47 -119.91
N SER B 445 18.83 89.03 -120.07
CA SER B 445 17.83 89.83 -120.76
C SER B 445 17.62 91.16 -120.05
N LYS B 446 17.46 91.13 -118.72
CA LYS B 446 17.34 92.35 -117.92
C LYS B 446 18.59 92.48 -117.07
N PRO B 447 19.42 93.49 -117.31
CA PRO B 447 20.56 93.75 -116.44
C PRO B 447 20.19 94.81 -115.40
N VAL B 448 21.11 95.04 -114.47
CA VAL B 448 20.96 96.13 -113.51
C VAL B 448 21.27 97.43 -114.22
N SER B 449 20.59 98.51 -113.83
CA SER B 449 20.74 99.79 -114.50
C SER B 449 22.07 100.43 -114.11
N GLU B 450 22.49 101.42 -114.90
CA GLU B 450 23.71 102.17 -114.65
C GLU B 450 23.44 103.62 -114.29
N ASN B 451 22.27 104.14 -114.67
CA ASN B 451 21.95 105.55 -114.43
C ASN B 451 21.99 105.92 -112.96
N LEU B 452 21.57 104.96 -112.13
CA LEU B 452 21.60 105.17 -110.67
C LEU B 452 23.02 104.89 -110.18
N SER B 453 23.54 103.70 -110.48
CA SER B 453 24.93 103.35 -110.09
C SER B 453 25.83 104.58 -110.28
N PRO B 454 26.27 105.26 -109.21
CA PRO B 454 27.07 106.45 -109.35
C PRO B 454 28.54 106.17 -109.16
N THR C 4 5.30 12.25 -9.47
CA THR C 4 6.29 12.49 -10.52
C THR C 4 7.19 11.28 -10.68
N GLY C 5 8.14 11.36 -11.60
CA GLY C 5 9.14 10.32 -11.76
C GLY C 5 8.93 9.44 -12.97
N ASP C 6 7.92 9.78 -13.79
CA ASP C 6 7.58 9.00 -14.97
C ASP C 6 7.51 9.97 -16.15
N PRO C 7 8.66 10.32 -16.73
CA PRO C 7 8.65 11.17 -17.92
C PRO C 7 8.10 10.49 -19.16
N ALA C 8 7.99 9.16 -19.16
CA ALA C 8 7.65 8.43 -20.38
C ALA C 8 6.16 8.29 -20.62
N ASN C 9 5.33 8.37 -19.59
CA ASN C 9 3.90 8.14 -19.75
C ASN C 9 3.04 9.18 -19.04
N ASN C 10 3.64 10.23 -18.48
CA ASN C 10 2.89 11.25 -17.74
C ASN C 10 3.19 12.60 -18.39
N PRO C 11 2.24 13.18 -19.12
CA PRO C 11 2.48 14.47 -19.78
C PRO C 11 2.94 15.55 -18.82
N LEU C 12 2.35 15.61 -17.63
CA LEU C 12 2.75 16.62 -16.66
C LEU C 12 4.18 16.41 -16.20
N ASP C 13 4.62 15.14 -16.12
CA ASP C 13 5.99 14.86 -15.73
C ASP C 13 6.98 15.39 -16.75
N ARG C 14 6.64 15.28 -18.04
CA ARG C 14 7.49 15.83 -19.09
C ARG C 14 7.59 17.35 -18.96
N VAL C 15 6.48 18.00 -18.62
CA VAL C 15 6.48 19.44 -18.47
C VAL C 15 7.39 19.87 -17.33
N ARG C 16 7.42 19.09 -16.25
CA ARG C 16 8.27 19.42 -15.11
C ARG C 16 9.75 19.37 -15.50
N ILE C 17 10.12 18.42 -16.35
CA ILE C 17 11.51 18.32 -16.80
C ILE C 17 11.90 19.56 -17.58
N LEU C 18 11.01 20.00 -18.49
CA LEU C 18 11.32 21.15 -19.33
C LEU C 18 11.37 22.45 -18.53
N CYS C 19 10.62 22.53 -17.43
CA CYS C 19 10.62 23.72 -16.59
C CYS C 19 11.58 23.63 -15.42
N THR C 20 12.32 22.52 -15.30
CA THR C 20 13.36 22.35 -14.29
C THR C 20 12.81 22.50 -12.87
N ASP C 21 11.74 21.74 -12.56
CA ASP C 21 11.17 21.69 -11.22
C ASP C 21 11.01 20.22 -10.83
N THR C 22 12.07 19.43 -11.05
CA THR C 22 12.01 17.99 -10.81
C THR C 22 12.68 17.63 -9.49
N ASP C 23 12.50 18.47 -8.46
CA ASP C 23 13.10 18.24 -7.15
C ASP C 23 11.96 18.33 -6.14
N ASN C 24 11.53 17.18 -5.62
CA ASN C 24 10.41 17.14 -4.69
C ASN C 24 10.73 17.80 -3.36
N ASN C 25 12.00 17.88 -2.97
CA ASN C 25 12.36 18.48 -1.70
C ASN C 25 12.08 19.99 -1.68
N GLU C 26 12.28 20.67 -2.79
CA GLU C 26 12.14 22.12 -2.88
C GLU C 26 11.26 22.46 -4.08
N ILE C 27 10.11 21.80 -4.18
CA ILE C 27 9.19 22.06 -5.28
C ILE C 27 8.77 23.52 -5.24
N LEU C 28 8.66 24.14 -6.42
CA LEU C 28 8.39 25.56 -6.50
C LEU C 28 7.09 25.89 -7.23
N ILE C 29 6.79 25.21 -8.32
CA ILE C 29 5.55 25.39 -9.04
C ILE C 29 4.61 24.26 -8.64
N ASP C 30 3.52 24.60 -7.96
CA ASP C 30 2.60 23.60 -7.46
C ASP C 30 1.90 22.91 -8.62
N GLN C 31 1.52 21.65 -8.41
CA GLN C 31 0.90 20.87 -9.48
C GLN C 31 -0.41 21.49 -9.95
N SER C 32 -1.13 22.16 -9.05
CA SER C 32 -2.36 22.84 -9.44
C SER C 32 -2.07 23.93 -10.45
N VAL C 33 -1.01 24.70 -10.21
CA VAL C 33 -0.61 25.75 -11.14
C VAL C 33 -0.15 25.13 -12.46
N LEU C 34 0.67 24.07 -12.36
CA LEU C 34 1.22 23.43 -13.55
C LEU C 34 0.13 22.82 -14.40
N GLU C 35 -0.85 22.19 -13.77
CA GLU C 35 -2.00 21.65 -14.51
C GLU C 35 -2.74 22.77 -15.23
N TRP C 36 -2.86 23.93 -14.59
CA TRP C 36 -3.53 25.08 -15.18
C TRP C 36 -2.82 25.53 -16.45
N PHE C 37 -1.49 25.60 -16.40
CA PHE C 37 -0.71 26.01 -17.57
C PHE C 37 -0.82 25.00 -18.69
N TYR C 38 -0.84 23.71 -18.33
CA TYR C 38 -0.92 22.65 -19.34
C TYR C 38 -2.20 22.76 -20.16
N GLN C 39 -3.32 23.01 -19.48
CA GLN C 39 -4.61 23.08 -20.18
C GLN C 39 -4.66 24.28 -21.11
N GLU C 40 -4.18 25.43 -20.66
CA GLU C 40 -4.25 26.65 -21.46
C GLU C 40 -3.40 26.56 -22.73
N SER C 41 -2.24 25.92 -22.63
CA SER C 41 -1.40 25.77 -23.82
C SER C 41 -1.85 24.56 -24.63
N GLY C 42 -3.16 24.47 -24.89
CA GLY C 42 -3.77 23.41 -25.68
C GLY C 42 -3.21 22.02 -25.46
N LYS C 43 -2.92 21.68 -24.20
CA LYS C 43 -2.30 20.41 -23.86
C LYS C 43 -1.04 20.17 -24.68
N ASP C 44 -0.16 21.17 -24.75
CA ASP C 44 1.10 21.05 -25.49
C ASP C 44 2.17 21.37 -24.45
N GLU C 45 3.09 20.42 -24.26
CA GLU C 45 4.10 20.50 -23.21
C GLU C 45 5.04 21.70 -23.38
N LYS C 46 5.49 21.95 -24.61
CA LYS C 46 6.52 22.96 -24.85
C LYS C 46 6.05 24.36 -24.44
N LYS C 47 4.85 24.74 -24.85
CA LYS C 47 4.34 26.07 -24.51
C LYS C 47 4.04 26.18 -23.02
N ALA C 48 3.59 25.09 -22.41
CA ALA C 48 3.34 25.09 -20.97
C ALA C 48 4.62 25.34 -20.19
N ALA C 49 5.72 24.73 -20.63
CA ALA C 49 7.01 24.93 -19.98
C ALA C 49 7.45 26.39 -20.05
N ILE C 50 7.21 27.02 -21.21
CA ILE C 50 7.60 28.42 -21.39
C ILE C 50 6.89 29.30 -20.38
N LYS C 51 5.57 29.12 -20.24
CA LYS C 51 4.82 29.88 -19.24
C LYS C 51 5.25 29.48 -17.83
N ALA C 52 5.55 28.21 -17.61
CA ALA C 52 5.99 27.76 -16.30
C ALA C 52 7.32 28.40 -15.93
N LEU C 53 8.25 28.49 -16.89
CA LEU C 53 9.55 29.10 -16.62
C LEU C 53 9.40 30.57 -16.28
N LYS C 54 8.55 31.28 -17.01
CA LYS C 54 8.32 32.69 -16.72
C LYS C 54 7.72 32.86 -15.33
N TYR C 55 6.78 31.98 -14.97
CA TYR C 55 6.21 32.00 -13.63
C TYR C 55 7.27 31.67 -12.59
N LEU C 56 8.16 30.72 -12.92
CA LEU C 56 9.23 30.33 -12.02
C LEU C 56 10.17 31.51 -11.76
N LEU C 57 10.44 32.30 -12.80
CA LEU C 57 11.29 33.46 -12.64
C LEU C 57 10.71 34.45 -11.63
N PHE C 58 9.39 34.63 -11.67
CA PHE C 58 8.74 35.54 -10.74
C PHE C 58 8.88 35.03 -9.30
N GLN C 59 8.71 33.73 -9.09
CA GLN C 59 8.75 33.18 -7.74
C GLN C 59 10.14 33.34 -7.12
N VAL C 60 11.18 33.07 -7.89
CA VAL C 60 12.54 33.13 -7.35
C VAL C 60 12.89 34.55 -6.94
N ALA C 61 12.40 35.53 -7.70
CA ALA C 61 12.69 36.93 -7.38
C ALA C 61 12.12 37.31 -6.02
N LYS C 62 10.91 36.85 -5.71
CA LYS C 62 10.24 37.22 -4.46
C LYS C 62 10.79 36.49 -3.25
N MET C 63 11.69 35.52 -3.41
CA MET C 63 12.15 34.69 -2.30
C MET C 63 13.34 35.33 -1.62
N GLY C 64 13.23 35.55 -0.30
CA GLY C 64 14.27 36.15 0.49
C GLY C 64 14.82 35.17 1.52
N ASP C 65 15.91 35.60 2.16
CA ASP C 65 16.59 34.75 3.12
C ASP C 65 15.74 34.56 4.38
N GLU C 66 15.85 33.36 4.97
CA GLU C 66 15.11 33.02 6.17
C GLU C 66 16.04 32.27 7.12
N LYS C 67 15.93 32.56 8.42
CA LYS C 67 16.76 31.91 9.44
C LYS C 67 15.87 31.60 10.66
N VAL C 68 15.34 30.38 10.70
CA VAL C 68 14.54 29.95 11.83
C VAL C 68 15.36 29.01 12.70
N GLY C 69 15.94 29.55 13.78
CA GLY C 69 16.74 28.75 14.69
C GLY C 69 18.05 28.28 14.07
N GLY C 70 18.16 26.97 13.85
CA GLY C 70 19.39 26.41 13.33
C GLY C 70 19.57 26.59 11.84
N VAL C 71 18.47 26.55 11.08
CA VAL C 71 18.55 26.58 9.63
C VAL C 71 18.62 28.02 9.13
N TYR C 72 19.42 28.22 8.09
CA TYR C 72 19.53 29.52 7.43
C TYR C 72 19.61 29.28 5.94
N LEU C 73 18.60 29.75 5.21
CA LEU C 73 18.52 29.56 3.76
C LEU C 73 18.70 30.91 3.09
N ARG C 74 19.79 31.05 2.34
CA ARG C 74 20.08 32.29 1.60
C ARG C 74 19.56 32.15 0.18
N ASN C 75 18.63 33.02 -0.17
CA ASN C 75 17.95 32.96 -1.47
C ASN C 75 18.21 34.17 -2.35
N SER C 76 19.09 35.08 -1.90
CA SER C 76 19.36 36.29 -2.65
C SER C 76 20.27 36.08 -3.84
N SER C 77 20.92 34.94 -3.94
CA SER C 77 21.85 34.64 -5.02
C SER C 77 21.30 33.55 -5.95
N ARG C 78 20.00 33.28 -5.86
CA ARG C 78 19.35 32.29 -6.71
C ARG C 78 18.79 32.89 -7.99
N PHE C 79 18.23 34.09 -7.92
CA PHE C 79 17.68 34.75 -9.10
C PHE C 79 18.75 35.10 -10.12
N LYS C 80 19.84 35.72 -9.65
CA LYS C 80 20.88 36.22 -10.54
C LYS C 80 21.44 35.10 -11.41
N SER C 81 21.72 33.94 -10.81
CA SER C 81 22.19 32.80 -11.56
C SER C 81 21.11 32.30 -12.52
N LEU C 82 19.87 32.22 -12.04
CA LEU C 82 18.76 31.78 -12.89
C LEU C 82 18.53 32.73 -14.05
N LYS C 83 18.58 34.04 -13.77
CA LYS C 83 18.34 35.03 -14.81
C LYS C 83 19.35 34.90 -15.94
N ALA C 84 20.63 34.80 -15.61
CA ALA C 84 21.69 34.75 -16.60
C ALA C 84 21.52 33.56 -17.53
N VAL C 85 21.12 32.40 -16.97
CA VAL C 85 20.91 31.22 -17.79
C VAL C 85 19.72 31.44 -18.72
N TYR C 86 18.69 32.11 -18.23
CA TYR C 86 17.44 32.28 -18.98
C TYR C 86 17.65 32.98 -20.31
N ASP C 87 18.32 34.14 -20.29
CA ASP C 87 18.55 34.89 -21.52
C ASP C 87 19.42 34.12 -22.49
N ASP C 88 20.48 33.49 -21.98
CA ASP C 88 21.42 32.79 -22.85
C ASP C 88 20.75 31.64 -23.59
N LEU C 89 19.90 30.89 -22.89
CA LEU C 89 19.35 29.67 -23.46
C LEU C 89 17.94 29.82 -24.00
N VAL C 90 17.17 30.80 -23.55
CA VAL C 90 15.77 30.90 -23.93
C VAL C 90 15.47 32.22 -24.63
N LYS C 91 15.83 33.33 -23.99
CA LYS C 91 15.40 34.65 -24.47
C LYS C 91 16.19 35.08 -25.70
N SER C 92 17.31 34.42 -25.97
CA SER C 92 18.18 34.80 -27.08
C SER C 92 18.29 33.65 -28.07
N SER C 93 17.15 33.03 -28.39
CA SER C 93 17.09 31.94 -29.35
C SER C 93 16.05 32.32 -30.41
N VAL C 94 16.52 32.90 -31.50
CA VAL C 94 15.65 33.33 -32.60
C VAL C 94 15.04 32.09 -33.26
N SER C 95 13.73 32.13 -33.48
CA SER C 95 13.03 31.01 -34.09
C SER C 95 12.24 31.46 -35.31
N GLY C 96 12.82 32.36 -36.11
CA GLY C 96 12.14 32.86 -37.29
C GLY C 96 13.11 33.28 -38.38
N LEU C 97 12.65 34.09 -39.31
CA LEU C 97 13.45 34.56 -40.43
C LEU C 97 13.54 36.08 -40.39
N PRO C 98 14.74 36.63 -40.49
CA PRO C 98 14.89 38.08 -40.49
C PRO C 98 14.63 38.69 -41.85
N TYR C 99 13.57 39.50 -41.96
CA TYR C 99 13.25 40.14 -43.23
C TYR C 99 14.35 41.11 -43.62
N ALA C 100 14.66 41.15 -44.92
CA ALA C 100 15.74 42.01 -45.39
C ALA C 100 15.43 42.65 -46.74
N GLY C 101 14.85 43.85 -46.71
CA GLY C 101 14.71 44.64 -47.92
C GLY C 101 13.91 43.93 -48.99
N GLY C 102 14.19 44.27 -50.24
CA GLY C 102 13.56 43.62 -51.36
C GLY C 102 14.52 42.74 -52.14
N ILE C 103 14.39 41.42 -51.97
CA ILE C 103 15.22 40.46 -52.69
C ILE C 103 14.32 39.54 -53.50
N ASN C 104 13.36 38.89 -52.82
CA ASN C 104 12.49 37.93 -53.47
C ASN C 104 11.58 38.58 -54.50
N GLN C 105 11.86 38.35 -55.78
CA GLN C 105 10.97 38.80 -56.84
C GLN C 105 9.76 37.89 -56.83
N CYS C 106 8.71 38.33 -56.12
CA CYS C 106 7.64 37.50 -55.58
C CYS C 106 7.01 38.27 -54.43
N ASP C 107 7.73 38.37 -53.32
CA ASP C 107 7.30 39.24 -52.23
C ASP C 107 7.05 40.64 -52.76
N ILE C 108 7.90 41.10 -53.68
CA ILE C 108 7.75 42.44 -54.23
C ILE C 108 6.42 42.57 -54.98
N ASP C 109 6.08 41.58 -55.80
CA ASP C 109 4.82 41.63 -56.54
C ASP C 109 3.63 41.57 -55.60
N MET C 110 3.68 40.73 -54.56
CA MET C 110 2.61 40.70 -53.57
C MET C 110 2.47 42.07 -52.90
N ARG C 111 3.60 42.68 -52.55
CA ARG C 111 3.55 44.02 -51.97
C ARG C 111 3.25 45.09 -53.00
N ARG C 112 3.33 44.77 -54.29
CA ARG C 112 2.98 45.71 -55.34
C ARG C 112 1.49 45.76 -55.60
N GLN C 113 0.71 44.88 -54.98
CA GLN C 113 -0.73 44.79 -55.20
C GLN C 113 -1.53 45.46 -54.10
N ASN C 114 -0.93 45.67 -52.92
CA ASN C 114 -1.65 46.22 -51.79
C ASN C 114 -2.10 47.63 -52.14
N PRO C 115 -3.40 47.90 -52.13
CA PRO C 115 -3.89 49.24 -52.49
C PRO C 115 -3.38 50.34 -51.58
N CYS C 116 -3.27 50.04 -50.28
CA CYS C 116 -2.83 51.03 -49.31
C CYS C 116 -1.32 51.17 -49.34
N SER C 117 -0.80 51.96 -50.26
CA SER C 117 0.64 52.19 -50.37
C SER C 117 0.89 53.60 -50.89
N VAL C 118 2.12 53.87 -51.33
CA VAL C 118 2.48 55.17 -51.88
C VAL C 118 3.02 54.96 -53.29
N LYS C 119 2.53 55.74 -54.24
CA LYS C 119 2.96 55.63 -55.62
C LYS C 119 4.37 56.20 -55.77
N LYS C 120 5.38 55.35 -55.68
CA LYS C 120 6.76 55.79 -55.78
C LYS C 120 7.03 56.35 -57.18
N TYR C 121 7.77 57.46 -57.23
CA TYR C 121 8.13 58.02 -58.52
C TYR C 121 8.97 57.07 -59.34
N THR C 122 9.91 56.38 -58.70
CA THR C 122 10.77 55.42 -59.37
C THR C 122 11.28 54.38 -58.38
N GLU C 123 11.34 53.13 -58.81
CA GLU C 123 11.92 52.05 -58.02
C GLU C 123 12.86 51.24 -58.88
N TYR C 124 13.60 50.33 -58.25
CA TYR C 124 14.58 49.53 -58.97
C TYR C 124 13.90 48.68 -60.04
N GLY C 125 14.61 48.47 -61.15
CA GLY C 125 14.08 47.68 -62.24
C GLY C 125 12.90 48.33 -62.93
N ASP C 126 13.03 49.61 -63.29
CA ASP C 126 11.93 50.34 -63.89
C ASP C 126 12.23 50.72 -65.33
N ALA C 127 13.46 51.17 -65.61
CA ALA C 127 13.76 51.70 -66.93
C ALA C 127 14.13 50.62 -67.94
N VAL C 128 14.21 49.35 -67.56
CA VAL C 128 14.47 48.27 -68.49
C VAL C 128 13.20 47.58 -68.94
N ARG C 129 12.04 48.01 -68.45
CA ARG C 129 10.75 47.43 -68.80
C ARG C 129 10.01 48.45 -69.66
N TYR C 130 9.43 47.99 -70.78
CA TYR C 130 8.62 48.87 -71.61
C TYR C 130 7.43 49.38 -70.83
N TYR C 131 6.56 48.46 -70.37
CA TYR C 131 5.30 48.85 -69.76
C TYR C 131 5.56 49.42 -68.38
N GLY C 132 5.97 50.68 -68.33
CA GLY C 132 6.42 51.30 -67.09
C GLY C 132 5.36 51.40 -66.02
N ARG C 133 5.52 50.60 -64.97
CA ARG C 133 4.63 50.63 -63.80
C ARG C 133 3.17 50.45 -64.20
N THR D 4 -5.76 29.70 -3.68
CA THR D 4 -6.58 28.86 -2.80
C THR D 4 -6.49 27.40 -3.19
N GLY D 5 -5.84 27.13 -4.33
CA GLY D 5 -5.58 25.78 -4.80
C GLY D 5 -6.27 25.43 -6.11
N ASP D 6 -7.36 26.12 -6.43
CA ASP D 6 -8.13 25.78 -7.63
C ASP D 6 -8.08 26.89 -8.66
N PRO D 7 -7.36 26.71 -9.77
CA PRO D 7 -7.36 27.72 -10.83
C PRO D 7 -8.44 27.51 -11.88
N ALA D 8 -9.09 26.35 -11.91
CA ALA D 8 -10.06 26.05 -12.96
C ALA D 8 -11.41 26.70 -12.71
N ASN D 9 -11.83 26.82 -11.46
CA ASN D 9 -13.17 27.30 -11.12
C ASN D 9 -13.10 28.35 -10.02
N ASN D 10 -12.17 29.28 -10.16
CA ASN D 10 -12.08 30.38 -9.20
C ASN D 10 -11.41 31.56 -9.89
N PRO D 11 -12.18 32.53 -10.36
CA PRO D 11 -11.61 33.70 -11.02
C PRO D 11 -10.58 34.43 -10.17
N LEU D 12 -10.85 34.54 -8.87
CA LEU D 12 -9.97 35.31 -8.00
C LEU D 12 -8.60 34.66 -7.88
N ASP D 13 -8.56 33.33 -7.77
CA ASP D 13 -7.27 32.65 -7.63
C ASP D 13 -6.50 32.68 -8.94
N ARG D 14 -7.21 32.75 -10.07
CA ARG D 14 -6.53 32.93 -11.35
C ARG D 14 -5.73 34.23 -11.36
N VAL D 15 -6.27 35.26 -10.71
CA VAL D 15 -5.59 36.55 -10.59
C VAL D 15 -4.30 36.33 -9.80
N ARG D 16 -4.34 35.44 -8.80
CA ARG D 16 -3.16 35.16 -8.01
C ARG D 16 -2.06 34.55 -8.86
N ILE D 17 -2.43 33.65 -9.78
CA ILE D 17 -1.47 32.99 -10.65
C ILE D 17 -0.79 34.02 -11.54
N LEU D 18 -1.58 34.89 -12.15
CA LEU D 18 -1.03 35.94 -13.01
C LEU D 18 -0.19 36.92 -12.21
N CYS D 19 -0.66 37.29 -11.02
CA CYS D 19 0.08 38.16 -10.11
C CYS D 19 1.10 37.41 -9.28
N THR D 20 1.34 36.13 -9.59
CA THR D 20 2.31 35.25 -8.92
C THR D 20 2.37 35.47 -7.41
N ASP D 21 1.21 35.32 -6.77
CA ASP D 21 1.13 35.33 -5.31
C ASP D 21 0.55 34.02 -4.80
N THR D 22 0.80 32.91 -5.50
CA THR D 22 0.28 31.61 -5.08
C THR D 22 1.23 30.95 -4.09
N ASP D 23 1.26 31.47 -2.86
CA ASP D 23 2.18 30.92 -1.86
C ASP D 23 1.42 30.35 -0.67
N ASN D 24 0.43 31.10 -0.17
CA ASN D 24 -0.35 30.78 1.03
C ASN D 24 0.50 30.71 2.28
N ASN D 25 1.79 31.03 2.20
CA ASN D 25 2.67 31.05 3.34
C ASN D 25 3.37 32.38 3.54
N GLU D 26 3.53 33.16 2.47
CA GLU D 26 4.08 34.51 2.60
C GLU D 26 3.18 35.56 1.95
N ILE D 27 1.85 35.39 1.99
CA ILE D 27 0.88 36.19 1.26
C ILE D 27 1.15 37.68 1.46
N LEU D 28 1.32 38.41 0.36
CA LEU D 28 1.59 39.83 0.41
C LEU D 28 0.43 40.68 -0.09
N ILE D 29 -0.43 40.13 -0.94
CA ILE D 29 -1.63 40.82 -1.42
C ILE D 29 -2.82 40.14 -0.76
N ASP D 30 -3.47 40.85 0.16
CA ASP D 30 -4.61 40.30 0.88
C ASP D 30 -5.77 40.12 -0.09
N GLN D 31 -6.62 39.14 0.20
CA GLN D 31 -7.75 38.85 -0.67
C GLN D 31 -8.69 40.04 -0.78
N SER D 32 -8.85 40.79 0.31
CA SER D 32 -9.71 41.97 0.30
C SER D 32 -9.19 42.99 -0.71
N VAL D 33 -7.88 43.21 -0.73
CA VAL D 33 -7.25 44.09 -1.71
C VAL D 33 -7.43 43.50 -3.11
N LEU D 34 -7.18 42.19 -3.22
CA LEU D 34 -7.30 41.52 -4.51
C LEU D 34 -8.72 41.57 -5.04
N GLU D 35 -9.70 41.41 -4.15
CA GLU D 35 -11.10 41.49 -4.56
C GLU D 35 -11.42 42.86 -5.13
N TRP D 36 -10.88 43.91 -4.52
CA TRP D 36 -11.12 45.27 -5.00
C TRP D 36 -10.57 45.46 -6.41
N PHE D 37 -9.34 44.97 -6.64
CA PHE D 37 -8.73 45.08 -7.96
C PHE D 37 -9.55 44.35 -9.01
N TYR D 38 -10.04 43.16 -8.66
CA TYR D 38 -10.91 42.39 -9.55
C TYR D 38 -12.20 43.16 -9.82
N GLN D 39 -12.78 43.77 -8.78
CA GLN D 39 -14.06 44.45 -8.92
C GLN D 39 -13.94 45.66 -9.83
N GLU D 40 -12.94 46.52 -9.58
CA GLU D 40 -12.76 47.70 -10.42
C GLU D 40 -12.35 47.34 -11.85
N SER D 41 -11.63 46.24 -12.03
CA SER D 41 -11.20 45.85 -13.37
C SER D 41 -12.26 45.00 -14.07
N GLY D 42 -13.50 45.50 -14.05
CA GLY D 42 -14.63 44.91 -14.76
C GLY D 42 -14.73 43.40 -14.71
N LYS D 43 -14.30 42.79 -13.60
CA LYS D 43 -14.27 41.34 -13.46
C LYS D 43 -13.49 40.69 -14.61
N ASP D 44 -12.41 41.35 -15.00
CA ASP D 44 -11.52 40.83 -16.05
C ASP D 44 -10.17 40.58 -15.39
N GLU D 45 -9.76 39.31 -15.40
CA GLU D 45 -8.56 38.87 -14.69
C GLU D 45 -7.29 39.50 -15.25
N LYS D 46 -7.20 39.62 -16.58
CA LYS D 46 -5.97 40.10 -17.22
C LYS D 46 -5.62 41.50 -16.77
N LYS D 47 -6.59 42.42 -16.83
CA LYS D 47 -6.32 43.80 -16.45
C LYS D 47 -6.37 43.97 -14.93
N ALA D 48 -6.70 42.89 -14.22
CA ALA D 48 -6.67 42.89 -12.76
C ALA D 48 -5.29 42.54 -12.24
N ALA D 49 -4.58 41.64 -12.93
CA ALA D 49 -3.23 41.26 -12.54
C ALA D 49 -2.27 42.44 -12.61
N ILE D 50 -2.40 43.25 -13.67
CA ILE D 50 -1.51 44.38 -13.89
C ILE D 50 -1.61 45.35 -12.72
N LYS D 51 -2.84 45.64 -12.30
CA LYS D 51 -3.03 46.49 -11.12
C LYS D 51 -2.46 45.83 -9.87
N ALA D 52 -2.68 44.53 -9.72
CA ALA D 52 -2.16 43.81 -8.56
C ALA D 52 -0.64 43.77 -8.57
N LEU D 53 -0.06 43.55 -9.76
CA LEU D 53 1.39 43.42 -9.86
C LEU D 53 2.09 44.72 -9.46
N LYS D 54 1.55 45.86 -9.89
CA LYS D 54 2.10 47.15 -9.48
C LYS D 54 1.98 47.32 -7.97
N TYR D 55 0.84 46.90 -7.41
CA TYR D 55 0.65 46.98 -5.96
C TYR D 55 1.67 46.12 -5.23
N LEU D 56 1.98 44.94 -5.78
CA LEU D 56 2.96 44.06 -5.16
C LEU D 56 4.33 44.71 -5.11
N LEU D 57 4.69 45.44 -6.16
CA LEU D 57 5.99 46.11 -6.20
C LEU D 57 6.12 47.13 -5.08
N PHE D 58 5.05 47.89 -4.81
CA PHE D 58 5.07 48.87 -3.74
C PHE D 58 5.28 48.20 -2.39
N GLN D 59 4.56 47.11 -2.14
CA GLN D 59 4.64 46.44 -0.86
C GLN D 59 6.02 45.85 -0.61
N VAL D 60 6.61 45.24 -1.65
CA VAL D 60 7.93 44.63 -1.52
C VAL D 60 8.98 45.70 -1.22
N ALA D 61 8.88 46.85 -1.86
CA ALA D 61 9.86 47.92 -1.65
C ALA D 61 9.85 48.43 -0.21
N LYS D 62 8.65 48.61 0.35
CA LYS D 62 8.54 49.17 1.70
C LYS D 62 9.07 48.23 2.77
N MET D 63 9.08 46.92 2.49
CA MET D 63 9.48 45.94 3.49
C MET D 63 10.95 46.08 3.84
N GLY D 64 11.30 45.79 5.10
CA GLY D 64 12.66 45.96 5.56
C GLY D 64 13.17 44.70 6.23
N ASP D 65 14.45 44.74 6.60
CA ASP D 65 15.10 43.60 7.22
C ASP D 65 14.67 43.48 8.67
N GLU D 66 14.15 42.31 9.04
CA GLU D 66 13.63 42.09 10.38
C GLU D 66 14.34 40.92 11.04
N LYS D 67 14.62 41.06 12.33
CA LYS D 67 15.23 39.98 13.10
C LYS D 67 14.69 40.09 14.54
N VAL D 68 13.67 39.30 14.83
CA VAL D 68 13.23 39.09 16.21
C VAL D 68 13.90 37.80 16.68
N GLY D 69 14.29 37.76 17.95
CA GLY D 69 15.15 36.72 18.47
C GLY D 69 14.81 35.31 18.01
N GLY D 70 15.72 34.69 17.27
CA GLY D 70 15.50 33.35 16.77
C GLY D 70 15.17 33.27 15.29
N VAL D 71 14.49 34.28 14.76
CA VAL D 71 14.05 34.28 13.37
C VAL D 71 14.60 35.51 12.67
N TYR D 72 15.09 35.33 11.45
CA TYR D 72 15.68 36.40 10.66
C TYR D 72 15.09 36.35 9.26
N LEU D 73 15.02 37.53 8.62
CA LEU D 73 14.35 37.65 7.32
C LEU D 73 14.95 38.84 6.59
N ARG D 74 15.75 38.55 5.56
CA ARG D 74 16.32 39.62 4.75
C ARG D 74 15.38 39.94 3.59
N ASN D 75 14.69 41.09 3.69
CA ASN D 75 13.79 41.50 2.61
C ASN D 75 14.44 42.51 1.69
N SER D 76 15.68 42.90 1.98
CA SER D 76 16.38 43.92 1.20
C SER D 76 16.53 43.50 -0.26
N SER D 77 17.05 42.30 -0.49
CA SER D 77 17.33 41.85 -1.85
C SER D 77 16.13 41.16 -2.48
N ARG D 78 14.97 41.82 -2.48
CA ARG D 78 13.81 41.28 -3.17
C ARG D 78 13.36 42.21 -4.28
N PHE D 79 13.32 43.52 -4.00
CA PHE D 79 12.92 44.49 -5.01
C PHE D 79 13.89 44.50 -6.17
N LYS D 80 15.19 44.41 -5.87
CA LYS D 80 16.22 44.39 -6.89
C LYS D 80 15.96 43.23 -7.83
N SER D 81 15.64 42.06 -7.26
CA SER D 81 15.34 40.89 -8.08
C SER D 81 14.00 41.03 -8.77
N LEU D 82 12.98 41.51 -8.04
CA LEU D 82 11.64 41.62 -8.57
C LEU D 82 11.54 42.63 -9.71
N LYS D 83 12.23 43.76 -9.57
CA LYS D 83 12.17 44.80 -10.60
C LYS D 83 12.71 44.29 -11.94
N ALA D 84 13.84 43.56 -11.89
CA ALA D 84 14.47 43.06 -13.11
C ALA D 84 13.51 42.17 -13.91
N VAL D 85 12.78 41.30 -13.22
CA VAL D 85 11.78 40.47 -13.89
C VAL D 85 10.66 41.36 -14.43
N TYR D 86 10.22 42.32 -13.62
CA TYR D 86 9.10 43.18 -13.99
C TYR D 86 9.37 43.96 -15.27
N ASP D 87 10.53 44.62 -15.34
CA ASP D 87 10.88 45.35 -16.56
C ASP D 87 10.99 44.41 -17.75
N ASP D 88 11.62 43.25 -17.55
CA ASP D 88 11.88 42.34 -18.66
C ASP D 88 10.59 41.75 -19.19
N LEU D 89 9.75 41.22 -18.31
CA LEU D 89 8.59 40.43 -18.73
C LEU D 89 7.30 41.24 -18.82
N VAL D 90 7.27 42.47 -18.30
CA VAL D 90 6.03 43.23 -18.31
C VAL D 90 6.23 44.56 -19.04
N LYS D 91 7.17 45.38 -18.56
CA LYS D 91 7.34 46.71 -19.14
C LYS D 91 7.90 46.63 -20.55
N SER D 92 8.97 45.84 -20.74
CA SER D 92 9.63 45.74 -22.04
C SER D 92 8.85 44.77 -22.93
N SER D 93 7.58 45.12 -23.16
CA SER D 93 6.70 44.31 -24.00
C SER D 93 5.67 45.27 -24.59
N VAL D 94 5.83 45.58 -25.87
CA VAL D 94 4.94 46.49 -26.57
C VAL D 94 3.54 45.88 -26.62
N SER D 95 2.52 46.73 -26.60
CA SER D 95 1.13 46.30 -26.62
C SER D 95 0.39 46.77 -27.86
N GLY D 96 1.11 47.29 -28.86
CA GLY D 96 0.48 47.76 -30.08
C GLY D 96 1.40 47.87 -31.27
N LEU D 97 0.99 48.66 -32.25
CA LEU D 97 1.72 48.86 -33.49
C LEU D 97 2.44 50.20 -33.50
N PRO D 98 3.62 50.29 -34.13
CA PRO D 98 4.31 51.58 -34.22
C PRO D 98 3.73 52.44 -35.32
N TYR D 99 4.37 53.56 -35.63
CA TYR D 99 3.81 54.43 -36.67
C TYR D 99 4.92 55.15 -37.44
N ALA D 100 5.04 54.84 -38.73
CA ALA D 100 5.93 55.57 -39.62
C ALA D 100 5.16 56.68 -40.31
N GLY D 101 5.75 57.31 -41.32
CA GLY D 101 5.15 58.50 -41.88
C GLY D 101 4.23 58.24 -43.05
N GLY D 102 4.65 58.67 -44.24
CA GLY D 102 3.80 58.55 -45.42
C GLY D 102 3.93 57.21 -46.10
N ILE D 103 3.39 56.16 -45.46
CA ILE D 103 3.48 54.81 -45.98
C ILE D 103 2.10 54.20 -46.24
N ASN D 104 1.05 55.02 -46.21
CA ASN D 104 -0.31 54.49 -46.39
C ASN D 104 -1.15 55.62 -46.99
N GLN D 105 -1.62 55.40 -48.23
CA GLN D 105 -2.42 56.41 -48.91
C GLN D 105 -3.75 56.64 -48.21
N CYS D 106 -4.40 55.57 -47.74
CA CYS D 106 -5.68 55.70 -47.05
C CYS D 106 -5.51 56.55 -45.79
N ASP D 107 -4.41 56.35 -45.08
CA ASP D 107 -4.06 57.19 -43.94
C ASP D 107 -3.83 58.61 -44.43
N ILE D 108 -3.20 58.76 -45.58
CA ILE D 108 -2.83 60.07 -46.13
C ILE D 108 -4.11 60.87 -46.38
N ASP D 109 -5.09 60.26 -47.03
CA ASP D 109 -6.34 60.95 -47.34
C ASP D 109 -7.12 61.26 -46.06
N MET D 110 -7.11 60.34 -45.10
CA MET D 110 -7.83 60.52 -43.85
C MET D 110 -7.27 61.73 -43.10
N ARG D 111 -5.95 61.89 -43.09
CA ARG D 111 -5.33 63.03 -42.43
C ARG D 111 -5.51 64.33 -43.19
N ARG D 112 -5.86 64.27 -44.47
CA ARG D 112 -6.11 65.47 -45.24
C ARG D 112 -7.50 66.05 -45.00
N GLN D 113 -8.39 65.29 -44.35
CA GLN D 113 -9.74 65.74 -44.04
C GLN D 113 -9.77 66.67 -42.83
N ASN D 114 -8.69 66.68 -42.04
CA ASN D 114 -8.64 67.47 -40.82
C ASN D 114 -8.57 68.94 -41.23
N PRO D 115 -9.52 69.76 -40.78
CA PRO D 115 -9.47 71.18 -41.17
C PRO D 115 -8.50 72.00 -40.35
N CYS D 116 -8.34 71.68 -39.06
CA CYS D 116 -7.45 72.42 -38.19
C CYS D 116 -6.03 71.85 -38.31
N SER D 117 -5.44 72.09 -39.47
CA SER D 117 -4.08 71.64 -39.74
C SER D 117 -3.41 72.64 -40.67
N VAL D 118 -2.08 72.71 -40.59
CA VAL D 118 -1.34 73.65 -41.41
C VAL D 118 -1.37 73.19 -42.86
N LYS D 119 -1.29 74.15 -43.78
CA LYS D 119 -1.29 73.87 -45.22
C LYS D 119 0.14 74.07 -45.74
N LYS D 120 0.75 72.97 -46.18
CA LYS D 120 2.11 73.04 -46.68
C LYS D 120 2.14 73.60 -48.10
N TYR D 121 3.30 74.13 -48.48
CA TYR D 121 3.44 74.69 -49.82
C TYR D 121 3.47 73.58 -50.87
N THR D 122 4.45 72.69 -50.79
CA THR D 122 4.60 71.59 -51.71
C THR D 122 4.50 70.26 -50.96
N GLU D 123 3.79 69.31 -51.55
CA GLU D 123 3.59 68.01 -50.94
C GLU D 123 4.00 66.93 -51.93
N TYR D 124 4.30 65.75 -51.41
CA TYR D 124 4.62 64.61 -52.26
C TYR D 124 3.47 64.31 -53.21
N GLY D 125 3.80 64.16 -54.48
CA GLY D 125 2.79 63.80 -55.46
C GLY D 125 2.31 64.97 -56.28
N ASP D 126 2.56 66.19 -55.80
CA ASP D 126 2.13 67.38 -56.52
C ASP D 126 3.11 67.72 -57.62
N ALA D 127 3.43 66.74 -58.47
CA ALA D 127 4.25 66.95 -59.64
C ALA D 127 3.67 66.20 -60.82
N VAL D 128 2.81 65.23 -60.54
CA VAL D 128 2.19 64.39 -61.57
C VAL D 128 0.68 64.35 -61.42
N ARG D 129 0.09 65.33 -60.73
CA ARG D 129 -1.35 65.40 -60.54
C ARG D 129 -1.90 66.50 -61.45
N TYR D 130 -2.93 66.15 -62.22
CA TYR D 130 -3.54 67.11 -63.13
C TYR D 130 -4.18 68.26 -62.37
N TYR D 131 -4.97 67.93 -61.35
CA TYR D 131 -5.67 68.91 -60.53
C TYR D 131 -4.99 69.00 -59.17
N GLY D 132 -4.30 70.12 -58.92
CA GLY D 132 -3.59 70.31 -57.67
C GLY D 132 -4.47 70.74 -56.52
N MET E 1 8.40 30.77 0.45
CA MET E 1 8.38 29.52 1.20
C MET E 1 8.93 29.72 2.60
N ARG E 2 8.06 30.17 3.51
CA ARG E 2 8.46 30.40 4.89
C ARG E 2 8.93 29.11 5.56
N LEU E 3 10.09 29.16 6.21
CA LEU E 3 10.60 28.03 6.96
C LEU E 3 9.78 27.84 8.23
N LEU E 4 9.10 28.89 8.67
CA LEU E 4 8.30 28.86 9.89
C LEU E 4 7.15 27.87 9.76
N ASN E 5 6.75 27.55 8.53
CA ASN E 5 5.68 26.56 8.36
C ASN E 5 6.14 25.33 7.58
N ARG E 6 7.35 24.82 7.80
CA ARG E 6 7.81 23.63 7.09
C ARG E 6 7.07 22.40 7.57
N HIS E 7 7.18 22.07 8.85
CA HIS E 7 6.54 20.88 9.38
C HIS E 7 5.08 21.15 9.73
N SER E 8 4.30 20.08 9.75
CA SER E 8 2.88 20.16 10.09
C SER E 8 2.58 19.05 11.08
N PHE E 9 2.03 19.41 12.23
CA PHE E 9 1.70 18.47 13.29
C PHE E 9 0.24 18.64 13.70
N VAL E 10 -0.19 17.81 14.63
CA VAL E 10 -1.56 17.85 15.17
C VAL E 10 -1.44 18.16 16.65
N VAL E 11 -2.14 19.21 17.08
CA VAL E 11 -2.12 19.59 18.49
C VAL E 11 -3.44 19.23 19.15
N LYS E 12 -3.36 18.64 20.34
CA LYS E 12 -4.53 18.37 21.18
C LYS E 12 -4.61 19.44 22.26
N ARG E 13 -5.64 20.27 22.18
CA ARG E 13 -5.90 21.32 23.16
C ARG E 13 -7.12 20.96 23.99
N LYS E 14 -6.99 21.07 25.32
CA LYS E 14 -8.11 20.86 26.24
C LYS E 14 -9.02 22.08 26.17
N VAL E 15 -9.83 22.12 25.11
CA VAL E 15 -10.66 23.29 24.80
C VAL E 15 -11.64 23.55 25.93
N SER E 16 -12.30 22.51 26.41
CA SER E 16 -13.25 22.64 27.52
C SER E 16 -12.45 22.71 28.81
N GLU E 17 -12.04 23.92 29.15
CA GLU E 17 -11.16 24.12 30.31
C GLU E 17 -11.94 23.94 31.60
N ASP E 18 -12.05 22.70 32.07
CA ASP E 18 -12.76 22.42 33.31
C ASP E 18 -11.79 22.02 34.41
N GLY E 19 -11.01 20.96 34.17
CA GLY E 19 -9.95 20.53 35.06
C GLY E 19 -10.24 20.62 36.55
N HIS E 20 -11.29 19.96 37.00
CA HIS E 20 -11.71 20.05 38.39
C HIS E 20 -11.22 18.84 39.19
N TYR E 21 -11.22 19.00 40.50
CA TYR E 21 -10.88 17.93 41.44
C TYR E 21 -12.18 17.27 41.88
N ASN E 22 -12.28 15.96 41.68
CA ASN E 22 -13.51 15.26 42.02
C ASN E 22 -13.68 15.20 43.53
N GLU E 23 -14.88 14.80 43.95
CA GLU E 23 -15.22 14.74 45.37
C GLU E 23 -14.27 13.83 46.13
N ASP E 24 -13.82 12.75 45.47
CA ASP E 24 -12.89 11.83 46.13
C ASP E 24 -11.55 12.48 46.42
N GLY E 25 -11.05 13.31 45.50
CA GLY E 25 -9.80 14.01 45.74
C GLY E 25 -8.83 13.96 44.57
N ASP E 26 -9.08 13.07 43.62
CA ASP E 26 -8.19 12.90 42.48
C ASP E 26 -8.35 14.08 41.51
N TRP E 27 -7.65 14.03 40.39
CA TRP E 27 -7.68 15.07 39.38
C TRP E 27 -8.42 14.54 38.16
N VAL E 28 -9.43 15.27 37.71
CA VAL E 28 -10.18 14.92 36.51
C VAL E 28 -9.85 15.96 35.46
N ALA E 29 -9.10 15.54 34.43
CA ALA E 29 -8.74 16.45 33.36
C ALA E 29 -9.96 16.79 32.50
N SER E 30 -9.75 17.71 31.56
CA SER E 30 -10.82 18.11 30.66
C SER E 30 -11.31 16.93 29.83
N GLN E 31 -12.63 16.76 29.80
CA GLN E 31 -13.20 15.63 29.08
C GLN E 31 -13.24 15.82 27.58
N ASP E 32 -13.12 17.05 27.10
CA ASP E 32 -13.23 17.37 25.68
C ASP E 32 -11.87 17.83 25.15
N VAL E 33 -11.26 17.01 24.32
CA VAL E 33 -9.96 17.30 23.71
C VAL E 33 -10.14 17.26 22.20
N VAL E 34 -9.71 18.33 21.53
CA VAL E 34 -9.82 18.43 20.08
C VAL E 34 -8.42 18.37 19.48
N SER E 35 -8.36 17.88 18.24
CA SER E 35 -7.10 17.70 17.53
C SER E 35 -7.19 18.42 16.19
N ILE E 36 -6.52 19.56 16.08
CA ILE E 36 -6.54 20.34 14.85
C ILE E 36 -5.11 20.55 14.37
N ASN E 37 -4.87 20.34 13.08
CA ASN E 37 -3.54 20.47 12.51
C ASN E 37 -3.02 21.90 12.58
N CYS E 38 -1.75 22.07 12.94
CA CYS E 38 -1.09 23.35 12.96
C CYS E 38 0.15 23.28 12.07
N LYS E 39 0.93 24.36 12.04
CA LYS E 39 2.16 24.39 11.25
C LYS E 39 3.24 25.08 12.05
N GLY E 40 4.47 24.57 11.94
CA GLY E 40 5.58 25.14 12.66
C GLY E 40 6.87 24.44 12.29
N ASN E 41 7.96 24.93 12.87
CA ASN E 41 9.28 24.36 12.67
C ASN E 41 9.72 23.66 13.94
N ILE E 42 10.07 22.38 13.84
CA ILE E 42 10.49 21.57 14.98
C ILE E 42 11.97 21.28 14.80
N GLN E 43 12.79 21.78 15.71
CA GLN E 43 14.22 21.56 15.67
C GLN E 43 14.71 21.04 17.00
N PRO E 44 15.79 20.25 17.01
CA PRO E 44 16.38 19.82 18.29
C PRO E 44 16.85 21.01 19.10
N TYR E 45 16.70 20.91 20.41
CA TYR E 45 17.09 21.96 21.35
C TYR E 45 18.48 21.62 21.88
N ILE E 46 19.48 22.38 21.46
CA ILE E 46 20.86 22.15 21.87
C ILE E 46 21.24 23.23 22.88
N LYS E 47 21.18 22.89 24.16
CA LYS E 47 21.60 23.81 25.21
C LYS E 47 21.99 23.00 26.44
N GLY E 48 23.30 22.83 26.65
CA GLY E 48 23.83 22.25 27.88
C GLY E 48 23.15 20.99 28.37
N SER E 49 22.48 21.10 29.51
CA SER E 49 21.90 19.96 30.22
C SER E 49 20.85 19.25 29.37
N VAL E 50 20.05 20.01 28.62
CA VAL E 50 18.95 19.47 27.84
C VAL E 50 19.46 18.36 26.92
N LYS E 51 18.82 17.19 26.98
CA LYS E 51 19.28 16.03 26.24
C LYS E 51 18.30 15.72 25.12
N ASN E 52 18.82 15.55 23.91
CA ASN E 52 17.99 15.25 22.75
C ASN E 52 18.24 13.83 22.26
N GLY E 53 17.16 13.06 22.22
CA GLY E 53 17.23 11.68 21.76
C GLY E 53 18.24 10.86 22.53
N THR E 54 18.25 11.01 23.85
CA THR E 54 19.26 10.37 24.69
C THR E 54 18.61 9.23 25.45
N GLN E 55 19.18 8.03 25.32
CA GLN E 55 18.75 6.88 26.09
C GLN E 55 19.40 6.95 27.47
N ILE E 56 18.61 6.78 28.52
CA ILE E 56 19.10 6.85 29.89
C ILE E 56 19.11 5.43 30.45
N VAL E 57 20.30 4.94 30.81
CA VAL E 57 20.44 3.58 31.28
C VAL E 57 20.17 3.51 32.77
N LEU E 58 18.92 3.31 33.14
CA LEU E 58 18.52 3.14 34.53
C LEU E 58 18.72 1.69 34.94
N PRO E 59 18.74 1.40 36.25
CA PRO E 59 18.84 0.00 36.68
C PRO E 59 17.52 -0.74 36.52
N GLU E 60 16.56 -0.10 35.90
CA GLU E 60 15.27 -0.71 35.58
C GLU E 60 15.04 -0.94 34.11
N GLY E 61 15.88 -0.41 33.23
CA GLY E 61 15.69 -0.56 31.80
C GLY E 61 16.47 0.50 31.05
N ILE E 62 15.97 0.82 29.86
CA ILE E 62 16.53 1.92 29.07
C ILE E 62 15.39 2.85 28.67
N ARG E 63 15.34 4.02 29.29
CA ARG E 63 14.34 5.01 28.93
C ARG E 63 14.92 6.02 27.93
N LEU E 64 14.05 6.52 27.06
CA LEU E 64 14.44 7.48 26.04
C LEU E 64 13.66 8.77 26.23
N THR E 65 14.37 9.89 26.19
CA THR E 65 13.77 11.21 26.31
C THR E 65 14.39 12.14 25.29
N ASP E 66 13.66 13.19 24.94
CA ASP E 66 14.16 14.19 24.01
C ASP E 66 13.46 15.52 24.26
N THR E 67 14.06 16.59 23.75
CA THR E 67 13.54 17.94 23.91
C THR E 67 13.75 18.71 22.62
N ARG E 68 12.67 19.12 21.97
CA ARG E 68 12.73 19.87 20.74
C ARG E 68 12.18 21.27 20.95
N ILE E 69 12.76 22.23 20.24
CA ILE E 69 12.24 23.60 20.21
C ILE E 69 11.28 23.72 19.05
N LEU E 70 10.29 24.58 19.19
CA LEU E 70 9.21 24.70 18.20
C LEU E 70 8.99 26.18 17.89
N PHE E 71 9.31 26.58 16.66
CA PHE E 71 9.00 27.91 16.19
C PHE E 71 7.69 27.88 15.42
N THR E 72 6.72 28.67 15.86
CA THR E 72 5.41 28.69 15.22
C THR E 72 4.73 30.02 15.53
N VAL E 73 3.68 30.30 14.76
CA VAL E 73 2.89 31.51 14.93
C VAL E 73 1.62 31.23 15.74
N ALA E 74 1.34 29.96 15.97
CA ALA E 74 0.13 29.58 16.74
C ALA E 74 0.35 29.93 18.21
N GLU E 75 -0.73 30.27 18.90
CA GLU E 75 -0.63 30.58 20.34
C GLU E 75 -0.88 29.30 21.15
N LEU E 76 0.07 28.39 21.14
CA LEU E 76 -0.08 27.19 22.00
C LEU E 76 0.12 27.62 23.46
N ARG E 77 -0.67 27.09 24.38
CA ARG E 77 -0.64 27.44 25.79
C ARG E 77 0.18 26.42 26.57
N THR E 78 0.40 26.71 27.85
CA THR E 78 1.05 25.80 28.77
C THR E 78 0.25 25.77 30.06
N SER E 79 0.40 24.68 30.82
CA SER E 79 -0.34 24.51 32.06
C SER E 79 -0.12 25.69 32.99
N ASP E 80 -1.21 26.38 33.31
CA ASP E 80 -1.17 27.58 34.13
C ASP E 80 -2.16 27.43 35.28
N ASP E 81 -1.75 27.83 36.48
CA ASP E 81 -2.54 27.63 37.68
C ASP E 81 -3.44 28.82 38.02
N VAL E 82 -3.42 29.88 37.22
CA VAL E 82 -4.28 31.02 37.46
C VAL E 82 -5.48 31.06 36.53
N ASP E 83 -5.31 30.81 35.23
CA ASP E 83 -6.41 30.77 34.28
C ASP E 83 -6.94 29.35 34.09
N TRP E 84 -6.44 28.39 34.85
CA TRP E 84 -6.87 27.00 34.79
C TRP E 84 -6.68 26.40 33.39
N THR E 85 -5.59 26.82 32.75
CA THR E 85 -5.19 26.24 31.47
C THR E 85 -4.51 24.91 31.70
N GLU E 86 -4.48 24.04 30.69
CA GLU E 86 -3.94 22.70 30.88
C GLU E 86 -3.00 22.29 29.75
N ALA E 87 -2.11 23.19 29.34
CA ALA E 87 -1.04 22.87 28.39
C ALA E 87 -1.55 22.41 27.03
N ASP E 88 -0.63 22.08 26.14
CA ASP E 88 -0.97 21.61 24.80
C ASP E 88 -0.09 20.42 24.47
N ILE E 89 -0.61 19.48 23.70
CA ILE E 89 0.13 18.27 23.34
C ILE E 89 0.45 18.34 21.85
N VAL E 90 1.75 18.34 21.53
CA VAL E 90 2.21 18.26 20.15
C VAL E 90 2.50 16.79 19.83
N MET E 91 2.43 16.41 18.56
CA MET E 91 2.68 15.03 18.17
C MET E 91 3.74 14.99 17.09
N ILE E 92 4.78 14.19 17.32
CA ILE E 92 5.77 13.85 16.29
C ILE E 92 5.91 12.33 16.28
N LYS E 93 5.74 11.75 15.10
CA LYS E 93 5.86 10.30 14.91
C LYS E 93 4.96 9.53 15.88
N GLY E 94 3.79 10.06 16.16
CA GLY E 94 2.85 9.38 17.05
C GLY E 94 3.02 9.71 18.52
N HIS E 95 4.26 9.79 18.99
CA HIS E 95 4.53 10.05 20.40
C HIS E 95 4.02 11.42 20.81
N GLU E 96 3.36 11.48 21.98
CA GLU E 96 2.80 12.72 22.49
C GLU E 96 3.90 13.60 23.09
N TYR E 97 3.76 14.91 22.99
CA TYR E 97 4.72 15.83 23.56
C TYR E 97 3.98 16.81 24.45
N GLU E 98 4.74 17.58 25.23
CA GLU E 98 4.17 18.54 26.16
C GLU E 98 4.88 19.87 26.01
N VAL E 99 4.11 20.96 26.04
CA VAL E 99 4.67 22.29 25.83
C VAL E 99 5.09 22.94 27.15
N PHE E 100 6.24 22.53 27.69
CA PHE E 100 6.80 23.18 28.86
C PHE E 100 7.62 24.39 28.46
N MET E 101 7.42 25.51 29.16
CA MET E 101 8.18 26.75 28.95
C MET E 101 7.78 27.43 27.65
N THR E 102 7.63 28.75 27.67
CA THR E 102 7.13 29.47 26.50
C THR E 102 7.89 30.78 26.37
N MET E 103 8.10 31.21 25.13
CA MET E 103 8.59 32.55 24.84
C MET E 103 7.61 33.24 23.90
N ASP E 104 7.30 34.51 24.20
CA ASP E 104 6.17 35.21 23.58
C ASP E 104 6.73 36.42 22.83
N TRP E 105 7.08 36.21 21.56
CA TRP E 105 7.36 37.31 20.63
C TRP E 105 6.16 37.49 19.69
N SER E 106 5.04 37.91 20.27
CA SER E 106 3.79 37.93 19.52
C SER E 106 3.51 39.25 18.81
N GLU E 107 4.01 40.36 19.33
CA GLU E 107 3.63 41.68 18.84
C GLU E 107 4.83 42.44 18.30
N GLN E 108 6.03 41.96 18.61
CA GLN E 108 7.27 42.72 18.45
C GLN E 108 7.44 43.31 17.04
N LEU E 109 7.61 42.45 16.04
CA LEU E 109 7.80 42.93 14.68
C LEU E 109 6.53 42.74 13.84
N ALA E 110 6.63 43.02 12.54
CA ALA E 110 5.46 42.99 11.66
C ALA E 110 5.31 41.64 10.97
N HIS E 111 6.32 41.21 10.22
CA HIS E 111 6.25 39.95 9.48
C HIS E 111 7.05 38.84 10.14
N THR E 112 7.55 39.03 11.35
CA THR E 112 8.41 38.06 12.00
C THR E 112 7.98 37.70 13.41
N SER E 113 6.89 38.27 13.90
CA SER E 113 6.38 37.91 15.22
C SER E 113 6.02 36.42 15.25
N HIS E 114 6.46 35.75 16.31
CA HIS E 114 6.26 34.30 16.40
C HIS E 114 6.39 33.88 17.85
N TYR E 115 5.85 32.70 18.16
CA TYR E 115 6.05 32.08 19.46
C TYR E 115 7.13 31.02 19.36
N GLU E 116 7.90 30.87 20.44
CA GLU E 116 8.88 29.79 20.56
C GLU E 116 8.47 28.90 21.71
N TYR E 117 8.38 27.61 21.46
CA TYR E 117 7.91 26.64 22.44
C TYR E 117 8.98 25.59 22.69
N ILE E 118 8.96 25.01 23.88
CA ILE E 118 9.90 23.95 24.23
C ILE E 118 9.09 22.68 24.47
N ILE E 119 9.10 21.77 23.50
CA ILE E 119 8.26 20.59 23.59
C ILE E 119 9.07 19.41 24.09
N ILE E 120 8.50 18.66 25.03
CA ILE E 120 9.17 17.56 25.71
C ILE E 120 8.33 16.30 25.54
N ARG E 121 8.99 15.21 25.15
CA ARG E 121 8.30 13.94 25.01
C ARG E 121 7.77 13.45 26.34
N ARG E 122 6.54 12.96 26.35
CA ARG E 122 5.92 12.46 27.56
C ARG E 122 6.39 11.03 27.85
N ASP E 123 6.73 10.78 29.10
CA ASP E 123 7.24 9.48 29.50
C ASP E 123 6.14 8.43 29.50
N LYS E 124 6.55 7.18 29.31
CA LYS E 124 5.60 6.07 29.31
C LYS E 124 5.10 5.82 30.73
N MET E 125 3.78 5.73 30.89
CA MET E 125 3.18 5.52 32.19
C MET E 125 1.86 4.79 32.04
N ASN E 126 1.57 3.90 32.97
CA ASN E 126 0.28 3.23 33.00
C ASN E 126 -0.83 4.27 33.22
N ALA E 127 -1.92 4.11 32.49
CA ALA E 127 -3.01 5.08 32.50
C ALA E 127 -4.16 4.56 33.35
N VAL E 128 -4.63 5.38 34.28
CA VAL E 128 -5.78 5.07 35.11
C VAL E 128 -6.73 6.27 35.06
N ARG E 129 -8.02 6.01 34.97
CA ARG E 129 -9.00 7.08 34.87
C ARG E 129 -9.48 7.49 36.26
N ASN E 130 -10.20 8.61 36.31
CA ASN E 130 -10.69 9.13 37.58
C ASN E 130 -11.94 9.99 37.38
N GLN F 2 -10.01 -5.30 53.50
CA GLN F 2 -8.72 -5.15 52.82
C GLN F 2 -8.22 -3.71 52.93
N LEU F 3 -6.89 -3.54 52.87
CA LEU F 3 -6.27 -2.22 52.98
C LEU F 3 -5.74 -1.80 51.61
N GLU F 4 -6.19 -0.64 51.15
CA GLU F 4 -5.69 -0.02 49.93
C GLU F 4 -5.32 1.42 50.27
N THR F 5 -4.06 1.78 50.00
CA THR F 5 -3.58 3.12 50.31
C THR F 5 -4.37 4.18 49.55
N ALA F 6 -4.71 3.88 48.29
CA ALA F 6 -5.49 4.80 47.47
C ALA F 6 -6.84 5.09 48.12
N GLU F 7 -7.52 4.04 48.59
CA GLU F 7 -8.81 4.23 49.24
C GLU F 7 -8.67 4.99 50.55
N LEU F 8 -7.60 4.73 51.28
CA LEU F 8 -7.36 5.42 52.56
C LEU F 8 -7.20 6.92 52.33
N GLU F 9 -6.42 7.30 51.31
CA GLU F 9 -6.25 8.71 51.00
C GLU F 9 -7.57 9.34 50.57
N LYS F 10 -8.36 8.61 49.78
CA LYS F 10 -9.67 9.10 49.38
C LYS F 10 -10.57 9.33 50.58
N GLY F 11 -10.55 8.39 51.53
CA GLY F 11 -11.35 8.51 52.73
C GLY F 11 -10.95 9.68 53.59
N ILE F 12 -9.64 9.93 53.72
CA ILE F 12 -9.16 11.04 54.52
C ILE F 12 -9.60 12.37 53.92
N VAL F 13 -9.53 12.49 52.59
CA VAL F 13 -9.84 13.74 51.92
C VAL F 13 -11.29 14.14 52.20
N ARG F 14 -12.21 13.18 52.11
CA ARG F 14 -13.60 13.47 52.41
C ARG F 14 -13.79 13.92 53.86
N VAL F 15 -13.01 13.34 54.77
CA VAL F 15 -13.10 13.73 56.18
C VAL F 15 -12.59 15.16 56.37
N LEU F 16 -11.45 15.47 55.77
CA LEU F 16 -10.86 16.80 55.95
C LEU F 16 -11.76 17.88 55.37
N VAL F 17 -12.48 17.56 54.30
CA VAL F 17 -13.40 18.54 53.71
C VAL F 17 -14.48 18.91 54.72
N ASP F 18 -15.04 17.90 55.39
CA ASP F 18 -16.10 18.18 56.37
C ASP F 18 -15.52 18.77 57.66
N VAL F 19 -14.37 18.28 58.10
CA VAL F 19 -13.83 18.67 59.40
C VAL F 19 -13.21 20.06 59.29
N ILE F 20 -12.18 20.20 58.46
CA ILE F 20 -11.58 21.52 58.23
C ILE F 20 -11.87 21.95 56.80
N GLY F 21 -13.01 22.60 56.59
CA GLY F 21 -13.37 23.09 55.29
C GLY F 21 -13.72 24.56 55.34
N HIS F 22 -14.10 25.03 56.51
CA HIS F 22 -14.56 26.40 56.71
C HIS F 22 -13.39 27.38 56.73
N ARG F 23 -12.18 26.88 56.51
CA ARG F 23 -11.00 27.75 56.52
C ARG F 23 -10.14 27.62 55.28
N LEU F 24 -10.53 26.81 54.31
CA LEU F 24 -9.81 26.66 53.05
C LEU F 24 -10.51 27.47 51.96
N ALA F 25 -10.00 27.36 50.74
CA ALA F 25 -10.58 28.05 49.59
C ALA F 25 -11.57 27.15 48.87
N ARG F 26 -12.35 27.76 47.99
CA ARG F 26 -13.38 27.06 47.25
C ARG F 26 -13.11 27.20 45.75
N ASP F 27 -13.32 26.12 45.03
CA ASP F 27 -13.12 26.09 43.59
C ASP F 27 -14.42 26.48 42.89
N LYS F 28 -14.48 26.26 41.58
CA LYS F 28 -15.65 26.66 40.80
C LYS F 28 -16.92 25.91 41.20
N ASN F 29 -16.80 24.80 41.90
CA ASN F 29 -17.95 24.04 42.40
C ASN F 29 -18.15 24.26 43.89
N ASN F 30 -17.50 25.29 44.43
CA ASN F 30 -17.58 25.64 45.84
C ASN F 30 -17.22 24.43 46.69
N ARG F 31 -16.15 23.75 46.32
CA ARG F 31 -15.65 22.58 47.05
C ARG F 31 -14.35 22.95 47.75
N PRO F 32 -14.24 22.77 49.06
CA PRO F 32 -12.98 23.08 49.75
C PRO F 32 -11.80 22.37 49.13
N ASN F 33 -10.69 23.09 48.95
CA ASN F 33 -9.57 22.57 48.18
C ASN F 33 -8.73 21.59 48.98
N VAL F 34 -9.16 20.33 49.01
CA VAL F 34 -8.39 19.23 49.59
C VAL F 34 -8.07 18.27 48.46
N ILE F 35 -6.79 18.07 48.17
CA ILE F 35 -6.35 17.30 47.03
C ILE F 35 -5.40 16.19 47.49
N ARG F 36 -5.27 15.18 46.66
CA ARG F 36 -4.27 14.13 46.89
C ARG F 36 -2.94 14.57 46.31
N ALA F 37 -1.86 14.18 46.97
CA ALA F 37 -0.54 14.62 46.55
C ALA F 37 -0.19 14.05 45.17
N TYR F 38 0.65 14.81 44.45
CA TYR F 38 1.09 14.47 43.11
C TYR F 38 -0.11 14.19 42.21
N PRO F 39 -0.99 15.17 41.99
CA PRO F 39 -2.20 14.92 41.21
C PRO F 39 -1.86 14.55 39.78
N SER F 40 -2.63 13.61 39.23
CA SER F 40 -2.41 13.14 37.87
C SER F 40 -3.62 12.36 37.40
N ASP F 41 -4.12 12.71 36.23
CA ASP F 41 -5.20 11.97 35.59
C ASP F 41 -4.63 10.88 34.71
N ASN F 42 -5.45 10.32 33.81
CA ASN F 42 -5.00 9.27 32.91
C ASN F 42 -3.67 9.62 32.26
N SER F 43 -2.83 8.60 32.10
CA SER F 43 -1.46 8.75 31.59
C SER F 43 -0.72 9.85 32.33
N ASN F 44 -0.29 10.88 31.61
CA ASN F 44 0.54 11.94 32.18
C ASN F 44 -0.19 13.26 32.34
N ASP F 45 -1.51 13.27 32.33
CA ASP F 45 -2.25 14.51 32.54
C ASP F 45 -2.05 15.00 33.96
N LYS F 46 -1.26 16.05 34.14
CA LYS F 46 -0.89 16.53 35.46
C LYS F 46 -2.04 17.34 36.06
N GLY F 47 -1.87 17.79 37.29
CA GLY F 47 -2.90 18.56 37.96
C GLY F 47 -2.35 19.90 38.42
N LEU F 48 -3.16 20.93 38.24
CA LEU F 48 -2.78 22.30 38.57
C LEU F 48 -2.77 22.49 40.08
N LYS F 49 -1.94 23.41 40.52
CA LYS F 49 -1.90 23.77 41.93
C LYS F 49 -3.17 24.53 42.30
N PRO F 50 -3.95 24.07 43.27
CA PRO F 50 -5.21 24.74 43.59
C PRO F 50 -5.01 26.10 44.24
N ASP F 51 -6.10 26.74 44.63
CA ASP F 51 -6.03 28.06 45.24
C ASP F 51 -5.39 27.96 46.62
N GLN F 52 -5.12 29.11 47.22
CA GLN F 52 -4.41 29.18 48.49
C GLN F 52 -5.34 28.76 49.63
N PRO F 53 -4.91 28.81 50.92
CA PRO F 53 -5.29 27.74 51.85
C PRO F 53 -5.88 26.49 51.22
N PHE F 54 -5.01 25.57 50.79
CA PHE F 54 -5.41 24.26 50.32
C PHE F 54 -4.63 23.20 51.08
N ILE F 55 -5.18 21.98 51.11
CA ILE F 55 -4.63 20.88 51.88
C ILE F 55 -4.22 19.77 50.93
N THR F 56 -3.03 19.21 51.17
CA THR F 56 -2.49 18.13 50.37
C THR F 56 -2.32 16.90 51.25
N VAL F 57 -2.88 15.77 50.81
CA VAL F 57 -2.84 14.51 51.55
C VAL F 57 -1.90 13.56 50.83
N TYR F 58 -0.98 12.96 51.57
CA TYR F 58 0.04 12.10 50.99
C TYR F 58 0.34 10.96 51.96
N CYS F 59 0.09 9.73 51.53
CA CYS F 59 0.39 8.54 52.31
C CYS F 59 1.87 8.21 52.10
N GLN F 60 2.67 8.47 53.14
CA GLN F 60 4.12 8.35 53.02
C GLN F 60 4.57 6.93 52.74
N ASP F 61 4.12 5.98 53.55
CA ASP F 61 4.45 4.57 53.34
C ASP F 61 3.49 3.72 54.16
N ALA F 62 3.79 2.42 54.27
CA ALA F 62 2.95 1.52 55.06
C ALA F 62 3.79 0.44 55.73
N THR F 63 4.13 0.64 56.99
CA THR F 63 4.98 -0.29 57.72
C THR F 63 4.14 -1.26 58.55
N THR F 64 4.75 -2.39 58.90
CA THR F 64 4.12 -3.43 59.70
C THR F 64 5.01 -3.77 60.88
N PRO F 65 5.07 -2.90 61.89
CA PRO F 65 5.92 -3.19 63.05
C PRO F 65 5.18 -4.01 64.10
N TYR F 66 4.04 -4.56 63.72
CA TYR F 66 3.17 -5.28 64.64
C TYR F 66 3.19 -6.77 64.38
N GLY F 67 4.26 -7.28 63.80
CA GLY F 67 4.37 -8.69 63.50
C GLY F 67 3.85 -9.01 62.10
N TRP F 68 4.32 -10.14 61.58
CA TRP F 68 4.00 -10.57 60.22
C TRP F 68 2.50 -10.80 60.05
N VAL F 69 1.91 -11.60 60.94
CA VAL F 69 0.49 -11.90 60.88
C VAL F 69 -0.11 -11.68 62.26
N LEU F 70 -1.18 -10.89 62.33
CA LEU F 70 -1.88 -10.68 63.59
C LEU F 70 -2.69 -11.89 64.01
N ASP F 71 -3.41 -12.53 63.08
CA ASP F 71 -4.12 -13.77 63.36
C ASP F 71 -4.54 -14.40 62.04
N LYS F 72 -4.86 -15.69 62.08
CA LYS F 72 -5.33 -16.44 60.93
C LYS F 72 -6.60 -17.17 61.33
N PHE F 73 -7.73 -16.79 60.74
CA PHE F 73 -9.00 -17.44 60.98
C PHE F 73 -9.47 -18.09 59.68
N VAL F 74 -10.54 -18.88 59.80
CA VAL F 74 -11.10 -19.60 58.67
C VAL F 74 -12.51 -19.09 58.46
N GLU F 75 -12.77 -18.49 57.29
CA GLU F 75 -14.10 -18.09 56.90
C GLU F 75 -14.82 -19.30 56.33
N ASP F 76 -15.96 -19.10 55.66
CA ASP F 76 -16.83 -20.16 55.20
C ASP F 76 -16.07 -21.36 54.64
N ASP F 77 -15.27 -21.15 53.60
CA ASP F 77 -14.44 -22.23 53.09
C ASP F 77 -13.07 -21.74 52.67
N ALA F 78 -12.62 -20.62 53.22
CA ALA F 78 -11.35 -20.01 52.81
C ALA F 78 -10.57 -19.57 54.03
N VAL F 79 -9.26 -19.81 53.98
CA VAL F 79 -8.35 -19.35 55.03
C VAL F 79 -8.08 -17.87 54.81
N CYS F 80 -8.33 -17.06 55.85
CA CYS F 80 -8.18 -15.61 55.77
C CYS F 80 -7.06 -15.18 56.71
N TYR F 81 -6.09 -14.44 56.18
CA TYR F 81 -5.03 -13.86 56.98
C TYR F 81 -5.38 -12.41 57.31
N ARG F 82 -5.08 -12.01 58.53
CA ARG F 82 -5.28 -10.63 58.98
C ARG F 82 -3.93 -10.06 59.40
N ILE F 83 -3.44 -9.10 58.63
CA ILE F 83 -2.17 -8.43 58.91
C ILE F 83 -2.47 -7.03 59.41
N ALA F 84 -1.68 -6.57 60.37
CA ALA F 84 -1.84 -5.26 60.98
C ALA F 84 -0.84 -4.29 60.37
N PHE F 85 -1.34 -3.17 59.85
CA PHE F 85 -0.52 -2.16 59.21
C PHE F 85 -0.56 -0.86 59.98
N GLN F 86 0.43 -0.01 59.73
CA GLN F 86 0.50 1.32 60.32
C GLN F 86 0.91 2.29 59.21
N ILE F 87 0.00 3.18 58.84
CA ILE F 87 0.15 4.02 57.66
C ILE F 87 0.42 5.46 58.12
N PRO F 88 1.61 6.00 57.92
CA PRO F 88 1.83 7.43 58.18
C PRO F 88 1.34 8.31 57.04
N VAL F 89 0.29 9.08 57.27
CA VAL F 89 -0.28 9.98 56.28
C VAL F 89 0.20 11.38 56.58
N LEU F 90 0.69 12.08 55.56
CA LEU F 90 1.24 13.43 55.70
C LEU F 90 0.21 14.42 55.20
N ILE F 91 -0.39 15.17 56.12
CA ILE F 91 -1.30 16.25 55.78
C ILE F 91 -0.56 17.57 55.89
N THR F 92 -0.54 18.34 54.81
CA THR F 92 0.19 19.60 54.76
C THR F 92 -0.75 20.70 54.25
N VAL F 93 -0.77 21.82 54.96
CA VAL F 93 -1.59 22.96 54.56
C VAL F 93 -0.70 24.04 53.97
N ASN F 94 -1.05 24.51 52.78
CA ASN F 94 -0.26 25.52 52.08
C ASN F 94 -1.05 26.80 51.97
N GLY F 95 -0.36 27.94 52.08
CA GLY F 95 -1.00 29.23 51.98
C GLY F 95 -0.71 30.13 53.16
N LYS F 96 -1.15 31.39 53.08
CA LYS F 96 -0.94 32.33 54.17
C LYS F 96 -1.77 31.91 55.38
N GLY F 97 -1.16 31.94 56.56
CA GLY F 97 -1.82 31.50 57.77
C GLY F 97 -2.05 30.00 57.77
N ALA F 98 -1.08 29.25 57.23
CA ALA F 98 -1.19 27.80 57.21
C ALA F 98 -1.06 27.21 58.61
N HIS F 99 -0.20 27.80 59.44
CA HIS F 99 0.02 27.28 60.78
C HIS F 99 -1.24 27.35 61.63
N SER F 100 -1.97 28.46 61.54
CA SER F 100 -3.21 28.61 62.28
C SER F 100 -4.24 27.57 61.83
N ILE F 101 -4.32 27.33 60.52
CA ILE F 101 -5.24 26.33 59.99
C ILE F 101 -4.86 24.94 60.47
N MET F 102 -3.55 24.64 60.41
CA MET F 102 -3.09 23.31 60.80
C MET F 102 -3.35 23.04 62.27
N LEU F 103 -3.16 24.06 63.11
CA LEU F 103 -3.37 23.91 64.55
C LEU F 103 -4.83 23.57 64.86
N GLU F 104 -5.77 24.17 64.13
CA GLU F 104 -7.18 23.89 64.35
C GLU F 104 -7.49 22.43 64.05
N LEU F 105 -6.89 21.89 62.99
CA LEU F 105 -7.13 20.49 62.63
C LEU F 105 -6.62 19.54 63.71
N LYS F 106 -5.45 19.83 64.27
CA LYS F 106 -4.90 18.99 65.33
C LYS F 106 -5.84 18.97 66.54
N GLN F 107 -6.33 20.13 66.95
CA GLN F 107 -7.22 20.20 68.10
C GLN F 107 -8.58 19.62 67.74
N ARG F 108 -8.82 19.41 66.45
CA ARG F 108 -10.07 18.82 65.98
C ARG F 108 -9.94 17.34 65.62
N LEU F 109 -8.72 16.83 65.44
CA LEU F 109 -8.51 15.41 65.20
C LEU F 109 -8.54 14.58 66.47
N GLU F 110 -8.60 15.23 67.63
CA GLU F 110 -8.70 14.52 68.91
C GLU F 110 -10.13 14.35 69.39
N MET F 111 -11.05 15.19 68.91
CA MET F 111 -12.44 15.08 69.32
C MET F 111 -13.01 13.72 68.95
N SER F 112 -13.78 13.14 69.87
CA SER F 112 -14.29 11.79 69.68
C SER F 112 -15.20 11.71 68.46
N THR F 113 -16.00 12.76 68.23
CA THR F 113 -16.90 12.78 67.09
C THR F 113 -16.14 12.72 65.77
N THR F 114 -15.05 13.48 65.67
CA THR F 114 -14.27 13.48 64.44
C THR F 114 -13.62 12.12 64.19
N ARG F 115 -13.00 11.54 65.24
CA ARG F 115 -12.36 10.25 65.08
C ARG F 115 -13.37 9.15 64.75
N ASP F 116 -14.57 9.23 65.31
CA ASP F 116 -15.61 8.28 64.95
C ASP F 116 -16.00 8.43 63.49
N TYR F 117 -16.09 9.66 62.99
CA TYR F 117 -16.32 9.89 61.57
C TYR F 117 -15.19 9.31 60.74
N LEU F 118 -13.95 9.59 61.15
CA LEU F 118 -12.79 9.06 60.44
C LEU F 118 -12.73 7.53 60.49
N ALA F 119 -13.16 6.92 61.59
CA ALA F 119 -13.22 5.46 61.66
C ALA F 119 -14.14 4.87 60.62
N ASP F 120 -15.19 5.60 60.23
CA ASP F 120 -16.06 5.19 59.15
C ASP F 120 -15.50 5.72 57.82
N MET F 121 -15.82 5.03 56.73
CA MET F 121 -15.41 5.39 55.37
C MET F 121 -13.90 5.25 55.15
N THR F 122 -13.15 4.93 56.19
CA THR F 122 -11.73 4.60 56.03
C THR F 122 -11.45 3.21 56.59
N GLY F 123 -11.96 2.94 57.78
CA GLY F 123 -11.68 1.70 58.49
C GLY F 123 -10.46 1.75 59.39
N ALA F 124 -9.77 2.87 59.49
CA ALA F 124 -8.58 3.01 60.32
C ALA F 124 -8.88 3.97 61.47
N SER F 125 -7.97 3.98 62.45
CA SER F 125 -8.10 4.83 63.63
C SER F 125 -6.79 5.55 63.85
N VAL F 126 -6.86 6.80 64.30
CA VAL F 126 -5.67 7.60 64.50
C VAL F 126 -4.84 7.01 65.63
N LEU F 127 -3.53 6.91 65.40
CA LEU F 127 -2.61 6.47 66.45
C LEU F 127 -2.00 7.64 67.19
N ASP F 128 -1.42 8.60 66.48
CA ASP F 128 -0.89 9.81 67.08
C ASP F 128 -0.72 10.86 65.99
N THR F 129 -0.50 12.09 66.43
CA THR F 129 -0.24 13.21 65.53
C THR F 129 1.11 13.82 65.86
N GLY F 130 1.93 14.03 64.85
CA GLY F 130 3.26 14.58 65.03
C GLY F 130 3.25 16.06 65.38
N ALA F 131 4.39 16.71 65.15
CA ALA F 131 4.54 18.13 65.42
C ALA F 131 4.30 18.92 64.15
N ILE F 132 3.92 20.19 64.31
CA ILE F 132 3.62 21.05 63.17
C ILE F 132 4.74 22.07 63.01
N PRO F 133 5.62 21.90 62.03
CA PRO F 133 6.67 22.90 61.80
C PRO F 133 6.18 24.04 60.92
N ASN F 134 6.34 25.27 61.38
CA ASN F 134 5.98 26.43 60.58
C ASN F 134 7.03 26.66 59.50
N ASP F 135 6.78 26.13 58.30
CA ASP F 135 7.76 26.14 57.22
C ASP F 135 7.51 27.32 56.29
N TYR F 136 8.59 28.01 55.91
CA TYR F 136 8.55 29.07 54.91
C TYR F 136 9.49 28.70 53.78
N THR F 137 8.93 28.53 52.59
CA THR F 137 9.71 28.19 51.41
C THR F 137 9.61 29.30 50.37
N TYR F 138 10.71 29.49 49.64
CA TYR F 138 10.84 30.57 48.66
C TYR F 138 10.55 30.01 47.28
N LEU F 139 9.41 30.40 46.70
CA LEU F 139 9.03 29.82 45.42
C LEU F 139 9.72 30.54 44.26
N ASN F 140 9.31 31.76 43.98
CA ASN F 140 10.00 32.61 43.01
C ASN F 140 10.21 34.03 43.49
N THR F 141 9.21 34.62 44.15
CA THR F 141 9.27 36.01 44.61
C THR F 141 9.05 36.14 46.11
N ASP F 142 8.02 35.48 46.64
CA ASP F 142 7.67 35.56 48.04
C ASP F 142 7.84 34.19 48.69
N PHE F 143 7.47 34.12 49.97
CA PHE F 143 7.58 32.89 50.75
C PHE F 143 6.20 32.29 50.95
N GLU F 144 6.07 31.00 50.67
CA GLU F 144 4.82 30.28 50.84
C GLU F 144 4.87 29.54 52.17
N ASN F 145 3.83 29.74 52.99
CA ASN F 145 3.75 29.07 54.28
C ASN F 145 3.16 27.68 54.11
N SER F 146 3.84 26.69 54.69
CA SER F 146 3.36 25.32 54.71
C SER F 146 3.52 24.75 56.11
N ALA F 147 2.54 23.96 56.54
CA ALA F 147 2.50 23.39 57.87
C ALA F 147 2.24 21.89 57.77
N PRO F 148 3.27 21.11 57.44
CA PRO F 148 3.09 19.66 57.33
C PRO F 148 2.80 19.03 58.68
N LEU F 149 2.03 17.95 58.65
CA LEU F 149 1.71 17.19 59.84
C LEU F 149 1.62 15.71 59.47
N VAL F 150 2.20 14.86 60.30
CA VAL F 150 2.23 13.43 60.02
C VAL F 150 1.23 12.69 60.91
N VAL F 151 0.06 12.41 60.37
CA VAL F 151 -0.95 11.64 61.09
C VAL F 151 -0.70 10.16 60.83
N THR F 152 -0.57 9.38 61.90
CA THR F 152 -0.26 7.96 61.80
C THR F 152 -1.54 7.16 62.02
N LEU F 153 -1.92 6.36 61.04
CA LEU F 153 -3.11 5.53 61.12
C LEU F 153 -2.73 4.06 61.25
N VAL F 154 -3.60 3.31 61.91
CA VAL F 154 -3.45 1.87 62.07
C VAL F 154 -4.70 1.18 61.56
N LYS F 155 -4.51 0.14 60.75
CA LYS F 155 -5.64 -0.56 60.16
C LYS F 155 -5.29 -2.03 59.99
N ASN F 156 -6.31 -2.87 60.02
CA ASN F 156 -6.17 -4.31 59.83
C ASN F 156 -6.68 -4.70 58.46
N SER F 157 -5.86 -5.42 57.72
CA SER F 157 -6.20 -5.87 56.38
C SER F 157 -6.43 -7.37 56.40
N VAL F 158 -7.55 -7.82 55.83
CA VAL F 158 -7.92 -9.22 55.79
C VAL F 158 -7.93 -9.66 54.33
N LEU F 159 -7.11 -10.65 54.01
CA LEU F 159 -7.05 -11.22 52.68
C LEU F 159 -7.34 -12.71 52.74
N LYS F 160 -8.04 -13.20 51.72
CA LYS F 160 -8.44 -14.60 51.66
C LYS F 160 -7.52 -15.35 50.70
N ASP F 161 -7.02 -16.50 51.17
CA ASP F 161 -6.19 -17.38 50.34
C ASP F 161 -7.13 -18.35 49.64
N GLU F 162 -7.26 -18.20 48.33
CA GLU F 162 -8.20 -19.00 47.55
C GLU F 162 -7.70 -20.43 47.35
N ARG F 163 -6.60 -20.79 48.00
CA ARG F 163 -6.03 -22.11 47.93
C ARG F 163 -5.91 -22.75 49.31
N GLY F 164 -6.96 -22.60 50.13
CA GLY F 164 -6.92 -23.07 51.50
C GLY F 164 -7.17 -24.55 51.67
N SER F 165 -8.35 -25.02 51.27
CA SER F 165 -8.69 -26.44 51.31
C SER F 165 -8.61 -27.01 52.73
N ILE F 166 -9.47 -26.55 53.62
CA ILE F 166 -9.40 -26.85 55.05
C ILE F 166 -9.59 -28.33 55.33
N ILE F 167 -9.26 -28.77 56.54
CA ILE F 167 -9.38 -30.16 56.96
C ILE F 167 -10.83 -30.45 57.31
N GLU F 168 -11.31 -31.61 56.88
CA GLU F 168 -12.63 -32.08 57.30
C GLU F 168 -12.65 -33.53 57.74
N ARG F 169 -11.58 -34.30 57.53
CA ARG F 169 -11.53 -35.70 57.89
C ARG F 169 -10.12 -36.04 58.34
N VAL F 170 -10.01 -36.89 59.35
CA VAL F 170 -8.72 -37.33 59.87
C VAL F 170 -8.72 -38.85 59.97
N ILE F 171 -7.67 -39.48 59.46
CA ILE F 171 -7.51 -40.92 59.48
C ILE F 171 -6.24 -41.22 60.26
N VAL F 172 -6.38 -41.88 61.40
CA VAL F 172 -5.26 -42.17 62.28
C VAL F 172 -5.02 -43.67 62.33
N ASP F 173 -3.78 -44.09 62.09
CA ASP F 173 -3.37 -45.48 62.23
C ASP F 173 -2.34 -45.56 63.35
N GLY F 174 -2.65 -46.31 64.39
CA GLY F 174 -1.76 -46.41 65.54
C GLY F 174 -1.52 -47.85 65.92
N GLU F 175 -0.36 -48.10 66.51
CA GLU F 175 0.03 -49.42 66.97
C GLU F 175 0.54 -49.33 68.40
N LEU F 176 0.28 -50.39 69.17
CA LEU F 176 0.72 -50.50 70.55
C LEU F 176 1.69 -51.66 70.67
N VAL F 177 2.83 -51.42 71.30
CA VAL F 177 3.86 -52.44 71.44
C VAL F 177 4.28 -52.55 72.89
N TYR F 178 5.11 -53.54 73.20
CA TYR F 178 5.66 -53.72 74.55
C TYR F 178 7.05 -53.11 74.70
N GLU F 179 7.84 -53.11 73.64
CA GLU F 179 9.17 -52.50 73.67
C GLU F 179 9.39 -51.80 72.33
N GLU F 180 10.40 -50.93 72.29
CA GLU F 180 10.72 -50.23 71.07
C GLU F 180 11.19 -51.22 70.00
N GLY F 181 10.33 -51.46 69.02
CA GLY F 181 10.59 -52.49 68.03
C GLY F 181 9.35 -53.34 67.81
N GLN F 182 9.48 -54.65 68.00
CA GLN F 182 8.35 -55.58 67.92
C GLN F 182 7.61 -55.42 66.60
N GLU F 183 8.27 -55.77 65.49
CA GLU F 183 7.75 -55.64 64.13
C GLU F 183 6.28 -56.05 64.03
N PRO F 184 5.85 -57.15 64.65
CA PRO F 184 4.41 -57.38 64.79
C PRO F 184 3.84 -56.61 65.97
N PRO F 185 3.05 -55.56 65.73
CA PRO F 185 2.51 -54.78 66.84
C PRO F 185 1.56 -55.63 67.68
N GLU F 186 1.55 -55.36 68.98
CA GLU F 186 0.68 -56.09 69.89
C GLU F 186 -0.79 -55.79 69.60
N TYR F 187 -1.10 -54.52 69.34
CA TYR F 187 -2.46 -54.12 69.01
C TYR F 187 -2.41 -52.95 68.04
N THR F 188 -3.36 -52.92 67.12
CA THR F 188 -3.40 -51.91 66.06
C THR F 188 -4.64 -51.06 66.22
N ILE F 189 -4.47 -49.76 66.01
CA ILE F 189 -5.54 -48.78 66.13
C ILE F 189 -5.74 -48.13 64.76
N HIS F 190 -6.98 -48.14 64.28
CA HIS F 190 -7.34 -47.41 63.07
C HIS F 190 -8.52 -46.50 63.39
N LEU F 191 -8.35 -45.21 63.17
CA LEU F 191 -9.37 -44.22 63.46
C LEU F 191 -9.77 -43.50 62.19
N ASP F 192 -11.03 -43.06 62.13
CA ASP F 192 -11.54 -42.32 60.98
C ASP F 192 -12.63 -41.38 61.49
N VAL F 193 -12.30 -40.10 61.58
CA VAL F 193 -13.24 -39.12 62.11
C VAL F 193 -13.59 -38.13 60.99
N ASP F 194 -14.90 -37.89 60.83
CA ASP F 194 -15.38 -37.02 59.78
C ASP F 194 -16.17 -35.86 60.37
N SER F 195 -16.41 -34.85 59.55
CA SER F 195 -17.19 -33.70 60.00
C SER F 195 -18.69 -33.92 59.85
N LYS F 196 -19.10 -35.08 59.37
CA LYS F 196 -20.53 -35.38 59.19
C LYS F 196 -21.05 -36.13 60.41
N GLN G 5 16.70 -24.95 54.20
CA GLN G 5 15.84 -25.19 55.35
C GLN G 5 16.39 -24.41 56.56
N GLN G 6 16.31 -23.09 56.48
CA GLN G 6 16.79 -22.22 57.53
C GLN G 6 15.63 -21.79 58.42
N TYR G 7 15.98 -21.22 59.58
CA TYR G 7 14.97 -20.76 60.52
C TYR G 7 14.30 -19.50 59.99
N SER G 8 12.97 -19.51 59.97
CA SER G 8 12.18 -18.34 59.62
C SER G 8 11.04 -18.23 60.62
N PRO G 9 10.84 -17.06 61.23
CA PRO G 9 9.84 -16.94 62.29
C PRO G 9 8.41 -17.04 61.79
N LYS G 10 8.24 -17.11 60.48
CA LYS G 10 6.90 -17.18 59.89
C LYS G 10 6.32 -18.59 59.87
N ASP G 11 7.13 -19.61 60.15
CA ASP G 11 6.64 -20.99 60.17
C ASP G 11 6.50 -21.55 61.58
N VAL G 12 7.07 -20.90 62.59
CA VAL G 12 6.94 -21.37 63.95
C VAL G 12 5.48 -21.26 64.38
N VAL G 13 4.88 -22.37 64.76
CA VAL G 13 3.50 -22.41 65.20
C VAL G 13 3.43 -23.14 66.54
N CYS G 14 2.62 -22.62 67.45
CA CYS G 14 2.40 -23.22 68.75
C CYS G 14 0.90 -23.45 68.95
N SER G 15 0.57 -24.59 69.56
CA SER G 15 -0.83 -24.95 69.73
C SER G 15 -1.02 -25.58 71.09
N TRP G 16 -2.01 -25.07 71.83
CA TRP G 16 -2.32 -25.55 73.17
C TRP G 16 -3.82 -25.67 73.34
N ASN G 17 -4.26 -26.77 73.94
CA ASN G 17 -5.68 -27.00 74.23
C ASN G 17 -6.52 -26.95 72.96
N GLY G 18 -5.93 -27.34 71.83
CA GLY G 18 -6.64 -27.36 70.57
C GLY G 18 -6.72 -26.04 69.84
N ILE G 19 -6.11 -24.98 70.38
CA ILE G 19 -6.16 -23.66 69.75
C ILE G 19 -4.86 -23.44 68.98
N ALA G 20 -4.79 -22.35 68.21
CA ALA G 20 -3.77 -22.15 67.20
C ALA G 20 -3.03 -20.84 67.47
N ILE G 21 -2.51 -20.71 68.70
CA ILE G 21 -1.89 -19.49 69.20
C ILE G 21 -1.01 -18.85 68.12
N GLU G 22 -1.26 -17.58 67.86
CA GLU G 22 -0.70 -16.89 66.70
C GLU G 22 -0.72 -15.39 66.94
N GLY G 23 0.06 -14.67 66.13
CA GLY G 23 0.19 -13.24 66.29
C GLY G 23 1.32 -12.89 67.23
N PHE G 24 2.49 -13.48 67.00
CA PHE G 24 3.62 -13.31 67.89
C PHE G 24 4.22 -11.92 67.74
N ALA G 25 4.88 -11.47 68.80
CA ALA G 25 5.57 -10.19 68.75
C ALA G 25 6.79 -10.28 67.86
N PRO G 26 7.17 -9.18 67.20
CA PRO G 26 8.34 -9.23 66.30
C PRO G 26 9.63 -9.62 67.00
N ASP G 27 9.82 -9.21 68.24
CA ASP G 27 11.00 -9.55 69.02
C ASP G 27 10.83 -10.95 69.58
N SER G 28 11.69 -11.33 70.54
CA SER G 28 11.62 -12.65 71.17
C SER G 28 10.20 -12.95 71.65
N PHE G 29 9.58 -13.97 71.07
CA PHE G 29 8.19 -14.30 71.36
C PHE G 29 7.99 -15.68 71.96
N LEU G 30 9.00 -16.55 71.92
CA LEU G 30 8.92 -17.86 72.54
C LEU G 30 10.19 -18.12 73.32
N ARG G 31 10.04 -18.63 74.55
CA ARG G 31 11.20 -18.77 75.44
C ARG G 31 10.98 -20.01 76.31
N LEU G 32 11.57 -21.13 75.89
CA LEU G 32 11.51 -22.34 76.68
C LEU G 32 12.72 -22.44 77.60
N GLN G 33 12.51 -23.06 78.76
CA GLN G 33 13.57 -23.16 79.75
C GLN G 33 13.24 -24.20 80.80
N ARG G 34 14.18 -25.10 81.08
CA ARG G 34 14.02 -26.05 82.16
C ARG G 34 14.31 -25.38 83.49
N THR G 35 13.50 -25.70 84.49
CA THR G 35 13.59 -25.03 85.78
C THR G 35 14.76 -25.53 86.63
N SER G 36 15.37 -26.65 86.29
CA SER G 36 16.47 -27.20 87.05
C SER G 36 17.52 -27.76 86.11
N PRO G 37 18.80 -27.71 86.49
CA PRO G 37 19.84 -28.31 85.66
C PRO G 37 19.73 -29.83 85.65
N LEU G 38 20.29 -30.44 84.61
CA LEU G 38 20.24 -31.89 84.48
C LEU G 38 20.91 -32.56 85.67
N VAL G 39 22.16 -32.17 85.96
CA VAL G 39 22.90 -32.71 87.09
C VAL G 39 23.46 -31.55 87.91
N THR G 40 23.61 -31.79 89.20
CA THR G 40 24.24 -30.84 90.11
C THR G 40 25.44 -31.54 90.74
N PRO G 41 26.64 -31.36 90.18
CA PRO G 41 27.82 -32.03 90.75
C PRO G 41 28.09 -31.54 92.16
N VAL G 42 28.48 -32.47 93.02
CA VAL G 42 28.89 -32.16 94.38
C VAL G 42 30.36 -32.54 94.50
N VAL G 43 31.18 -31.60 94.94
CA VAL G 43 32.63 -31.78 94.98
C VAL G 43 33.02 -31.98 96.44
N GLY G 44 33.65 -33.10 96.74
CA GLY G 44 34.11 -33.35 98.08
C GLY G 44 35.28 -32.46 98.45
N ALA G 45 35.54 -32.38 99.75
CA ALA G 45 36.66 -31.59 100.23
C ALA G 45 37.98 -32.12 99.68
N GLY G 46 38.09 -33.45 99.58
CA GLY G 46 39.28 -34.04 99.00
C GLY G 46 39.46 -33.70 97.53
N GLY G 47 38.37 -33.71 96.78
CA GLY G 47 38.43 -33.42 95.36
C GLY G 47 37.63 -34.40 94.53
N GLN G 48 37.13 -35.46 95.16
CA GLN G 48 36.31 -36.43 94.45
C GLN G 48 34.98 -35.80 94.04
N VAL G 49 34.48 -36.19 92.87
CA VAL G 49 33.31 -35.57 92.28
C VAL G 49 32.22 -36.63 92.15
N ALA G 50 31.04 -36.32 92.68
CA ALA G 50 29.86 -37.15 92.49
C ALA G 50 28.76 -36.33 91.83
N LEU G 51 27.92 -37.01 91.07
CA LEU G 51 26.87 -36.35 90.29
C LEU G 51 25.50 -36.75 90.83
N THR G 52 24.62 -35.77 90.97
CA THR G 52 23.25 -36.00 91.40
C THR G 52 22.33 -35.84 90.20
N ARG G 53 21.64 -36.91 89.84
CA ARG G 53 20.71 -36.88 88.70
C ARG G 53 19.39 -36.29 89.19
N ASN G 54 19.05 -35.13 88.63
CA ASN G 54 17.82 -34.44 89.00
C ASN G 54 16.61 -35.10 88.37
N ALA G 55 15.70 -35.58 89.22
CA ALA G 55 14.43 -36.13 88.74
C ALA G 55 13.35 -35.06 88.73
N ASP G 56 13.68 -33.94 88.08
CA ASP G 56 12.79 -32.79 87.99
C ASP G 56 13.02 -32.20 86.60
N LYS G 57 12.11 -32.49 85.67
CA LYS G 57 12.24 -32.05 84.28
C LYS G 57 11.21 -31.01 83.91
N THR G 58 10.56 -30.38 84.88
CA THR G 58 9.55 -29.37 84.58
C THR G 58 10.20 -28.16 83.93
N GLY G 59 9.41 -27.48 83.09
CA GLY G 59 9.91 -26.32 82.37
C GLY G 59 8.99 -25.13 82.45
N THR G 60 9.20 -24.15 81.55
CA THR G 60 8.38 -22.95 81.54
C THR G 60 8.38 -22.39 80.12
N ILE G 61 7.19 -22.23 79.55
CA ILE G 61 7.05 -21.69 78.21
C ILE G 61 6.44 -20.30 78.31
N GLU G 62 7.13 -19.31 77.75
CA GLU G 62 6.65 -17.93 77.75
C GLU G 62 6.37 -17.52 76.31
N ILE G 63 5.20 -16.93 76.09
CA ILE G 63 4.78 -16.52 74.75
C ILE G 63 4.48 -15.02 74.80
N GLU G 64 5.02 -14.28 73.83
CA GLU G 64 4.82 -12.84 73.76
C GLU G 64 3.94 -12.54 72.55
N LEU G 65 2.63 -12.51 72.78
CA LEU G 65 1.67 -12.13 71.75
C LEU G 65 1.36 -10.64 71.88
N MET G 66 1.16 -9.98 70.75
CA MET G 66 0.78 -8.58 70.79
C MET G 66 -0.68 -8.46 71.25
N GLN G 67 -0.99 -7.35 71.90
CA GLN G 67 -2.23 -7.25 72.67
C GLN G 67 -3.47 -7.41 71.79
N THR G 68 -3.42 -6.86 70.57
CA THR G 68 -4.61 -6.93 69.72
C THR G 68 -4.76 -8.27 69.02
N SER G 69 -3.81 -9.19 69.20
CA SER G 69 -3.92 -10.50 68.59
C SER G 69 -5.13 -11.24 69.14
N LEU G 70 -5.81 -11.98 68.25
CA LEU G 70 -7.06 -12.62 68.64
C LEU G 70 -6.81 -13.74 69.65
N SER G 71 -5.65 -14.40 69.57
CA SER G 71 -5.36 -15.49 70.49
C SER G 71 -5.32 -15.01 71.94
N ASN G 72 -5.14 -13.71 72.15
CA ASN G 72 -5.18 -13.17 73.50
C ASN G 72 -6.55 -13.36 74.13
N GLN G 73 -7.61 -13.13 73.36
CA GLN G 73 -8.96 -13.37 73.86
C GLN G 73 -9.23 -14.86 74.03
N MET G 74 -8.72 -15.69 73.12
CA MET G 74 -8.94 -17.12 73.22
C MET G 74 -8.31 -17.70 74.48
N LEU G 75 -7.06 -17.33 74.76
CA LEU G 75 -6.40 -17.81 75.95
C LEU G 75 -7.08 -17.30 77.21
N SER G 76 -7.48 -16.03 77.24
CA SER G 76 -8.16 -15.49 78.40
C SER G 76 -9.51 -16.15 78.61
N ALA G 77 -10.22 -16.46 77.52
CA ALA G 77 -11.50 -17.15 77.63
C ALA G 77 -11.32 -18.53 78.24
N ILE G 78 -10.27 -19.23 77.85
CA ILE G 78 -9.99 -20.55 78.44
C ILE G 78 -9.70 -20.41 79.93
N GLN G 79 -8.92 -19.40 80.30
CA GLN G 79 -8.57 -19.20 81.70
C GLN G 79 -9.81 -18.96 82.54
N ALA G 80 -10.73 -18.14 82.03
CA ALA G 80 -11.97 -17.87 82.76
C ALA G 80 -12.80 -19.14 82.92
N LYS G 81 -12.84 -19.97 81.88
CA LYS G 81 -13.56 -21.24 81.98
C LYS G 81 -12.87 -22.17 82.98
N GLN G 82 -11.54 -22.23 82.94
CA GLN G 82 -10.80 -23.13 83.81
C GLN G 82 -10.96 -22.79 85.29
N ASP G 83 -11.26 -21.54 85.63
CA ASP G 83 -11.49 -21.20 87.02
C ASP G 83 -12.81 -21.78 87.53
N ASP G 84 -13.82 -21.86 86.65
CA ASP G 84 -15.13 -22.33 87.07
C ASP G 84 -15.20 -23.86 87.12
N MET G 85 -14.25 -24.54 86.50
CA MET G 85 -14.27 -26.00 86.54
C MET G 85 -13.96 -26.50 87.95
N GLU G 86 -14.47 -27.68 88.26
CA GLU G 86 -14.23 -28.28 89.57
C GLU G 86 -12.77 -28.69 89.70
N LEU G 87 -12.36 -28.93 90.95
CA LEU G 87 -10.97 -29.28 91.23
C LEU G 87 -10.56 -30.62 90.61
N GLU G 88 -11.51 -31.53 90.39
CA GLU G 88 -11.16 -32.84 89.86
C GLU G 88 -10.80 -32.80 88.38
N GLU G 89 -11.38 -31.87 87.62
CA GLU G 89 -11.10 -31.80 86.19
C GLU G 89 -9.66 -31.36 85.94
N ASP G 90 -9.10 -31.83 84.84
CA ASP G 90 -7.76 -31.45 84.45
C ASP G 90 -7.74 -30.07 83.83
N ILE G 91 -6.57 -29.43 83.90
CA ILE G 91 -6.40 -28.08 83.38
C ILE G 91 -5.15 -28.00 82.51
N SER G 92 -4.64 -29.17 82.12
CA SER G 92 -3.38 -29.24 81.40
C SER G 92 -3.56 -29.99 80.08
N SER G 93 -2.76 -29.60 79.10
CA SER G 93 -2.74 -30.24 77.79
C SER G 93 -1.35 -30.06 77.20
N ASN G 94 -0.94 -31.02 76.37
CA ASN G 94 0.40 -30.97 75.81
C ASN G 94 0.57 -29.74 74.93
N PHE G 95 1.76 -29.14 74.99
CA PHE G 95 2.07 -27.90 74.28
C PHE G 95 3.00 -28.24 73.13
N VAL G 96 2.42 -28.47 71.95
CA VAL G 96 3.22 -28.84 70.79
C VAL G 96 3.73 -27.59 70.11
N ILE G 97 5.04 -27.52 69.91
CA ILE G 97 5.67 -26.43 69.18
C ILE G 97 6.33 -27.04 67.96
N TYR G 98 6.00 -26.53 66.78
CA TYR G 98 6.49 -27.07 65.52
C TYR G 98 7.27 -26.00 64.78
N ASP G 99 8.39 -26.41 64.18
CA ASP G 99 9.21 -25.53 63.37
C ASP G 99 9.91 -26.40 62.34
N PRO G 100 9.68 -26.18 61.04
CA PRO G 100 10.29 -27.06 60.03
C PRO G 100 11.81 -27.04 60.03
N SER G 101 12.43 -25.90 60.37
CA SER G 101 13.88 -25.81 60.31
C SER G 101 14.55 -26.63 61.41
N GLY G 102 13.81 -27.04 62.43
CA GLY G 102 14.37 -27.79 63.53
C GLY G 102 15.04 -26.95 64.59
N SER G 103 14.87 -25.63 64.57
CA SER G 103 15.46 -24.76 65.58
C SER G 103 14.94 -25.14 66.96
N VAL G 104 13.63 -25.29 67.09
CA VAL G 104 13.04 -25.74 68.34
C VAL G 104 12.51 -27.17 68.15
N LEU G 105 12.84 -28.04 69.11
CA LEU G 105 12.44 -29.44 69.06
C LEU G 105 12.01 -29.91 70.44
N ALA G 106 11.24 -29.07 71.13
CA ALA G 106 10.84 -29.37 72.50
C ALA G 106 9.31 -29.43 72.58
N THR G 107 8.82 -30.34 73.41
CA THR G 107 7.40 -30.52 73.64
C THR G 107 7.06 -30.05 75.06
N GLY G 108 5.80 -29.72 75.29
CA GLY G 108 5.36 -29.16 76.55
C GLY G 108 4.42 -30.07 77.32
N ILE G 109 4.78 -31.34 77.44
CA ILE G 109 3.94 -32.37 78.04
C ILE G 109 3.28 -31.88 79.32
N ASN G 110 1.94 -32.00 79.38
CA ASN G 110 1.15 -31.56 80.53
C ASN G 110 1.42 -30.10 80.87
N ALA G 111 1.10 -29.20 79.95
CA ALA G 111 1.34 -27.78 80.12
C ALA G 111 0.09 -27.11 80.68
N TRP G 112 0.29 -26.30 81.72
CA TRP G 112 -0.79 -25.53 82.33
C TRP G 112 -0.51 -24.05 82.17
N LEU G 113 -1.53 -23.23 82.45
CA LEU G 113 -1.41 -21.79 82.38
C LEU G 113 -0.98 -21.27 83.74
N GLN G 114 0.28 -20.81 83.84
CA GLN G 114 0.82 -20.40 85.14
C GLN G 114 0.42 -18.97 85.49
N GLU G 115 0.83 -18.00 84.68
CA GLU G 115 0.65 -16.59 84.98
C GLU G 115 -0.12 -15.90 83.87
N LEU G 116 -1.04 -15.02 84.26
CA LEU G 116 -1.76 -14.18 83.33
C LEU G 116 -0.82 -13.08 82.82
N PRO G 117 -1.11 -12.52 81.65
CA PRO G 117 -0.23 -11.49 81.09
C PRO G 117 -0.34 -10.18 81.86
N GLN G 118 0.64 -9.31 81.63
CA GLN G 118 0.70 -8.00 82.26
C GLN G 118 0.44 -6.95 81.17
N ILE G 119 -0.66 -6.23 81.31
CA ILE G 119 -1.03 -5.22 80.32
C ILE G 119 -0.22 -3.95 80.55
N GLU G 120 0.35 -3.42 79.47
CA GLU G 120 1.30 -2.31 79.55
C GLU G 120 0.92 -1.28 78.48
N LEU G 121 -0.34 -0.86 78.49
CA LEU G 121 -0.83 0.16 77.55
C LEU G 121 0.11 1.36 77.50
N GLY G 122 0.44 1.80 76.30
CA GLY G 122 1.34 2.93 76.12
C GLY G 122 1.07 3.69 74.85
N ARG G 123 2.01 4.53 74.41
CA ARG G 123 1.83 5.31 73.17
C ARG G 123 1.66 4.35 72.00
N ASP G 124 2.53 3.37 71.91
CA ASP G 124 2.49 2.39 70.84
C ASP G 124 1.80 1.12 71.34
N GLN G 125 1.83 0.07 70.52
CA GLN G 125 1.20 -1.20 70.84
C GLN G 125 2.23 -2.13 71.47
N ASN G 126 1.95 -2.59 72.68
CA ASN G 126 2.86 -3.46 73.40
C ASN G 126 2.39 -4.91 73.33
N SER G 127 3.16 -5.80 73.93
CA SER G 127 2.88 -7.23 73.91
C SER G 127 2.36 -7.69 75.27
N LYS G 128 1.72 -8.86 75.27
CA LYS G 128 1.23 -9.49 76.49
C LYS G 128 1.90 -10.84 76.61
N THR G 129 2.60 -11.07 77.71
CA THR G 129 3.42 -12.27 77.89
C THR G 129 2.62 -13.30 78.68
N TRP G 130 2.26 -14.40 78.03
CA TRP G 130 1.58 -15.51 78.67
C TRP G 130 2.63 -16.55 79.07
N ILE G 131 2.62 -16.96 80.34
CA ILE G 131 3.61 -17.89 80.87
C ILE G 131 2.91 -19.22 81.11
N PHE G 132 3.41 -20.27 80.46
CA PHE G 132 2.89 -21.62 80.63
C PHE G 132 3.91 -22.49 81.37
N GLY G 133 3.41 -23.26 82.32
CA GLY G 133 4.20 -24.30 82.96
C GLY G 133 4.17 -25.59 82.15
N CYS G 134 4.84 -26.60 82.68
CA CYS G 134 4.84 -27.93 82.07
C CYS G 134 5.45 -28.91 83.05
N GLU G 135 4.94 -30.14 83.03
CA GLU G 135 5.45 -31.19 83.90
C GLU G 135 6.75 -31.80 83.38
N LYS G 136 6.93 -31.88 82.06
CA LYS G 136 8.14 -32.43 81.49
C LYS G 136 8.49 -31.77 80.17
N LEU G 137 9.39 -30.79 80.19
CA LEU G 137 9.84 -30.18 78.95
C LEU G 137 10.79 -31.14 78.23
N ASP G 138 10.23 -31.94 77.33
CA ASP G 138 10.98 -33.02 76.69
C ASP G 138 11.65 -32.48 75.43
N TYR G 139 12.98 -32.43 75.46
CA TYR G 139 13.75 -32.07 74.27
C TYR G 139 13.91 -33.31 73.40
N THR G 140 13.59 -33.16 72.12
CA THR G 140 13.68 -34.24 71.15
C THR G 140 14.71 -33.88 70.08
N SER G 141 14.93 -34.81 69.15
CA SER G 141 15.88 -34.58 68.07
C SER G 141 15.49 -35.45 66.89
N THR G 142 15.82 -34.96 65.69
CA THR G 142 15.55 -35.73 64.48
C THR G 142 16.42 -36.98 64.41
N ILE G 143 17.65 -36.89 64.89
CA ILE G 143 18.59 -38.00 64.85
C ILE G 143 18.14 -39.07 65.83
N PRO G 144 17.96 -40.31 65.39
CA PRO G 144 17.61 -41.39 66.31
C PRO G 144 18.86 -41.93 67.01
N ALA G 145 18.65 -42.99 67.80
CA ALA G 145 19.76 -43.61 68.52
C ALA G 145 20.66 -44.40 67.57
N SER G 146 21.50 -43.69 66.83
CA SER G 146 22.40 -44.33 65.88
C SER G 146 23.57 -43.41 65.55
N TRP H 2 -46.91 -28.64 100.88
CA TRP H 2 -46.25 -28.44 102.16
C TRP H 2 -45.24 -29.55 102.43
N ASN H 3 -44.05 -29.16 102.90
CA ASN H 3 -43.01 -30.10 103.25
C ASN H 3 -42.43 -29.69 104.59
N PRO H 4 -42.01 -30.64 105.43
CA PRO H 4 -41.44 -30.28 106.72
C PRO H 4 -40.10 -29.57 106.56
N ILE H 5 -39.67 -28.89 107.63
CA ILE H 5 -38.40 -28.17 107.61
C ILE H 5 -37.25 -29.13 107.36
N VAL H 6 -37.25 -30.25 108.08
CA VAL H 6 -36.27 -31.32 107.88
C VAL H 6 -37.04 -32.61 107.64
N ASN H 7 -36.68 -33.33 106.58
CA ASN H 7 -37.37 -34.57 106.20
C ASN H 7 -36.37 -35.72 106.34
N VAL H 8 -36.56 -36.53 107.37
CA VAL H 8 -35.67 -37.63 107.69
C VAL H 8 -36.43 -38.94 107.56
N ASP H 9 -35.79 -39.93 106.93
CA ASP H 9 -36.39 -41.25 106.78
C ASP H 9 -35.37 -42.39 106.80
N ILE H 10 -35.10 -42.91 107.98
CA ILE H 10 -34.15 -44.00 108.13
C ILE H 10 -34.84 -45.32 107.86
N THR H 11 -34.12 -46.23 107.20
CA THR H 11 -34.61 -47.58 106.93
C THR H 11 -33.53 -48.56 107.33
N LEU H 12 -33.95 -49.74 107.80
CA LEU H 12 -33.00 -50.77 108.23
C LEU H 12 -32.50 -51.57 107.03
N ASN H 13 -32.01 -50.83 106.04
CA ASN H 13 -31.46 -51.42 104.82
C ASN H 13 -29.97 -51.62 105.03
N THR H 14 -29.23 -51.93 103.97
CA THR H 14 -27.81 -52.23 104.06
C THR H 14 -27.03 -51.21 103.21
N ALA H 15 -25.72 -51.43 103.08
CA ALA H 15 -24.82 -50.59 102.31
C ALA H 15 -24.96 -50.90 100.82
N GLY H 16 -23.98 -50.50 100.02
CA GLY H 16 -24.11 -50.63 98.58
C GLY H 16 -23.72 -49.38 97.81
N THR H 17 -22.90 -48.53 98.41
CA THR H 17 -22.31 -47.39 97.72
C THR H 17 -21.72 -47.82 96.39
N THR H 18 -22.05 -47.09 95.33
CA THR H 18 -21.71 -47.45 93.97
C THR H 18 -20.49 -46.67 93.50
N ARG H 19 -20.00 -47.05 92.32
CA ARG H 19 -18.88 -46.37 91.68
C ARG H 19 -19.12 -46.36 90.18
N GLU H 20 -18.60 -45.33 89.53
CA GLU H 20 -18.81 -45.11 88.10
C GLU H 20 -17.50 -45.33 87.35
N GLY H 21 -17.59 -45.98 86.21
CA GLY H 21 -16.42 -46.27 85.39
C GLY H 21 -16.78 -46.58 83.95
N PHE H 22 -15.77 -46.66 83.08
CA PHE H 22 -15.99 -46.90 81.67
C PHE H 22 -16.69 -48.24 81.43
N GLY H 23 -17.85 -48.20 80.80
CA GLY H 23 -18.56 -49.41 80.46
C GLY H 23 -19.87 -49.59 81.21
N LEU H 24 -20.93 -49.92 80.49
CA LEU H 24 -22.22 -50.19 81.10
C LEU H 24 -22.76 -51.50 80.55
N PRO H 25 -23.00 -52.50 81.40
CA PRO H 25 -23.42 -53.81 80.91
C PRO H 25 -24.80 -53.78 80.28
N LEU H 26 -24.99 -54.67 79.31
CA LEU H 26 -26.30 -54.88 78.69
C LEU H 26 -26.55 -56.36 78.57
N PHE H 27 -27.72 -56.80 79.01
CA PHE H 27 -28.09 -58.22 79.04
C PHE H 27 -29.20 -58.44 78.01
N LEU H 28 -28.89 -59.21 76.98
CA LEU H 28 -29.88 -59.53 75.95
C LEU H 28 -30.75 -60.69 76.39
N ALA H 29 -31.90 -60.38 76.99
CA ALA H 29 -32.78 -61.39 77.55
C ALA H 29 -34.02 -61.56 76.67
N SER H 30 -34.44 -62.82 76.53
CA SER H 30 -35.64 -63.15 75.76
C SER H 30 -36.84 -63.04 76.70
N THR H 31 -37.36 -61.83 76.84
CA THR H 31 -38.45 -61.54 77.76
C THR H 31 -39.67 -61.07 76.98
N ASP H 32 -40.73 -60.70 77.72
CA ASP H 32 -41.95 -60.20 77.12
C ASP H 32 -42.44 -58.89 77.71
N ASN H 33 -41.97 -58.48 78.89
CA ASN H 33 -42.40 -57.23 79.52
C ASN H 33 -41.56 -56.06 79.01
N PHE H 34 -41.67 -54.92 79.69
CA PHE H 34 -40.87 -53.72 79.43
C PHE H 34 -41.28 -53.03 78.13
N GLU H 35 -41.09 -51.71 78.08
CA GLU H 35 -41.44 -50.90 76.92
C GLU H 35 -40.26 -50.85 75.97
N GLU H 36 -40.42 -51.44 74.79
CA GLU H 36 -39.39 -51.47 73.76
C GLU H 36 -38.11 -52.12 74.26
N ARG H 37 -37.06 -52.08 73.45
CA ARG H 37 -35.78 -52.65 73.84
C ARG H 37 -35.06 -51.71 74.81
N ILE H 38 -34.05 -52.26 75.50
CA ILE H 38 -33.20 -51.49 76.39
C ILE H 38 -34.00 -50.80 77.49
N ARG H 39 -34.64 -51.58 78.36
CA ARG H 39 -35.43 -51.03 79.46
C ARG H 39 -34.54 -50.34 80.47
N GLY H 40 -33.62 -51.05 81.10
CA GLY H 40 -32.71 -50.48 82.06
C GLY H 40 -33.19 -50.69 83.49
N TYR H 41 -32.22 -50.61 84.42
CA TYR H 41 -32.50 -50.79 85.84
C TYR H 41 -31.34 -50.25 86.67
N THR H 42 -31.64 -49.65 87.82
CA THR H 42 -30.62 -49.05 88.67
C THR H 42 -30.39 -49.78 89.99
N SER H 43 -31.28 -50.70 90.37
CA SER H 43 -31.12 -51.43 91.63
C SER H 43 -31.79 -52.78 91.50
N LEU H 44 -31.38 -53.71 92.37
CA LEU H 44 -31.89 -55.07 92.30
C LEU H 44 -33.39 -55.12 92.49
N THR H 45 -33.93 -54.20 93.29
CA THR H 45 -35.38 -54.11 93.48
C THR H 45 -36.06 -53.75 92.17
N GLU H 46 -35.48 -52.82 91.42
CA GLU H 46 -36.07 -52.41 90.15
C GLU H 46 -36.12 -53.57 89.16
N VAL H 47 -35.05 -54.37 89.09
CA VAL H 47 -35.04 -55.52 88.20
C VAL H 47 -35.99 -56.61 88.65
N ALA H 48 -36.42 -56.61 89.91
CA ALA H 48 -37.37 -57.60 90.42
C ALA H 48 -38.81 -57.15 90.27
N GLU H 49 -39.06 -55.91 89.85
CA GLU H 49 -40.42 -55.41 89.71
C GLU H 49 -40.98 -55.72 88.32
N ASP H 50 -40.16 -56.35 87.47
CA ASP H 50 -40.59 -56.71 86.13
C ASP H 50 -40.21 -58.13 85.79
N PHE H 51 -39.48 -58.80 86.67
CA PHE H 51 -39.01 -60.16 86.45
C PHE H 51 -39.17 -60.97 87.72
N ASP H 52 -39.37 -62.28 87.55
CA ASP H 52 -39.49 -63.20 88.66
C ASP H 52 -38.14 -63.82 88.99
N GLU H 53 -38.10 -64.56 90.11
CA GLU H 53 -36.87 -65.19 90.55
C GLU H 53 -36.35 -66.19 89.52
N SER H 54 -37.25 -66.99 88.96
CA SER H 54 -36.83 -67.98 87.97
C SER H 54 -36.50 -67.33 86.63
N THR H 55 -36.91 -66.08 86.42
CA THR H 55 -36.64 -65.38 85.16
C THR H 55 -35.14 -65.23 84.95
N ALA H 56 -34.70 -65.38 83.70
CA ALA H 56 -33.28 -65.34 83.37
C ALA H 56 -32.65 -64.00 83.72
N ALA H 57 -33.36 -62.90 83.43
CA ALA H 57 -32.82 -61.57 83.66
C ALA H 57 -32.51 -61.33 85.13
N TYR H 58 -33.40 -61.78 86.01
CA TYR H 58 -33.18 -61.61 87.44
C TYR H 58 -31.99 -62.43 87.91
N LYS H 59 -31.80 -63.62 87.35
CA LYS H 59 -30.65 -64.44 87.71
C LYS H 59 -29.34 -63.73 87.35
N ALA H 60 -29.29 -63.14 86.15
CA ALA H 60 -28.10 -62.41 85.74
C ALA H 60 -27.90 -61.17 86.59
N ALA H 61 -28.99 -60.46 86.89
CA ALA H 61 -28.91 -59.20 87.62
C ALA H 61 -28.36 -59.41 89.03
N LYS H 62 -28.78 -60.48 89.70
CA LYS H 62 -28.33 -60.73 91.06
C LYS H 62 -26.82 -60.92 91.13
N GLN H 63 -26.28 -61.71 90.20
CA GLN H 63 -24.85 -62.00 90.23
C GLN H 63 -24.01 -60.74 89.97
N LEU H 64 -24.41 -59.96 88.97
CA LEU H 64 -23.65 -58.74 88.64
C LEU H 64 -23.74 -57.73 89.76
N TRP H 65 -24.90 -57.65 90.42
CA TRP H 65 -25.18 -56.61 91.39
C TRP H 65 -24.95 -57.05 92.83
N SER H 66 -24.31 -58.20 93.04
CA SER H 66 -23.96 -58.58 94.40
C SER H 66 -22.65 -57.92 94.83
N GLN H 67 -21.55 -58.31 94.18
CA GLN H 67 -20.18 -57.83 94.39
C GLN H 67 -19.96 -57.01 95.65
N THR H 68 -19.28 -55.86 95.51
CA THR H 68 -19.24 -54.84 96.56
C THR H 68 -19.34 -53.46 95.90
N PRO H 69 -18.52 -53.10 94.88
CA PRO H 69 -18.76 -51.83 94.20
C PRO H 69 -19.89 -51.98 93.19
N LYS H 70 -21.06 -51.46 93.50
CA LYS H 70 -22.21 -51.67 92.64
C LYS H 70 -22.05 -50.91 91.33
N VAL H 71 -22.40 -51.56 90.22
CA VAL H 71 -22.41 -50.90 88.93
C VAL H 71 -23.51 -49.86 88.90
N THR H 72 -23.26 -48.74 88.24
CA THR H 72 -24.18 -47.61 88.27
C THR H 72 -25.55 -47.99 87.70
N GLN H 73 -25.56 -48.65 86.54
CA GLN H 73 -26.80 -48.97 85.87
C GLN H 73 -26.62 -50.22 85.04
N LEU H 74 -27.70 -50.99 84.90
CA LEU H 74 -27.72 -52.21 84.11
C LEU H 74 -28.79 -52.08 83.03
N TYR H 75 -28.41 -52.34 81.78
CA TYR H 75 -29.32 -52.29 80.66
C TYR H 75 -29.84 -53.68 80.35
N ILE H 76 -31.15 -53.79 80.15
CA ILE H 76 -31.80 -55.04 79.80
C ILE H 76 -32.56 -54.83 78.51
N GLY H 77 -32.22 -55.61 77.48
CA GLY H 77 -32.90 -55.53 76.20
C GLY H 77 -33.66 -56.79 75.89
N ARG H 78 -34.72 -56.67 75.09
CA ARG H 78 -35.57 -57.81 74.75
C ARG H 78 -35.32 -58.22 73.31
N ARG H 79 -35.36 -59.51 73.05
CA ARG H 79 -35.29 -60.02 71.69
C ARG H 79 -36.70 -60.12 71.12
N THR H 80 -36.87 -59.68 69.88
CA THR H 80 -38.19 -59.68 69.26
C THR H 80 -38.77 -61.08 69.21
N MET H 81 -40.07 -61.18 69.46
CA MET H 81 -40.71 -62.42 69.87
C MET H 81 -41.59 -62.95 68.73
N GLN H 82 -41.62 -64.28 68.58
CA GLN H 82 -42.47 -64.95 67.59
C GLN H 82 -43.32 -66.00 68.29
N TYR H 83 -44.46 -65.58 68.83
CA TYR H 83 -45.33 -66.51 69.53
C TYR H 83 -46.08 -67.38 68.52
N THR H 84 -46.04 -68.69 68.73
CA THR H 84 -46.67 -69.65 67.84
C THR H 84 -47.84 -70.32 68.53
N VAL H 85 -48.91 -70.58 67.77
CA VAL H 85 -50.12 -71.17 68.30
C VAL H 85 -50.42 -72.44 67.51
N SER H 86 -50.92 -73.45 68.22
CA SER H 86 -51.28 -74.73 67.64
C SER H 86 -52.21 -75.45 68.61
N ILE H 87 -53.25 -76.07 68.06
CA ILE H 87 -54.20 -76.80 68.88
C ILE H 87 -53.59 -78.15 69.26
N PRO H 88 -53.52 -78.47 70.55
CA PRO H 88 -52.93 -79.76 70.96
C PRO H 88 -53.90 -80.93 70.90
N ASP H 89 -55.20 -80.67 70.97
CA ASP H 89 -56.21 -81.71 70.99
C ASP H 89 -57.14 -81.55 69.79
N THR H 90 -58.18 -82.37 69.75
CA THR H 90 -59.21 -82.26 68.72
C THR H 90 -60.22 -81.20 69.11
N VAL H 91 -60.81 -80.55 68.11
CA VAL H 91 -61.80 -79.51 68.36
C VAL H 91 -63.11 -80.17 68.74
N ALA H 92 -63.67 -79.80 69.88
CA ALA H 92 -64.85 -80.45 70.44
C ALA H 92 -66.03 -79.49 70.40
N GLU H 93 -66.96 -79.72 69.46
CA GLU H 93 -68.20 -78.98 69.34
C GLU H 93 -68.00 -77.48 69.40
N GLY H 94 -68.28 -76.88 70.57
CA GLY H 94 -68.16 -75.45 70.72
C GLY H 94 -67.24 -75.04 71.86
N SER H 95 -66.12 -75.75 72.01
CA SER H 95 -65.16 -75.40 73.04
C SER H 95 -64.62 -73.99 72.82
N GLU H 96 -64.61 -73.20 73.88
CA GLU H 96 -64.22 -71.79 73.77
C GLU H 96 -62.72 -71.67 73.67
N TYR H 97 -62.25 -70.87 72.71
CA TYR H 97 -60.83 -70.57 72.54
C TYR H 97 -60.62 -69.07 72.61
N SER H 98 -59.56 -68.67 73.31
CA SER H 98 -59.29 -67.26 73.53
C SER H 98 -57.80 -66.99 73.34
N LEU H 99 -57.48 -65.73 73.06
CA LEU H 99 -56.12 -65.23 72.96
C LEU H 99 -56.17 -63.72 72.83
N THR H 100 -55.16 -63.06 73.41
CA THR H 100 -55.10 -61.60 73.43
C THR H 100 -53.75 -61.16 72.86
N VAL H 101 -53.78 -60.32 71.83
CA VAL H 101 -52.58 -59.83 71.17
C VAL H 101 -52.33 -58.40 71.62
N ALA H 102 -51.11 -58.13 72.07
CA ALA H 102 -50.72 -56.81 72.53
C ALA H 102 -49.53 -56.32 71.70
N ILE H 103 -49.70 -55.18 71.06
CA ILE H 103 -48.65 -54.52 70.30
C ILE H 103 -48.54 -53.07 70.77
N GLY H 104 -47.34 -52.52 70.69
CA GLY H 104 -47.08 -51.18 71.19
C GLY H 104 -47.51 -51.03 72.62
N GLY H 105 -48.34 -50.03 72.90
CA GLY H 105 -48.95 -49.90 74.21
C GLY H 105 -50.46 -50.02 74.15
N GLY H 106 -51.05 -49.58 73.05
CA GLY H 106 -52.50 -49.57 72.90
C GLY H 106 -53.07 -50.76 72.17
N VAL H 107 -52.97 -51.96 72.73
CA VAL H 107 -53.56 -53.14 72.12
C VAL H 107 -53.83 -54.19 73.19
N SER H 108 -55.12 -54.40 73.46
CA SER H 108 -55.53 -55.41 74.43
C SER H 108 -56.77 -56.16 73.93
N GLN H 109 -56.89 -56.32 72.62
CA GLN H 109 -58.09 -56.90 72.04
C GLN H 109 -58.13 -58.41 72.25
N PRO H 110 -59.15 -58.94 72.91
CA PRO H 110 -59.32 -60.40 72.97
C PRO H 110 -59.94 -60.91 71.68
N PHE H 111 -59.89 -62.23 71.52
CA PHE H 111 -60.39 -62.88 70.31
C PHE H 111 -60.97 -64.23 70.66
N GLN H 112 -62.25 -64.43 70.33
CA GLN H 112 -62.95 -65.68 70.55
C GLN H 112 -63.62 -66.13 69.26
N TYR H 113 -63.51 -67.42 68.96
CA TYR H 113 -64.19 -67.96 67.79
C TYR H 113 -65.29 -68.93 68.19
N THR H 114 -64.92 -70.00 68.89
CA THR H 114 -65.86 -71.00 69.43
C THR H 114 -66.88 -71.44 68.38
N ALA H 115 -66.42 -71.59 67.15
CA ALA H 115 -67.30 -71.92 66.02
C ALA H 115 -66.76 -73.18 65.33
N LYS H 116 -67.14 -74.34 65.86
CA LYS H 116 -66.75 -75.61 65.26
C LYS H 116 -67.92 -76.59 65.28
N GLU H 117 -69.10 -76.13 64.87
CA GLU H 117 -70.31 -76.94 65.00
C GLU H 117 -70.17 -78.28 64.29
N ASN H 118 -69.76 -78.27 63.02
CA ASN H 118 -69.62 -79.52 62.29
C ASN H 118 -68.28 -80.20 62.58
N ASP H 119 -67.19 -79.55 62.16
CA ASP H 119 -65.84 -80.05 62.36
C ASP H 119 -64.87 -78.98 61.89
N THR H 120 -63.71 -78.91 62.56
CA THR H 120 -62.69 -77.94 62.19
C THR H 120 -61.42 -78.62 61.71
N ALA H 121 -60.79 -79.47 62.53
CA ALA H 121 -59.52 -80.12 62.21
C ALA H 121 -58.44 -79.12 61.79
N LEU H 122 -58.68 -77.84 62.07
CA LEU H 122 -57.91 -76.68 61.61
C LEU H 122 -58.79 -75.45 61.79
N ILE H 123 -59.27 -74.90 60.67
CA ILE H 123 -60.30 -73.87 60.63
C ILE H 123 -60.10 -72.76 61.65
N VAL H 124 -60.29 -73.09 62.93
CA VAL H 124 -60.20 -72.15 64.04
C VAL H 124 -58.99 -71.25 63.90
N LEU H 125 -57.82 -71.85 63.65
CA LEU H 125 -56.61 -71.07 63.44
C LEU H 125 -56.73 -70.20 62.19
N ASN H 126 -57.24 -70.78 61.10
CA ASN H 126 -57.45 -70.01 59.88
C ASN H 126 -58.56 -68.97 60.08
N GLU H 127 -59.56 -69.31 60.90
CA GLU H 127 -60.59 -68.34 61.25
C GLU H 127 -59.99 -67.18 62.01
N PHE H 128 -59.05 -67.47 62.91
CA PHE H 128 -58.36 -66.43 63.66
C PHE H 128 -57.57 -65.52 62.72
N LYS H 129 -56.94 -66.11 61.70
CA LYS H 129 -56.16 -65.36 60.72
C LYS H 129 -56.99 -64.25 60.09
N SER H 130 -58.22 -64.57 59.67
CA SER H 130 -59.10 -63.55 59.13
C SER H 130 -59.48 -62.52 60.20
N GLN H 131 -59.77 -62.99 61.41
CA GLN H 131 -60.14 -62.09 62.49
C GLN H 131 -58.96 -61.22 62.91
N ILE H 132 -57.77 -61.81 63.00
CA ILE H 132 -56.59 -61.06 63.43
C ILE H 132 -56.17 -60.01 62.42
N GLU H 133 -56.57 -60.16 61.15
CA GLU H 133 -56.28 -59.17 60.12
C GLU H 133 -57.42 -58.18 59.92
N ALA H 134 -58.44 -58.23 60.76
CA ALA H 134 -59.60 -57.36 60.63
C ALA H 134 -59.76 -56.40 61.80
N SER H 135 -59.07 -56.63 62.90
CA SER H 135 -59.15 -55.75 64.07
C SER H 135 -58.63 -54.37 63.71
N PRO H 136 -59.35 -53.30 64.05
CA PRO H 136 -58.93 -51.95 63.63
C PRO H 136 -57.60 -51.52 64.22
N THR H 137 -57.20 -52.05 65.37
CA THR H 137 -55.99 -51.63 66.06
C THR H 137 -54.91 -52.72 66.04
N ILE H 138 -55.13 -53.77 65.24
CA ILE H 138 -54.20 -54.89 65.22
C ILE H 138 -53.85 -55.21 63.77
N LYS H 139 -54.69 -54.75 62.84
CA LYS H 139 -54.58 -55.08 61.42
C LYS H 139 -53.18 -54.82 60.88
N ASP H 140 -52.56 -53.72 61.31
CA ASP H 140 -51.21 -53.36 60.87
C ASP H 140 -50.21 -53.63 61.98
N GLY H 141 -49.20 -54.45 61.68
CA GLY H 141 -48.15 -54.71 62.63
C GLY H 141 -48.02 -56.16 63.04
N VAL H 142 -49.07 -56.94 62.81
CA VAL H 142 -49.12 -58.35 63.22
C VAL H 142 -49.21 -59.18 61.95
N ASN H 143 -48.13 -59.87 61.61
CA ASN H 143 -48.16 -60.80 60.48
C ASN H 143 -48.47 -62.20 60.98
N ALA H 144 -49.44 -62.86 60.35
CA ALA H 144 -49.89 -64.18 60.76
C ALA H 144 -49.82 -65.14 59.59
N SER H 145 -49.97 -66.42 59.89
CA SER H 145 -49.95 -67.47 58.88
C SER H 145 -51.03 -68.50 59.23
N VAL H 146 -51.03 -69.62 58.52
CA VAL H 146 -52.04 -70.64 58.74
C VAL H 146 -51.48 -72.02 59.06
N THR H 147 -50.19 -72.27 58.84
CA THR H 147 -49.56 -73.54 59.18
C THR H 147 -50.20 -74.71 58.46
N GLY H 148 -50.88 -75.58 59.21
CA GLY H 148 -51.53 -76.74 58.64
C GLY H 148 -51.59 -77.91 59.59
N MET H 155 -50.53 -71.45 63.26
CA MET H 155 -50.31 -70.06 62.94
C MET H 155 -49.11 -69.52 63.72
N ILE H 156 -48.53 -68.42 63.22
CA ILE H 156 -47.38 -67.80 63.87
C ILE H 156 -47.52 -66.28 63.87
N ILE H 157 -47.99 -65.72 64.97
CA ILE H 157 -48.24 -64.29 65.06
C ILE H 157 -46.95 -63.50 65.23
N THR H 158 -46.27 -63.20 64.12
CA THR H 158 -45.04 -62.42 64.16
C THR H 158 -45.34 -60.94 64.01
N LYS H 159 -44.31 -60.13 63.81
CA LYS H 159 -44.45 -58.70 63.62
C LYS H 159 -44.02 -58.32 62.21
N ALA H 160 -44.62 -57.26 61.68
CA ALA H 160 -44.31 -56.81 60.34
C ALA H 160 -44.60 -55.33 60.14
N GLY H 161 -43.55 -54.52 60.01
CA GLY H 161 -43.70 -53.11 59.72
C GLY H 161 -44.12 -52.28 60.92
N ASP H 162 -43.61 -51.05 60.99
CA ASP H 162 -43.95 -50.10 62.05
C ASP H 162 -43.75 -50.72 63.43
N ASN H 163 -44.86 -51.20 64.02
CA ASN H 163 -44.82 -51.82 65.34
C ASN H 163 -43.87 -53.01 65.36
N ASP H 164 -43.06 -53.11 66.41
CA ASP H 164 -42.06 -54.16 66.52
C ASP H 164 -42.37 -55.18 67.60
N PHE H 165 -43.07 -54.78 68.65
CA PHE H 165 -43.32 -55.64 69.80
C PHE H 165 -44.67 -56.31 69.67
N VAL H 166 -44.69 -57.64 69.83
CA VAL H 166 -45.91 -58.42 69.77
C VAL H 166 -45.93 -59.38 70.96
N LYS H 167 -47.15 -59.73 71.39
CA LYS H 167 -47.33 -60.63 72.51
C LYS H 167 -48.74 -61.20 72.53
N VAL H 168 -48.88 -62.53 72.48
CA VAL H 168 -50.17 -63.19 72.59
C VAL H 168 -50.18 -64.03 73.86
N THR H 169 -51.31 -64.01 74.56
CA THR H 169 -51.46 -64.74 75.81
C THR H 169 -52.88 -65.24 75.96
N SER H 170 -53.03 -66.50 76.37
CA SER H 170 -54.33 -67.09 76.64
C SER H 170 -54.30 -67.79 78.00
N ILE H 171 -55.34 -68.57 78.30
CA ILE H 171 -55.36 -69.32 79.55
C ILE H 171 -55.42 -70.82 79.28
N THR H 172 -56.53 -71.28 78.70
CA THR H 172 -56.65 -72.71 78.43
C THR H 172 -56.05 -73.19 77.10
N PRO H 173 -56.31 -72.54 75.93
CA PRO H 173 -56.04 -73.23 74.66
C PRO H 173 -54.56 -73.51 74.38
N THR H 174 -53.74 -72.46 74.32
CA THR H 174 -52.33 -72.59 73.98
C THR H 174 -51.56 -71.28 74.16
N THR H 175 -51.42 -70.48 73.10
CA THR H 175 -50.55 -69.30 73.09
C THR H 175 -49.16 -69.65 73.60
N SER H 176 -48.59 -70.70 73.02
CA SER H 176 -47.39 -71.30 73.56
C SER H 176 -46.13 -70.86 72.82
N ILE H 177 -45.00 -71.46 73.21
CA ILE H 177 -43.69 -71.28 72.60
C ILE H 177 -43.16 -69.86 72.73
N ALA H 178 -41.88 -69.68 72.41
CA ALA H 178 -41.29 -68.35 72.31
C ALA H 178 -40.72 -68.14 70.90
N ALA H 179 -39.82 -69.02 70.49
CA ALA H 179 -39.19 -68.96 69.18
C ALA H 179 -38.71 -67.55 68.82
N THR H 180 -37.72 -67.03 69.55
CA THR H 180 -37.27 -65.66 69.37
C THR H 180 -36.89 -65.37 67.93
N THR H 181 -37.44 -64.28 67.39
CA THR H 181 -37.16 -63.90 66.00
C THR H 181 -35.73 -63.44 65.83
N ALA H 182 -35.21 -62.68 66.80
CA ALA H 182 -33.87 -62.12 66.73
C ALA H 182 -32.86 -63.19 66.38
N ASP H 183 -32.23 -63.08 65.22
CA ASP H 183 -31.41 -64.13 64.67
C ASP H 183 -29.96 -63.68 64.56
N THR H 184 -29.06 -64.61 64.88
CA THR H 184 -27.62 -64.46 64.67
C THR H 184 -27.10 -63.10 65.12
N ALA H 185 -27.52 -62.66 66.30
CA ALA H 185 -27.08 -61.39 66.88
C ALA H 185 -27.44 -60.20 65.99
N SER H 186 -26.94 -60.19 64.75
CA SER H 186 -27.13 -59.10 63.80
C SER H 186 -28.55 -58.55 63.82
N ALA H 187 -29.54 -59.44 63.74
CA ALA H 187 -30.93 -59.00 63.80
C ALA H 187 -31.24 -58.37 65.14
N ALA H 188 -30.81 -59.01 66.23
CA ALA H 188 -30.99 -58.44 67.56
C ALA H 188 -30.18 -57.17 67.73
N LEU H 189 -28.94 -57.18 67.23
CA LEU H 189 -28.08 -56.01 67.36
C LEU H 189 -28.63 -54.83 66.56
N ALA H 190 -29.07 -55.10 65.32
CA ALA H 190 -29.61 -54.03 64.50
C ALA H 190 -30.78 -53.33 65.18
N SER H 191 -31.62 -54.10 65.87
CA SER H 191 -32.74 -53.51 66.59
C SER H 191 -32.24 -52.68 67.78
N ILE H 192 -31.33 -53.24 68.57
CA ILE H 192 -30.88 -52.55 69.79
C ILE H 192 -30.03 -51.33 69.45
N GLU H 193 -29.31 -51.36 68.33
CA GLU H 193 -28.51 -50.21 67.93
C GLU H 193 -29.40 -49.01 67.62
N THR H 194 -30.56 -49.27 67.01
CA THR H 194 -31.49 -48.19 66.66
C THR H 194 -31.96 -47.45 67.90
N TYR H 195 -32.17 -48.18 69.00
CA TYR H 195 -32.66 -47.55 70.22
C TYR H 195 -31.57 -46.76 70.92
N SER H 196 -30.50 -47.43 71.34
CA SER H 196 -29.41 -46.76 72.02
C SER H 196 -28.13 -47.57 71.84
N THR H 197 -27.01 -46.86 71.76
CA THR H 197 -25.69 -47.46 71.58
C THR H 197 -24.73 -47.03 72.67
N ASP H 198 -25.25 -46.77 73.87
CA ASP H 198 -24.42 -46.31 74.98
C ASP H 198 -23.93 -47.46 75.85
N TRP H 199 -24.29 -48.70 75.55
CA TRP H 199 -23.82 -49.86 76.29
C TRP H 199 -22.44 -50.28 75.80
N TYR H 200 -21.68 -50.90 76.70
CA TYR H 200 -20.38 -51.42 76.34
C TYR H 200 -20.32 -52.94 76.46
N PHE H 201 -20.63 -53.46 77.64
CA PHE H 201 -20.56 -54.91 77.85
C PHE H 201 -21.88 -55.56 77.43
N ILE H 202 -21.77 -56.60 76.60
CA ILE H 202 -22.93 -57.28 76.04
C ILE H 202 -22.88 -58.75 76.44
N SER H 203 -24.04 -59.29 76.78
CA SER H 203 -24.20 -60.71 77.07
C SER H 203 -25.52 -61.18 76.49
N ALA H 204 -25.87 -62.43 76.76
CA ALA H 204 -27.12 -62.97 76.24
C ALA H 204 -27.56 -64.15 77.10
N GLU H 205 -28.88 -64.40 77.08
CA GLU H 205 -29.43 -65.56 77.74
C GLU H 205 -29.18 -66.83 76.94
N ASP H 206 -29.24 -66.73 75.61
CA ASP H 206 -29.04 -67.89 74.75
C ASP H 206 -27.63 -68.45 74.92
N ARG H 207 -27.53 -69.77 74.78
CA ARG H 207 -26.25 -70.46 74.87
C ARG H 207 -25.98 -71.40 73.69
N THR H 208 -26.83 -71.39 72.67
CA THR H 208 -26.64 -72.27 71.53
C THR H 208 -25.37 -71.89 70.77
N GLN H 209 -24.72 -72.90 70.18
CA GLN H 209 -23.47 -72.70 69.45
C GLN H 209 -23.66 -71.74 68.28
N GLN H 210 -24.76 -71.90 67.55
CA GLN H 210 -25.05 -71.04 66.41
C GLN H 210 -25.15 -69.58 66.82
N PHE H 211 -25.86 -69.31 67.92
CA PHE H 211 -26.07 -67.94 68.36
C PHE H 211 -24.79 -67.33 68.92
N VAL H 212 -24.08 -68.09 69.76
CA VAL H 212 -22.88 -67.60 70.43
C VAL H 212 -21.82 -67.26 69.39
N LEU H 213 -21.61 -68.17 68.43
CA LEU H 213 -20.64 -67.90 67.37
C LEU H 213 -21.07 -66.72 66.51
N ALA H 214 -22.37 -66.45 66.45
CA ALA H 214 -22.85 -65.32 65.65
C ALA H 214 -22.56 -64.00 66.33
N MET H 215 -22.79 -63.92 67.64
CA MET H 215 -22.49 -62.70 68.38
C MET H 215 -21.01 -62.36 68.33
N ALA H 216 -20.15 -63.37 68.52
CA ALA H 216 -18.72 -63.15 68.57
C ALA H 216 -18.21 -62.56 67.26
N SER H 217 -18.70 -63.08 66.13
CA SER H 217 -18.36 -62.48 64.85
C SER H 217 -18.95 -61.08 64.72
N GLU H 218 -20.19 -60.91 65.19
CA GLU H 218 -20.87 -59.62 65.05
C GLU H 218 -20.24 -58.58 65.98
N ILE H 219 -19.94 -58.97 67.21
CA ILE H 219 -19.33 -58.04 68.16
C ILE H 219 -17.96 -57.60 67.67
N GLN H 220 -17.23 -58.52 67.03
CA GLN H 220 -15.89 -58.22 66.55
C GLN H 220 -15.86 -57.03 65.59
N ALA H 221 -16.96 -56.75 64.91
CA ALA H 221 -17.03 -55.61 64.00
C ALA H 221 -17.07 -54.29 64.73
N ARG H 222 -17.88 -54.18 65.79
CA ARG H 222 -18.06 -52.92 66.50
C ARG H 222 -17.14 -52.88 67.71
N LYS H 223 -17.21 -51.78 68.47
CA LYS H 223 -16.30 -51.55 69.59
C LYS H 223 -16.93 -51.96 70.93
N LYS H 224 -17.23 -53.24 71.10
CA LYS H 224 -17.79 -53.74 72.35
C LYS H 224 -17.09 -55.05 72.72
N ILE H 225 -17.41 -55.56 73.91
CA ILE H 225 -16.82 -56.79 74.42
C ILE H 225 -17.96 -57.74 74.81
N PHE H 226 -17.84 -58.98 74.38
CA PHE H 226 -18.86 -60.01 74.63
C PHE H 226 -18.39 -60.94 75.72
N PHE H 227 -19.20 -61.10 76.76
CA PHE H 227 -18.88 -61.95 77.91
C PHE H 227 -19.80 -63.17 77.87
N THR H 228 -19.24 -64.34 77.63
CA THR H 228 -19.98 -65.58 77.55
C THR H 228 -19.65 -66.48 78.73
N ALA H 229 -20.23 -67.67 78.73
CA ALA H 229 -19.96 -68.67 79.76
C ALA H 229 -20.38 -70.02 79.23
N ASN H 230 -19.43 -70.95 79.11
CA ASN H 230 -19.70 -72.28 78.59
C ASN H 230 -19.40 -73.33 79.65
N ALA H 231 -20.04 -74.50 79.51
CA ALA H 231 -19.89 -75.56 80.49
C ALA H 231 -19.76 -76.95 79.87
N ASP H 232 -19.55 -77.06 78.56
CA ASP H 232 -19.44 -78.36 77.93
C ASP H 232 -18.15 -79.06 78.37
N VAL H 233 -18.21 -80.40 78.44
CA VAL H 233 -17.06 -81.17 78.90
C VAL H 233 -16.01 -81.31 77.81
N LYS H 234 -16.42 -81.29 76.54
CA LYS H 234 -15.52 -81.52 75.41
C LYS H 234 -14.41 -80.48 75.30
N ALA H 235 -14.37 -79.48 76.17
CA ALA H 235 -13.34 -78.45 76.13
C ALA H 235 -12.17 -78.76 77.08
N LEU H 236 -12.39 -79.64 78.05
CA LEU H 236 -11.39 -79.88 79.09
C LEU H 236 -10.66 -81.21 78.82
N GLN H 237 -10.69 -81.63 77.55
CA GLN H 237 -10.06 -82.89 77.20
C GLN H 237 -9.06 -82.70 76.06
N GLY H 238 -9.36 -81.78 75.15
CA GLY H 238 -8.50 -81.61 73.99
C GLY H 238 -7.36 -80.66 74.26
N THR H 239 -6.16 -81.06 73.84
CA THR H 239 -4.97 -80.23 73.97
C THR H 239 -4.53 -79.66 72.63
N ASP H 240 -5.16 -80.07 71.53
CA ASP H 240 -4.88 -79.56 70.20
C ASP H 240 -6.09 -78.74 69.76
N LEU H 241 -5.84 -77.53 69.28
CA LEU H 241 -6.93 -76.61 68.96
C LEU H 241 -7.76 -77.14 67.79
N THR H 242 -7.10 -77.51 66.69
CA THR H 242 -7.83 -77.97 65.51
C THR H 242 -8.19 -79.44 65.63
N SER H 243 -8.83 -79.82 66.74
CA SER H 243 -9.29 -81.19 66.92
C SER H 243 -10.72 -81.21 67.40
N ALA H 244 -11.09 -80.27 68.26
CA ALA H 244 -12.40 -80.27 68.89
C ALA H 244 -13.33 -79.24 68.25
N THR H 245 -14.62 -79.40 68.52
CA THR H 245 -15.64 -78.49 68.02
C THR H 245 -16.29 -77.68 69.13
N ASP H 246 -15.68 -77.65 70.32
CA ASP H 246 -16.23 -76.87 71.42
C ASP H 246 -16.18 -75.38 71.09
N VAL H 247 -17.11 -74.63 71.68
CA VAL H 247 -17.22 -73.20 71.43
C VAL H 247 -15.91 -72.49 71.78
N PRO H 248 -15.26 -72.78 72.93
CA PRO H 248 -13.95 -72.18 73.18
C PRO H 248 -12.96 -72.44 72.07
N ALA H 249 -12.95 -73.66 71.53
CA ALA H 249 -12.07 -73.98 70.41
C ALA H 249 -12.49 -73.21 69.16
N GLN H 250 -13.80 -73.07 68.94
CA GLN H 250 -14.29 -72.33 67.79
C GLN H 250 -13.88 -70.87 67.87
N LEU H 251 -13.96 -70.28 69.06
CA LEU H 251 -13.57 -68.89 69.24
C LEU H 251 -12.06 -68.72 69.02
N ALA H 252 -11.26 -69.61 69.60
CA ALA H 252 -9.82 -69.52 69.46
C ALA H 252 -9.39 -69.70 68.02
N LYS H 253 -10.02 -70.65 67.31
CA LYS H 253 -9.68 -70.89 65.92
C LYS H 253 -9.99 -69.67 65.06
N SER H 254 -11.12 -69.01 65.32
CA SER H 254 -11.49 -67.80 64.58
C SER H 254 -10.70 -66.58 65.00
N LYS H 255 -9.95 -66.66 66.10
CA LYS H 255 -9.10 -65.57 66.59
C LYS H 255 -9.93 -64.32 66.86
N TYR H 256 -10.95 -64.48 67.69
CA TYR H 256 -11.83 -63.39 68.08
C TYR H 256 -11.28 -62.74 69.35
N THR H 257 -10.82 -61.50 69.24
CA THR H 257 -10.20 -60.80 70.35
C THR H 257 -11.20 -60.04 71.21
N ARG H 258 -12.47 -59.96 70.81
CA ARG H 258 -13.45 -59.22 71.57
C ARG H 258 -14.55 -60.14 72.11
N THR H 259 -14.17 -61.30 72.62
CA THR H 259 -15.12 -62.25 73.19
C THR H 259 -14.46 -62.92 74.40
N VAL H 260 -15.04 -62.72 75.57
CA VAL H 260 -14.51 -63.27 76.81
C VAL H 260 -15.28 -64.53 77.17
N CYS H 261 -14.55 -65.62 77.41
CA CYS H 261 -15.15 -66.90 77.75
C CYS H 261 -14.78 -67.24 79.19
N LEU H 262 -15.79 -67.55 79.99
CA LEU H 262 -15.60 -67.96 81.38
C LEU H 262 -16.21 -69.35 81.56
N TRP H 263 -15.36 -70.36 81.69
CA TRP H 263 -15.82 -71.73 81.81
C TRP H 263 -16.18 -72.01 83.27
N HIS H 264 -17.47 -72.07 83.55
CA HIS H 264 -17.98 -72.41 84.87
C HIS H 264 -19.02 -73.52 84.74
N HIS H 265 -19.20 -74.28 85.82
CA HIS H 265 -20.16 -75.38 85.81
C HIS H 265 -21.60 -74.89 85.90
N THR H 266 -21.82 -73.69 86.43
CA THR H 266 -23.15 -73.10 86.48
C THR H 266 -23.46 -72.27 85.23
N ALA H 267 -22.75 -72.49 84.12
CA ALA H 267 -22.94 -71.67 82.94
C ALA H 267 -24.34 -71.84 82.35
N GLU H 268 -24.99 -72.96 82.64
CA GLU H 268 -26.28 -73.24 82.03
C GLU H 268 -27.41 -72.52 82.76
N PHE H 269 -27.59 -72.81 84.05
CA PHE H 269 -28.73 -72.27 84.78
C PHE H 269 -28.45 -70.88 85.33
N ASP H 270 -27.18 -70.54 85.51
CA ASP H 270 -26.77 -69.22 85.97
C ASP H 270 -25.93 -68.53 84.90
N TYR H 271 -25.51 -67.29 85.20
CA TYR H 271 -24.71 -66.48 84.30
C TYR H 271 -23.52 -65.93 85.06
N PRO H 272 -22.48 -66.74 85.28
CA PRO H 272 -21.32 -66.25 86.04
C PRO H 272 -20.57 -65.13 85.35
N GLU H 273 -20.77 -64.94 84.04
CA GLU H 273 -20.10 -63.85 83.34
C GLU H 273 -20.51 -62.51 83.91
N MET H 274 -21.68 -62.42 84.53
CA MET H 274 -22.13 -61.18 85.14
C MET H 274 -21.19 -60.75 86.26
N ALA H 275 -20.76 -61.71 87.08
CA ALA H 275 -19.81 -61.39 88.15
C ALA H 275 -18.50 -60.88 87.59
N TYR H 276 -18.03 -61.50 86.50
CA TYR H 276 -16.78 -61.07 85.88
C TYR H 276 -16.87 -59.64 85.37
N ILE H 277 -18.01 -59.30 84.76
CA ILE H 277 -18.19 -57.94 84.24
C ILE H 277 -18.11 -56.93 85.38
N ALA H 278 -18.77 -57.23 86.49
CA ALA H 278 -18.84 -56.30 87.61
C ALA H 278 -17.55 -56.22 88.42
N TYR H 279 -16.46 -56.81 87.94
CA TYR H 279 -15.19 -56.70 88.62
C TYR H 279 -14.34 -55.55 88.10
N GLY H 280 -14.45 -55.23 86.81
CA GLY H 280 -13.66 -54.16 86.23
C GLY H 280 -14.49 -53.04 85.65
N ALA H 281 -15.79 -53.29 85.48
CA ALA H 281 -16.68 -52.23 84.98
C ALA H 281 -16.77 -51.03 85.91
N PRO H 282 -16.98 -51.19 87.22
CA PRO H 282 -17.08 -49.99 88.08
C PRO H 282 -15.82 -49.14 88.08
N TYR H 283 -14.64 -49.76 87.95
CA TYR H 283 -13.39 -49.03 87.99
C TYR H 283 -13.12 -48.41 86.62
N ASP H 284 -11.92 -47.86 86.45
CA ASP H 284 -11.59 -47.10 85.24
C ASP H 284 -11.26 -48.03 84.09
N ALA H 285 -10.78 -47.48 82.98
CA ALA H 285 -10.51 -48.25 81.76
C ALA H 285 -9.00 -48.31 81.54
N GLY H 286 -8.43 -49.50 81.71
CA GLY H 286 -7.02 -49.72 81.51
C GLY H 286 -6.17 -49.63 82.76
N SER H 287 -6.66 -48.94 83.79
CA SER H 287 -5.95 -48.88 85.07
C SER H 287 -6.44 -49.98 86.00
N ILE H 288 -6.48 -51.21 85.49
CA ILE H 288 -6.93 -52.36 86.27
C ILE H 288 -6.46 -53.61 85.55
N ALA H 289 -6.38 -54.72 86.29
CA ALA H 289 -5.98 -55.99 85.74
C ALA H 289 -7.15 -56.96 85.88
N TRP H 290 -7.63 -57.49 84.75
CA TRP H 290 -8.68 -58.50 84.79
C TRP H 290 -8.14 -59.87 85.06
N GLY H 291 -6.92 -59.98 85.55
CA GLY H 291 -6.30 -61.26 85.80
C GLY H 291 -6.81 -61.85 87.10
N ASN H 292 -5.89 -62.25 87.98
CA ASN H 292 -6.27 -62.79 89.28
C ASN H 292 -7.29 -61.88 89.95
N ALA H 293 -8.51 -62.37 90.14
CA ALA H 293 -9.62 -61.58 90.64
C ALA H 293 -10.39 -62.40 91.66
N GLN H 294 -10.70 -61.78 92.79
CA GLN H 294 -11.42 -62.46 93.87
C GLN H 294 -12.92 -62.16 93.75
N LEU H 295 -13.55 -62.83 92.79
CA LEU H 295 -14.97 -62.68 92.57
C LEU H 295 -15.74 -63.31 93.73
N THR H 296 -16.43 -62.47 94.51
CA THR H 296 -17.18 -62.97 95.64
C THR H 296 -18.46 -63.68 95.17
N GLY H 297 -18.91 -64.62 95.99
CA GLY H 297 -20.13 -65.33 95.69
C GLY H 297 -19.94 -66.58 94.84
N VAL H 298 -19.42 -66.41 93.63
CA VAL H 298 -19.27 -67.53 92.72
C VAL H 298 -18.20 -68.48 93.25
N ALA H 299 -18.44 -69.78 93.10
CA ALA H 299 -17.52 -70.80 93.55
C ALA H 299 -16.53 -71.16 92.45
N ALA H 300 -15.57 -72.01 92.78
CA ALA H 300 -14.54 -72.40 91.83
C ALA H 300 -15.13 -73.26 90.72
N SER H 301 -14.39 -73.36 89.62
CA SER H 301 -14.83 -74.13 88.46
C SER H 301 -14.80 -75.60 88.81
N LEU H 302 -15.98 -76.19 89.02
CA LEU H 302 -16.11 -77.57 89.42
C LEU H 302 -16.24 -78.49 88.21
N GLN H 303 -15.81 -79.73 88.38
CA GLN H 303 -16.01 -80.74 87.36
C GLN H 303 -17.44 -81.27 87.44
N PRO H 304 -18.19 -81.27 86.34
CA PRO H 304 -19.57 -81.78 86.39
C PRO H 304 -19.65 -83.26 86.67
N ALA H 305 -18.56 -84.01 86.48
CA ALA H 305 -18.57 -85.46 86.70
C ALA H 305 -18.21 -85.82 88.14
N ASN H 306 -17.22 -85.15 88.73
CA ASN H 306 -16.76 -85.49 90.07
C ASN H 306 -17.12 -84.46 91.13
N GLN H 307 -17.62 -83.28 90.74
CA GLN H 307 -17.90 -82.20 91.67
C GLN H 307 -16.65 -81.81 92.47
N ARG H 308 -15.50 -81.81 91.81
CA ARG H 308 -14.24 -81.40 92.38
C ARG H 308 -13.61 -80.33 91.50
N PRO H 309 -12.73 -79.50 92.07
CA PRO H 309 -12.11 -78.42 91.27
C PRO H 309 -11.31 -78.99 90.11
N LEU H 310 -11.21 -78.19 89.05
CA LEU H 310 -10.54 -78.62 87.82
C LEU H 310 -9.10 -79.03 88.10
N ILE H 311 -8.67 -80.12 87.48
CA ILE H 311 -7.30 -80.60 87.61
C ILE H 311 -6.41 -79.86 86.63
N SER H 312 -5.10 -79.99 86.82
CA SER H 312 -4.11 -79.21 86.08
C SER H 312 -4.20 -79.41 84.57
N ILE H 313 -4.34 -80.66 84.13
CA ILE H 313 -4.42 -80.93 82.70
C ILE H 313 -5.67 -80.29 82.11
N GLN H 314 -6.79 -80.38 82.84
CA GLN H 314 -8.03 -79.74 82.38
C GLN H 314 -7.86 -78.24 82.26
N LYS H 315 -7.20 -77.62 83.23
CA LYS H 315 -6.94 -76.18 83.15
C LYS H 315 -6.02 -75.87 81.98
N SER H 316 -4.98 -76.69 81.79
CA SER H 316 -4.07 -76.47 80.67
C SER H 316 -4.78 -76.60 79.33
N ALA H 317 -5.71 -77.55 79.23
CA ALA H 317 -6.54 -77.65 78.03
C ALA H 317 -7.37 -76.40 77.84
N LEU H 318 -7.91 -75.86 78.93
CA LEU H 318 -8.65 -74.61 78.86
C LEU H 318 -7.74 -73.47 78.43
N ASP H 319 -6.50 -73.46 78.92
CA ASP H 319 -5.56 -72.41 78.55
C ASP H 319 -5.25 -72.43 77.06
N THR H 320 -5.32 -73.61 76.45
CA THR H 320 -5.11 -73.72 75.01
C THR H 320 -6.19 -72.98 74.23
N ARG H 321 -7.42 -73.04 74.71
CA ARG H 321 -8.55 -72.37 74.06
C ARG H 321 -8.79 -70.97 74.60
N SER H 322 -7.96 -70.50 75.54
CA SER H 322 -7.98 -69.13 76.03
C SER H 322 -9.24 -68.79 76.81
N CYS H 323 -10.13 -69.76 77.01
CA CYS H 323 -11.29 -69.53 77.84
C CYS H 323 -10.87 -69.47 79.31
N ASN H 324 -11.26 -68.40 79.99
CA ASN H 324 -10.85 -68.21 81.38
C ASN H 324 -11.65 -69.12 82.31
N PHE H 325 -11.04 -69.43 83.45
CA PHE H 325 -11.65 -70.30 84.45
C PHE H 325 -11.51 -69.68 85.83
N ILE H 326 -11.84 -70.45 86.87
CA ILE H 326 -11.73 -69.99 88.25
C ILE H 326 -10.80 -70.96 88.96
N ASP H 327 -9.53 -70.61 89.07
CA ASP H 327 -8.55 -71.53 89.71
C ASP H 327 -8.64 -71.39 91.22
N LEU H 328 -8.63 -72.51 91.94
CA LEU H 328 -8.62 -72.46 93.42
C LEU H 328 -7.18 -72.57 93.87
N ASP H 329 -6.48 -71.44 93.98
CA ASP H 329 -5.05 -71.46 94.37
C ASP H 329 -4.93 -71.83 95.84
N GLY H 330 -4.63 -70.84 96.68
CA GLY H 330 -4.61 -71.08 98.13
C GLY H 330 -6.01 -71.28 98.63
N GLY H 331 -6.74 -72.26 98.09
CA GLY H 331 -8.14 -72.44 98.47
C GLY H 331 -8.90 -71.13 98.44
N VAL H 332 -8.55 -70.24 97.51
CA VAL H 332 -9.32 -68.97 97.36
C VAL H 332 -9.82 -68.90 95.91
N PRO H 333 -11.14 -68.89 95.65
CA PRO H 333 -11.60 -68.89 94.28
C PRO H 333 -11.06 -67.67 93.58
N VAL H 334 -10.18 -67.88 92.61
CA VAL H 334 -9.58 -66.76 91.90
C VAL H 334 -9.79 -66.98 90.41
N VAL H 335 -10.39 -65.99 89.73
CA VAL H 335 -10.49 -66.05 88.28
C VAL H 335 -9.12 -65.79 87.69
N ARG H 336 -8.56 -66.78 87.01
CA ARG H 336 -7.20 -66.69 86.49
C ARG H 336 -7.23 -66.34 85.01
N ARG H 337 -6.04 -66.30 84.42
CA ARG H 337 -5.84 -65.92 83.03
C ARG H 337 -6.21 -64.46 82.81
N GLY H 338 -7.51 -64.16 82.81
CA GLY H 338 -7.95 -62.82 82.52
C GLY H 338 -7.67 -62.38 81.11
N ILE H 339 -7.92 -63.25 80.13
CA ILE H 339 -7.58 -63.01 78.75
C ILE H 339 -8.81 -63.26 77.88
N THR H 340 -8.84 -62.63 76.72
CA THR H 340 -9.90 -62.84 75.75
C THR H 340 -9.58 -64.05 74.88
N SER H 341 -10.56 -64.45 74.08
CA SER H 341 -10.40 -65.61 73.21
C SER H 341 -9.35 -65.37 72.14
N GLY H 342 -9.10 -64.10 71.82
CA GLY H 342 -8.12 -63.77 70.80
C GLY H 342 -6.69 -63.71 71.27
N GLY H 343 -6.44 -63.94 72.55
CA GLY H 343 -5.10 -63.89 73.10
C GLY H 343 -4.67 -62.55 73.65
N GLU H 344 -5.56 -61.55 73.65
CA GLU H 344 -5.24 -60.23 74.16
C GLU H 344 -5.80 -60.08 75.57
N TRP H 345 -5.04 -59.42 76.44
CA TRP H 345 -5.51 -59.15 77.79
C TRP H 345 -6.72 -58.22 77.74
N ILE H 346 -7.67 -58.45 78.65
CA ILE H 346 -8.93 -57.71 78.60
C ILE H 346 -8.70 -56.23 78.81
N ASP H 347 -7.79 -55.88 79.74
CA ASP H 347 -7.55 -54.46 80.03
C ASP H 347 -7.02 -53.72 78.81
N ILE H 348 -6.20 -54.39 78.00
CA ILE H 348 -5.68 -53.78 76.79
C ILE H 348 -6.81 -53.49 75.82
N VAL H 349 -7.72 -54.44 75.65
CA VAL H 349 -8.85 -54.26 74.75
C VAL H 349 -9.74 -53.12 75.25
N ARG H 350 -10.03 -53.10 76.55
CA ARG H 350 -10.86 -52.04 77.11
C ARG H 350 -10.17 -50.69 76.99
N GLY H 351 -8.88 -50.63 77.32
CA GLY H 351 -8.13 -49.40 77.22
C GLY H 351 -8.07 -48.88 75.80
N VAL H 352 -7.87 -49.80 74.85
CA VAL H 352 -7.86 -49.43 73.44
C VAL H 352 -9.20 -48.83 73.04
N ASP H 353 -10.29 -49.47 73.49
CA ASP H 353 -11.62 -48.94 73.18
C ASP H 353 -11.83 -47.57 73.81
N TRP H 354 -11.35 -47.38 75.04
CA TRP H 354 -11.42 -46.07 75.67
C TRP H 354 -10.57 -45.05 74.91
N LEU H 355 -9.37 -45.47 74.48
CA LEU H 355 -8.49 -44.57 73.76
C LEU H 355 -9.14 -44.09 72.46
N GLU H 356 -9.80 -45.00 71.75
CA GLU H 356 -10.52 -44.61 70.54
C GLU H 356 -11.63 -43.62 70.88
N SER H 357 -12.38 -43.89 71.94
CA SER H 357 -13.48 -43.00 72.33
C SER H 357 -12.95 -41.63 72.72
N ASP H 358 -11.87 -41.60 73.50
CA ASP H 358 -11.29 -40.33 73.93
C ASP H 358 -10.68 -39.57 72.75
N LEU H 359 -9.97 -40.29 71.89
CA LEU H 359 -9.40 -39.66 70.70
C LEU H 359 -10.50 -39.14 69.78
N LYS H 360 -11.55 -39.94 69.59
CA LYS H 360 -12.65 -39.56 68.72
C LYS H 360 -13.36 -38.32 69.25
N THR H 361 -13.64 -38.31 70.55
CA THR H 361 -14.30 -37.17 71.18
C THR H 361 -13.46 -35.92 71.12
N SER H 362 -12.18 -36.04 71.49
CA SER H 362 -11.29 -34.88 71.49
C SER H 362 -11.10 -34.32 70.08
N LEU H 363 -10.94 -35.22 69.11
CA LEU H 363 -10.81 -34.77 67.73
C LEU H 363 -12.14 -34.28 67.17
N ARG H 364 -13.25 -34.78 67.71
CA ARG H 364 -14.56 -34.31 67.26
C ARG H 364 -14.74 -32.83 67.54
N ASP H 365 -14.15 -32.33 68.63
CA ASP H 365 -14.36 -30.96 69.06
C ASP H 365 -13.88 -29.96 68.01
N LEU H 366 -12.70 -30.22 67.44
CA LEU H 366 -12.16 -29.32 66.42
C LEU H 366 -13.03 -29.32 65.17
N LEU H 367 -13.52 -30.50 64.77
CA LEU H 367 -14.18 -30.63 63.48
C LEU H 367 -15.66 -30.22 63.57
N ILE H 368 -16.34 -30.63 64.63
CA ILE H 368 -17.75 -30.32 64.78
C ILE H 368 -17.94 -29.06 65.60
N ASN H 369 -17.50 -29.09 66.86
CA ASN H 369 -17.72 -27.94 67.74
C ASN H 369 -16.83 -26.77 67.41
N GLN H 370 -15.88 -26.97 66.48
CA GLN H 370 -14.99 -25.87 66.04
C GLN H 370 -14.44 -25.18 67.28
N LYS H 371 -13.72 -25.92 68.12
CA LYS H 371 -13.13 -25.34 69.35
C LYS H 371 -12.38 -24.06 68.99
N GLY H 372 -11.20 -24.20 68.39
CA GLY H 372 -10.39 -23.00 68.11
C GLY H 372 -10.61 -22.52 66.70
N GLY H 373 -11.65 -23.00 66.03
CA GLY H 373 -11.90 -22.64 64.65
C GLY H 373 -11.68 -23.81 63.72
N LYS H 374 -12.13 -23.70 62.48
CA LYS H 374 -11.97 -24.79 61.52
C LYS H 374 -10.48 -25.05 61.28
N ILE H 375 -10.14 -26.33 61.14
CA ILE H 375 -8.74 -26.71 60.93
C ILE H 375 -8.35 -26.40 59.49
N THR H 376 -7.34 -25.54 59.32
CA THR H 376 -6.85 -25.23 57.99
C THR H 376 -5.78 -26.24 57.58
N TYR H 377 -5.55 -26.34 56.27
CA TYR H 377 -4.62 -27.34 55.73
C TYR H 377 -3.25 -26.72 55.52
N ASP H 378 -2.58 -26.44 56.64
CA ASP H 378 -1.19 -26.02 56.59
C ASP H 378 -0.45 -26.61 57.78
N ASP H 379 0.76 -26.12 58.05
CA ASP H 379 1.52 -26.59 59.18
C ASP H 379 0.87 -26.27 60.52
N THR H 380 0.08 -25.19 60.59
CA THR H 380 -0.62 -24.85 61.83
C THR H 380 -1.78 -25.80 62.07
N GLY H 381 -2.57 -26.08 61.03
CA GLY H 381 -3.72 -26.96 61.17
C GLY H 381 -3.35 -28.37 61.55
N ILE H 382 -2.29 -28.90 60.92
CA ILE H 382 -1.84 -30.25 61.26
C ILE H 382 -1.33 -30.29 62.69
N THR H 383 -0.68 -29.21 63.14
CA THR H 383 -0.19 -29.15 64.51
C THR H 383 -1.34 -29.22 65.50
N ARG H 384 -2.46 -28.56 65.19
CA ARG H 384 -3.63 -28.62 66.05
C ARG H 384 -4.10 -30.06 66.23
N ILE H 385 -4.12 -30.82 65.13
CA ILE H 385 -4.53 -32.22 65.22
C ILE H 385 -3.54 -33.03 66.05
N ARG H 386 -2.24 -32.75 65.88
CA ARG H 386 -1.23 -33.45 66.66
C ARG H 386 -1.41 -33.19 68.15
N GLN H 387 -1.72 -31.94 68.51
CA GLN H 387 -1.88 -31.58 69.91
C GLN H 387 -3.01 -32.38 70.57
N VAL H 388 -4.13 -32.51 69.87
CA VAL H 388 -5.27 -33.25 70.42
C VAL H 388 -4.93 -34.73 70.56
N ILE H 389 -4.28 -35.29 69.54
CA ILE H 389 -3.87 -36.70 69.59
C ILE H 389 -2.87 -36.91 70.72
N GLU H 390 -1.89 -36.01 70.82
CA GLU H 390 -0.88 -36.12 71.87
C GLU H 390 -1.53 -35.96 73.26
N THR H 391 -2.46 -35.02 73.38
CA THR H 391 -3.16 -34.84 74.65
C THR H 391 -3.97 -36.08 75.01
N SER H 392 -4.65 -36.66 74.03
CA SER H 392 -5.45 -37.86 74.27
C SER H 392 -4.59 -39.01 74.75
N LEU H 393 -3.41 -39.19 74.13
CA LEU H 393 -2.51 -40.24 74.58
C LEU H 393 -1.92 -39.92 75.94
N GLN H 394 -1.77 -38.64 76.27
CA GLN H 394 -1.19 -38.28 77.56
C GLN H 394 -2.07 -38.73 78.72
N ARG H 395 -3.39 -38.67 78.54
CA ARG H 395 -4.30 -39.16 79.57
C ARG H 395 -4.08 -40.64 79.83
N ALA H 396 -3.74 -41.40 78.79
CA ALA H 396 -3.44 -42.81 78.98
C ALA H 396 -2.21 -43.01 79.85
N VAL H 397 -1.19 -42.17 79.66
CA VAL H 397 0.01 -42.26 80.48
C VAL H 397 -0.30 -41.93 81.94
N ASN H 398 -1.06 -40.86 82.17
CA ASN H 398 -1.44 -40.49 83.53
C ASN H 398 -2.31 -41.57 84.16
N ARG H 399 -3.00 -42.35 83.33
CA ARG H 399 -3.85 -43.45 83.79
C ARG H 399 -3.05 -44.73 84.02
N LYS H 400 -1.74 -44.69 83.80
CA LYS H 400 -0.85 -45.85 83.98
C LYS H 400 -1.19 -46.96 83.01
N PHE H 401 -1.74 -46.61 81.84
CA PHE H 401 -2.02 -47.57 80.79
C PHE H 401 -0.84 -47.68 79.84
N LEU H 402 -0.45 -46.56 79.23
CA LEU H 402 0.75 -46.49 78.42
C LEU H 402 1.90 -45.99 79.29
N SER H 403 3.10 -45.88 78.71
CA SER H 403 4.21 -45.28 79.41
C SER H 403 4.84 -44.17 78.58
N THR H 404 4.95 -44.40 77.26
CA THR H 404 5.44 -43.39 76.34
C THR H 404 4.61 -43.46 75.06
N TYR H 405 4.59 -42.36 74.33
CA TYR H 405 3.94 -42.29 73.03
C TYR H 405 4.83 -41.53 72.06
N THR H 406 4.53 -41.67 70.77
CA THR H 406 5.32 -41.01 69.73
C THR H 406 4.39 -40.79 68.54
N VAL H 407 3.98 -39.53 68.33
CA VAL H 407 3.05 -39.16 67.28
C VAL H 407 3.83 -38.51 66.15
N THR H 408 3.65 -39.03 64.93
CA THR H 408 4.26 -38.49 63.73
C THR H 408 3.16 -38.01 62.79
N VAL H 409 3.31 -36.80 62.28
CA VAL H 409 2.31 -36.22 61.39
C VAL H 409 2.98 -35.85 60.08
N PRO H 410 2.27 -35.85 58.95
CA PRO H 410 2.88 -35.45 57.69
C PRO H 410 3.17 -33.96 57.65
N LYS H 411 4.15 -33.60 56.84
CA LYS H 411 4.50 -32.21 56.60
C LYS H 411 3.65 -31.67 55.46
N ALA H 412 3.19 -30.43 55.59
CA ALA H 412 2.23 -29.86 54.66
C ALA H 412 2.72 -29.91 53.21
N SER H 413 4.00 -29.60 53.01
CA SER H 413 4.55 -29.60 51.65
C SER H 413 4.58 -30.99 51.04
N GLN H 414 4.62 -32.03 51.87
CA GLN H 414 4.64 -33.40 51.40
C GLN H 414 3.25 -34.01 51.24
N VAL H 415 2.22 -33.17 51.09
CA VAL H 415 0.85 -33.63 50.96
C VAL H 415 0.43 -33.50 49.51
N ALA H 416 -0.14 -34.58 48.96
CA ALA H 416 -0.57 -34.59 47.57
C ALA H 416 -1.72 -33.62 47.36
N LEU H 417 -1.81 -33.09 46.14
CA LEU H 417 -2.86 -32.13 45.82
C LEU H 417 -4.25 -32.77 45.89
N ALA H 418 -4.31 -34.09 45.67
CA ALA H 418 -5.59 -34.79 45.68
C ALA H 418 -6.24 -34.73 47.06
N ASP H 419 -5.44 -34.93 48.12
CA ASP H 419 -6.00 -34.94 49.47
C ASP H 419 -6.54 -33.56 49.84
N LYS H 420 -5.83 -32.50 49.47
CA LYS H 420 -6.28 -31.15 49.81
C LYS H 420 -7.60 -30.83 49.13
N LYS H 421 -7.73 -31.21 47.84
CA LYS H 421 -9.00 -30.98 47.15
C LYS H 421 -10.12 -31.78 47.78
N ALA H 422 -9.85 -33.01 48.22
CA ALA H 422 -10.82 -33.84 48.91
C ALA H 422 -10.97 -33.44 50.37
N ARG H 423 -10.15 -32.51 50.86
CA ARG H 423 -10.17 -32.07 52.25
C ARG H 423 -9.97 -33.27 53.18
N ILE H 424 -8.86 -33.96 52.97
CA ILE H 424 -8.56 -35.24 53.60
C ILE H 424 -7.17 -35.16 54.19
N LEU H 425 -7.01 -35.64 55.42
CA LEU H 425 -5.71 -35.73 56.07
C LEU H 425 -5.47 -37.17 56.50
N LYS H 426 -4.46 -37.80 55.89
CA LYS H 426 -4.08 -39.17 56.19
C LYS H 426 -2.65 -39.20 56.71
N ASP H 427 -2.11 -40.41 56.87
CA ASP H 427 -0.72 -40.63 57.26
C ASP H 427 -0.40 -40.03 58.62
N ILE H 428 -1.37 -40.07 59.54
CA ILE H 428 -1.15 -39.67 60.92
C ILE H 428 -1.00 -40.95 61.75
N THR H 429 0.15 -41.11 62.40
CA THR H 429 0.45 -42.32 63.13
C THR H 429 0.95 -41.98 64.54
N PHE H 430 0.64 -42.86 65.48
CA PHE H 430 1.17 -42.79 66.83
C PHE H 430 1.64 -44.17 67.24
N HIS H 431 2.60 -44.20 68.16
CA HIS H 431 3.26 -45.45 68.53
C HIS H 431 3.49 -45.41 70.04
N GLY H 432 2.58 -46.05 70.78
CA GLY H 432 2.66 -46.09 72.23
C GLY H 432 3.23 -47.38 72.75
N ILE H 433 3.76 -47.33 73.97
CA ILE H 433 4.35 -48.48 74.63
C ILE H 433 3.47 -48.82 75.83
N LEU H 434 2.97 -50.05 75.86
CA LEU H 434 2.07 -50.45 76.94
C LEU H 434 2.84 -50.63 78.24
N ALA H 435 2.12 -50.53 79.35
CA ALA H 435 2.66 -50.84 80.67
C ALA H 435 1.95 -52.10 81.17
N GLY H 436 2.72 -53.15 81.42
CA GLY H 436 2.17 -54.42 81.83
C GLY H 436 1.90 -54.49 83.31
N ALA H 437 1.51 -55.69 83.75
CA ALA H 437 1.24 -55.92 85.17
C ALA H 437 1.74 -57.32 85.53
N ILE H 438 2.30 -57.42 86.74
CA ILE H 438 2.85 -58.68 87.22
C ILE H 438 1.69 -59.49 87.79
N LEU H 439 1.35 -60.59 87.12
CA LEU H 439 0.21 -61.42 87.51
C LEU H 439 0.63 -62.71 88.19
N ASP H 440 1.89 -63.13 88.04
CA ASP H 440 2.37 -64.37 88.65
C ASP H 440 3.89 -64.35 88.67
N VAL H 441 4.46 -64.87 89.76
CA VAL H 441 5.91 -64.85 89.94
C VAL H 441 6.45 -66.27 89.95
N ASP H 442 7.77 -66.40 89.92
CA ASP H 442 8.42 -67.71 90.01
C ASP H 442 9.67 -67.60 90.87
N LEU H 443 9.53 -67.88 92.16
CA LEU H 443 10.66 -67.76 93.08
C LEU H 443 11.41 -69.07 93.16
N LYS H 444 12.63 -69.09 92.62
CA LYS H 444 13.50 -70.26 92.68
C LYS H 444 14.48 -70.15 93.85
N GLY H 445 14.03 -70.52 95.04
CA GLY H 445 14.84 -70.43 96.23
C GLY H 445 16.16 -71.17 96.11
N THR H 446 17.26 -70.51 96.49
CA THR H 446 18.59 -71.08 96.32
C THR H 446 18.76 -72.37 97.11
N VAL H 447 18.72 -72.26 98.43
CA VAL H 447 18.93 -73.41 99.29
C VAL H 447 18.56 -73.03 100.73
N ALA H 448 18.82 -73.94 101.65
CA ALA H 448 18.65 -73.72 103.08
C ALA H 448 19.84 -74.25 103.86
N TYR H 449 21.04 -74.00 103.34
CA TYR H 449 22.27 -74.49 103.95
C TYR H 449 22.52 -73.87 105.32
N THR I 11 -44.47 -85.06 66.21
CA THR I 11 -43.61 -84.26 65.33
C THR I 11 -44.40 -83.73 64.14
N ARG I 12 -44.21 -82.44 63.83
CA ARG I 12 -44.90 -81.81 62.71
C ARG I 12 -43.95 -81.51 61.57
N VAL I 13 -42.86 -80.80 61.87
CA VAL I 13 -41.84 -80.38 60.90
C VAL I 13 -42.44 -79.41 59.90
N HIS I 14 -43.73 -79.08 60.05
CA HIS I 14 -44.41 -78.22 59.09
C HIS I 14 -43.81 -76.82 59.09
N SER I 15 -43.55 -76.28 57.90
CA SER I 15 -42.88 -75.00 57.75
C SER I 15 -43.88 -73.92 57.35
N TYR I 16 -43.38 -72.74 56.99
CA TYR I 16 -44.19 -71.62 56.55
C TYR I 16 -43.57 -70.99 55.31
N ARG I 17 -44.07 -69.84 54.90
CA ARG I 17 -43.56 -69.18 53.71
C ARG I 17 -43.79 -67.68 53.87
N GLY I 18 -42.90 -66.89 53.28
CA GLY I 18 -42.98 -65.44 53.42
C GLY I 18 -43.06 -64.70 52.11
N VAL I 19 -42.66 -63.43 52.12
CA VAL I 19 -42.61 -62.61 50.92
C VAL I 19 -41.16 -62.27 50.61
N LEU I 20 -40.90 -61.95 49.35
CA LEU I 20 -39.56 -61.56 48.93
C LEU I 20 -39.37 -60.08 49.23
N ILE I 21 -38.57 -59.79 50.25
CA ILE I 21 -38.30 -58.41 50.68
C ILE I 21 -36.84 -58.12 50.37
N ILE I 22 -36.61 -57.04 49.62
CA ILE I 22 -35.27 -56.64 49.23
C ILE I 22 -35.10 -55.15 49.48
N THR I 23 -33.89 -54.75 49.80
CA THR I 23 -33.57 -53.35 50.08
C THR I 23 -32.40 -52.93 49.22
N ASP I 24 -32.55 -51.80 48.53
CA ASP I 24 -31.48 -51.26 47.70
C ASP I 24 -31.50 -49.75 47.78
N GLU I 25 -30.32 -49.16 47.67
CA GLU I 25 -30.17 -47.71 47.68
C GLU I 25 -29.74 -47.25 46.28
N LEU I 26 -30.55 -46.39 45.67
CA LEU I 26 -30.32 -45.94 44.32
C LEU I 26 -30.12 -44.43 44.29
N THR I 27 -29.14 -44.00 43.49
CA THR I 27 -28.83 -42.57 43.34
C THR I 27 -28.33 -42.34 41.92
N VAL I 28 -28.85 -41.30 41.28
CA VAL I 28 -28.43 -40.90 39.95
C VAL I 28 -27.90 -39.46 40.04
N GLU I 29 -26.76 -39.22 39.39
CA GLU I 29 -26.07 -37.94 39.49
C GLU I 29 -25.78 -37.42 38.08
N ALA I 30 -25.49 -36.12 38.02
CA ALA I 30 -25.13 -35.47 36.77
C ALA I 30 -24.00 -34.48 37.01
N GLY I 31 -23.67 -33.68 36.01
CA GLY I 31 -22.60 -32.72 36.14
C GLY I 31 -22.94 -31.43 35.43
N SER I 32 -21.95 -30.53 35.38
CA SER I 32 -22.15 -29.24 34.75
C SER I 32 -20.80 -28.69 34.32
N ARG I 33 -20.77 -28.01 33.17
CA ARG I 33 -19.58 -27.30 32.73
C ARG I 33 -20.04 -26.05 31.99
N VAL I 34 -19.34 -24.94 32.22
CA VAL I 34 -19.65 -23.68 31.57
C VAL I 34 -18.55 -23.37 30.56
N SER I 35 -18.94 -23.11 29.32
CA SER I 35 -18.00 -22.80 28.25
C SER I 35 -18.21 -21.37 27.81
N LEU I 36 -17.12 -20.61 27.71
CA LEU I 36 -17.16 -19.22 27.28
C LEU I 36 -16.10 -18.99 26.22
N SER I 37 -16.42 -18.13 25.26
CA SER I 37 -15.51 -17.75 24.19
C SER I 37 -15.60 -16.24 23.99
N GLY I 38 -14.51 -15.54 24.27
CA GLY I 38 -14.47 -14.10 24.10
C GLY I 38 -13.10 -13.66 23.63
N TYR I 39 -13.05 -12.43 23.13
CA TYR I 39 -11.80 -11.88 22.62
C TYR I 39 -11.82 -10.37 22.75
N VAL I 40 -10.62 -9.77 22.71
CA VAL I 40 -10.50 -8.32 22.83
C VAL I 40 -11.22 -7.65 21.68
N SER I 41 -11.97 -6.60 21.97
CA SER I 41 -12.71 -5.89 20.93
C SER I 41 -11.75 -5.18 19.98
N ASP I 42 -11.94 -5.39 18.70
CA ASP I 42 -11.17 -4.73 17.65
C ASP I 42 -12.09 -3.96 16.72
N GLY I 43 -13.05 -3.24 17.30
CA GLY I 43 -14.05 -2.54 16.52
C GLY I 43 -15.44 -3.08 16.76
N GLY I 44 -16.02 -3.74 15.76
CA GLY I 44 -17.34 -4.30 15.88
C GLY I 44 -18.17 -4.13 14.63
N THR I 45 -19.08 -5.07 14.37
CA THR I 45 -19.91 -5.01 13.18
C THR I 45 -20.79 -3.76 13.20
N SER I 46 -20.51 -2.82 12.31
CA SER I 46 -21.22 -1.56 12.27
C SER I 46 -22.07 -1.45 11.01
N ASP I 47 -23.00 -0.50 11.03
CA ASP I 47 -23.87 -0.21 9.90
C ASP I 47 -23.35 1.05 9.22
N VAL I 48 -23.39 1.06 7.88
CA VAL I 48 -22.89 2.16 7.09
C VAL I 48 -21.42 2.43 7.40
N PHE I 49 -20.56 1.45 7.14
CA PHE I 49 -19.12 1.58 7.33
C PHE I 49 -18.55 2.41 6.18
N THR I 50 -18.39 3.70 6.43
CA THR I 50 -17.90 4.63 5.42
C THR I 50 -16.83 5.53 6.01
N ILE I 51 -15.95 6.03 5.13
CA ILE I 51 -14.96 7.01 5.55
C ILE I 51 -15.65 8.29 6.00
N CYS I 52 -15.02 8.98 6.96
CA CYS I 52 -15.64 10.14 7.57
C CYS I 52 -14.62 11.24 7.76
N ARG I 53 -15.10 12.49 7.83
CA ARG I 53 -14.28 13.68 8.02
C ARG I 53 -14.90 14.50 9.16
N LEU I 54 -14.46 14.26 10.39
CA LEU I 54 -14.99 15.01 11.52
C LEU I 54 -14.51 16.46 11.49
N LEU I 55 -15.32 17.34 12.07
CA LEU I 55 -15.02 18.76 12.19
C LEU I 55 -15.54 19.23 13.54
N ASP I 56 -14.80 20.17 14.15
CA ASP I 56 -15.21 20.81 15.38
C ASP I 56 -15.72 22.21 15.08
N ALA I 57 -16.79 22.60 15.79
CA ALA I 57 -17.51 23.82 15.47
C ALA I 57 -17.78 24.61 16.74
N PRO I 58 -16.94 25.58 17.06
CA PRO I 58 -17.23 26.47 18.19
C PRO I 58 -18.32 27.47 17.81
N MET I 59 -19.37 27.52 18.62
CA MET I 59 -20.51 28.38 18.37
C MET I 59 -20.25 29.82 18.80
N ASN I 60 -19.22 30.06 19.60
CA ASN I 60 -18.90 31.40 20.08
C ASN I 60 -18.07 32.20 19.08
N GLY I 61 -17.84 31.67 17.89
CA GLY I 61 -17.09 32.39 16.86
C GLY I 61 -15.59 32.31 16.98
N LYS I 62 -15.07 32.41 18.20
CA LYS I 62 -13.63 32.42 18.42
C LYS I 62 -13.03 31.08 18.01
N GLN I 63 -11.93 31.15 17.25
CA GLN I 63 -11.21 29.94 16.87
C GLN I 63 -10.54 29.34 18.09
N PHE I 64 -10.34 28.02 18.06
CA PHE I 64 -9.70 27.31 19.16
C PHE I 64 -8.29 27.85 19.37
N ILE I 65 -7.43 27.71 18.37
CA ILE I 65 -6.13 28.36 18.35
C ILE I 65 -6.11 29.31 17.16
N SER I 66 -6.06 30.61 17.43
CA SER I 66 -6.11 31.61 16.38
C SER I 66 -4.79 31.68 15.65
N ASN I 67 -4.68 32.61 14.69
CA ASN I 67 -3.48 32.80 13.88
C ASN I 67 -3.18 31.58 13.02
N ASN I 68 -4.08 30.59 13.05
CA ASN I 68 -3.92 29.40 12.23
C ASN I 68 -4.96 29.38 11.12
N CYS I 69 -4.49 29.33 9.87
CA CYS I 69 -5.40 29.28 8.74
C CYS I 69 -6.08 27.92 8.65
N ASN I 70 -7.31 27.93 8.12
CA ASN I 70 -8.08 26.71 7.95
C ASN I 70 -7.54 25.89 6.79
N GLU I 71 -7.86 24.59 6.82
CA GLU I 71 -7.40 23.64 5.81
C GLU I 71 -8.59 23.16 5.01
N ILE I 72 -8.44 23.16 3.68
CA ILE I 72 -9.51 22.71 2.79
C ILE I 72 -9.73 21.22 3.00
N VAL I 73 -10.97 20.82 3.25
CA VAL I 73 -11.29 19.42 3.50
C VAL I 73 -11.24 18.66 2.18
N LYS I 74 -10.45 17.60 2.14
CA LYS I 74 -10.31 16.77 0.95
C LYS I 74 -11.04 15.45 1.14
N ILE I 75 -12.04 15.21 0.30
CA ILE I 75 -12.82 13.98 0.32
C ILE I 75 -12.67 13.31 -1.04
N PRO I 76 -12.30 12.03 -1.10
CA PRO I 76 -12.15 11.36 -2.40
C PRO I 76 -13.46 11.34 -3.17
N PHE I 77 -13.34 11.50 -4.49
CA PHE I 77 -14.52 11.46 -5.34
C PHE I 77 -15.05 10.03 -5.46
N ASP I 78 -16.36 9.92 -5.69
CA ASP I 78 -17.06 8.64 -5.78
C ASP I 78 -16.84 7.81 -4.53
N SER I 79 -17.07 8.44 -3.38
CA SER I 79 -16.89 7.76 -2.09
C SER I 79 -17.90 8.33 -1.12
N SER I 80 -18.80 7.48 -0.62
CA SER I 80 -19.75 7.90 0.39
C SER I 80 -19.02 8.21 1.69
N CYS I 81 -19.10 9.47 2.12
CA CYS I 81 -18.42 9.90 3.33
C CYS I 81 -19.40 10.55 4.28
N LEU I 82 -19.14 10.36 5.57
CA LEU I 82 -20.01 10.87 6.64
C LEU I 82 -19.33 12.10 7.24
N LEU I 83 -20.03 13.22 7.17
CA LEU I 83 -19.52 14.47 7.73
C LEU I 83 -19.85 14.55 9.21
N GLY I 84 -18.87 14.87 10.04
CA GLY I 84 -19.10 14.96 11.47
C GLY I 84 -18.84 16.33 12.05
N VAL I 85 -19.87 16.94 12.63
CA VAL I 85 -19.76 18.26 13.23
C VAL I 85 -20.07 18.12 14.72
N LYS I 86 -19.16 18.60 15.55
CA LYS I 86 -19.32 18.58 17.01
C LYS I 86 -19.42 20.01 17.51
N LEU I 87 -20.54 20.34 18.13
CA LEU I 87 -20.82 21.72 18.52
C LEU I 87 -20.31 21.98 19.94
N TYR I 88 -19.77 23.18 20.15
CA TYR I 88 -19.31 23.62 21.46
C TYR I 88 -20.00 24.94 21.80
N ASN I 89 -20.41 25.08 23.06
CA ASN I 89 -21.18 26.25 23.47
C ASN I 89 -20.29 27.48 23.67
N CYS I 90 -20.86 28.54 24.23
CA CYS I 90 -20.15 29.79 24.45
C CYS I 90 -19.03 29.66 25.47
N GLU I 91 -18.99 28.57 26.23
CA GLU I 91 -17.92 28.32 27.19
C GLU I 91 -16.98 27.23 26.68
N ASN I 92 -17.03 26.95 25.38
CA ASN I 92 -16.19 25.95 24.74
C ASN I 92 -16.40 24.57 25.36
N LYS I 93 -17.63 24.27 25.76
CA LYS I 93 -18.00 22.98 26.31
C LYS I 93 -18.87 22.25 25.30
N ARG I 94 -18.57 20.98 25.08
CA ARG I 94 -19.34 20.15 24.15
C ARG I 94 -20.82 20.13 24.54
N VAL I 95 -21.67 20.48 23.59
CA VAL I 95 -23.10 20.53 23.83
C VAL I 95 -23.71 19.17 23.49
N ASN I 96 -24.92 18.95 23.98
CA ASN I 96 -25.68 17.77 23.64
C ASN I 96 -26.61 18.14 22.50
N VAL I 97 -26.75 17.25 21.52
CA VAL I 97 -27.44 17.56 20.26
C VAL I 97 -28.95 17.59 20.41
N ASN I 98 -29.45 17.46 21.65
CA ASN I 98 -30.86 17.67 21.88
C ASN I 98 -31.27 19.13 21.82
N SER I 99 -30.31 20.03 21.64
CA SER I 99 -30.61 21.45 21.49
C SER I 99 -30.87 21.87 20.05
N VAL I 100 -30.74 20.95 19.09
CA VAL I 100 -30.96 21.25 17.68
C VAL I 100 -32.03 20.30 17.15
N GLU I 101 -33.18 20.86 16.77
CA GLU I 101 -34.23 20.03 16.17
C GLU I 101 -33.92 19.70 14.72
N ALA I 102 -33.31 20.62 13.98
CA ALA I 102 -33.02 20.36 12.57
C ALA I 102 -31.78 21.12 12.17
N ALA I 103 -31.12 20.62 11.13
CA ALA I 103 -29.89 21.22 10.62
C ALA I 103 -29.83 21.02 9.12
N PHE I 104 -29.13 21.93 8.45
CA PHE I 104 -28.96 21.87 7.00
C PHE I 104 -27.51 22.13 6.65
N ILE I 105 -27.03 21.47 5.59
CA ILE I 105 -25.67 21.64 5.09
C ILE I 105 -25.76 22.24 3.69
N THR I 106 -25.00 23.30 3.46
CA THR I 106 -24.99 23.99 2.18
C THR I 106 -23.64 23.81 1.50
N ILE I 107 -23.67 23.54 0.20
CA ILE I 107 -22.45 23.41 -0.59
C ILE I 107 -22.47 24.53 -1.61
N ASP I 108 -23.06 25.67 -1.23
CA ASP I 108 -23.01 26.91 -1.98
C ASP I 108 -23.80 26.76 -3.28
N THR I 109 -23.25 26.01 -4.25
CA THR I 109 -23.88 25.88 -5.56
C THR I 109 -24.01 24.42 -5.97
N ALA I 110 -24.10 23.52 -5.00
CA ALA I 110 -24.31 22.12 -5.32
C ALA I 110 -25.67 21.65 -4.83
N PHE I 111 -25.94 21.82 -3.54
CA PHE I 111 -27.19 21.38 -2.93
C PHE I 111 -27.23 21.86 -1.49
N GLN I 112 -28.43 21.83 -0.92
CA GLN I 112 -28.64 22.07 0.51
C GLN I 112 -29.58 20.98 1.01
N SER I 113 -29.01 19.90 1.49
CA SER I 113 -29.82 18.79 1.94
C SER I 113 -29.96 18.83 3.47
N PRO I 114 -31.10 18.39 4.00
CA PRO I 114 -31.28 18.42 5.46
C PRO I 114 -30.29 17.50 6.15
N MET I 115 -29.82 17.95 7.31
CA MET I 115 -28.84 17.21 8.09
C MET I 115 -29.54 16.38 9.17
N THR I 116 -28.95 15.24 9.49
CA THR I 116 -29.50 14.33 10.47
C THR I 116 -28.75 14.45 11.79
N VAL I 117 -29.52 14.64 12.87
CA VAL I 117 -28.95 14.88 14.19
C VAL I 117 -28.78 13.55 14.91
N ASN I 118 -27.60 12.95 14.79
CA ASN I 118 -27.37 11.64 15.40
C ASN I 118 -27.32 11.81 16.91
N LYS I 119 -28.40 11.42 17.59
CA LYS I 119 -28.45 11.55 19.04
C LYS I 119 -27.58 10.51 19.75
N GLU I 120 -27.42 9.33 19.17
CA GLU I 120 -26.68 8.24 19.82
C GLU I 120 -25.18 8.46 19.84
N SER I 121 -24.65 9.35 18.97
CA SER I 121 -23.22 9.62 18.93
C SER I 121 -22.92 11.10 19.17
N ASN I 122 -23.95 11.89 19.46
CA ASN I 122 -23.81 13.32 19.72
C ASN I 122 -23.06 14.04 18.61
N ARG I 123 -23.39 13.74 17.36
CA ARG I 123 -22.67 14.31 16.23
C ARG I 123 -23.66 14.62 15.12
N LEU I 124 -23.73 15.86 14.69
CA LEU I 124 -24.44 16.17 13.46
C LEU I 124 -23.72 15.47 12.30
N GLU I 125 -24.46 14.67 11.54
CA GLU I 125 -23.86 13.90 10.46
C GLU I 125 -24.64 14.08 9.16
N TYR I 126 -23.93 13.90 8.06
CA TYR I 126 -24.52 13.85 6.73
C TYR I 126 -23.66 12.92 5.89
N ILE I 127 -24.29 11.97 5.22
CA ILE I 127 -23.59 10.96 4.43
C ILE I 127 -23.81 11.28 2.96
N PHE I 128 -22.72 11.54 2.25
CA PHE I 128 -22.82 11.81 0.82
C PHE I 128 -23.17 10.54 0.07
N SER I 129 -24.18 10.62 -0.78
CA SER I 129 -24.59 9.48 -1.59
C SER I 129 -23.97 9.58 -2.97
N GLN I 130 -24.16 8.54 -3.78
CA GLN I 130 -23.72 8.57 -5.17
C GLN I 130 -24.61 9.44 -6.04
N ASN I 131 -25.77 9.88 -5.52
CA ASN I 131 -26.65 10.79 -6.21
C ASN I 131 -26.14 12.22 -6.17
N ASP I 132 -25.55 12.64 -5.06
CA ASP I 132 -25.06 14.00 -4.91
C ASP I 132 -23.78 14.27 -5.69
N TYR I 133 -23.11 13.22 -6.18
CA TYR I 133 -21.84 13.41 -6.86
C TYR I 133 -22.00 13.71 -8.34
N LYS I 134 -23.21 13.74 -8.88
CA LYS I 134 -23.42 14.16 -10.25
C LYS I 134 -23.68 15.65 -10.37
N VAL I 135 -23.84 16.36 -9.26
CA VAL I 135 -24.16 17.78 -9.26
C VAL I 135 -22.99 18.65 -8.84
N LEU I 136 -21.79 18.09 -8.75
CA LEU I 136 -20.62 18.84 -8.35
C LEU I 136 -19.40 18.38 -9.13
N VAL I 137 -18.53 19.33 -9.46
CA VAL I 137 -17.42 19.09 -10.38
C VAL I 137 -16.20 18.59 -9.62
N LYS I 138 -15.23 18.08 -10.39
CA LYS I 138 -13.98 17.53 -9.86
C LYS I 138 -13.06 18.67 -9.43
N GLY I 139 -12.98 18.87 -8.11
CA GLY I 139 -11.92 19.71 -7.58
C GLY I 139 -12.31 21.09 -7.12
N LYS I 140 -13.52 21.53 -7.42
CA LYS I 140 -13.94 22.87 -7.03
C LYS I 140 -13.91 23.02 -5.52
N VAL I 141 -13.32 24.10 -5.05
CA VAL I 141 -13.25 24.37 -3.61
C VAL I 141 -14.57 25.00 -3.17
N TYR I 142 -15.52 24.15 -2.79
CA TYR I 142 -16.83 24.61 -2.39
C TYR I 142 -16.78 25.15 -0.97
N ASP I 143 -17.82 25.91 -0.60
CA ASP I 143 -17.96 26.47 0.73
C ASP I 143 -19.04 25.70 1.48
N MET I 144 -18.71 25.24 2.67
CA MET I 144 -19.63 24.49 3.53
C MET I 144 -20.26 25.43 4.53
N ILE I 145 -21.59 25.50 4.52
CA ILE I 145 -22.34 26.26 5.51
C ILE I 145 -23.27 25.29 6.24
N VAL I 146 -23.19 25.30 7.57
CA VAL I 146 -24.01 24.44 8.41
C VAL I 146 -24.91 25.34 9.25
N ASN I 147 -26.22 25.15 9.13
CA ASN I 147 -27.19 25.93 9.87
C ASN I 147 -27.98 25.01 10.79
N VAL I 148 -28.47 25.58 11.90
CA VAL I 148 -29.29 24.86 12.86
C VAL I 148 -30.48 25.72 13.24
N VAL I 149 -31.39 25.13 14.02
CA VAL I 149 -32.57 25.80 14.54
C VAL I 149 -32.57 25.62 16.04
N ASP I 150 -32.31 26.70 16.78
CA ASP I 150 -32.07 26.58 18.21
C ASP I 150 -33.28 26.06 18.97
N GLU I 151 -34.33 26.86 19.10
CA GLU I 151 -35.53 26.39 19.77
C GLU I 151 -36.81 26.87 19.09
N SER I 152 -36.74 28.00 18.38
CA SER I 152 -37.93 28.70 17.92
C SER I 152 -37.73 29.32 16.54
N GLY I 153 -36.97 28.66 15.67
CA GLY I 153 -36.80 29.15 14.32
C GLY I 153 -35.52 29.91 14.10
N ASN I 154 -34.82 30.24 15.20
CA ASN I 154 -33.57 30.97 15.10
C ASN I 154 -32.54 30.17 14.30
N HIS I 155 -32.21 30.65 13.11
CA HIS I 155 -31.20 30.00 12.30
C HIS I 155 -29.83 30.60 12.58
N SER I 156 -28.83 29.72 12.68
CA SER I 156 -27.49 30.17 13.03
C SER I 156 -26.47 29.41 12.18
N THR I 157 -25.55 30.14 11.56
CA THR I 157 -24.49 29.55 10.77
C THR I 157 -23.30 29.29 11.68
N ILE I 158 -22.97 28.01 11.87
CA ILE I 158 -21.90 27.64 12.79
C ILE I 158 -20.57 27.48 12.07
N LEU I 159 -20.59 26.92 10.87
CA LEU I 159 -19.38 26.57 10.15
C LEU I 159 -19.40 27.16 8.76
N LYS I 160 -18.27 27.72 8.34
CA LYS I 160 -18.11 28.29 7.01
C LYS I 160 -16.77 27.81 6.43
N GLN I 161 -16.54 26.50 6.52
CA GLN I 161 -15.28 25.91 6.11
C GLN I 161 -15.39 25.48 4.64
N LYS I 162 -14.25 25.27 3.98
CA LYS I 162 -14.19 24.96 2.57
C LYS I 162 -13.88 23.49 2.34
N VAL I 163 -14.41 22.94 1.25
CA VAL I 163 -14.28 21.54 0.91
C VAL I 163 -13.82 21.42 -0.53
N ARG I 164 -12.88 20.52 -0.78
CA ARG I 164 -12.46 20.16 -2.13
C ARG I 164 -12.82 18.71 -2.38
N PHE I 165 -13.67 18.46 -3.37
CA PHE I 165 -14.09 17.11 -3.73
C PHE I 165 -13.14 16.51 -4.77
N ASN I 166 -11.94 16.16 -4.31
CA ASN I 166 -10.91 15.62 -5.18
C ASN I 166 -11.37 14.25 -5.68
N GLU J 25 38.44 -27.39 -36.13
CA GLU J 25 39.38 -26.62 -35.34
C GLU J 25 38.66 -25.65 -34.41
N LEU J 26 37.33 -25.81 -34.31
CA LEU J 26 36.53 -24.94 -33.47
C LEU J 26 35.23 -25.67 -33.14
N THR J 27 34.85 -25.65 -31.86
CA THR J 27 33.64 -26.32 -31.42
C THR J 27 33.14 -25.66 -30.14
N VAL J 28 31.87 -25.23 -30.16
CA VAL J 28 31.24 -24.61 -29.01
C VAL J 28 30.27 -25.57 -28.37
N GLU J 29 30.32 -25.68 -27.04
CA GLU J 29 29.54 -26.63 -26.28
C GLU J 29 28.51 -25.91 -25.42
N ALA J 30 27.69 -26.69 -24.72
CA ALA J 30 26.69 -26.15 -23.81
C ALA J 30 26.34 -27.21 -22.76
N GLY J 31 25.28 -26.98 -22.00
CA GLY J 31 24.91 -27.90 -20.96
C GLY J 31 23.43 -27.77 -20.62
N SER J 32 22.99 -28.63 -19.71
CA SER J 32 21.61 -28.67 -19.26
C SER J 32 21.54 -28.83 -17.75
N ARG J 33 20.41 -28.35 -17.23
CA ARG J 33 20.18 -28.45 -15.78
C ARG J 33 18.67 -28.44 -15.62
N VAL J 34 18.18 -29.35 -14.81
CA VAL J 34 16.75 -29.43 -14.51
C VAL J 34 16.59 -29.56 -13.00
N SER J 35 15.58 -28.86 -12.46
CA SER J 35 15.33 -28.87 -11.03
C SER J 35 13.85 -29.11 -10.78
N LEU J 36 13.54 -29.69 -9.63
CA LEU J 36 12.18 -30.02 -9.23
C LEU J 36 11.97 -29.72 -7.75
N SER J 37 10.71 -29.61 -7.35
CA SER J 37 10.36 -29.42 -5.95
C SER J 37 8.91 -29.84 -5.70
N GLY J 38 8.71 -30.77 -4.75
CA GLY J 38 7.40 -31.24 -4.39
C GLY J 38 7.15 -31.17 -2.89
N TYR J 39 5.87 -31.00 -2.55
CA TYR J 39 5.45 -30.94 -1.16
C TYR J 39 4.23 -31.82 -0.92
N VAL J 40 4.32 -33.05 -1.40
CA VAL J 40 3.36 -34.17 -1.28
C VAL J 40 2.07 -33.80 -0.55
N SER J 41 1.11 -33.22 -1.28
CA SER J 41 -0.28 -33.15 -0.85
C SER J 41 -0.47 -32.48 0.51
N ASP J 42 -0.56 -33.31 1.56
CA ASP J 42 -0.83 -32.90 2.94
C ASP J 42 -2.24 -32.36 3.11
N GLY J 43 -3.01 -32.32 2.02
CA GLY J 43 -4.40 -31.91 2.06
C GLY J 43 -4.65 -30.53 2.62
N GLY J 44 -3.67 -29.64 2.51
CA GLY J 44 -3.81 -28.30 3.04
C GLY J 44 -4.21 -27.27 2.00
N THR J 45 -3.78 -26.03 2.19
CA THR J 45 -4.05 -24.94 1.27
C THR J 45 -2.73 -24.28 0.87
N SER J 46 -1.76 -25.13 0.53
CA SER J 46 -0.40 -24.71 0.19
C SER J 46 0.21 -23.85 1.29
N ASP J 47 1.30 -23.15 0.96
CA ASP J 47 2.00 -22.32 1.94
C ASP J 47 2.46 -21.02 1.30
N VAL J 48 1.66 -20.50 0.36
CA VAL J 48 2.02 -19.34 -0.44
C VAL J 48 2.54 -18.18 0.39
N PHE J 49 3.79 -17.79 0.16
CA PHE J 49 4.41 -16.65 0.84
C PHE J 49 5.41 -15.99 -0.12
N THR J 50 5.03 -14.83 -0.64
CA THR J 50 5.97 -13.98 -1.36
C THR J 50 5.47 -12.54 -1.42
N ILE J 51 5.98 -11.67 -0.54
CA ILE J 51 5.65 -10.24 -0.56
C ILE J 51 6.41 -9.55 0.57
N CYS J 52 6.46 -8.22 0.49
CA CYS J 52 6.90 -7.38 1.60
C CYS J 52 6.00 -6.15 1.74
N ARG J 53 5.16 -5.90 0.73
CA ARG J 53 4.39 -4.67 0.68
C ARG J 53 3.16 -4.72 1.59
N LEU J 54 3.14 -3.87 2.60
CA LEU J 54 1.96 -3.68 3.45
C LEU J 54 1.72 -2.19 3.65
N LEU J 55 0.47 -1.76 3.44
CA LEU J 55 0.15 -0.34 3.36
C LEU J 55 -0.81 0.07 4.47
N ASP J 56 -0.74 1.35 4.80
CA ASP J 56 -1.62 1.96 5.79
C ASP J 56 -2.95 2.31 5.12
N ALA J 57 -3.97 2.57 5.94
CA ALA J 57 -5.25 2.98 5.39
C ALA J 57 -6.10 3.70 6.43
N PRO J 58 -5.75 4.93 6.80
CA PRO J 58 -6.58 5.66 7.78
C PRO J 58 -7.91 6.06 7.17
N MET J 59 -8.98 5.80 7.92
CA MET J 59 -10.32 6.18 7.49
C MET J 59 -10.65 7.64 7.76
N ASN J 60 -9.78 8.35 8.47
CA ASN J 60 -9.97 9.77 8.74
C ASN J 60 -9.15 10.68 7.83
N GLY J 61 -8.15 10.14 7.15
CA GLY J 61 -7.32 10.93 6.27
C GLY J 61 -6.06 11.43 6.94
N LYS J 62 -4.91 10.94 6.49
CA LYS J 62 -3.63 11.34 7.06
C LYS J 62 -3.31 12.79 6.71
N SER J 66 2.32 15.40 8.57
CA SER J 66 3.06 15.97 7.45
C SER J 66 2.57 15.38 6.12
N ASN J 67 1.83 16.17 5.36
CA ASN J 67 1.32 15.73 4.07
C ASN J 67 2.46 15.45 3.10
N ASN J 68 3.37 16.41 2.94
CA ASN J 68 4.50 16.33 2.03
C ASN J 68 4.10 15.75 0.67
N CYS J 69 4.84 14.75 0.21
CA CYS J 69 4.52 14.05 -1.04
C CYS J 69 4.50 12.55 -0.74
N ASN J 70 3.42 11.88 -1.15
CA ASN J 70 3.29 10.45 -0.90
C ASN J 70 4.36 9.67 -1.63
N GLU J 71 4.83 8.60 -0.99
CA GLU J 71 5.85 7.76 -1.58
C GLU J 71 5.26 6.82 -2.61
N ILE J 72 6.12 6.30 -3.47
CA ILE J 72 5.71 5.48 -4.61
C ILE J 72 5.97 4.03 -4.23
N VAL J 73 4.91 3.22 -4.20
CA VAL J 73 5.06 1.80 -3.92
C VAL J 73 5.66 1.12 -5.14
N LYS J 74 6.75 0.39 -4.94
CA LYS J 74 7.51 -0.21 -6.04
C LYS J 74 7.41 -1.73 -5.94
N ILE J 75 6.69 -2.32 -6.88
CA ILE J 75 6.58 -3.78 -7.02
C ILE J 75 7.49 -4.20 -8.17
N PRO J 76 8.36 -5.23 -8.00
CA PRO J 76 9.13 -5.70 -9.13
C PRO J 76 8.16 -6.13 -10.20
N PHE J 77 8.38 -5.71 -11.44
CA PHE J 77 7.53 -6.22 -12.55
C PHE J 77 7.65 -7.70 -12.51
N ASP J 78 6.65 -8.41 -13.02
CA ASP J 78 6.63 -9.87 -12.85
C ASP J 78 6.55 -10.17 -11.36
N SER J 79 7.06 -11.31 -10.92
CA SER J 79 6.85 -11.76 -9.54
C SER J 79 5.39 -11.60 -9.12
N SER J 80 5.12 -11.75 -7.83
CA SER J 80 3.75 -11.73 -7.33
C SER J 80 3.70 -11.15 -5.92
N CYS J 81 3.34 -9.88 -5.81
CA CYS J 81 3.29 -9.22 -4.52
C CYS J 81 1.91 -9.42 -3.88
N LEU J 82 1.88 -9.26 -2.56
CA LEU J 82 0.66 -9.38 -1.77
C LEU J 82 0.43 -8.03 -1.09
N LEU J 83 -0.58 -7.31 -1.56
CA LEU J 83 -0.86 -5.97 -1.03
C LEU J 83 -1.50 -6.07 0.35
N GLY J 84 -0.83 -5.52 1.35
CA GLY J 84 -1.36 -5.54 2.70
C GLY J 84 -2.00 -4.23 3.12
N VAL J 85 -3.33 -4.20 3.16
CA VAL J 85 -4.06 -2.99 3.54
C VAL J 85 -4.58 -3.17 4.95
N LYS J 86 -4.23 -2.24 5.84
CA LYS J 86 -4.61 -2.29 7.23
C LYS J 86 -5.66 -1.23 7.52
N LEU J 87 -6.83 -1.67 7.98
CA LEU J 87 -7.96 -0.77 8.21
C LEU J 87 -7.84 -0.17 9.60
N TYR J 88 -7.43 1.11 9.63
CA TYR J 88 -7.45 1.91 10.85
C TYR J 88 -8.82 2.58 10.96
N ASN J 89 -9.50 2.31 12.08
CA ASN J 89 -10.78 2.96 12.32
C ASN J 89 -10.60 4.47 12.41
N CYS J 90 -11.71 5.19 12.31
CA CYS J 90 -11.60 6.62 12.08
C CYS J 90 -11.62 7.44 13.35
N GLU J 91 -10.82 7.02 14.35
CA GLU J 91 -10.23 7.98 15.26
C GLU J 91 -8.72 8.03 15.14
N ASN J 92 -7.99 7.05 15.70
CA ASN J 92 -6.76 6.46 15.15
C ASN J 92 -6.62 5.11 15.87
N LYS J 93 -7.17 4.05 15.28
CA LYS J 93 -7.12 2.71 15.86
C LYS J 93 -7.30 1.67 14.77
N ARG J 94 -6.63 0.53 14.92
CA ARG J 94 -6.88 -0.59 14.03
C ARG J 94 -8.30 -1.11 14.26
N VAL J 95 -8.98 -1.44 13.16
CA VAL J 95 -10.28 -2.05 13.24
C VAL J 95 -10.25 -3.37 12.48
N ASN J 96 -11.11 -4.29 12.88
CA ASN J 96 -11.21 -5.55 12.17
C ASN J 96 -11.84 -5.33 10.81
N VAL J 97 -11.67 -6.29 9.92
CA VAL J 97 -12.30 -6.18 8.61
C VAL J 97 -13.72 -6.68 8.75
N ASN J 98 -14.59 -5.81 9.23
CA ASN J 98 -15.99 -6.11 9.47
C ASN J 98 -16.88 -5.32 8.51
N SER J 99 -18.19 -5.50 8.61
CA SER J 99 -19.14 -4.79 7.76
C SER J 99 -18.85 -4.99 6.27
N VAL J 100 -17.64 -4.63 5.85
CA VAL J 100 -17.23 -4.75 4.45
C VAL J 100 -17.45 -6.18 3.98
N GLU J 101 -18.26 -6.33 2.93
CA GLU J 101 -18.50 -7.64 2.35
C GLU J 101 -17.89 -7.75 0.96
N ALA J 102 -17.48 -6.64 0.37
CA ALA J 102 -16.82 -6.65 -0.93
C ALA J 102 -15.75 -5.57 -0.94
N ALA J 103 -14.54 -5.95 -1.34
CA ALA J 103 -13.44 -5.01 -1.50
C ALA J 103 -12.86 -5.17 -2.90
N PHE J 104 -12.60 -4.04 -3.54
CA PHE J 104 -12.20 -4.04 -4.95
C PHE J 104 -10.93 -3.21 -5.11
N ILE J 105 -9.92 -3.79 -5.75
CA ILE J 105 -8.76 -3.04 -6.18
C ILE J 105 -8.97 -2.62 -7.64
N THR J 106 -8.75 -1.34 -7.92
CA THR J 106 -9.15 -0.73 -9.18
C THR J 106 -8.02 0.16 -9.73
N ILE J 107 -6.82 -0.41 -9.79
CA ILE J 107 -5.65 0.27 -10.35
C ILE J 107 -6.05 0.95 -11.65
N ASP J 108 -5.70 2.23 -11.79
CA ASP J 108 -6.32 3.09 -12.80
C ASP J 108 -6.10 2.55 -14.20
N THR J 109 -7.18 2.54 -14.97
CA THR J 109 -7.25 2.10 -16.38
C THR J 109 -6.35 0.91 -16.66
N ALA J 110 -6.32 -0.03 -15.70
CA ALA J 110 -5.61 -1.29 -15.93
C ALA J 110 -6.55 -2.47 -15.77
N PHE J 111 -7.21 -2.58 -14.63
CA PHE J 111 -8.07 -3.71 -14.31
C PHE J 111 -8.81 -3.45 -13.01
N GLN J 112 -9.88 -4.21 -12.81
CA GLN J 112 -10.65 -4.20 -11.57
C GLN J 112 -10.87 -5.64 -11.12
N SER J 113 -10.34 -5.98 -9.95
CA SER J 113 -10.50 -7.31 -9.40
C SER J 113 -10.91 -7.22 -7.94
N PRO J 114 -11.73 -8.15 -7.47
CA PRO J 114 -12.10 -8.16 -6.04
C PRO J 114 -10.93 -8.57 -5.17
N MET J 115 -10.95 -8.08 -3.94
CA MET J 115 -9.92 -8.39 -2.96
C MET J 115 -10.40 -9.51 -2.04
N THR J 116 -9.57 -9.86 -1.07
CA THR J 116 -9.87 -10.90 -0.09
C THR J 116 -10.01 -10.26 1.28
N VAL J 117 -11.19 -10.39 1.88
CA VAL J 117 -11.41 -9.90 3.23
C VAL J 117 -10.95 -10.97 4.20
N ASN J 118 -9.72 -10.84 4.71
CA ASN J 118 -9.08 -11.89 5.51
C ASN J 118 -9.41 -11.67 6.98
N LYS J 119 -10.27 -12.55 7.51
CA LYS J 119 -10.59 -12.53 8.93
C LYS J 119 -9.37 -12.83 9.79
N GLU J 120 -8.57 -13.83 9.38
CA GLU J 120 -7.50 -14.33 10.25
C GLU J 120 -6.42 -13.29 10.47
N SER J 121 -5.90 -12.70 9.40
CA SER J 121 -4.84 -11.71 9.49
C SER J 121 -5.36 -10.30 9.68
N ASN J 122 -6.68 -10.12 9.62
CA ASN J 122 -7.32 -8.82 9.83
C ASN J 122 -6.74 -7.77 8.87
N ARG J 123 -6.73 -8.13 7.59
CA ARG J 123 -6.21 -7.24 6.56
C ARG J 123 -7.01 -7.46 5.28
N LEU J 124 -7.08 -6.42 4.45
CA LEU J 124 -7.57 -6.57 3.09
C LEU J 124 -6.38 -6.78 2.17
N GLU J 125 -6.27 -7.97 1.58
CA GLU J 125 -5.11 -8.28 0.76
C GLU J 125 -5.51 -8.75 -0.63
N TYR J 126 -4.58 -8.59 -1.57
CA TYR J 126 -4.72 -9.02 -2.95
C TYR J 126 -3.34 -9.37 -3.48
N ILE J 127 -3.22 -10.52 -4.14
CA ILE J 127 -1.96 -10.96 -4.72
C ILE J 127 -2.04 -10.68 -6.21
N PHE J 128 -0.93 -10.19 -6.77
CA PHE J 128 -0.87 -9.97 -8.21
C PHE J 128 -0.45 -11.24 -8.92
N SER J 129 -1.09 -11.50 -10.06
CA SER J 129 -0.82 -12.70 -10.84
C SER J 129 -0.18 -12.32 -12.17
N GLN J 130 0.12 -13.33 -12.98
CA GLN J 130 0.70 -13.08 -14.30
C GLN J 130 -0.32 -12.46 -15.25
N ASN J 131 -1.60 -12.78 -15.05
CA ASN J 131 -2.65 -12.26 -15.91
C ASN J 131 -2.77 -10.74 -15.80
N ASP J 132 -2.64 -10.22 -14.58
CA ASP J 132 -2.72 -8.77 -14.39
C ASP J 132 -1.63 -8.04 -15.14
N TYR J 133 -0.43 -8.64 -15.19
CA TYR J 133 0.72 -7.96 -15.79
C TYR J 133 0.62 -7.92 -17.30
N LYS J 134 -0.31 -8.69 -17.89
CA LYS J 134 -0.51 -8.64 -19.33
C LYS J 134 -1.14 -7.33 -19.78
N VAL J 135 -1.71 -6.56 -18.86
CA VAL J 135 -2.34 -5.30 -19.19
C VAL J 135 -1.59 -4.13 -18.56
N LEU J 136 -0.38 -4.38 -18.06
CA LEU J 136 0.44 -3.37 -17.43
C LEU J 136 1.69 -3.13 -18.28
N VAL J 137 2.33 -1.99 -18.04
CA VAL J 137 3.61 -1.67 -18.67
C VAL J 137 4.61 -1.34 -17.58
N LYS J 138 5.85 -1.81 -17.75
CA LYS J 138 6.88 -1.68 -16.73
C LYS J 138 7.34 -0.23 -16.67
N GLY J 139 7.08 0.43 -15.55
CA GLY J 139 7.54 1.79 -15.36
C GLY J 139 6.43 2.78 -15.07
N LYS J 140 5.25 2.56 -15.64
CA LYS J 140 4.15 3.50 -15.49
C LYS J 140 3.71 3.61 -14.04
N VAL J 141 3.42 4.84 -13.61
CA VAL J 141 3.01 5.10 -12.22
C VAL J 141 1.49 5.13 -12.21
N TYR J 142 0.89 3.97 -11.96
CA TYR J 142 -0.55 3.88 -11.84
C TYR J 142 -0.99 4.33 -10.45
N ASP J 143 -2.30 4.46 -10.27
CA ASP J 143 -2.88 4.83 -8.99
C ASP J 143 -3.69 3.66 -8.45
N MET J 144 -3.44 3.29 -7.19
CA MET J 144 -4.16 2.22 -6.51
C MET J 144 -5.31 2.84 -5.73
N ILE J 145 -6.54 2.49 -6.10
CA ILE J 145 -7.74 2.95 -5.41
C ILE J 145 -8.44 1.72 -4.85
N VAL J 146 -8.76 1.77 -3.55
CA VAL J 146 -9.37 0.65 -2.86
C VAL J 146 -10.77 1.06 -2.42
N ASN J 147 -11.76 0.29 -2.81
CA ASN J 147 -13.15 0.54 -2.45
C ASN J 147 -13.66 -0.58 -1.55
N VAL J 148 -14.44 -0.20 -0.54
CA VAL J 148 -15.04 -1.14 0.39
C VAL J 148 -16.54 -0.89 0.41
N VAL J 149 -17.32 -1.97 0.33
CA VAL J 149 -18.77 -1.89 0.35
C VAL J 149 -19.26 -2.63 1.59
N ASP J 150 -19.99 -1.89 2.42
CA ASP J 150 -20.54 -2.45 3.67
C ASP J 150 -21.88 -3.13 3.36
N GLU J 151 -22.60 -3.50 4.41
CA GLU J 151 -23.90 -4.18 4.21
C GLU J 151 -24.86 -3.18 3.57
N SER J 152 -24.83 -1.94 4.03
CA SER J 152 -25.81 -0.95 3.53
C SER J 152 -25.39 -0.40 2.16
N GLY J 153 -24.66 -1.18 1.35
CA GLY J 153 -24.34 -0.71 0.02
C GLY J 153 -23.87 0.74 -0.03
N ASN J 154 -22.70 1.01 0.53
CA ASN J 154 -22.11 2.34 0.51
C ASN J 154 -20.67 2.22 0.01
N HIS J 155 -20.48 2.48 -1.29
CA HIS J 155 -19.12 2.49 -1.83
C HIS J 155 -18.33 3.63 -1.21
N SER J 156 -17.08 3.34 -0.86
CA SER J 156 -16.22 4.33 -0.23
C SER J 156 -14.77 4.07 -0.62
N THR J 157 -14.07 5.12 -1.03
CA THR J 157 -12.66 5.02 -1.36
C THR J 157 -11.83 5.07 -0.09
N ILE J 158 -10.94 4.09 0.09
CA ILE J 158 -10.16 3.97 1.31
C ILE J 158 -8.75 4.48 1.06
N LEU J 159 -8.14 4.04 -0.03
CA LEU J 159 -6.74 4.33 -0.32
C LEU J 159 -6.61 4.89 -1.73
N LYS J 160 -5.64 5.79 -1.90
CA LYS J 160 -5.36 6.35 -3.21
C LYS J 160 -3.85 6.44 -3.44
N GLN J 161 -3.14 5.37 -3.11
CA GLN J 161 -1.70 5.30 -3.28
C GLN J 161 -1.35 5.14 -4.76
N LYS J 162 -0.12 5.53 -5.10
CA LYS J 162 0.40 5.38 -6.45
C LYS J 162 1.45 4.28 -6.47
N VAL J 163 1.38 3.41 -7.47
CA VAL J 163 2.24 2.24 -7.58
C VAL J 163 3.03 2.34 -8.87
N ARG J 164 4.30 1.95 -8.82
CA ARG J 164 5.16 1.88 -10.00
C ARG J 164 5.69 0.45 -10.10
N PHE J 165 5.46 -0.20 -11.23
CA PHE J 165 5.91 -1.57 -11.46
C PHE J 165 7.24 -1.53 -12.22
N ASN J 166 8.32 -1.41 -11.47
CA ASN J 166 9.65 -1.37 -12.05
C ASN J 166 10.28 -2.76 -12.07
N THR K 3 30.50 -20.91 -26.95
CA THR K 3 29.31 -21.04 -26.13
C THR K 3 28.12 -20.35 -26.79
N LEU K 4 26.91 -20.79 -26.44
CA LEU K 4 25.70 -20.19 -26.99
C LEU K 4 25.46 -18.82 -26.37
N THR K 5 24.71 -18.00 -27.09
CA THR K 5 24.28 -16.69 -26.58
C THR K 5 22.87 -16.80 -26.01
N ILE K 6 22.48 -15.76 -25.25
CA ILE K 6 21.15 -15.72 -24.67
C ILE K 6 20.10 -15.73 -25.77
N ASP K 7 20.31 -14.93 -26.81
CA ASP K 7 19.36 -14.90 -27.92
C ASP K 7 19.29 -16.25 -28.61
N GLY K 8 20.43 -16.93 -28.73
CA GLY K 8 20.45 -18.28 -29.26
C GLY K 8 19.68 -19.27 -28.41
N LYS K 9 19.85 -19.18 -27.09
CA LYS K 9 19.15 -20.11 -26.20
C LYS K 9 17.64 -19.88 -26.17
N ASN K 10 17.20 -18.62 -26.22
CA ASN K 10 15.76 -18.34 -26.16
C ASN K 10 15.01 -18.95 -27.34
N LYS K 11 15.58 -18.85 -28.54
CA LYS K 11 14.92 -19.44 -29.70
C LYS K 11 14.89 -20.96 -29.60
N ILE K 12 15.87 -21.54 -28.89
CA ILE K 12 15.90 -22.99 -28.71
C ILE K 12 14.73 -23.45 -27.87
N LEU K 13 14.49 -22.79 -26.74
CA LEU K 13 13.44 -23.19 -25.82
C LEU K 13 12.05 -22.82 -26.32
N ALA K 14 11.93 -22.00 -27.35
CA ALA K 14 10.63 -21.63 -27.89
C ALA K 14 9.98 -22.75 -28.69
N THR K 15 10.63 -23.91 -28.80
CA THR K 15 10.11 -25.03 -29.56
C THR K 15 9.82 -26.26 -28.72
N LEU K 16 10.17 -26.27 -27.43
CA LEU K 16 9.89 -27.43 -26.59
C LEU K 16 8.40 -27.66 -26.47
N THR K 17 7.69 -26.73 -25.85
CA THR K 17 6.28 -26.82 -25.51
C THR K 17 5.94 -28.17 -24.88
N PRO K 18 6.55 -28.55 -23.76
CA PRO K 18 6.10 -29.76 -23.07
C PRO K 18 4.67 -29.59 -22.59
N THR K 19 3.87 -30.63 -22.75
CA THR K 19 2.46 -30.57 -22.43
C THR K 19 2.01 -31.54 -21.35
N THR K 20 2.54 -32.75 -21.29
CA THR K 20 2.10 -33.73 -20.31
C THR K 20 3.29 -34.21 -19.49
N ILE K 21 3.03 -34.52 -18.22
CA ILE K 21 4.04 -35.00 -17.29
C ILE K 21 3.58 -36.34 -16.73
N VAL K 22 4.50 -37.29 -16.64
CA VAL K 22 4.23 -38.62 -16.11
C VAL K 22 5.32 -38.94 -15.09
N LEU K 23 4.95 -39.59 -14.00
CA LEU K 23 5.89 -39.93 -12.95
C LEU K 23 6.32 -41.39 -13.06
N HIS K 24 7.54 -41.65 -12.60
CA HIS K 24 8.15 -42.98 -12.64
C HIS K 24 8.61 -43.37 -11.25
N ASN K 25 8.85 -44.67 -11.06
CA ASN K 25 9.43 -45.19 -9.83
C ASN K 25 10.95 -45.32 -9.92
N VAL K 26 11.45 -45.84 -11.02
CA VAL K 26 12.89 -45.88 -11.30
C VAL K 26 13.18 -44.93 -12.46
N ASP K 27 14.45 -44.61 -12.66
CA ASP K 27 14.83 -43.64 -13.68
C ASP K 27 14.44 -44.14 -15.08
N PRO K 28 13.74 -43.32 -15.86
CA PRO K 28 13.40 -43.75 -17.23
C PRO K 28 14.62 -43.83 -18.14
N THR K 29 15.36 -42.73 -18.25
CA THR K 29 16.58 -42.59 -19.06
C THR K 29 16.64 -43.56 -20.24
N ALA K 30 17.03 -44.81 -19.96
CA ALA K 30 17.16 -45.83 -20.99
C ALA K 30 15.83 -46.11 -21.68
N ASP K 31 14.76 -46.22 -20.91
CA ASP K 31 13.45 -46.50 -21.49
C ASP K 31 12.37 -45.65 -20.81
N PRO K 32 11.87 -44.62 -21.50
CA PRO K 32 10.84 -43.78 -20.89
C PRO K 32 9.46 -44.41 -20.93
N THR K 33 9.35 -45.57 -21.57
CA THR K 33 8.08 -46.28 -21.70
C THR K 33 7.87 -47.32 -20.61
N ALA K 34 8.78 -47.40 -19.63
CA ALA K 34 8.69 -48.36 -18.54
C ALA K 34 8.33 -47.64 -17.24
N ASN K 35 7.70 -48.39 -16.34
CA ASN K 35 7.30 -47.88 -15.03
C ASN K 35 6.47 -46.61 -15.14
N LYS K 36 5.43 -46.64 -15.98
CA LYS K 36 4.52 -45.49 -16.11
C LYS K 36 3.49 -45.50 -14.97
N VAL K 37 3.98 -45.11 -13.78
CA VAL K 37 3.21 -45.20 -12.55
C VAL K 37 1.94 -44.37 -12.64
N THR K 38 2.07 -43.14 -13.14
CA THR K 38 0.94 -42.23 -13.24
C THR K 38 0.51 -42.08 -14.69
N GLN K 39 -0.52 -41.26 -14.93
CA GLN K 39 -1.02 -41.01 -16.26
C GLN K 39 -0.60 -39.62 -16.70
N PRO K 40 -0.35 -39.39 -17.99
CA PRO K 40 0.00 -38.04 -18.44
C PRO K 40 -1.02 -37.00 -18.03
N VAL K 41 -0.55 -35.93 -17.38
CA VAL K 41 -1.40 -34.84 -16.95
C VAL K 41 -0.81 -33.54 -17.46
N ALA K 42 -1.69 -32.63 -17.89
CA ALA K 42 -1.27 -31.42 -18.57
C ALA K 42 -0.42 -30.53 -17.68
N ILE K 43 0.67 -30.02 -18.24
CA ILE K 43 1.56 -29.08 -17.57
C ILE K 43 1.86 -27.92 -18.52
N PHE K 44 1.73 -26.70 -18.02
CA PHE K 44 1.83 -25.48 -18.82
C PHE K 44 3.15 -24.80 -18.51
N PHE K 45 3.91 -24.47 -19.54
CA PHE K 45 5.16 -23.74 -19.38
C PHE K 45 4.98 -22.29 -19.81
N SER K 46 6.05 -21.50 -19.67
CA SER K 46 6.06 -20.08 -19.99
C SER K 46 7.02 -19.82 -21.16
N GLU K 47 7.08 -18.56 -21.59
CA GLU K 47 8.00 -18.16 -22.65
C GLU K 47 9.43 -18.13 -22.11
N PRO K 48 10.42 -18.51 -22.92
CA PRO K 48 11.82 -18.50 -22.44
C PRO K 48 12.27 -17.13 -21.96
N ASN K 49 13.06 -17.10 -20.89
CA ASN K 49 13.62 -15.87 -20.36
C ASN K 49 15.03 -16.20 -19.89
N ASN K 50 16.03 -15.66 -20.60
CA ASN K 50 17.44 -15.91 -20.30
C ASN K 50 17.74 -17.40 -20.28
N GLY K 51 17.17 -18.15 -21.21
CA GLY K 51 17.36 -19.58 -21.25
C GLY K 51 16.76 -20.34 -20.08
N LEU K 52 15.53 -20.01 -19.70
CA LEU K 52 14.90 -20.65 -18.55
C LEU K 52 13.39 -20.55 -18.72
N ILE K 53 12.68 -21.67 -18.49
CA ILE K 53 11.23 -21.71 -18.55
C ILE K 53 10.69 -22.26 -17.25
N ALA K 54 9.60 -21.68 -16.76
CA ALA K 54 8.97 -22.11 -15.52
C ALA K 54 7.47 -22.27 -15.72
N SER K 55 6.89 -23.22 -14.99
CA SER K 55 5.45 -23.43 -15.06
C SER K 55 4.70 -22.35 -14.32
N GLU K 56 3.45 -22.13 -14.71
CA GLU K 56 2.61 -21.09 -14.08
C GLU K 56 1.96 -21.53 -12.79
N ASP K 57 1.40 -22.74 -12.74
CA ASP K 57 0.67 -23.18 -11.55
C ASP K 57 1.12 -24.58 -11.18
N THR K 58 0.72 -24.99 -9.98
CA THR K 58 1.01 -26.34 -9.51
C THR K 58 0.26 -27.37 -10.34
N VAL K 59 0.84 -28.57 -10.43
CA VAL K 59 0.25 -29.68 -11.17
C VAL K 59 -0.10 -30.78 -10.18
N ASN K 60 -1.36 -31.19 -10.17
CA ASN K 60 -1.87 -32.20 -9.26
C ASN K 60 -1.85 -33.54 -9.97
N ILE K 61 -0.86 -34.37 -9.64
CA ILE K 61 -0.74 -35.70 -10.24
C ILE K 61 -1.40 -36.74 -9.35
N THR K 62 -2.32 -37.50 -9.94
CA THR K 62 -3.14 -38.46 -9.20
C THR K 62 -2.34 -39.77 -9.10
N VAL K 63 -1.60 -39.91 -8.02
CA VAL K 63 -0.76 -41.10 -7.83
C VAL K 63 -1.62 -42.25 -7.31
N PRO K 64 -1.61 -43.41 -7.96
CA PRO K 64 -2.41 -44.54 -7.46
C PRO K 64 -1.81 -45.11 -6.18
N ALA K 65 -2.63 -45.88 -5.48
CA ALA K 65 -2.25 -46.45 -4.20
C ALA K 65 -1.14 -47.48 -4.37
N SER K 66 -0.41 -47.72 -3.28
CA SER K 66 0.69 -48.68 -3.23
C SER K 66 1.71 -48.42 -4.33
N ALA K 67 2.19 -47.18 -4.43
CA ALA K 67 3.18 -46.82 -5.42
C ALA K 67 4.27 -45.99 -4.75
N THR K 68 5.51 -46.15 -5.23
CA THR K 68 6.66 -45.40 -4.73
C THR K 68 7.21 -44.56 -5.89
N VAL K 69 6.86 -43.28 -5.89
CA VAL K 69 7.27 -42.39 -6.96
C VAL K 69 8.64 -41.81 -6.65
N SER K 70 9.57 -41.95 -7.61
CA SER K 70 10.90 -41.40 -7.42
C SER K 70 11.53 -40.82 -8.66
N HIS K 71 10.81 -40.67 -9.78
CA HIS K 71 11.41 -40.14 -10.99
C HIS K 71 10.34 -39.40 -11.81
N PHE K 72 10.79 -38.82 -12.92
CA PHE K 72 10.07 -37.71 -13.54
C PHE K 72 10.61 -37.47 -14.95
N SER K 73 9.69 -37.34 -15.91
CA SER K 73 10.06 -37.25 -17.32
C SER K 73 8.98 -36.52 -18.11
N LEU K 74 9.37 -35.48 -18.83
CA LEU K 74 8.42 -34.68 -19.59
C LEU K 74 8.02 -35.34 -20.91
N TRP K 75 6.90 -34.89 -21.46
CA TRP K 75 6.37 -35.35 -22.74
C TRP K 75 5.65 -34.21 -23.44
N ASP K 76 5.95 -34.01 -24.72
CA ASP K 76 5.41 -32.90 -25.47
C ASP K 76 4.16 -33.34 -26.25
N ASP K 77 3.69 -32.46 -27.14
CA ASP K 77 2.49 -32.76 -27.92
C ASP K 77 2.75 -33.85 -28.94
N ASN K 78 4.00 -34.05 -29.34
CA ASN K 78 4.38 -35.06 -30.32
C ASN K 78 4.46 -36.47 -29.72
N SER K 79 4.34 -36.58 -28.40
CA SER K 79 4.38 -37.86 -27.67
C SER K 79 5.76 -38.51 -27.82
N LYS K 80 6.78 -37.76 -27.40
CA LYS K 80 8.16 -38.21 -27.44
C LYS K 80 8.92 -37.47 -26.35
N CYS K 81 9.33 -38.20 -25.31
CA CYS K 81 9.90 -37.58 -24.12
C CYS K 81 11.13 -36.75 -24.46
N VAL K 82 11.22 -35.58 -23.84
CA VAL K 82 12.30 -34.63 -24.15
C VAL K 82 13.21 -34.35 -22.97
N ALA K 83 12.79 -34.67 -21.74
CA ALA K 83 13.61 -34.39 -20.57
C ALA K 83 13.23 -35.34 -19.45
N THR K 84 14.23 -35.79 -18.70
CA THR K 84 14.04 -36.71 -17.57
C THR K 84 14.80 -36.19 -16.37
N GLY K 85 14.25 -36.41 -15.18
CA GLY K 85 14.88 -35.97 -13.96
C GLY K 85 14.39 -36.76 -12.77
N ALA K 86 15.11 -36.63 -11.67
CA ALA K 86 14.74 -37.31 -10.44
C ALA K 86 13.59 -36.58 -9.76
N LEU K 87 13.19 -37.09 -8.59
CA LEU K 87 12.16 -36.46 -7.78
C LEU K 87 12.73 -35.89 -6.48
N SER K 88 14.02 -36.09 -6.25
CA SER K 88 14.77 -35.55 -5.11
C SER K 88 14.40 -36.24 -3.80
N SER K 89 13.38 -37.10 -3.85
CA SER K 89 12.99 -37.92 -2.70
C SER K 89 12.00 -38.99 -3.12
N PRO K 90 12.26 -40.27 -2.83
CA PRO K 90 11.27 -41.30 -3.11
C PRO K 90 10.04 -41.19 -2.21
N GLN K 91 8.89 -40.87 -2.79
CA GLN K 91 7.63 -40.80 -2.07
C GLN K 91 6.83 -42.08 -2.29
N PHE K 92 6.52 -42.78 -1.19
CA PHE K 92 5.72 -43.99 -1.22
C PHE K 92 4.31 -43.64 -0.76
N PHE K 93 3.37 -43.69 -1.69
CA PHE K 93 1.95 -43.49 -1.36
C PHE K 93 1.36 -44.83 -0.97
N ALA K 94 1.29 -45.10 0.34
CA ALA K 94 0.73 -46.36 0.81
C ALA K 94 -0.73 -46.49 0.40
N GLU K 95 -1.51 -45.42 0.56
CA GLU K 95 -2.85 -45.34 0.01
C GLU K 95 -2.86 -44.41 -1.18
N GLU K 96 -4.03 -44.32 -1.83
CA GLU K 96 -4.17 -43.47 -3.00
C GLU K 96 -4.04 -42.01 -2.60
N GLY K 97 -3.08 -41.32 -3.22
CA GLY K 97 -2.82 -39.95 -2.83
C GLY K 97 -2.81 -38.99 -4.00
N ILE K 98 -2.41 -37.74 -3.73
CA ILE K 98 -2.42 -36.68 -4.73
C ILE K 98 -1.05 -35.98 -4.68
N TYR K 99 -0.12 -36.44 -5.50
CA TYR K 99 1.17 -35.79 -5.59
C TYR K 99 1.05 -34.48 -6.35
N VAL K 100 1.79 -33.48 -5.90
CA VAL K 100 1.68 -32.14 -6.45
C VAL K 100 3.05 -31.54 -6.74
N ILE K 101 3.24 -31.07 -7.97
CA ILE K 101 4.49 -30.42 -8.35
C ILE K 101 4.37 -28.92 -8.16
N SER K 102 5.35 -28.32 -7.49
CA SER K 102 5.33 -26.90 -7.21
C SER K 102 6.03 -26.06 -8.27
N SER K 103 7.10 -26.57 -8.87
CA SER K 103 7.84 -25.78 -9.86
C SER K 103 8.74 -26.65 -10.72
N VAL K 104 8.57 -26.57 -12.04
CA VAL K 104 9.47 -27.21 -12.98
C VAL K 104 10.23 -26.14 -13.74
N SER K 105 11.50 -26.43 -14.05
CA SER K 105 12.34 -25.45 -14.72
C SER K 105 13.37 -26.21 -15.57
N ILE K 106 13.25 -26.07 -16.89
CA ILE K 106 14.25 -26.60 -17.82
C ILE K 106 15.08 -25.44 -18.33
N ASP K 107 16.40 -25.57 -18.25
CA ASP K 107 17.29 -24.48 -18.62
C ASP K 107 18.61 -25.04 -19.14
N LEU K 108 19.34 -24.20 -19.86
CA LEU K 108 20.63 -24.57 -20.42
C LEU K 108 21.78 -23.69 -19.95
N ASN K 109 21.60 -22.93 -18.87
CA ASN K 109 22.69 -22.11 -18.33
C ASN K 109 23.65 -23.03 -17.58
N LYS K 110 24.38 -23.83 -18.36
CA LYS K 110 25.32 -24.81 -17.83
C LYS K 110 24.66 -25.75 -16.83
N THR L 3 18.18 -33.78 -17.01
CA THR L 3 18.86 -33.62 -18.28
C THR L 3 17.93 -34.02 -19.43
N LEU L 4 17.92 -33.23 -20.49
CA LEU L 4 17.13 -33.57 -21.67
C LEU L 4 17.60 -34.89 -22.25
N THR L 5 16.65 -35.69 -22.72
CA THR L 5 16.98 -36.98 -23.30
C THR L 5 17.73 -36.80 -24.62
N ILE L 6 18.46 -37.84 -25.01
CA ILE L 6 19.24 -37.83 -26.25
C ILE L 6 18.28 -37.62 -27.41
N ASP L 7 17.05 -38.14 -27.28
CA ASP L 7 16.03 -37.89 -28.28
C ASP L 7 15.66 -36.41 -28.35
N GLY L 8 15.50 -35.79 -27.18
CA GLY L 8 15.12 -34.38 -27.10
C GLY L 8 16.16 -33.44 -27.65
N LYS L 9 17.43 -33.72 -27.38
CA LYS L 9 18.51 -32.86 -27.84
C LYS L 9 18.57 -32.82 -29.37
N ASN L 10 18.24 -33.94 -30.01
CA ASN L 10 18.21 -33.99 -31.47
C ASN L 10 17.17 -33.03 -32.03
N LYS L 11 15.99 -33.00 -31.40
CA LYS L 11 14.96 -32.05 -31.80
C LYS L 11 15.41 -30.62 -31.54
N ILE L 12 16.25 -30.45 -30.51
CA ILE L 12 16.66 -29.10 -30.10
C ILE L 12 17.45 -28.41 -31.21
N LEU L 13 18.47 -29.12 -31.72
CA LEU L 13 19.39 -28.48 -32.66
C LEU L 13 18.74 -28.23 -34.02
N ALA L 14 17.58 -28.81 -34.26
CA ALA L 14 16.89 -28.66 -35.54
C ALA L 14 16.41 -27.25 -35.80
N THR L 15 16.39 -26.35 -34.81
CA THR L 15 15.90 -25.00 -35.00
C THR L 15 16.98 -23.93 -34.99
N LEU L 16 18.23 -24.28 -34.68
CA LEU L 16 19.33 -23.33 -34.75
C LEU L 16 19.53 -22.83 -36.17
N THR L 17 19.93 -23.73 -37.06
CA THR L 17 20.18 -23.45 -38.48
C THR L 17 21.07 -22.23 -38.66
N PRO L 18 22.34 -22.28 -38.26
CA PRO L 18 23.26 -21.19 -38.58
C PRO L 18 23.69 -21.27 -40.04
N THR L 19 23.85 -20.10 -40.64
CA THR L 19 24.21 -20.05 -42.06
C THR L 19 25.41 -19.18 -42.38
N THR L 20 25.73 -18.16 -41.60
CA THR L 20 26.89 -17.32 -41.86
C THR L 20 27.77 -17.29 -40.62
N ILE L 21 29.08 -17.27 -40.85
CA ILE L 21 30.07 -17.20 -39.78
C ILE L 21 30.85 -15.91 -39.97
N VAL L 22 30.91 -15.09 -38.93
CA VAL L 22 31.64 -13.83 -38.96
C VAL L 22 32.71 -13.85 -37.89
N LEU L 23 33.94 -13.52 -38.28
CA LEU L 23 35.05 -13.50 -37.34
C LEU L 23 35.22 -12.11 -36.73
N HIS L 24 35.86 -12.08 -35.57
CA HIS L 24 36.05 -10.85 -34.82
C HIS L 24 37.48 -10.77 -34.33
N ASN L 25 37.95 -9.54 -34.10
CA ASN L 25 39.27 -9.34 -33.54
C ASN L 25 39.30 -9.45 -32.02
N VAL L 26 38.15 -9.30 -31.36
CA VAL L 26 38.04 -9.39 -29.92
C VAL L 26 36.88 -10.30 -29.56
N ASP L 27 36.76 -10.65 -28.28
CA ASP L 27 35.71 -11.54 -27.82
C ASP L 27 34.39 -10.81 -28.04
N PRO L 28 33.45 -11.40 -28.77
CA PRO L 28 32.24 -10.68 -29.15
C PRO L 28 31.08 -10.85 -28.19
N THR L 29 31.32 -11.43 -27.01
CA THR L 29 30.22 -11.68 -26.08
C THR L 29 29.54 -10.38 -25.64
N ALA L 30 30.34 -9.36 -25.35
CA ALA L 30 29.79 -8.07 -24.95
C ALA L 30 28.99 -7.44 -26.08
N ASP L 31 29.66 -7.15 -27.19
CA ASP L 31 28.99 -6.56 -28.34
C ASP L 31 29.13 -7.51 -29.53
N PRO L 32 28.09 -8.25 -29.91
CA PRO L 32 28.20 -9.19 -31.03
C PRO L 32 27.99 -8.56 -32.41
N THR L 33 27.73 -7.27 -32.49
CA THR L 33 27.55 -6.58 -33.76
C THR L 33 28.65 -5.55 -34.00
N ALA L 34 29.87 -5.87 -33.57
CA ALA L 34 30.99 -4.95 -33.71
C ALA L 34 32.26 -5.76 -33.92
N ASN L 35 33.30 -5.06 -34.39
CA ASN L 35 34.62 -5.64 -34.62
C ASN L 35 34.55 -6.82 -35.60
N LYS L 36 33.78 -6.63 -36.67
CA LYS L 36 33.62 -7.63 -37.72
C LYS L 36 34.63 -7.31 -38.82
N VAL L 37 35.81 -7.92 -38.74
CA VAL L 37 36.84 -7.65 -39.74
C VAL L 37 36.62 -8.47 -41.00
N THR L 38 35.93 -9.61 -40.88
CA THR L 38 35.72 -10.49 -42.01
C THR L 38 34.33 -10.23 -42.60
N GLN L 39 33.92 -11.05 -43.56
CA GLN L 39 32.64 -10.94 -44.24
C GLN L 39 31.76 -12.14 -43.90
N PRO L 40 30.44 -11.97 -43.95
CA PRO L 40 29.54 -13.08 -43.59
C PRO L 40 29.59 -14.22 -44.59
N VAL L 41 30.69 -14.98 -44.58
CA VAL L 41 30.82 -16.11 -45.48
C VAL L 41 29.91 -17.25 -45.02
N ALA L 42 29.18 -17.83 -45.97
CA ALA L 42 28.16 -18.82 -45.68
C ALA L 42 28.75 -20.10 -45.12
N ILE L 43 27.93 -20.82 -44.33
CA ILE L 43 28.30 -22.10 -43.76
C ILE L 43 27.04 -22.93 -43.61
N PHE L 44 27.12 -24.21 -44.00
CA PHE L 44 25.96 -25.09 -43.99
C PHE L 44 26.16 -26.17 -42.93
N PHE L 45 25.08 -26.54 -42.25
CA PHE L 45 25.11 -27.53 -41.19
C PHE L 45 24.34 -28.78 -41.58
N SER L 46 24.70 -29.88 -40.95
CA SER L 46 24.05 -31.17 -41.19
C SER L 46 22.80 -31.32 -40.33
N GLU L 47 22.24 -32.52 -40.30
CA GLU L 47 21.05 -32.83 -39.53
C GLU L 47 21.47 -33.34 -38.17
N PRO L 48 20.87 -32.84 -37.08
CA PRO L 48 21.36 -33.16 -35.73
C PRO L 48 21.35 -34.66 -35.43
N ASN L 49 22.54 -35.24 -35.31
CA ASN L 49 22.70 -36.67 -35.06
C ASN L 49 23.25 -36.86 -33.65
N ASN L 50 22.50 -37.59 -32.82
CA ASN L 50 22.89 -37.87 -31.44
C ASN L 50 23.16 -36.58 -30.66
N GLY L 51 22.30 -35.58 -30.89
CA GLY L 51 22.44 -34.31 -30.22
C GLY L 51 23.71 -33.56 -30.57
N LEU L 52 24.02 -33.48 -31.87
CA LEU L 52 25.26 -32.85 -32.31
C LEU L 52 25.14 -32.52 -33.80
N ILE L 53 25.43 -31.28 -34.18
CA ILE L 53 25.39 -30.87 -35.57
C ILE L 53 26.81 -30.67 -36.07
N ALA L 54 27.00 -30.74 -37.38
CA ALA L 54 28.32 -30.59 -37.97
C ALA L 54 28.18 -29.96 -39.34
N SER L 55 29.27 -29.32 -39.79
CA SER L 55 29.30 -28.73 -41.12
C SER L 55 29.45 -29.84 -42.17
N GLU L 56 28.64 -29.77 -43.23
CA GLU L 56 28.72 -30.78 -44.27
C GLU L 56 29.91 -30.59 -45.19
N ASP L 57 30.59 -29.45 -45.12
CA ASP L 57 31.71 -29.18 -46.00
C ASP L 57 32.62 -28.15 -45.37
N THR L 58 33.91 -28.27 -45.64
CA THR L 58 34.89 -27.28 -45.17
C THR L 58 34.64 -25.95 -45.86
N VAL L 59 34.65 -24.88 -45.07
CA VAL L 59 34.37 -23.53 -45.55
C VAL L 59 35.64 -22.69 -45.43
N ASN L 60 36.01 -22.02 -46.52
CA ASN L 60 37.19 -21.17 -46.55
C ASN L 60 36.76 -19.71 -46.43
N ILE L 61 37.54 -18.92 -45.69
CA ILE L 61 37.24 -17.53 -45.42
C ILE L 61 38.46 -16.69 -45.78
N THR L 62 38.25 -15.64 -46.56
CA THR L 62 39.33 -14.73 -46.94
C THR L 62 39.40 -13.58 -45.94
N VAL L 63 40.56 -13.38 -45.35
CA VAL L 63 40.76 -12.34 -44.35
C VAL L 63 41.58 -11.21 -44.98
N PRO L 64 41.16 -9.96 -44.86
CA PRO L 64 41.94 -8.85 -45.44
C PRO L 64 43.24 -8.60 -44.69
N ALA L 65 44.13 -7.81 -45.29
CA ALA L 65 45.44 -7.56 -44.69
C ALA L 65 45.31 -6.71 -43.44
N SER L 66 46.38 -6.71 -42.65
CA SER L 66 46.49 -5.94 -41.41
C SER L 66 45.29 -6.20 -40.50
N ALA L 67 44.97 -7.49 -40.35
CA ALA L 67 43.85 -7.93 -39.53
C ALA L 67 44.30 -9.07 -38.64
N THR L 68 43.72 -9.13 -37.44
CA THR L 68 44.01 -10.17 -36.46
C THR L 68 42.69 -10.83 -36.09
N VAL L 69 42.52 -12.10 -36.46
CA VAL L 69 41.31 -12.83 -36.11
C VAL L 69 41.54 -13.63 -34.84
N SER L 70 40.63 -13.50 -33.89
CA SER L 70 40.76 -14.18 -32.60
C SER L 70 39.49 -14.93 -32.23
N HIS L 71 38.33 -14.47 -32.71
CA HIS L 71 37.06 -15.06 -32.35
C HIS L 71 36.17 -15.18 -33.58
N PHE L 72 35.05 -15.87 -33.40
CA PHE L 72 34.08 -16.10 -34.47
C PHE L 72 32.68 -15.97 -33.90
N SER L 73 31.70 -15.85 -34.79
CA SER L 73 30.31 -15.72 -34.38
C SER L 73 29.37 -16.20 -35.47
N LEU L 74 28.67 -17.32 -35.23
CA LEU L 74 27.72 -17.86 -36.20
C LEU L 74 26.42 -17.05 -36.18
N TRP L 75 25.97 -16.62 -37.35
CA TRP L 75 24.74 -15.86 -37.46
C TRP L 75 23.68 -16.67 -38.20
N ASP L 76 22.43 -16.51 -37.78
CA ASP L 76 21.34 -17.30 -38.33
C ASP L 76 20.70 -16.62 -39.54
N ASP L 77 19.57 -17.17 -40.00
CA ASP L 77 18.87 -16.66 -41.18
C ASP L 77 18.37 -15.24 -41.05
N ASN L 78 17.75 -14.87 -39.93
CA ASN L 78 17.22 -13.54 -39.72
C ASN L 78 18.21 -12.62 -39.01
N SER L 79 19.49 -12.98 -39.01
CA SER L 79 20.59 -12.11 -38.57
C SER L 79 20.45 -11.72 -37.10
N LYS L 80 20.59 -12.72 -36.24
CA LYS L 80 20.84 -12.52 -34.82
C LYS L 80 21.95 -13.48 -34.41
N CYS L 81 22.91 -12.98 -33.63
CA CYS L 81 24.04 -13.80 -33.21
C CYS L 81 23.57 -14.99 -32.38
N VAL L 82 23.89 -16.19 -32.85
CA VAL L 82 23.47 -17.42 -32.19
C VAL L 82 24.54 -18.00 -31.28
N ALA L 83 25.79 -18.06 -31.72
CA ALA L 83 26.84 -18.65 -30.92
C ALA L 83 28.14 -17.90 -31.18
N THR L 84 28.90 -17.67 -30.11
CA THR L 84 30.22 -17.06 -30.19
C THR L 84 31.25 -18.02 -29.60
N GLY L 85 32.45 -17.99 -30.17
CA GLY L 85 33.51 -18.86 -29.70
C GLY L 85 34.85 -18.18 -29.65
N ALA L 86 35.92 -18.94 -29.89
CA ALA L 86 37.27 -18.39 -29.85
C ALA L 86 38.21 -19.26 -30.66
N LEU L 87 38.86 -18.67 -31.66
CA LEU L 87 39.85 -19.37 -32.46
C LEU L 87 41.00 -19.83 -31.58
N SER L 88 41.63 -20.95 -31.95
CA SER L 88 42.71 -21.54 -31.16
C SER L 88 43.82 -20.52 -30.91
N SER L 89 44.24 -19.82 -31.94
CA SER L 89 45.26 -18.80 -31.75
C SER L 89 44.87 -17.51 -32.46
N PRO L 90 45.24 -16.35 -31.91
CA PRO L 90 44.96 -15.08 -32.59
C PRO L 90 45.98 -14.80 -33.69
N GLN L 91 45.81 -15.45 -34.84
CA GLN L 91 46.75 -15.32 -35.94
C GLN L 91 46.69 -13.91 -36.52
N PHE L 92 47.86 -13.36 -36.84
CA PHE L 92 47.98 -12.03 -37.43
C PHE L 92 48.30 -12.16 -38.91
N PHE L 93 47.31 -11.83 -39.75
CA PHE L 93 47.49 -11.90 -41.19
C PHE L 93 47.92 -10.54 -41.70
N ALA L 94 49.23 -10.38 -41.90
CA ALA L 94 49.77 -9.11 -42.40
C ALA L 94 49.27 -8.82 -43.81
N GLU L 95 49.16 -9.85 -44.64
CA GLU L 95 48.68 -9.72 -46.01
C GLU L 95 47.48 -10.64 -46.20
N GLU L 96 46.87 -10.57 -47.39
CA GLU L 96 45.62 -11.28 -47.65
C GLU L 96 45.77 -12.78 -47.42
N GLY L 97 45.13 -13.30 -46.37
CA GLY L 97 45.27 -14.70 -46.06
C GLY L 97 43.97 -15.47 -46.15
N ILE L 98 44.02 -16.76 -45.83
CA ILE L 98 42.85 -17.60 -45.80
C ILE L 98 42.80 -18.28 -44.43
N TYR L 99 41.59 -18.59 -43.98
CA TYR L 99 41.38 -19.33 -42.74
C TYR L 99 40.65 -20.62 -43.08
N VAL L 100 41.30 -21.75 -42.82
CA VAL L 100 40.69 -23.04 -43.11
C VAL L 100 39.82 -23.46 -41.94
N ILE L 101 38.50 -23.49 -42.17
CA ILE L 101 37.58 -23.99 -41.17
C ILE L 101 37.24 -25.43 -41.54
N SER L 102 37.88 -26.38 -40.86
CA SER L 102 37.68 -27.79 -41.21
C SER L 102 36.26 -28.23 -40.90
N SER L 103 35.86 -28.15 -39.64
CA SER L 103 34.51 -28.52 -39.23
C SER L 103 34.20 -27.86 -37.90
N VAL L 104 33.11 -27.10 -37.86
CA VAL L 104 32.60 -26.52 -36.62
C VAL L 104 31.40 -27.33 -36.18
N SER L 105 31.33 -27.63 -34.89
CA SER L 105 30.29 -28.52 -34.37
C SER L 105 29.67 -27.90 -33.13
N ILE L 106 28.34 -27.90 -33.08
CA ILE L 106 27.59 -27.44 -31.92
C ILE L 106 27.00 -28.68 -31.26
N ASP L 107 27.33 -28.90 -29.99
CA ASP L 107 26.90 -30.08 -29.26
C ASP L 107 26.20 -29.70 -27.96
N LEU L 108 25.49 -30.65 -27.37
CA LEU L 108 24.82 -30.44 -26.11
C LEU L 108 25.22 -31.45 -25.03
N ASN L 109 26.13 -32.36 -25.35
CA ASN L 109 26.55 -33.40 -24.42
C ASN L 109 27.59 -32.93 -23.40
N LYS L 110 28.26 -31.81 -23.65
CA LYS L 110 29.33 -31.37 -22.77
C LYS L 110 28.81 -30.44 -21.69
N THR M 3 -28.89 -43.07 32.41
CA THR M 3 -28.49 -41.67 32.58
C THR M 3 -29.69 -40.78 32.87
N LEU M 4 -29.43 -39.51 33.13
CA LEU M 4 -30.50 -38.56 33.39
C LEU M 4 -31.30 -38.30 32.10
N THR M 5 -32.53 -37.82 32.27
CA THR M 5 -33.39 -37.58 31.12
C THR M 5 -33.19 -36.16 30.59
N ILE M 6 -33.21 -36.04 29.26
CA ILE M 6 -33.06 -34.73 28.63
C ILE M 6 -34.22 -33.83 29.00
N ASP M 7 -35.44 -34.39 29.04
CA ASP M 7 -36.60 -33.61 29.46
C ASP M 7 -36.38 -33.08 30.88
N GLY M 8 -35.89 -33.93 31.77
CA GLY M 8 -35.51 -33.50 33.09
C GLY M 8 -34.40 -32.46 33.05
N LYS M 9 -33.41 -32.68 32.18
CA LYS M 9 -32.30 -31.73 32.05
C LYS M 9 -32.78 -30.38 31.53
N ASN M 10 -33.82 -30.38 30.70
CA ASN M 10 -34.35 -29.10 30.22
C ASN M 10 -35.13 -28.37 31.31
N LYS M 11 -35.96 -29.10 32.05
CA LYS M 11 -36.78 -28.46 33.07
C LYS M 11 -35.92 -27.93 34.22
N ILE M 12 -34.87 -28.67 34.58
CA ILE M 12 -34.06 -28.26 35.73
C ILE M 12 -33.34 -26.96 35.43
N LEU M 13 -32.95 -26.76 34.17
CA LEU M 13 -32.16 -25.61 33.75
C LEU M 13 -33.00 -24.37 33.46
N ALA M 14 -34.32 -24.46 33.62
CA ALA M 14 -35.19 -23.33 33.31
C ALA M 14 -35.30 -22.33 34.45
N THR M 15 -34.66 -22.58 35.59
CA THR M 15 -34.74 -21.68 36.73
C THR M 15 -33.42 -20.95 36.97
N LEU M 16 -32.35 -21.31 36.27
CA LEU M 16 -31.08 -20.62 36.44
C LEU M 16 -31.21 -19.14 36.11
N THR M 17 -31.52 -18.81 34.86
CA THR M 17 -31.75 -17.45 34.38
C THR M 17 -30.67 -16.47 34.82
N PRO M 18 -29.41 -16.65 34.43
CA PRO M 18 -28.40 -15.63 34.72
C PRO M 18 -28.70 -14.36 33.93
N THR M 19 -28.42 -13.22 34.56
CA THR M 19 -28.77 -11.96 33.94
C THR M 19 -27.60 -11.00 33.77
N THR M 20 -26.65 -10.99 34.71
CA THR M 20 -25.51 -10.09 34.64
C THR M 20 -24.22 -10.90 34.66
N ILE M 21 -23.20 -10.39 33.98
CA ILE M 21 -21.89 -11.03 33.90
C ILE M 21 -20.84 -10.06 34.40
N VAL M 22 -19.90 -10.56 35.20
CA VAL M 22 -18.85 -9.74 35.80
C VAL M 22 -17.52 -10.46 35.62
N LEU M 23 -16.50 -9.73 35.22
CA LEU M 23 -15.17 -10.28 34.96
C LEU M 23 -14.25 -10.04 36.16
N HIS M 24 -13.48 -11.05 36.51
CA HIS M 24 -12.51 -10.95 37.61
C HIS M 24 -11.11 -11.27 37.12
N ASN M 25 -10.13 -10.59 37.70
CA ASN M 25 -8.73 -10.87 37.41
C ASN M 25 -8.24 -12.15 38.06
N VAL M 26 -8.86 -12.55 39.17
CA VAL M 26 -8.48 -13.76 39.87
C VAL M 26 -9.66 -14.72 39.85
N ASP M 27 -9.39 -15.96 40.23
CA ASP M 27 -10.43 -16.98 40.22
C ASP M 27 -11.43 -16.71 41.33
N PRO M 28 -12.72 -16.56 41.02
CA PRO M 28 -13.72 -16.25 42.04
C PRO M 28 -14.36 -17.45 42.71
N THR M 29 -13.79 -18.64 42.57
CA THR M 29 -14.40 -19.84 43.16
C THR M 29 -14.47 -19.72 44.68
N ALA M 30 -13.37 -19.28 45.30
CA ALA M 30 -13.36 -19.15 46.75
C ALA M 30 -14.33 -18.07 47.21
N ASP M 31 -14.35 -16.94 46.52
CA ASP M 31 -15.25 -15.84 46.86
C ASP M 31 -15.66 -15.09 45.60
N PRO M 32 -16.85 -15.35 45.08
CA PRO M 32 -17.28 -14.67 43.85
C PRO M 32 -17.87 -13.30 44.12
N THR M 33 -17.74 -12.85 45.36
CA THR M 33 -18.27 -11.55 45.78
C THR M 33 -17.16 -10.54 45.99
N ALA M 34 -15.94 -10.87 45.59
CA ALA M 34 -14.79 -10.04 45.93
C ALA M 34 -13.89 -9.85 44.72
N ASN M 35 -13.14 -8.74 44.75
CA ASN M 35 -12.09 -8.46 43.78
C ASN M 35 -12.67 -8.38 42.37
N LYS M 36 -13.81 -7.71 42.24
CA LYS M 36 -14.41 -7.48 40.93
C LYS M 36 -13.64 -6.43 40.15
N VAL M 37 -13.77 -6.46 38.83
CA VAL M 37 -13.09 -5.53 37.95
C VAL M 37 -14.08 -4.64 37.20
N THR M 38 -15.02 -5.23 36.49
CA THR M 38 -15.95 -4.48 35.66
C THR M 38 -17.22 -4.16 36.45
N GLN M 39 -18.25 -3.67 35.75
CA GLN M 39 -19.56 -3.45 36.33
C GLN M 39 -20.54 -4.47 35.77
N PRO M 40 -21.56 -4.84 36.54
CA PRO M 40 -22.54 -5.82 36.06
C PRO M 40 -23.19 -5.41 34.74
N VAL M 41 -23.00 -6.23 33.72
CA VAL M 41 -23.55 -5.95 32.39
C VAL M 41 -24.50 -7.08 32.02
N ALA M 42 -25.65 -6.70 31.48
CA ALA M 42 -26.75 -7.64 31.27
C ALA M 42 -26.41 -8.69 30.22
N ILE M 43 -26.67 -9.96 30.56
CA ILE M 43 -26.57 -11.07 29.63
C ILE M 43 -27.93 -11.78 29.60
N PHE M 44 -28.45 -11.99 28.40
CA PHE M 44 -29.75 -12.61 28.21
C PHE M 44 -29.56 -13.99 27.59
N PHE M 45 -30.23 -14.99 28.15
CA PHE M 45 -30.08 -16.37 27.72
C PHE M 45 -31.30 -16.82 26.93
N SER M 46 -31.13 -17.94 26.22
CA SER M 46 -32.21 -18.51 25.42
C SER M 46 -33.06 -19.43 26.29
N GLU M 47 -33.98 -20.17 25.66
CA GLU M 47 -34.81 -21.13 26.35
C GLU M 47 -34.04 -22.44 26.47
N PRO M 48 -34.25 -23.22 27.54
CA PRO M 48 -33.57 -24.52 27.65
C PRO M 48 -33.84 -25.43 26.47
N ASN M 49 -32.80 -25.88 25.79
CA ASN M 49 -32.94 -26.81 24.68
C ASN M 49 -31.83 -27.84 24.75
N ASN M 50 -32.21 -29.12 24.67
CA ASN M 50 -31.27 -30.24 24.68
C ASN M 50 -30.33 -30.13 25.89
N GLY M 51 -30.88 -29.66 27.01
CA GLY M 51 -30.11 -29.47 28.22
C GLY M 51 -28.94 -28.53 28.07
N LEU M 52 -29.13 -27.41 27.35
CA LEU M 52 -28.06 -26.46 27.12
C LEU M 52 -28.63 -25.09 26.80
N ILE M 53 -28.43 -24.12 27.71
CA ILE M 53 -28.84 -22.75 27.41
C ILE M 53 -27.67 -21.99 26.80
N ALA M 54 -27.98 -21.03 25.93
CA ALA M 54 -26.96 -20.26 25.24
C ALA M 54 -27.35 -18.78 25.24
N SER M 55 -26.35 -17.93 25.06
CA SER M 55 -26.57 -16.50 25.03
C SER M 55 -27.34 -16.11 23.78
N GLU M 56 -28.26 -15.15 23.92
CA GLU M 56 -29.05 -14.70 22.78
C GLU M 56 -28.24 -13.75 21.90
N ASP M 57 -27.76 -12.65 22.48
CA ASP M 57 -27.00 -11.65 21.76
C ASP M 57 -25.61 -11.50 22.39
N THR M 58 -24.69 -10.95 21.61
CA THR M 58 -23.33 -10.72 22.09
C THR M 58 -23.33 -9.66 23.19
N VAL M 59 -22.33 -9.74 24.06
CA VAL M 59 -22.22 -8.87 25.22
C VAL M 59 -20.89 -8.14 25.16
N ASN M 60 -20.93 -6.83 25.32
CA ASN M 60 -19.74 -6.00 25.35
C ASN M 60 -19.57 -5.45 26.77
N ILE M 61 -18.44 -5.77 27.40
CA ILE M 61 -18.13 -5.31 28.75
C ILE M 61 -17.00 -4.31 28.66
N THR M 62 -17.24 -3.10 29.17
CA THR M 62 -16.26 -2.03 29.13
C THR M 62 -15.35 -2.14 30.34
N VAL M 63 -14.11 -2.58 30.12
CA VAL M 63 -13.16 -2.77 31.20
C VAL M 63 -12.35 -1.49 31.36
N PRO M 64 -12.15 -0.99 32.59
CA PRO M 64 -11.35 0.23 32.77
C PRO M 64 -9.90 0.03 32.40
N ALA M 65 -9.12 1.10 32.41
CA ALA M 65 -7.73 1.07 31.98
C ALA M 65 -6.85 0.44 33.05
N SER M 66 -5.74 -0.17 32.60
CA SER M 66 -4.77 -0.81 33.48
C SER M 66 -5.42 -1.92 34.32
N ALA M 67 -6.35 -2.64 33.71
CA ALA M 67 -7.06 -3.72 34.36
C ALA M 67 -6.86 -5.02 33.60
N THR M 68 -6.89 -6.12 34.34
CA THR M 68 -6.69 -7.45 33.78
C THR M 68 -7.93 -8.28 34.06
N VAL M 69 -8.38 -9.04 33.06
CA VAL M 69 -9.49 -9.96 33.22
C VAL M 69 -9.02 -11.37 32.91
N SER M 70 -9.28 -12.31 33.83
CA SER M 70 -8.87 -13.68 33.63
C SER M 70 -10.02 -14.65 33.90
N HIS M 71 -10.91 -14.29 34.82
CA HIS M 71 -12.03 -15.15 35.19
C HIS M 71 -13.33 -14.37 35.15
N PHE M 72 -14.43 -15.08 34.85
CA PHE M 72 -15.75 -14.49 34.71
C PHE M 72 -16.72 -15.12 35.70
N SER M 73 -17.83 -14.43 35.91
CA SER M 73 -18.86 -14.90 36.83
C SER M 73 -20.21 -14.40 36.36
N LEU M 74 -21.25 -15.20 36.60
CA LEU M 74 -22.62 -14.82 36.24
C LEU M 74 -23.44 -14.61 37.50
N TRP M 75 -24.47 -13.77 37.38
CA TRP M 75 -25.33 -13.40 38.50
C TRP M 75 -26.78 -13.43 38.05
N ASP M 76 -27.68 -13.34 39.03
CA ASP M 76 -29.12 -13.33 38.81
C ASP M 76 -29.70 -12.04 39.42
N ASP M 77 -31.04 -11.94 39.43
CA ASP M 77 -31.71 -10.76 39.94
C ASP M 77 -31.49 -10.51 41.43
N ASN M 78 -31.42 -11.55 42.24
CA ASN M 78 -31.29 -11.41 43.69
C ASN M 78 -29.84 -11.50 44.16
N SER M 79 -28.87 -11.17 43.30
CA SER M 79 -27.46 -11.10 43.66
C SER M 79 -26.98 -12.43 44.24
N LYS M 80 -27.02 -13.46 43.39
CA LYS M 80 -26.71 -14.82 43.80
C LYS M 80 -25.92 -15.48 42.68
N CYS M 81 -24.62 -15.66 42.90
CA CYS M 81 -23.70 -16.08 41.83
C CYS M 81 -23.98 -17.53 41.44
N VAL M 82 -24.68 -17.71 40.32
CA VAL M 82 -25.07 -19.05 39.92
C VAL M 82 -23.88 -19.85 39.39
N ALA M 83 -22.98 -19.19 38.68
CA ALA M 83 -21.88 -19.88 38.02
C ALA M 83 -20.65 -19.00 37.94
N THR M 84 -19.49 -19.65 37.89
CA THR M 84 -18.20 -18.99 37.70
C THR M 84 -17.39 -19.76 36.67
N GLY M 85 -16.43 -19.08 36.05
CA GLY M 85 -15.59 -19.71 35.06
C GLY M 85 -14.39 -18.85 34.73
N ALA M 86 -13.60 -19.33 33.77
CA ALA M 86 -12.38 -18.66 33.33
C ALA M 86 -12.47 -18.44 31.83
N LEU M 87 -12.16 -17.22 31.38
CA LEU M 87 -12.10 -16.95 29.94
C LEU M 87 -10.85 -17.59 29.37
N SER M 88 -10.75 -17.60 28.04
CA SER M 88 -9.69 -18.27 27.31
C SER M 88 -8.30 -17.93 27.84
N SER M 89 -7.93 -16.66 27.81
CA SER M 89 -6.60 -16.23 28.25
C SER M 89 -6.70 -14.88 28.95
N PRO M 90 -5.79 -14.59 29.86
CA PRO M 90 -5.76 -13.26 30.48
C PRO M 90 -5.52 -12.18 29.45
N GLN M 91 -6.14 -11.02 29.67
CA GLN M 91 -5.98 -9.87 28.78
C GLN M 91 -5.73 -8.63 29.62
N PHE M 92 -4.73 -7.85 29.25
CA PHE M 92 -4.41 -6.60 29.92
C PHE M 92 -4.83 -5.44 29.02
N PHE M 93 -5.76 -4.63 29.51
CA PHE M 93 -6.23 -3.44 28.79
C PHE M 93 -5.45 -2.23 29.29
N ALA M 94 -4.41 -1.85 28.56
CA ALA M 94 -3.61 -0.68 28.91
C ALA M 94 -4.49 0.57 28.87
N GLU M 95 -5.00 0.89 27.68
CA GLU M 95 -6.00 1.93 27.54
C GLU M 95 -7.38 1.33 27.73
N GLU M 96 -8.36 2.17 28.07
CA GLU M 96 -9.72 1.69 28.27
C GLU M 96 -10.23 1.00 27.03
N GLY M 97 -10.55 -0.29 27.15
CA GLY M 97 -11.01 -1.05 26.01
C GLY M 97 -12.32 -1.77 26.28
N ILE M 98 -12.69 -2.68 25.39
CA ILE M 98 -13.93 -3.43 25.51
C ILE M 98 -13.60 -4.91 25.35
N TYR M 99 -14.18 -5.72 26.22
CA TYR M 99 -14.14 -7.17 26.08
C TYR M 99 -15.52 -7.65 25.63
N VAL M 100 -15.56 -8.36 24.50
CA VAL M 100 -16.82 -8.82 23.95
C VAL M 100 -17.00 -10.29 24.27
N ILE M 101 -18.20 -10.66 24.73
CA ILE M 101 -18.54 -12.05 24.98
C ILE M 101 -19.23 -12.59 23.73
N SER M 102 -18.62 -13.59 23.10
CA SER M 102 -19.17 -14.10 21.85
C SER M 102 -20.25 -15.15 22.06
N SER M 103 -20.08 -16.03 23.05
CA SER M 103 -21.05 -17.09 23.29
C SER M 103 -20.81 -17.67 24.67
N VAL M 104 -21.85 -17.66 25.51
CA VAL M 104 -21.84 -18.35 26.79
C VAL M 104 -22.85 -19.49 26.69
N SER M 105 -22.40 -20.71 26.97
CA SER M 105 -23.23 -21.90 26.83
C SER M 105 -23.16 -22.71 28.12
N ILE M 106 -24.09 -22.45 29.03
CA ILE M 106 -24.21 -23.28 30.23
C ILE M 106 -24.92 -24.57 29.86
N ASP M 107 -24.27 -25.69 30.12
CA ASP M 107 -24.84 -26.98 29.76
C ASP M 107 -24.61 -27.96 30.91
N LEU M 108 -25.48 -28.96 30.98
CA LEU M 108 -25.46 -29.96 32.05
C LEU M 108 -25.31 -31.37 31.49
N ASN M 109 -25.13 -31.51 30.18
CA ASN M 109 -25.17 -32.80 29.52
C ASN M 109 -23.87 -33.56 29.63
N LYS M 110 -23.00 -33.15 30.56
CA LYS M 110 -21.72 -33.82 30.82
C LYS M 110 -20.89 -33.99 29.55
N THR N 3 -17.93 -24.00 35.76
CA THR N 3 -18.85 -24.86 36.48
C THR N 3 -19.77 -24.05 37.39
N LEU N 4 -20.83 -24.68 37.87
CA LEU N 4 -21.78 -24.01 38.75
C LEU N 4 -21.20 -23.84 40.15
N THR N 5 -21.82 -22.97 40.92
CA THR N 5 -21.44 -22.74 42.32
C THR N 5 -22.34 -23.54 43.24
N ILE N 6 -21.86 -23.77 44.46
CA ILE N 6 -22.63 -24.49 45.48
C ILE N 6 -23.94 -23.75 45.70
N ASP N 7 -23.86 -22.42 45.76
CA ASP N 7 -25.07 -21.62 45.88
C ASP N 7 -25.95 -21.77 44.65
N GLY N 8 -25.34 -21.84 43.47
CA GLY N 8 -26.11 -22.00 42.25
C GLY N 8 -26.82 -23.34 42.19
N LYS N 9 -26.13 -24.41 42.62
CA LYS N 9 -26.71 -25.74 42.58
C LYS N 9 -27.91 -25.85 43.51
N ASN N 10 -27.81 -25.25 44.71
CA ASN N 10 -28.89 -25.32 45.67
C ASN N 10 -30.16 -24.67 45.13
N LYS N 11 -30.03 -23.50 44.49
CA LYS N 11 -31.19 -22.81 43.94
C LYS N 11 -31.85 -23.64 42.86
N ILE N 12 -31.04 -24.20 41.96
CA ILE N 12 -31.57 -24.91 40.80
C ILE N 12 -32.27 -26.18 41.25
N LEU N 13 -31.71 -26.87 42.26
CA LEU N 13 -32.29 -28.14 42.69
C LEU N 13 -33.65 -27.96 43.34
N ALA N 14 -33.93 -26.77 43.88
CA ALA N 14 -35.18 -26.52 44.59
C ALA N 14 -36.38 -26.49 43.66
N THR N 15 -36.23 -26.75 42.36
CA THR N 15 -37.34 -26.71 41.42
C THR N 15 -37.66 -28.06 40.79
N LEU N 16 -36.76 -29.04 40.89
CA LEU N 16 -37.04 -30.36 40.35
C LEU N 16 -38.24 -30.99 41.06
N THR N 17 -38.20 -31.03 42.39
CA THR N 17 -39.26 -31.52 43.26
C THR N 17 -39.89 -32.82 42.75
N PRO N 18 -39.16 -33.93 42.77
CA PRO N 18 -39.80 -35.22 42.45
C PRO N 18 -40.85 -35.55 43.49
N THR N 19 -41.93 -36.18 43.05
CA THR N 19 -43.04 -36.46 43.95
C THR N 19 -43.41 -37.93 43.95
N THR N 20 -43.22 -38.62 42.83
CA THR N 20 -43.62 -40.01 42.72
C THR N 20 -42.51 -40.81 42.06
N ILE N 21 -42.48 -42.11 42.35
CA ILE N 21 -41.46 -43.02 41.84
C ILE N 21 -42.15 -44.22 41.21
N VAL N 22 -41.67 -44.62 40.04
CA VAL N 22 -42.22 -45.77 39.31
C VAL N 22 -41.09 -46.71 38.95
N LEU N 23 -41.29 -48.00 39.22
CA LEU N 23 -40.32 -49.03 38.89
C LEU N 23 -40.50 -49.48 37.45
N HIS N 24 -39.43 -50.07 36.88
CA HIS N 24 -39.43 -50.52 35.51
C HIS N 24 -38.73 -51.87 35.42
N ASN N 25 -38.99 -52.58 34.32
CA ASN N 25 -38.34 -53.85 34.03
C ASN N 25 -37.19 -53.72 33.04
N VAL N 26 -37.27 -52.74 32.14
CA VAL N 26 -36.22 -52.45 31.18
C VAL N 26 -35.78 -51.00 31.37
N ASP N 27 -34.49 -50.74 31.10
CA ASP N 27 -33.89 -49.42 31.25
C ASP N 27 -34.80 -48.42 30.54
N PRO N 28 -35.34 -47.45 31.25
CA PRO N 28 -36.38 -46.60 30.66
C PRO N 28 -35.85 -45.47 29.79
N THR N 29 -34.60 -45.55 29.38
CA THR N 29 -34.05 -44.55 28.45
C THR N 29 -34.90 -44.52 27.19
N ALA N 30 -35.54 -43.36 26.95
CA ALA N 30 -36.55 -43.17 25.92
C ALA N 30 -37.79 -44.00 26.20
N ASP N 31 -38.94 -43.55 25.69
CA ASP N 31 -40.24 -44.16 25.95
C ASP N 31 -40.41 -44.48 27.43
N PRO N 32 -40.33 -43.48 28.32
CA PRO N 32 -40.45 -43.77 29.75
C PRO N 32 -41.84 -44.17 30.19
N THR N 33 -42.85 -43.98 29.35
CA THR N 33 -44.21 -44.38 29.67
C THR N 33 -44.45 -45.87 29.54
N ALA N 34 -43.51 -46.61 28.95
CA ALA N 34 -43.65 -48.05 28.81
C ALA N 34 -43.01 -48.77 29.98
N ASN N 35 -43.33 -50.05 30.13
CA ASN N 35 -42.80 -50.90 31.20
C ASN N 35 -43.06 -50.29 32.57
N LYS N 36 -44.28 -49.77 32.73
CA LYS N 36 -44.72 -49.18 34.00
C LYS N 36 -45.30 -50.28 34.89
N VAL N 37 -44.38 -51.03 35.50
CA VAL N 37 -44.71 -52.24 36.26
C VAL N 37 -45.56 -51.91 37.48
N THR N 38 -45.11 -50.94 38.28
CA THR N 38 -45.79 -50.63 39.52
C THR N 38 -46.68 -49.41 39.40
N GLN N 39 -47.26 -48.98 40.52
CA GLN N 39 -48.11 -47.80 40.60
C GLN N 39 -47.29 -46.60 41.04
N PRO N 40 -47.73 -45.39 40.73
CA PRO N 40 -46.96 -44.20 41.10
C PRO N 40 -47.01 -43.93 42.60
N VAL N 41 -46.18 -44.64 43.37
CA VAL N 41 -46.08 -44.39 44.81
C VAL N 41 -45.40 -43.04 45.03
N ALA N 42 -45.89 -42.30 46.01
CA ALA N 42 -45.39 -40.97 46.30
C ALA N 42 -44.06 -41.05 47.04
N ILE N 43 -43.16 -40.13 46.72
CA ILE N 43 -41.87 -40.03 47.38
C ILE N 43 -41.62 -38.56 47.73
N PHE N 44 -41.10 -38.33 48.93
CA PHE N 44 -40.89 -36.98 49.46
C PHE N 44 -39.40 -36.69 49.51
N PHE N 45 -39.01 -35.50 49.07
CA PHE N 45 -37.63 -35.06 49.09
C PHE N 45 -37.47 -33.85 50.02
N SER N 46 -36.26 -33.70 50.54
CA SER N 46 -35.93 -32.64 51.46
C SER N 46 -35.44 -31.41 50.70
N GLU N 47 -35.10 -30.35 51.42
CA GLU N 47 -34.57 -29.13 50.82
C GLU N 47 -33.15 -29.34 50.33
N PRO N 48 -32.75 -28.66 49.25
CA PRO N 48 -31.38 -28.80 48.76
C PRO N 48 -30.35 -28.40 49.80
N ASN N 49 -29.24 -29.12 49.83
CA ASN N 49 -28.18 -28.85 50.79
C ASN N 49 -26.88 -29.34 50.15
N ASN N 50 -25.98 -28.40 49.88
CA ASN N 50 -24.68 -28.69 49.26
C ASN N 50 -24.91 -29.45 47.94
N GLY N 51 -25.86 -28.95 47.15
CA GLY N 51 -26.16 -29.55 45.87
C GLY N 51 -26.64 -30.99 45.93
N LEU N 52 -27.45 -31.33 46.93
CA LEU N 52 -27.88 -32.71 47.13
C LEU N 52 -29.22 -32.72 47.85
N ILE N 53 -30.17 -33.49 47.32
CA ILE N 53 -31.44 -33.74 48.00
C ILE N 53 -31.53 -35.22 48.31
N ALA N 54 -32.14 -35.53 49.46
CA ALA N 54 -32.31 -36.91 49.87
C ALA N 54 -33.77 -37.14 50.24
N SER N 55 -34.19 -38.40 50.15
CA SER N 55 -35.56 -38.76 50.49
C SER N 55 -35.81 -38.54 51.98
N GLU N 56 -36.98 -37.98 52.29
CA GLU N 56 -37.35 -37.69 53.67
C GLU N 56 -37.59 -38.96 54.49
N ASP N 57 -38.07 -40.03 53.86
CA ASP N 57 -38.37 -41.25 54.59
C ASP N 57 -38.37 -42.43 53.63
N THR N 58 -38.31 -43.63 54.21
CA THR N 58 -38.37 -44.86 53.42
C THR N 58 -39.75 -45.02 52.81
N VAL N 59 -39.79 -45.44 51.55
CA VAL N 59 -41.04 -45.68 50.84
C VAL N 59 -41.09 -47.16 50.46
N ASN N 60 -42.29 -47.72 50.45
CA ASN N 60 -42.49 -49.12 50.09
C ASN N 60 -43.23 -49.19 48.77
N ILE N 61 -42.75 -50.04 47.87
CA ILE N 61 -43.29 -50.16 46.52
C ILE N 61 -44.07 -51.48 46.44
N THR N 62 -45.36 -51.38 46.13
CA THR N 62 -46.24 -52.55 46.06
C THR N 62 -46.08 -53.23 44.70
N VAL N 63 -45.03 -54.03 44.59
CA VAL N 63 -44.75 -54.73 43.33
C VAL N 63 -45.77 -55.85 43.13
N PRO N 64 -46.35 -56.02 41.94
CA PRO N 64 -47.29 -57.13 41.73
C PRO N 64 -46.58 -58.46 41.53
N ALA N 65 -47.33 -59.55 41.62
CA ALA N 65 -46.75 -60.88 41.56
C ALA N 65 -46.25 -61.20 40.14
N SER N 66 -45.30 -62.13 40.08
CA SER N 66 -44.72 -62.61 38.83
C SER N 66 -44.19 -61.45 37.98
N ALA N 67 -43.49 -60.51 38.60
CA ALA N 67 -42.97 -59.35 37.92
C ALA N 67 -41.48 -59.21 38.19
N THR N 68 -40.77 -58.61 37.22
CA THR N 68 -39.34 -58.36 37.33
C THR N 68 -39.08 -56.87 37.27
N VAL N 69 -38.29 -56.37 38.21
CA VAL N 69 -37.95 -54.95 38.28
C VAL N 69 -36.43 -54.80 38.27
N SER N 70 -35.94 -53.91 37.42
CA SER N 70 -34.50 -53.67 37.31
C SER N 70 -34.18 -52.17 37.27
N HIS N 71 -35.15 -51.36 36.89
CA HIS N 71 -34.95 -49.91 36.73
C HIS N 71 -36.12 -49.15 37.35
N PHE N 72 -35.89 -47.85 37.57
CA PHE N 72 -36.87 -46.98 38.19
C PHE N 72 -36.91 -45.66 37.45
N SER N 73 -37.78 -44.76 37.90
CA SER N 73 -37.89 -43.42 37.33
C SER N 73 -38.61 -42.52 38.31
N LEU N 74 -38.14 -41.28 38.45
CA LEU N 74 -38.75 -40.31 39.35
C LEU N 74 -39.62 -39.33 38.56
N TRP N 75 -40.89 -39.68 38.42
CA TRP N 75 -41.85 -38.80 37.77
C TRP N 75 -42.23 -37.65 38.69
N ASP N 76 -42.20 -36.43 38.16
CA ASP N 76 -42.50 -35.25 38.97
C ASP N 76 -44.01 -35.01 39.02
N ASP N 77 -44.41 -33.83 39.50
CA ASP N 77 -45.82 -33.48 39.59
C ASP N 77 -46.49 -33.45 38.22
N ASN N 78 -45.86 -32.80 37.24
CA ASN N 78 -46.48 -32.65 35.92
C ASN N 78 -46.06 -33.77 34.97
N SER N 79 -46.17 -35.01 35.43
CA SER N 79 -45.98 -36.21 34.62
C SER N 79 -44.77 -36.14 33.69
N LYS N 80 -43.62 -35.74 34.22
CA LYS N 80 -42.37 -35.71 33.46
C LYS N 80 -41.38 -36.65 34.12
N CYS N 81 -40.73 -37.49 33.31
CA CYS N 81 -39.67 -38.35 33.81
C CYS N 81 -38.39 -37.54 33.89
N VAL N 82 -37.98 -37.19 35.12
CA VAL N 82 -36.80 -36.34 35.32
C VAL N 82 -35.54 -37.14 35.62
N ALA N 83 -35.66 -38.42 35.94
CA ALA N 83 -34.48 -39.20 36.29
C ALA N 83 -34.76 -40.69 36.11
N THR N 84 -33.94 -41.35 35.31
CA THR N 84 -33.96 -42.79 35.18
C THR N 84 -32.95 -43.40 36.17
N GLY N 85 -32.67 -44.69 36.03
CA GLY N 85 -31.71 -45.33 36.90
C GLY N 85 -31.94 -46.82 37.07
N ALA N 86 -30.88 -47.56 37.33
CA ALA N 86 -30.97 -48.99 37.54
C ALA N 86 -30.82 -49.32 39.03
N LEU N 87 -31.32 -50.50 39.41
CA LEU N 87 -31.18 -51.01 40.76
C LEU N 87 -29.94 -51.89 40.84
N SER N 88 -29.69 -52.42 42.03
CA SER N 88 -28.50 -53.23 42.29
C SER N 88 -28.44 -54.44 41.35
N SER N 89 -29.55 -55.17 41.24
CA SER N 89 -29.60 -56.35 40.38
C SER N 89 -31.05 -56.63 40.03
N PRO N 90 -31.34 -57.04 38.79
CA PRO N 90 -32.72 -57.41 38.43
C PRO N 90 -33.28 -58.51 39.33
N GLN N 91 -34.41 -58.24 39.96
CA GLN N 91 -35.01 -59.15 40.91
C GLN N 91 -36.40 -59.57 40.44
N PHE N 92 -36.71 -60.85 40.60
CA PHE N 92 -37.94 -61.44 40.10
C PHE N 92 -38.90 -61.59 41.28
N PHE N 93 -39.98 -60.83 41.28
CA PHE N 93 -41.01 -60.92 42.30
C PHE N 93 -42.03 -61.98 41.90
N ALA N 94 -41.63 -63.24 42.08
CA ALA N 94 -42.41 -64.38 41.63
C ALA N 94 -43.80 -64.41 42.25
N GLU N 95 -43.90 -64.00 43.52
CA GLU N 95 -45.18 -63.83 44.18
C GLU N 95 -45.39 -62.37 44.55
N GLU N 96 -46.53 -62.11 45.19
CA GLU N 96 -46.81 -60.77 45.70
C GLU N 96 -45.76 -60.37 46.72
N GLY N 97 -45.28 -59.14 46.61
CA GLY N 97 -44.31 -58.63 47.55
C GLY N 97 -44.22 -57.12 47.46
N ILE N 98 -43.45 -56.55 48.37
CA ILE N 98 -43.26 -55.11 48.45
C ILE N 98 -41.77 -54.81 48.38
N TYR N 99 -41.42 -53.73 47.68
CA TYR N 99 -40.03 -53.31 47.52
C TYR N 99 -39.79 -52.13 48.45
N VAL N 100 -38.71 -52.20 49.23
CA VAL N 100 -38.36 -51.15 50.18
C VAL N 100 -37.26 -50.30 49.58
N ILE N 101 -37.52 -49.00 49.45
CA ILE N 101 -36.52 -48.05 48.99
C ILE N 101 -36.02 -47.32 50.24
N SER N 102 -34.83 -47.69 50.69
CA SER N 102 -34.29 -47.12 51.92
C SER N 102 -34.03 -45.63 51.76
N SER N 103 -33.40 -45.23 50.66
CA SER N 103 -33.08 -43.81 50.44
C SER N 103 -32.70 -43.63 48.98
N VAL N 104 -33.27 -42.59 48.36
CA VAL N 104 -32.90 -42.19 47.00
C VAL N 104 -32.47 -40.73 47.05
N SER N 105 -31.30 -40.43 46.50
CA SER N 105 -30.71 -39.09 46.59
C SER N 105 -30.34 -38.61 45.20
N ILE N 106 -30.76 -37.39 44.86
CA ILE N 106 -30.36 -36.71 43.64
C ILE N 106 -29.20 -35.79 43.98
N ASP N 107 -28.14 -35.86 43.17
CA ASP N 107 -26.89 -35.17 43.49
C ASP N 107 -26.32 -34.60 42.20
N LEU N 108 -25.73 -33.41 42.32
CA LEU N 108 -25.07 -32.76 41.19
C LEU N 108 -23.57 -32.59 41.39
N ASN N 109 -23.04 -32.97 42.56
CA ASN N 109 -21.61 -32.82 42.82
C ASN N 109 -20.81 -33.86 42.06
N LYS N 110 -20.78 -33.76 40.74
CA LYS N 110 -20.06 -34.71 39.91
C LYS N 110 -19.58 -34.05 38.62
N THR O 3 -45.52 -89.28 75.59
CA THR O 3 -46.14 -88.81 76.85
C THR O 3 -45.15 -87.94 77.62
N LEU O 4 -44.21 -87.29 76.91
CA LEU O 4 -43.16 -86.49 77.59
C LEU O 4 -43.77 -85.22 78.21
N THR O 5 -43.07 -84.62 79.18
CA THR O 5 -43.55 -83.38 79.81
C THR O 5 -42.77 -82.20 79.29
N ILE O 6 -43.32 -80.99 79.39
CA ILE O 6 -42.65 -79.80 78.80
C ILE O 6 -41.18 -79.81 79.21
N ASP O 7 -40.91 -79.82 80.52
CA ASP O 7 -39.51 -79.82 81.00
C ASP O 7 -38.75 -80.82 80.13
N GLY O 8 -39.26 -82.04 80.07
CA GLY O 8 -38.63 -83.01 79.16
C GLY O 8 -38.64 -82.43 77.78
N LYS O 9 -39.82 -82.31 77.16
CA LYS O 9 -39.90 -81.83 75.76
C LYS O 9 -38.75 -80.86 75.48
N ASN O 10 -38.67 -79.76 76.23
CA ASN O 10 -37.62 -78.75 75.97
C ASN O 10 -36.24 -79.38 76.10
N LYS O 11 -35.94 -79.99 77.24
CA LYS O 11 -34.60 -80.58 77.50
C LYS O 11 -34.28 -81.69 76.51
N ILE O 12 -34.97 -81.70 75.38
CA ILE O 12 -34.67 -82.70 74.36
C ILE O 12 -34.30 -82.02 73.05
N LEU O 13 -35.14 -81.10 72.58
CA LEU O 13 -34.86 -80.44 71.30
C LEU O 13 -33.65 -79.53 71.38
N ALA O 14 -33.17 -79.21 72.58
CA ALA O 14 -31.99 -78.37 72.71
C ALA O 14 -30.77 -78.98 72.06
N THR O 15 -30.67 -80.31 72.04
CA THR O 15 -29.55 -81.01 71.45
C THR O 15 -29.70 -81.19 69.95
N LEU O 16 -30.88 -80.91 69.39
CA LEU O 16 -31.14 -81.19 67.99
C LEU O 16 -30.28 -80.31 67.09
N THR O 17 -30.48 -78.98 67.18
CA THR O 17 -29.72 -77.96 66.46
C THR O 17 -29.57 -78.25 64.97
N PRO O 18 -30.64 -78.15 64.18
CA PRO O 18 -30.46 -78.18 62.72
C PRO O 18 -29.79 -76.92 62.24
N THR O 19 -28.89 -77.07 61.28
CA THR O 19 -28.10 -75.95 60.77
C THR O 19 -28.29 -75.68 59.28
N THR O 20 -28.75 -76.65 58.50
CA THR O 20 -28.82 -76.52 57.06
C THR O 20 -30.18 -76.99 56.56
N ILE O 21 -30.65 -76.34 55.49
CA ILE O 21 -31.93 -76.66 54.88
C ILE O 21 -31.72 -76.83 53.37
N VAL O 22 -32.27 -77.91 52.82
CA VAL O 22 -32.18 -78.23 51.40
C VAL O 22 -33.58 -78.40 50.85
N LEU O 23 -33.84 -77.80 49.69
CA LEU O 23 -35.15 -77.87 49.05
C LEU O 23 -35.18 -78.97 47.99
N HIS O 24 -36.32 -79.63 47.86
CA HIS O 24 -36.48 -80.75 46.95
C HIS O 24 -37.76 -80.58 46.13
N ASN O 25 -37.75 -81.12 44.90
CA ASN O 25 -38.89 -80.99 44.01
C ASN O 25 -40.05 -81.89 44.45
N VAL O 26 -39.74 -83.12 44.85
CA VAL O 26 -40.78 -84.09 45.21
C VAL O 26 -40.60 -84.49 46.66
N ASP O 27 -41.47 -85.38 47.14
CA ASP O 27 -41.40 -85.81 48.52
C ASP O 27 -40.10 -86.58 48.77
N PRO O 28 -39.41 -86.31 49.87
CA PRO O 28 -38.15 -87.00 50.15
C PRO O 28 -38.38 -88.49 50.42
N THR O 29 -37.35 -89.28 50.13
CA THR O 29 -37.36 -90.71 50.44
C THR O 29 -37.05 -90.93 51.90
N ALA O 30 -36.77 -92.18 52.29
CA ALA O 30 -36.36 -92.46 53.66
C ALA O 30 -35.09 -91.70 54.01
N ASP O 31 -34.13 -91.68 53.09
CA ASP O 31 -32.90 -90.89 53.22
C ASP O 31 -32.75 -90.07 51.94
N PRO O 32 -33.39 -88.89 51.88
CA PRO O 32 -33.33 -88.09 50.65
C PRO O 32 -31.93 -87.71 50.24
N THR O 33 -31.50 -88.22 49.07
CA THR O 33 -30.23 -87.85 48.49
C THR O 33 -30.35 -87.27 47.08
N ALA O 34 -31.35 -87.70 46.32
CA ALA O 34 -31.64 -87.16 45.01
C ALA O 34 -32.69 -86.06 45.12
N ASN O 35 -33.02 -85.44 43.99
CA ASN O 35 -33.99 -84.37 43.86
C ASN O 35 -33.60 -83.11 44.62
N LYS O 36 -32.33 -82.93 44.99
CA LYS O 36 -31.89 -81.72 45.64
C LYS O 36 -31.82 -80.58 44.64
N VAL O 37 -32.78 -79.66 44.69
CA VAL O 37 -32.89 -78.64 43.65
C VAL O 37 -32.07 -77.40 43.99
N THR O 38 -32.04 -77.01 45.27
CA THR O 38 -31.29 -75.85 45.71
C THR O 38 -30.04 -76.26 46.48
N GLN O 39 -29.00 -75.45 46.34
CA GLN O 39 -27.78 -75.67 47.11
C GLN O 39 -28.06 -75.42 48.60
N PRO O 40 -27.45 -76.21 49.48
CA PRO O 40 -27.69 -76.05 50.92
C PRO O 40 -27.28 -74.68 51.42
N VAL O 41 -28.03 -74.16 52.38
CA VAL O 41 -27.74 -72.86 53.00
C VAL O 41 -27.88 -73.01 54.51
N ALA O 42 -27.19 -72.15 55.24
CA ALA O 42 -27.29 -72.15 56.69
C ALA O 42 -28.64 -71.60 57.14
N ILE O 43 -29.19 -72.23 58.17
CA ILE O 43 -30.45 -71.77 58.76
C ILE O 43 -30.30 -71.72 60.28
N PHE O 44 -30.41 -70.51 60.85
CA PHE O 44 -30.23 -70.34 62.28
C PHE O 44 -31.53 -70.59 63.03
N PHE O 45 -31.53 -71.61 63.89
CA PHE O 45 -32.71 -71.95 64.67
C PHE O 45 -32.68 -71.16 65.98
N SER O 46 -33.57 -71.50 66.91
CA SER O 46 -33.67 -70.77 68.16
C SER O 46 -33.73 -71.75 69.34
N GLU O 47 -33.90 -71.22 70.53
CA GLU O 47 -34.02 -71.84 71.84
C GLU O 47 -35.34 -72.58 71.96
N PRO O 48 -35.33 -73.81 72.46
CA PRO O 48 -36.60 -74.51 72.73
C PRO O 48 -37.43 -73.76 73.76
N ASN O 49 -38.74 -73.74 73.53
CA ASN O 49 -39.68 -73.17 74.48
C ASN O 49 -41.04 -73.81 74.24
N ASN O 50 -41.63 -74.38 75.29
CA ASN O 50 -42.83 -75.18 75.21
C ASN O 50 -42.66 -76.32 74.20
N GLY O 51 -41.45 -76.88 74.16
CA GLY O 51 -41.20 -78.06 73.35
C GLY O 51 -41.35 -77.87 71.85
N LEU O 52 -40.89 -76.74 71.33
CA LEU O 52 -40.84 -76.54 69.88
C LEU O 52 -39.83 -75.46 69.56
N ILE O 53 -39.06 -75.66 68.49
CA ILE O 53 -38.04 -74.72 68.05
C ILE O 53 -38.39 -74.28 66.63
N ALA O 54 -38.14 -73.01 66.34
CA ALA O 54 -38.47 -72.45 65.04
C ALA O 54 -37.30 -71.60 64.54
N SER O 55 -37.18 -71.51 63.22
CA SER O 55 -36.14 -70.70 62.62
C SER O 55 -36.37 -69.22 62.91
N GLU O 56 -35.27 -68.50 63.11
CA GLU O 56 -35.33 -67.10 63.49
C GLU O 56 -35.03 -66.14 62.34
N ASP O 57 -34.29 -66.58 61.33
CA ASP O 57 -33.89 -65.74 60.22
C ASP O 57 -34.71 -66.09 58.98
N THR O 58 -35.29 -65.06 58.35
CA THR O 58 -35.93 -65.26 57.06
C THR O 58 -34.88 -65.66 56.03
N VAL O 59 -34.97 -66.89 55.56
CA VAL O 59 -33.93 -67.49 54.73
C VAL O 59 -34.31 -67.37 53.26
N ASN O 60 -33.39 -66.87 52.46
CA ASN O 60 -33.57 -66.73 51.02
C ASN O 60 -32.65 -67.70 50.32
N ILE O 61 -33.21 -68.52 49.43
CA ILE O 61 -32.44 -69.52 48.70
C ILE O 61 -32.64 -69.32 47.20
N THR O 62 -31.53 -69.39 46.46
CA THR O 62 -31.57 -69.33 45.02
C THR O 62 -32.20 -70.60 44.47
N VAL O 63 -33.12 -70.45 43.52
CA VAL O 63 -33.77 -71.57 42.86
C VAL O 63 -33.45 -71.49 41.38
N PRO O 64 -32.88 -72.54 40.78
CA PRO O 64 -32.50 -72.46 39.36
C PRO O 64 -33.71 -72.36 38.44
N ALA O 65 -33.46 -72.07 37.16
CA ALA O 65 -34.54 -71.94 36.20
C ALA O 65 -35.20 -73.29 35.92
N SER O 66 -36.48 -73.23 35.61
CA SER O 66 -37.28 -74.42 35.27
C SER O 66 -37.21 -75.46 36.39
N ALA O 67 -37.40 -75.00 37.62
CA ALA O 67 -37.36 -75.85 38.79
C ALA O 67 -38.63 -75.70 39.61
N THR O 68 -39.01 -76.78 40.29
CA THR O 68 -40.18 -76.80 41.16
C THR O 68 -39.73 -77.17 42.56
N VAL O 69 -40.38 -76.59 43.56
CA VAL O 69 -40.01 -76.79 44.95
C VAL O 69 -41.26 -77.12 45.74
N SER O 70 -41.26 -78.31 46.36
CA SER O 70 -42.44 -78.74 47.11
C SER O 70 -42.08 -79.31 48.48
N HIS O 71 -40.83 -79.76 48.65
CA HIS O 71 -40.42 -80.42 49.88
C HIS O 71 -39.04 -79.94 50.30
N PHE O 72 -38.78 -80.05 51.61
CA PHE O 72 -37.54 -79.59 52.21
C PHE O 72 -37.02 -80.65 53.15
N SER O 73 -35.71 -80.58 53.42
CA SER O 73 -35.05 -81.50 54.33
C SER O 73 -34.01 -80.72 55.13
N LEU O 74 -34.19 -80.66 56.44
CA LEU O 74 -33.23 -79.98 57.31
C LEU O 74 -32.02 -80.87 57.55
N TRP O 75 -30.84 -80.26 57.59
CA TRP O 75 -29.59 -80.95 57.79
C TRP O 75 -28.82 -80.35 58.96
N ASP O 76 -28.04 -81.19 59.62
CA ASP O 76 -27.21 -80.76 60.74
C ASP O 76 -25.76 -80.58 60.31
N ASP O 77 -24.89 -80.30 61.28
CA ASP O 77 -23.48 -80.07 61.00
C ASP O 77 -22.71 -81.35 60.69
N ASN O 78 -23.32 -82.51 60.89
CA ASN O 78 -22.68 -83.79 60.60
C ASN O 78 -23.06 -84.35 59.24
N SER O 79 -23.69 -83.55 58.38
CA SER O 79 -24.14 -83.98 57.05
C SER O 79 -25.08 -85.18 57.15
N LYS O 80 -25.98 -85.13 58.12
CA LYS O 80 -26.99 -86.16 58.34
C LYS O 80 -28.35 -85.46 58.34
N CYS O 81 -29.21 -85.83 57.39
CA CYS O 81 -30.54 -85.24 57.30
C CYS O 81 -31.32 -85.51 58.58
N VAL O 82 -31.95 -84.46 59.12
CA VAL O 82 -32.60 -84.57 60.42
C VAL O 82 -34.10 -84.79 60.25
N ALA O 83 -34.79 -83.82 59.65
CA ALA O 83 -36.23 -83.87 59.49
C ALA O 83 -36.61 -83.48 58.07
N THR O 84 -37.75 -83.99 57.62
CA THR O 84 -38.24 -83.76 56.27
C THR O 84 -39.70 -83.37 56.31
N GLY O 85 -40.10 -82.56 55.34
CA GLY O 85 -41.48 -82.12 55.27
C GLY O 85 -41.76 -81.44 53.95
N ALA O 86 -42.97 -80.89 53.85
CA ALA O 86 -43.42 -80.17 52.68
C ALA O 86 -43.81 -78.75 53.05
N LEU O 87 -43.43 -77.80 52.20
CA LEU O 87 -43.78 -76.39 52.41
C LEU O 87 -45.24 -76.21 52.06
N SER O 88 -45.86 -75.16 52.61
CA SER O 88 -47.28 -74.93 52.45
C SER O 88 -47.68 -74.77 50.98
N SER O 89 -46.96 -73.94 50.24
CA SER O 89 -47.30 -73.68 48.85
C SER O 89 -46.11 -73.97 47.95
N PRO O 90 -46.17 -75.00 47.11
CA PRO O 90 -45.10 -75.23 46.15
C PRO O 90 -45.07 -74.15 45.07
N GLN O 91 -44.08 -74.19 44.19
CA GLN O 91 -43.94 -73.13 43.20
C GLN O 91 -43.04 -73.59 42.07
N PHE O 92 -43.31 -73.08 40.88
CA PHE O 92 -42.48 -73.31 39.70
C PHE O 92 -41.73 -72.03 39.35
N PHE O 93 -40.42 -72.14 39.22
CA PHE O 93 -39.57 -71.00 38.87
C PHE O 93 -39.14 -71.14 37.40
N ALA O 94 -39.94 -70.55 36.52
CA ALA O 94 -39.67 -70.60 35.08
C ALA O 94 -38.34 -69.93 34.75
N GLU O 95 -37.99 -68.92 35.54
CA GLU O 95 -36.72 -68.22 35.37
C GLU O 95 -35.89 -68.30 36.64
N GLU O 96 -34.74 -67.64 36.65
CA GLU O 96 -33.89 -67.56 37.83
C GLU O 96 -34.56 -66.67 38.88
N GLY O 97 -34.64 -67.16 40.10
CA GLY O 97 -35.33 -66.42 41.13
C GLY O 97 -34.87 -66.80 42.52
N ILE O 98 -35.52 -66.21 43.51
CA ILE O 98 -35.16 -66.40 44.91
C ILE O 98 -36.38 -66.92 45.65
N TYR O 99 -36.22 -68.01 46.39
CA TYR O 99 -37.29 -68.58 47.20
C TYR O 99 -37.09 -68.13 48.64
N VAL O 100 -38.18 -67.70 49.27
CA VAL O 100 -38.15 -67.16 50.62
C VAL O 100 -38.94 -68.10 51.53
N ILE O 101 -38.37 -68.36 52.71
CA ILE O 101 -39.07 -69.12 53.75
C ILE O 101 -39.17 -68.25 54.99
N SER O 102 -40.39 -67.87 55.36
CA SER O 102 -40.56 -67.02 56.53
C SER O 102 -40.11 -67.71 57.81
N SER O 103 -40.47 -68.98 57.97
CA SER O 103 -40.12 -69.72 59.18
C SER O 103 -40.40 -71.20 58.98
N VAL O 104 -39.62 -72.03 59.68
CA VAL O 104 -39.90 -73.45 59.81
C VAL O 104 -39.85 -73.78 61.29
N SER O 105 -40.88 -74.47 61.78
CA SER O 105 -41.03 -74.72 63.21
C SER O 105 -41.06 -76.22 63.48
N ILE O 106 -39.96 -76.73 64.04
CA ILE O 106 -39.95 -78.08 64.56
C ILE O 106 -40.74 -78.10 65.86
N ASP O 107 -41.82 -78.85 65.89
CA ASP O 107 -42.75 -78.81 67.02
C ASP O 107 -43.03 -80.22 67.50
N LEU O 108 -43.29 -80.33 68.81
CA LEU O 108 -43.62 -81.59 69.43
C LEU O 108 -44.91 -81.57 70.24
N ASN O 109 -45.74 -80.54 70.06
CA ASN O 109 -46.97 -80.44 70.84
C ASN O 109 -48.08 -81.35 70.33
N LYS O 110 -47.89 -81.99 69.18
CA LYS O 110 -48.89 -82.89 68.63
C LYS O 110 -48.24 -84.14 68.05
N THR P 3 -42.82 -90.54 57.09
CA THR P 3 -41.91 -89.79 56.23
C THR P 3 -40.69 -89.33 57.01
N LEU P 4 -40.90 -88.97 58.28
CA LEU P 4 -39.80 -88.53 59.13
C LEU P 4 -38.75 -89.63 59.27
N THR P 5 -37.49 -89.23 59.22
CA THR P 5 -36.39 -90.18 59.18
C THR P 5 -36.13 -90.79 60.56
N ILE P 6 -35.82 -92.08 60.55
CA ILE P 6 -35.43 -92.81 61.75
C ILE P 6 -34.08 -92.27 62.22
N ASP P 7 -33.32 -91.68 61.28
CA ASP P 7 -32.00 -91.12 61.59
C ASP P 7 -32.12 -90.01 62.63
N GLY P 8 -33.11 -89.15 62.48
CA GLY P 8 -33.35 -88.13 63.49
C GLY P 8 -34.05 -88.70 64.72
N LYS P 9 -34.82 -89.76 64.54
CA LYS P 9 -35.54 -90.36 65.66
C LYS P 9 -34.58 -91.01 66.65
N ASN P 10 -33.67 -91.85 66.17
CA ASN P 10 -32.82 -92.61 67.07
C ASN P 10 -31.94 -91.69 67.91
N LYS P 11 -31.42 -90.63 67.29
CA LYS P 11 -30.58 -89.66 67.96
C LYS P 11 -31.31 -88.94 69.09
N ILE P 12 -32.53 -88.48 68.84
CA ILE P 12 -33.17 -87.50 69.70
C ILE P 12 -33.63 -88.14 71.01
N LEU P 13 -34.15 -89.38 70.95
CA LEU P 13 -34.46 -90.09 72.19
C LEU P 13 -33.21 -90.60 72.88
N ALA P 14 -32.13 -90.82 72.12
CA ALA P 14 -30.91 -91.38 72.70
C ALA P 14 -30.34 -90.50 73.79
N THR P 15 -30.71 -89.23 73.84
CA THR P 15 -30.22 -88.29 74.84
C THR P 15 -31.17 -88.13 76.01
N LEU P 16 -32.24 -88.91 76.08
CA LEU P 16 -33.18 -88.81 77.19
C LEU P 16 -32.58 -89.40 78.46
N THR P 17 -32.27 -90.70 78.42
CA THR P 17 -31.65 -91.44 79.51
C THR P 17 -32.31 -91.19 80.86
N PRO P 18 -33.55 -91.67 81.06
CA PRO P 18 -34.14 -91.58 82.40
C PRO P 18 -33.56 -92.64 83.32
N THR P 19 -33.61 -92.42 84.63
CA THR P 19 -32.97 -93.35 85.55
C THR P 19 -33.87 -93.74 86.73
N THR P 20 -34.85 -92.91 87.06
CA THR P 20 -35.65 -93.11 88.25
C THR P 20 -37.13 -92.99 87.92
N ILE P 21 -37.96 -93.76 88.64
CA ILE P 21 -39.40 -93.75 88.47
C ILE P 21 -40.05 -93.63 89.84
N VAL P 22 -41.03 -92.74 89.95
CA VAL P 22 -41.73 -92.48 91.21
C VAL P 22 -43.24 -92.59 90.95
N LEU P 23 -43.93 -93.32 91.81
CA LEU P 23 -45.37 -93.53 91.68
C LEU P 23 -46.14 -92.44 92.41
N HIS P 24 -47.37 -92.21 91.95
CA HIS P 24 -48.26 -91.21 92.54
C HIS P 24 -49.70 -91.68 92.42
N ASN P 25 -50.58 -91.08 93.23
CA ASN P 25 -52.00 -91.38 93.14
C ASN P 25 -52.72 -90.32 92.32
N VAL P 26 -52.50 -89.05 92.65
CA VAL P 26 -53.13 -87.97 91.89
C VAL P 26 -52.37 -87.75 90.60
N ASP P 27 -52.96 -86.99 89.69
CA ASP P 27 -52.29 -86.60 88.46
C ASP P 27 -51.22 -85.56 88.74
N PRO P 28 -49.95 -85.82 88.46
CA PRO P 28 -48.88 -84.86 88.76
C PRO P 28 -48.73 -83.79 87.69
N THR P 29 -49.82 -83.08 87.40
CA THR P 29 -49.80 -82.01 86.41
C THR P 29 -49.24 -80.73 87.01
N ALA P 30 -49.88 -80.23 88.06
CA ALA P 30 -49.44 -78.99 88.70
C ALA P 30 -48.11 -79.18 89.41
N ASP P 31 -48.09 -80.09 90.38
CA ASP P 31 -46.86 -80.38 91.11
C ASP P 31 -46.39 -81.80 90.78
N PRO P 32 -45.35 -81.94 89.95
CA PRO P 32 -44.81 -83.28 89.65
C PRO P 32 -44.42 -84.10 90.86
N THR P 33 -44.22 -83.47 92.02
CA THR P 33 -43.82 -84.19 93.23
C THR P 33 -44.95 -84.38 94.23
N ALA P 34 -46.14 -83.87 93.96
CA ALA P 34 -47.23 -83.94 94.92
C ALA P 34 -47.64 -85.38 95.20
N ASN P 35 -47.73 -85.72 96.49
CA ASN P 35 -48.15 -87.04 96.95
C ASN P 35 -47.35 -88.16 96.31
N LYS P 36 -46.02 -88.08 96.38
CA LYS P 36 -45.15 -89.17 95.97
C LYS P 36 -45.19 -90.24 97.05
N VAL P 37 -46.14 -91.18 96.89
CA VAL P 37 -46.39 -92.16 97.93
C VAL P 37 -45.21 -93.11 98.10
N THR P 38 -44.59 -93.49 96.99
CA THR P 38 -43.47 -94.42 97.04
C THR P 38 -42.15 -93.66 97.12
N GLN P 39 -41.05 -94.40 97.24
CA GLN P 39 -39.73 -93.82 97.32
C GLN P 39 -38.97 -94.12 96.03
N PRO P 40 -38.14 -93.19 95.55
CA PRO P 40 -37.56 -93.30 94.20
C PRO P 40 -36.77 -94.57 93.95
N VAL P 41 -37.13 -95.31 92.90
CA VAL P 41 -36.47 -96.57 92.58
C VAL P 41 -35.83 -96.44 91.20
N ALA P 42 -34.58 -96.87 91.10
CA ALA P 42 -33.82 -96.70 89.88
C ALA P 42 -34.33 -97.63 88.77
N ILE P 43 -33.99 -97.28 87.53
CA ILE P 43 -34.33 -98.07 86.36
C ILE P 43 -33.34 -97.73 85.26
N PHE P 44 -32.94 -98.75 84.47
CA PHE P 44 -31.93 -98.57 83.41
C PHE P 44 -32.58 -98.93 82.07
N PHE P 45 -32.98 -97.90 81.33
CA PHE P 45 -33.51 -98.12 79.98
C PHE P 45 -32.34 -98.33 79.03
N SER P 46 -32.56 -99.17 78.02
CA SER P 46 -31.49 -99.48 77.07
C SER P 46 -31.45 -98.44 75.96
N GLU P 47 -30.50 -98.64 75.04
CA GLU P 47 -30.36 -97.74 73.90
C GLU P 47 -31.57 -97.87 72.98
N PRO P 48 -32.20 -96.77 72.59
CA PRO P 48 -33.42 -96.87 71.79
C PRO P 48 -33.16 -97.28 70.35
N ASN P 49 -34.15 -97.95 69.76
CA ASN P 49 -34.11 -98.32 68.36
C ASN P 49 -35.52 -98.18 67.80
N ASN P 50 -35.59 -97.89 66.49
CA ASN P 50 -36.85 -97.66 65.79
C ASN P 50 -37.63 -96.52 66.44
N GLY P 51 -36.90 -95.54 66.97
CA GLY P 51 -37.51 -94.43 67.65
C GLY P 51 -38.33 -94.84 68.85
N LEU P 52 -37.84 -95.84 69.59
CA LEU P 52 -38.56 -96.32 70.76
C LEU P 52 -37.55 -96.89 71.76
N ILE P 53 -37.73 -96.54 73.03
CA ILE P 53 -36.81 -96.93 74.09
C ILE P 53 -37.31 -98.22 74.73
N ALA P 54 -36.38 -99.08 75.20
CA ALA P 54 -36.72 -100.44 75.63
C ALA P 54 -35.95 -100.79 76.90
N SER P 55 -36.69 -101.10 77.97
CA SER P 55 -36.11 -101.56 79.22
C SER P 55 -35.82 -103.07 79.19
N GLU P 56 -34.55 -103.45 79.30
CA GLU P 56 -34.19 -104.87 79.39
C GLU P 56 -33.98 -105.24 80.86
N ASP P 57 -35.02 -104.98 81.66
CA ASP P 57 -34.97 -105.25 83.09
C ASP P 57 -36.36 -105.22 83.71
N THR P 58 -36.42 -105.37 85.02
CA THR P 58 -37.69 -105.33 85.75
C THR P 58 -37.49 -104.52 87.02
N VAL P 59 -38.50 -103.73 87.37
CA VAL P 59 -38.44 -102.82 88.52
C VAL P 59 -39.49 -103.28 89.53
N ASN P 60 -39.11 -103.27 90.81
CA ASN P 60 -39.99 -103.70 91.90
C ASN P 60 -40.13 -102.58 92.92
N ILE P 61 -41.19 -101.79 92.74
CA ILE P 61 -41.45 -100.67 93.66
C ILE P 61 -42.06 -101.20 94.95
N THR P 62 -41.50 -100.75 96.07
CA THR P 62 -42.01 -101.11 97.39
C THR P 62 -43.12 -100.15 97.78
N VAL P 63 -44.36 -100.62 97.73
CA VAL P 63 -45.54 -99.82 98.05
C VAL P 63 -45.84 -100.00 99.53
N PRO P 64 -45.88 -98.94 100.33
CA PRO P 64 -46.21 -99.09 101.75
C PRO P 64 -47.67 -99.43 101.98
N ALA P 65 -48.04 -99.68 103.23
CA ALA P 65 -49.43 -99.96 103.56
C ALA P 65 -50.28 -98.69 103.41
N SER P 66 -51.56 -98.90 103.14
CA SER P 66 -52.54 -97.82 102.96
C SER P 66 -52.05 -96.80 101.93
N ALA P 67 -51.53 -97.32 100.82
CA ALA P 67 -50.97 -96.50 99.75
C ALA P 67 -51.73 -96.77 98.47
N THR P 68 -52.12 -95.69 97.78
CA THR P 68 -52.84 -95.78 96.51
C THR P 68 -51.92 -95.33 95.39
N VAL P 69 -51.87 -96.11 94.31
CA VAL P 69 -51.03 -95.81 93.17
C VAL P 69 -51.86 -95.84 91.89
N SER P 70 -51.85 -94.71 91.18
CA SER P 70 -52.56 -94.61 89.91
C SER P 70 -51.72 -93.93 88.84
N HIS P 71 -50.72 -93.16 89.26
CA HIS P 71 -49.88 -92.41 88.34
C HIS P 71 -48.40 -92.68 88.62
N PHE P 72 -47.59 -92.47 87.59
CA PHE P 72 -46.14 -92.64 87.71
C PHE P 72 -45.46 -91.41 87.12
N SER P 73 -44.14 -91.37 87.22
CA SER P 73 -43.36 -90.26 86.67
C SER P 73 -41.91 -90.69 86.58
N LEU P 74 -41.33 -90.59 85.39
CA LEU P 74 -39.92 -90.91 85.19
C LEU P 74 -39.06 -89.70 85.55
N TRP P 75 -37.84 -89.96 86.00
CA TRP P 75 -36.94 -88.92 86.46
C TRP P 75 -35.56 -89.09 85.85
N ASP P 76 -34.90 -87.98 85.55
CA ASP P 76 -33.53 -87.98 85.06
C ASP P 76 -32.54 -87.96 86.21
N ASP P 77 -31.27 -87.71 85.92
CA ASP P 77 -30.26 -87.64 86.96
C ASP P 77 -30.17 -86.24 87.57
N ASN P 78 -31.02 -85.31 87.14
CA ASN P 78 -31.03 -83.96 87.70
C ASN P 78 -32.33 -83.68 88.44
N SER P 79 -33.00 -84.74 88.91
CA SER P 79 -34.27 -84.65 89.64
C SER P 79 -35.28 -83.77 88.88
N LYS P 80 -35.54 -84.14 87.64
CA LYS P 80 -36.50 -83.45 86.78
C LYS P 80 -37.33 -84.49 86.05
N CYS P 81 -38.66 -84.28 86.04
CA CYS P 81 -39.55 -85.20 85.35
C CYS P 81 -39.33 -85.13 83.85
N VAL P 82 -39.31 -86.29 83.20
CA VAL P 82 -39.22 -86.33 81.75
C VAL P 82 -40.51 -86.83 81.11
N ALA P 83 -41.34 -87.57 81.84
CA ALA P 83 -42.60 -88.08 81.31
C ALA P 83 -43.49 -88.48 82.47
N THR P 84 -44.78 -88.17 82.35
CA THR P 84 -45.77 -88.52 83.34
C THR P 84 -46.88 -89.32 82.68
N GLY P 85 -47.24 -90.46 83.28
CA GLY P 85 -48.29 -91.30 82.75
C GLY P 85 -49.36 -91.64 83.77
N ALA P 86 -50.09 -92.72 83.53
CA ALA P 86 -51.15 -93.14 84.44
C ALA P 86 -51.42 -94.64 84.29
N LEU P 87 -51.06 -95.42 85.31
CA LEU P 87 -51.38 -96.84 85.31
C LEU P 87 -52.89 -97.03 85.35
N SER P 88 -53.39 -97.94 84.51
CA SER P 88 -54.83 -98.17 84.40
C SER P 88 -55.43 -98.63 85.73
N SER P 89 -54.75 -99.53 86.42
CA SER P 89 -55.24 -100.03 87.69
C SER P 89 -55.00 -99.01 88.80
N PRO P 90 -56.04 -98.51 89.46
CA PRO P 90 -55.87 -97.64 90.64
C PRO P 90 -55.67 -98.43 91.92
N GLN P 91 -54.64 -99.27 91.94
CA GLN P 91 -54.42 -100.20 93.04
C GLN P 91 -54.18 -99.44 94.35
N PHE P 92 -54.83 -99.90 95.41
CA PHE P 92 -54.69 -99.32 96.74
C PHE P 92 -54.21 -100.43 97.67
N PHE P 93 -52.93 -100.39 98.03
CA PHE P 93 -52.33 -101.38 98.93
C PHE P 93 -52.68 -100.99 100.37
N ALA P 94 -53.82 -101.50 100.84
CA ALA P 94 -54.25 -101.23 102.20
C ALA P 94 -53.22 -101.74 103.20
N GLU P 95 -52.57 -102.84 102.82
CA GLU P 95 -51.43 -103.37 103.61
C GLU P 95 -50.17 -103.16 102.76
N GLU P 96 -49.06 -103.80 103.07
CA GLU P 96 -47.81 -103.54 102.31
C GLU P 96 -47.96 -103.95 100.84
N GLY P 97 -46.99 -103.57 100.00
CA GLY P 97 -47.12 -103.86 98.56
C GLY P 97 -45.81 -103.84 97.80
N ILE P 98 -45.79 -104.42 96.60
CA ILE P 98 -44.56 -104.49 95.78
C ILE P 98 -44.95 -104.79 94.33
N TYR P 99 -45.47 -103.80 93.61
CA TYR P 99 -45.91 -104.00 92.21
C TYR P 99 -44.68 -104.22 91.31
N VAL P 100 -44.91 -104.73 90.10
CA VAL P 100 -43.77 -105.07 89.22
C VAL P 100 -43.78 -104.22 87.95
N ILE P 101 -42.70 -104.32 87.15
CA ILE P 101 -42.60 -103.54 85.89
C ILE P 101 -43.69 -103.98 84.92
N SER P 102 -44.69 -103.12 84.69
CA SER P 102 -45.81 -103.47 83.79
C SER P 102 -45.43 -103.15 82.35
N SER P 103 -46.36 -102.57 81.58
CA SER P 103 -46.08 -102.22 80.17
C SER P 103 -46.23 -100.71 79.95
N VAL P 104 -45.17 -99.96 80.26
CA VAL P 104 -45.21 -98.48 80.07
C VAL P 104 -45.06 -98.14 78.60
N SER P 105 -45.34 -96.89 78.23
CA SER P 105 -45.27 -96.49 76.79
C SER P 105 -45.13 -94.97 76.66
N ILE P 106 -44.01 -94.52 76.10
CA ILE P 106 -43.84 -93.07 75.83
C ILE P 106 -44.12 -92.82 74.36
N ASP P 107 -45.34 -92.39 74.01
CA ASP P 107 -45.73 -92.23 72.60
C ASP P 107 -44.77 -91.33 71.82
N LEU P 108 -44.71 -91.51 70.49
CA LEU P 108 -43.82 -90.68 69.64
C LEU P 108 -44.43 -90.52 68.25
N ASN P 109 -45.06 -91.57 67.69
CA ASN P 109 -45.53 -91.49 66.31
C ASN P 109 -47.04 -91.62 66.19
N LYS P 110 -47.79 -91.37 67.26
CA LYS P 110 -49.24 -91.37 67.20
C LYS P 110 -49.84 -90.48 68.29
#